data_2L8T
#
_entry.id   2L8T
#
_entity_poly.entity_id   1
_entity_poly.type   'polypeptide(L)'
_entity_poly.pdbx_seq_one_letter_code
;ETKYELNNTKKVANAFGLNEEDTNLLINAVDLDIKNNMQEISSELQQSEQSKQKQYGTTLQNLAKQNRIIK
;
_entity_poly.pdbx_strand_id   A,B
#
# COMPACT_ATOMS: atom_id res chain seq x y z
N GLU A 1 8.50 5.13 -10.00
CA GLU A 1 8.15 6.09 -8.97
C GLU A 1 6.99 6.97 -9.42
N THR A 2 6.16 6.43 -10.31
CA THR A 2 5.01 7.18 -10.83
C THR A 2 3.76 6.30 -10.88
N LYS A 3 3.72 5.30 -10.02
CA LYS A 3 2.59 4.37 -9.96
C LYS A 3 1.30 5.12 -9.61
N TYR A 4 1.36 5.90 -8.54
CA TYR A 4 0.20 6.67 -8.08
C TYR A 4 0.63 7.99 -7.46
N GLU A 5 1.66 8.60 -8.03
CA GLU A 5 2.18 9.87 -7.53
C GLU A 5 2.66 9.72 -6.08
N LEU A 6 3.65 8.87 -5.88
CA LEU A 6 4.21 8.64 -4.55
C LEU A 6 5.55 9.35 -4.38
N ASN A 7 5.65 10.54 -4.97
CA ASN A 7 6.88 11.32 -4.89
C ASN A 7 7.25 11.60 -3.43
N ASN A 8 6.30 12.09 -2.66
CA ASN A 8 6.53 12.38 -1.25
C ASN A 8 6.84 11.11 -0.47
N THR A 9 6.23 10.00 -0.88
CA THR A 9 6.43 8.72 -0.22
C THR A 9 7.90 8.32 -0.26
N LYS A 10 8.51 8.42 -1.44
CA LYS A 10 9.91 8.07 -1.62
C LYS A 10 10.80 8.83 -0.63
N LYS A 11 10.43 10.09 -0.37
CA LYS A 11 11.18 10.93 0.54
C LYS A 11 10.97 10.49 1.99
N VAL A 12 9.77 9.97 2.27
CA VAL A 12 9.43 9.51 3.61
C VAL A 12 10.26 8.29 4.00
N ALA A 13 10.34 7.32 3.09
CA ALA A 13 11.09 6.10 3.33
C ALA A 13 12.59 6.38 3.31
N ASN A 14 13.02 7.26 2.41
CA ASN A 14 14.43 7.60 2.29
C ASN A 14 14.92 8.33 3.54
N ALA A 15 14.00 8.97 4.24
CA ALA A 15 14.33 9.72 5.45
C ALA A 15 15.05 8.81 6.46
N PHE A 16 14.62 7.56 6.53
CA PHE A 16 15.21 6.60 7.45
C PHE A 16 16.72 6.50 7.24
N GLY A 17 17.16 6.81 6.02
CA GLY A 17 18.58 6.76 5.71
C GLY A 17 19.01 5.39 5.24
N LEU A 18 19.11 5.22 3.92
CA LEU A 18 19.52 3.94 3.34
C LEU A 18 20.40 4.17 2.12
N ASN A 19 19.80 4.58 1.01
CA ASN A 19 20.54 4.83 -0.21
C ASN A 19 19.59 5.31 -1.32
N GLU A 20 18.81 4.39 -1.87
CA GLU A 20 17.87 4.72 -2.94
C GLU A 20 17.06 3.49 -3.34
N GLU A 21 17.73 2.35 -3.44
CA GLU A 21 17.07 1.11 -3.82
C GLU A 21 16.16 0.61 -2.70
N ASP A 22 16.62 0.75 -1.47
CA ASP A 22 15.84 0.31 -0.30
C ASP A 22 14.52 1.06 -0.23
N THR A 23 14.55 2.36 -0.50
CA THR A 23 13.35 3.18 -0.46
C THR A 23 12.35 2.73 -1.51
N ASN A 24 12.82 2.54 -2.73
CA ASN A 24 11.95 2.12 -3.83
C ASN A 24 11.38 0.73 -3.55
N LEU A 25 12.19 -0.14 -2.96
CA LEU A 25 11.77 -1.49 -2.65
C LEU A 25 10.57 -1.48 -1.70
N LEU A 26 10.58 -0.55 -0.75
CA LEU A 26 9.51 -0.43 0.22
C LEU A 26 8.19 -0.10 -0.47
N ILE A 27 8.23 0.90 -1.35
CA ILE A 27 7.04 1.32 -2.07
C ILE A 27 6.52 0.20 -2.98
N ASN A 28 7.44 -0.65 -3.45
CA ASN A 28 7.08 -1.75 -4.32
C ASN A 28 6.20 -2.76 -3.58
N ALA A 29 6.50 -2.96 -2.30
CA ALA A 29 5.73 -3.90 -1.49
C ALA A 29 4.36 -3.33 -1.14
N VAL A 30 4.34 -2.07 -0.71
CA VAL A 30 3.08 -1.40 -0.34
C VAL A 30 2.19 -1.21 -1.57
N ASP A 31 2.76 -0.61 -2.61
CA ASP A 31 2.02 -0.36 -3.85
C ASP A 31 1.46 -1.66 -4.41
N LEU A 32 2.25 -2.73 -4.32
CA LEU A 32 1.83 -4.04 -4.83
C LEU A 32 0.74 -4.64 -3.95
N ASP A 33 0.78 -4.33 -2.66
CA ASP A 33 -0.20 -4.83 -1.71
C ASP A 33 -1.57 -4.20 -1.95
N ILE A 34 -1.59 -2.88 -2.11
CA ILE A 34 -2.82 -2.15 -2.35
C ILE A 34 -3.41 -2.51 -3.71
N LYS A 35 -2.55 -2.62 -4.71
CA LYS A 35 -2.98 -2.96 -6.07
C LYS A 35 -3.73 -4.29 -6.08
N ASN A 36 -3.25 -5.24 -5.28
CA ASN A 36 -3.87 -6.56 -5.20
C ASN A 36 -5.28 -6.46 -4.63
N ASN A 37 -5.49 -5.51 -3.73
CA ASN A 37 -6.78 -5.31 -3.11
C ASN A 37 -7.67 -4.41 -3.97
N MET A 38 -7.04 -3.58 -4.80
CA MET A 38 -7.77 -2.69 -5.69
C MET A 38 -8.81 -3.45 -6.51
N GLN A 39 -8.52 -4.71 -6.79
CA GLN A 39 -9.43 -5.55 -7.57
C GLN A 39 -10.81 -5.59 -6.92
N GLU A 40 -10.85 -5.42 -5.60
CA GLU A 40 -12.11 -5.43 -4.87
C GLU A 40 -12.55 -4.02 -4.51
N ILE A 41 -11.83 -3.39 -3.60
CA ILE A 41 -12.15 -2.04 -3.16
C ILE A 41 -12.29 -1.10 -4.35
N SER A 42 -13.21 -0.15 -4.24
CA SER A 42 -13.45 0.81 -5.32
C SER A 42 -13.98 2.13 -4.75
N SER A 43 -14.39 3.03 -5.65
CA SER A 43 -14.92 4.33 -5.25
C SER A 43 -15.61 5.02 -6.41
N GLU A 44 -16.63 5.82 -6.10
CA GLU A 44 -17.38 6.54 -7.12
C GLU A 44 -17.18 8.05 -6.99
N LEU A 45 -16.01 8.44 -6.52
CA LEU A 45 -15.70 9.86 -6.34
C LEU A 45 -14.82 10.37 -7.48
N GLN A 46 -14.75 11.69 -7.62
CA GLN A 46 -13.96 12.32 -8.67
C GLN A 46 -13.97 13.83 -8.54
N GLN A 47 -15.14 14.43 -8.77
CA GLN A 47 -15.28 15.88 -8.68
C GLN A 47 -14.26 16.58 -9.58
N SER A 48 -14.16 16.11 -10.82
CA SER A 48 -13.24 16.69 -11.78
C SER A 48 -13.66 16.37 -13.21
N GLU A 49 -14.03 15.12 -13.45
CA GLU A 49 -14.47 14.69 -14.77
C GLU A 49 -13.36 14.90 -15.80
N GLN A 50 -13.70 14.72 -17.07
CA GLN A 50 -12.75 14.89 -18.16
C GLN A 50 -13.29 15.83 -19.23
N SER A 51 -14.40 15.42 -19.86
CA SER A 51 -15.01 16.22 -20.91
C SER A 51 -16.37 15.64 -21.30
N LYS A 52 -16.45 14.31 -21.34
CA LYS A 52 -17.69 13.63 -21.70
C LYS A 52 -18.04 12.55 -20.68
N GLN A 53 -18.57 12.98 -19.54
CA GLN A 53 -18.94 12.04 -18.48
C GLN A 53 -19.70 12.75 -17.37
N LYS A 54 -20.99 12.98 -17.59
CA LYS A 54 -21.83 13.65 -16.60
C LYS A 54 -23.16 12.91 -16.43
N GLN A 55 -24.02 13.46 -15.57
CA GLN A 55 -25.32 12.85 -15.31
C GLN A 55 -25.15 11.45 -14.75
N TYR A 56 -26.28 10.78 -14.49
CA TYR A 56 -26.27 9.43 -13.95
C TYR A 56 -25.62 9.40 -12.57
N GLY A 57 -25.64 8.23 -11.94
CA GLY A 57 -25.04 8.10 -10.62
C GLY A 57 -25.89 7.25 -9.68
N THR A 58 -25.76 7.48 -8.39
CA THR A 58 -26.52 6.74 -7.40
C THR A 58 -26.36 7.34 -6.01
N THR A 59 -27.26 7.00 -5.11
CA THR A 59 -27.21 7.51 -3.74
C THR A 59 -26.93 6.40 -2.74
N LEU A 60 -26.14 5.41 -3.17
CA LEU A 60 -25.79 4.29 -2.32
C LEU A 60 -24.31 4.31 -1.98
N GLN A 61 -23.89 3.35 -1.15
CA GLN A 61 -22.49 3.25 -0.75
C GLN A 61 -21.57 3.19 -1.97
N ASN A 62 -20.42 3.84 -1.87
CA ASN A 62 -19.45 3.86 -2.97
C ASN A 62 -18.15 3.20 -2.56
N LEU A 63 -17.83 3.27 -1.26
CA LEU A 63 -16.60 2.68 -0.74
C LEU A 63 -16.67 1.15 -0.82
N ALA A 64 -17.50 0.56 0.03
CA ALA A 64 -17.66 -0.90 0.05
C ALA A 64 -16.31 -1.59 0.24
N LYS A 65 -15.92 -1.77 1.51
CA LYS A 65 -14.66 -2.42 1.83
C LYS A 65 -14.89 -3.81 2.39
N GLN A 66 -14.86 -4.82 1.51
CA GLN A 66 -15.07 -6.20 1.92
C GLN A 66 -14.21 -7.14 1.08
N ASN A 67 -14.00 -8.35 1.60
CA ASN A 67 -13.19 -9.35 0.90
C ASN A 67 -13.96 -10.65 0.73
N ARG A 68 -14.36 -10.94 -0.51
CA ARG A 68 -15.10 -12.16 -0.81
C ARG A 68 -14.31 -13.07 -1.74
N ILE A 69 -13.44 -12.46 -2.55
CA ILE A 69 -12.62 -13.23 -3.48
C ILE A 69 -11.83 -14.32 -2.76
N ILE A 70 -11.52 -14.06 -1.49
CA ILE A 70 -10.76 -15.02 -0.69
C ILE A 70 -11.69 -16.09 -0.10
N LYS A 71 -11.20 -17.32 -0.08
CA LYS A 71 -11.98 -18.44 0.46
C LYS A 71 -11.07 -19.50 1.07
N GLU B 1 -7.94 -6.43 6.73
CA GLU B 1 -7.14 -6.72 7.91
C GLU B 1 -6.43 -5.47 8.42
N THR B 2 -5.67 -4.84 7.55
CA THR B 2 -4.93 -3.62 7.89
C THR B 2 -4.50 -2.86 6.65
N LYS B 3 -5.40 -2.04 6.12
CA LYS B 3 -5.11 -1.26 4.93
C LYS B 3 -4.78 -2.15 3.75
N TYR B 4 -5.78 -2.84 3.22
CA TYR B 4 -5.59 -3.73 2.09
C TYR B 4 -4.67 -4.90 2.46
N GLU B 5 -4.64 -5.23 3.74
CA GLU B 5 -3.81 -6.33 4.23
C GLU B 5 -2.33 -6.00 4.04
N LEU B 6 -1.86 -4.97 4.72
CA LEU B 6 -0.47 -4.55 4.63
C LEU B 6 0.34 -5.09 5.81
N ASN B 7 -0.02 -6.28 6.27
CA ASN B 7 0.68 -6.91 7.38
C ASN B 7 2.16 -7.10 7.06
N ASN B 8 2.43 -7.70 5.91
CA ASN B 8 3.81 -7.94 5.49
C ASN B 8 4.58 -6.64 5.33
N THR B 9 3.86 -5.59 4.91
CA THR B 9 4.48 -4.28 4.72
C THR B 9 4.97 -3.71 6.04
N LYS B 10 4.18 -3.89 7.10
CA LYS B 10 4.53 -3.39 8.41
C LYS B 10 5.91 -3.91 8.84
N LYS B 11 6.20 -5.15 8.48
CA LYS B 11 7.48 -5.76 8.81
C LYS B 11 8.61 -5.18 7.97
N VAL B 12 8.28 -4.79 6.74
CA VAL B 12 9.26 -4.22 5.83
C VAL B 12 9.79 -2.89 6.36
N ALA B 13 8.87 -2.03 6.79
CA ALA B 13 9.25 -0.72 7.33
C ALA B 13 9.91 -0.86 8.69
N ASN B 14 9.42 -1.79 9.50
CA ASN B 14 9.96 -2.01 10.83
C ASN B 14 11.39 -2.51 10.75
N ALA B 15 11.74 -3.14 9.64
CA ALA B 15 13.08 -3.66 9.43
C ALA B 15 14.13 -2.56 9.58
N PHE B 16 13.80 -1.37 9.10
CA PHE B 16 14.71 -0.23 9.18
C PHE B 16 15.14 0.02 10.63
N GLY B 17 14.30 -0.39 11.57
CA GLY B 17 14.61 -0.20 12.97
C GLY B 17 14.16 1.15 13.49
N LEU B 18 12.99 1.17 14.13
CA LEU B 18 12.45 2.41 14.68
C LEU B 18 11.75 2.16 16.01
N ASN B 19 10.57 1.57 15.94
CA ASN B 19 9.80 1.26 17.15
C ASN B 19 8.48 0.56 16.79
N GLU B 20 7.55 1.31 16.23
CA GLU B 20 6.25 0.77 15.85
C GLU B 20 5.37 1.84 15.22
N GLU B 21 5.40 3.04 15.80
CA GLU B 21 4.60 4.15 15.29
C GLU B 21 5.16 4.66 13.97
N ASP B 22 6.48 4.72 13.87
CA ASP B 22 7.14 5.19 12.66
C ASP B 22 6.78 4.32 11.47
N THR B 23 6.76 3.00 11.69
CA THR B 23 6.42 2.05 10.63
C THR B 23 5.01 2.28 10.11
N ASN B 24 4.06 2.41 11.03
CA ASN B 24 2.66 2.63 10.66
C ASN B 24 2.51 3.96 9.92
N LEU B 25 3.26 4.96 10.36
CA LEU B 25 3.21 6.28 9.73
C LEU B 25 3.60 6.21 8.26
N LEU B 26 4.58 5.38 7.96
CA LEU B 26 5.06 5.21 6.58
C LEU B 26 3.96 4.64 5.70
N ILE B 27 3.32 3.57 6.17
CA ILE B 27 2.25 2.92 5.43
C ILE B 27 1.06 3.86 5.26
N ASN B 28 0.87 4.75 6.24
CA ASN B 28 -0.24 5.70 6.19
C ASN B 28 -0.07 6.68 5.03
N ALA B 29 1.17 7.06 4.76
CA ALA B 29 1.47 7.99 3.67
C ALA B 29 1.32 7.30 2.32
N VAL B 30 1.88 6.10 2.20
CA VAL B 30 1.80 5.34 0.96
C VAL B 30 0.38 4.89 0.66
N ASP B 31 -0.25 4.25 1.64
CA ASP B 31 -1.62 3.77 1.49
C ASP B 31 -2.56 4.92 1.13
N LEU B 32 -2.34 6.07 1.75
CA LEU B 32 -3.16 7.25 1.51
C LEU B 32 -2.89 7.82 0.12
N ASP B 33 -1.62 7.81 -0.28
CA ASP B 33 -1.22 8.33 -1.58
C ASP B 33 -1.89 7.56 -2.71
N ILE B 34 -1.84 6.23 -2.60
CA ILE B 34 -2.44 5.36 -3.62
C ILE B 34 -3.97 5.50 -3.62
N LYS B 35 -4.55 5.57 -2.43
CA LYS B 35 -6.00 5.71 -2.29
C LYS B 35 -6.50 6.93 -3.04
N ASN B 36 -5.73 8.02 -2.97
CA ASN B 36 -6.10 9.25 -3.65
C ASN B 36 -6.13 9.06 -5.16
N ASN B 37 -5.32 8.14 -5.66
CA ASN B 37 -5.25 7.85 -7.09
C ASN B 37 -6.35 6.89 -7.50
N MET B 38 -6.82 6.09 -6.55
CA MET B 38 -7.88 5.12 -6.83
C MET B 38 -9.08 5.80 -7.49
N GLN B 39 -9.27 7.07 -7.18
CA GLN B 39 -10.38 7.83 -7.76
C GLN B 39 -10.34 7.79 -9.28
N GLU B 40 -9.14 7.63 -9.82
CA GLU B 40 -8.97 7.58 -11.27
C GLU B 40 -8.92 6.13 -11.77
N ILE B 41 -8.36 5.25 -10.94
CA ILE B 41 -8.25 3.85 -11.29
C ILE B 41 -9.60 3.28 -11.72
N SER B 42 -9.58 2.41 -12.74
CA SER B 42 -10.80 1.81 -13.24
C SER B 42 -11.40 0.85 -12.20
N SER B 43 -12.46 1.30 -11.53
CA SER B 43 -13.13 0.49 -10.52
C SER B 43 -14.50 1.06 -10.19
N GLU B 44 -15.49 0.19 -10.13
CA GLU B 44 -16.86 0.59 -9.82
C GLU B 44 -17.49 -0.32 -8.78
N LEU B 45 -17.52 -1.62 -9.09
CA LEU B 45 -18.10 -2.60 -8.18
C LEU B 45 -19.58 -2.33 -7.94
N GLN B 46 -20.20 -3.14 -7.11
CA GLN B 46 -21.62 -2.99 -6.80
C GLN B 46 -22.02 -3.89 -5.63
N GLN B 47 -21.56 -3.55 -4.43
CA GLN B 47 -21.87 -4.32 -3.24
C GLN B 47 -22.68 -3.50 -2.25
N SER B 48 -22.30 -2.23 -2.10
CA SER B 48 -22.99 -1.33 -1.18
C SER B 48 -22.89 -1.84 0.26
N GLU B 49 -21.80 -1.47 0.93
CA GLU B 49 -21.57 -1.89 2.31
C GLU B 49 -20.82 -0.82 3.09
N GLN B 50 -21.23 -0.61 4.33
CA GLN B 50 -20.59 0.39 5.19
C GLN B 50 -19.89 -0.27 6.37
N SER B 51 -19.05 0.50 7.05
CA SER B 51 -18.30 0.00 8.21
C SER B 51 -17.56 1.12 8.91
N LYS B 52 -17.64 1.13 10.24
CA LYS B 52 -16.97 2.16 11.03
C LYS B 52 -15.47 1.92 11.06
N GLN B 53 -14.71 2.98 10.78
CA GLN B 53 -13.25 2.89 10.78
C GLN B 53 -12.66 3.52 12.04
N LYS B 54 -13.32 3.31 13.16
CA LYS B 54 -12.86 3.85 14.44
C LYS B 54 -12.73 5.37 14.36
N GLN B 55 -12.15 5.96 15.40
CA GLN B 55 -11.96 7.40 15.45
C GLN B 55 -10.66 7.76 16.16
N TYR B 56 -10.40 9.05 16.28
CA TYR B 56 -9.18 9.53 16.94
C TYR B 56 -9.51 10.28 18.23
N GLY B 57 -8.49 10.57 19.01
CA GLY B 57 -8.69 11.28 20.26
C GLY B 57 -7.57 12.26 20.56
N THR B 58 -7.90 13.36 21.24
CA THR B 58 -6.92 14.38 21.58
C THR B 58 -6.86 14.59 23.09
N THR B 59 -5.64 14.72 23.61
CA THR B 59 -5.45 14.93 25.04
C THR B 59 -5.30 16.40 25.37
N LEU B 60 -5.72 16.79 26.56
CA LEU B 60 -5.63 18.18 27.00
C LEU B 60 -5.81 18.29 28.51
N GLN B 61 -4.69 18.43 29.22
CA GLN B 61 -4.71 18.55 30.67
C GLN B 61 -5.36 19.86 31.10
N ASN B 62 -5.48 20.06 32.41
CA ASN B 62 -6.09 21.28 32.94
C ASN B 62 -5.01 22.22 33.46
N LEU B 63 -4.24 21.76 34.44
CA LEU B 63 -3.17 22.56 35.03
C LEU B 63 -3.71 23.90 35.52
N ALA B 64 -4.29 23.89 36.71
CA ALA B 64 -4.86 25.11 37.30
C ALA B 64 -3.78 26.16 37.51
N LYS B 65 -4.14 27.27 38.14
CA LYS B 65 -3.21 28.35 38.40
C LYS B 65 -2.77 28.36 39.86
N GLN B 66 -1.53 28.77 40.11
CA GLN B 66 -1.00 28.83 41.46
C GLN B 66 -1.63 29.97 42.25
N ASN B 67 -1.52 29.92 43.57
CA ASN B 67 -2.07 30.94 44.44
C ASN B 67 -1.21 31.15 45.68
N ARG B 68 -0.19 32.00 45.54
CA ARG B 68 0.72 32.28 46.64
C ARG B 68 1.13 33.75 46.64
N ILE B 69 0.50 34.55 47.49
CA ILE B 69 0.79 35.96 47.59
C ILE B 69 1.48 36.29 48.91
N ILE B 70 0.75 36.15 50.00
CA ILE B 70 1.29 36.44 51.32
C ILE B 70 1.35 35.17 52.18
N LYS B 71 0.18 34.59 52.44
CA LYS B 71 0.09 33.37 53.24
C LYS B 71 -1.22 32.64 52.97
N GLU A 1 4.44 9.86 -12.22
CA GLU A 1 3.56 8.75 -12.57
C GLU A 1 4.32 7.43 -12.60
N THR A 2 5.24 7.26 -11.64
CA THR A 2 6.04 6.05 -11.57
C THR A 2 5.52 5.11 -10.48
N LYS A 3 4.94 5.70 -9.43
CA LYS A 3 4.39 4.92 -8.32
C LYS A 3 3.26 5.67 -7.64
N TYR A 4 2.28 6.10 -8.41
CA TYR A 4 1.14 6.82 -7.88
C TYR A 4 1.58 8.13 -7.22
N GLU A 5 2.71 8.64 -7.67
CA GLU A 5 3.25 9.89 -7.12
C GLU A 5 3.61 9.72 -5.65
N LEU A 6 4.57 8.86 -5.36
CA LEU A 6 5.00 8.60 -4.00
C LEU A 6 6.32 9.30 -3.70
N ASN A 7 6.50 10.49 -4.27
CA ASN A 7 7.71 11.27 -4.07
C ASN A 7 7.91 11.60 -2.59
N ASN A 8 6.87 12.15 -1.97
CA ASN A 8 6.94 12.51 -0.56
C ASN A 8 7.15 11.29 0.31
N THR A 9 6.61 10.15 -0.12
CA THR A 9 6.75 8.90 0.62
C THR A 9 8.21 8.50 0.74
N LYS A 10 8.94 8.60 -0.37
CA LYS A 10 10.35 8.24 -0.38
C LYS A 10 11.12 9.02 0.68
N LYS A 11 10.73 10.27 0.92
CA LYS A 11 11.38 11.10 1.92
C LYS A 11 11.19 10.52 3.31
N VAL A 12 10.05 9.88 3.54
CA VAL A 12 9.74 9.28 4.83
C VAL A 12 10.65 8.09 5.11
N ALA A 13 10.78 7.22 4.12
CA ALA A 13 11.62 6.03 4.25
C ALA A 13 13.10 6.40 4.21
N ASN A 14 13.42 7.48 3.49
CA ASN A 14 14.80 7.93 3.38
C ASN A 14 15.29 8.53 4.69
N ALA A 15 14.36 9.04 5.50
CA ALA A 15 14.70 9.64 6.78
C ALA A 15 15.21 8.58 7.76
N PHE A 16 14.77 7.34 7.57
CA PHE A 16 15.17 6.23 8.43
C PHE A 16 16.69 6.12 8.48
N GLY A 17 17.35 6.59 7.44
CA GLY A 17 18.80 6.53 7.38
C GLY A 17 19.31 5.22 6.81
N LEU A 18 19.51 5.18 5.50
CA LEU A 18 19.98 3.98 4.83
C LEU A 18 20.93 4.32 3.68
N ASN A 19 20.35 4.81 2.59
CA ASN A 19 21.13 5.18 1.42
C ASN A 19 20.24 5.72 0.31
N GLU A 20 19.51 4.81 -0.36
CA GLU A 20 18.62 5.19 -1.44
C GLU A 20 17.84 3.98 -1.95
N GLU A 21 18.55 2.89 -2.21
CA GLU A 21 17.93 1.67 -2.70
C GLU A 21 16.90 1.14 -1.71
N ASP A 22 17.27 1.15 -0.43
CA ASP A 22 16.38 0.68 0.63
C ASP A 22 15.08 1.48 0.66
N THR A 23 15.18 2.75 0.28
CA THR A 23 14.02 3.63 0.26
C THR A 23 13.04 3.23 -0.84
N ASN A 24 13.56 3.01 -2.04
CA ASN A 24 12.73 2.61 -3.17
C ASN A 24 12.18 1.21 -2.98
N LEU A 25 13.00 0.33 -2.41
CA LEU A 25 12.59 -1.05 -2.17
C LEU A 25 11.39 -1.11 -1.24
N LEU A 26 11.36 -0.22 -0.26
CA LEU A 26 10.25 -0.17 0.69
C LEU A 26 8.93 0.16 -0.01
N ILE A 27 8.97 1.19 -0.85
CA ILE A 27 7.78 1.60 -1.58
C ILE A 27 7.32 0.51 -2.55
N ASN A 28 8.27 -0.27 -3.04
CA ASN A 28 7.97 -1.35 -3.97
C ASN A 28 7.10 -2.42 -3.31
N ALA A 29 7.37 -2.68 -2.04
CA ALA A 29 6.60 -3.66 -1.28
C ALA A 29 5.21 -3.14 -0.94
N VAL A 30 5.14 -1.89 -0.50
CA VAL A 30 3.88 -1.27 -0.14
C VAL A 30 3.00 -1.05 -1.37
N ASP A 31 3.57 -0.41 -2.39
CA ASP A 31 2.84 -0.14 -3.62
C ASP A 31 2.34 -1.44 -4.25
N LEU A 32 3.17 -2.47 -4.19
CA LEU A 32 2.81 -3.78 -4.76
C LEU A 32 1.75 -4.47 -3.92
N ASP A 33 1.87 -4.33 -2.60
CA ASP A 33 0.92 -4.94 -1.68
C ASP A 33 -0.49 -4.39 -1.90
N ILE A 34 -0.59 -3.07 -2.01
CA ILE A 34 -1.88 -2.43 -2.23
C ILE A 34 -2.44 -2.78 -3.61
N LYS A 35 -1.57 -2.78 -4.61
CA LYS A 35 -1.97 -3.11 -5.98
C LYS A 35 -2.64 -4.48 -6.04
N ASN A 36 -2.11 -5.42 -5.27
CA ASN A 36 -2.66 -6.78 -5.24
C ASN A 36 -4.08 -6.78 -4.67
N ASN A 37 -4.35 -5.83 -3.78
CA ASN A 37 -5.68 -5.72 -3.17
C ASN A 37 -6.62 -4.89 -4.04
N MET A 38 -6.03 -4.02 -4.86
CA MET A 38 -6.81 -3.16 -5.75
C MET A 38 -7.79 -3.99 -6.58
N GLN A 39 -7.40 -5.24 -6.87
CA GLN A 39 -8.24 -6.13 -7.66
C GLN A 39 -9.62 -6.29 -7.02
N GLU A 40 -9.68 -6.15 -5.70
CA GLU A 40 -10.93 -6.28 -4.97
C GLU A 40 -11.61 -4.92 -4.82
N ILE A 41 -11.02 -4.06 -4.00
CA ILE A 41 -11.57 -2.73 -3.76
C ILE A 41 -11.83 -2.01 -5.08
N SER A 42 -12.93 -1.25 -5.12
CA SER A 42 -13.29 -0.51 -6.32
C SER A 42 -14.34 0.55 -6.00
N SER A 43 -14.44 1.56 -6.86
CA SER A 43 -15.40 2.64 -6.67
C SER A 43 -16.62 2.45 -7.56
N GLU A 44 -17.80 2.50 -6.96
CA GLU A 44 -19.05 2.33 -7.70
C GLU A 44 -19.17 3.37 -8.81
N LEU A 45 -18.76 4.60 -8.50
CA LEU A 45 -18.82 5.69 -9.46
C LEU A 45 -17.47 5.89 -10.15
N GLN A 46 -17.42 5.58 -11.44
CA GLN A 46 -16.20 5.72 -12.21
C GLN A 46 -16.45 6.54 -13.47
N GLN A 47 -15.39 7.17 -13.98
CA GLN A 47 -15.50 7.99 -15.19
C GLN A 47 -16.55 9.08 -15.01
N SER A 48 -16.27 10.04 -14.14
CA SER A 48 -17.19 11.14 -13.88
C SER A 48 -16.65 12.45 -14.43
N GLU A 49 -17.50 13.48 -14.45
CA GLU A 49 -17.10 14.79 -14.96
C GLU A 49 -16.74 14.71 -16.44
N GLN A 50 -16.63 15.88 -17.07
CA GLN A 50 -16.29 15.94 -18.49
C GLN A 50 -15.72 17.31 -18.85
N SER A 51 -14.40 17.36 -19.03
CA SER A 51 -13.73 18.61 -19.38
C SER A 51 -12.24 18.38 -19.63
N LYS A 52 -11.90 18.12 -20.87
CA LYS A 52 -10.51 17.88 -21.25
C LYS A 52 -9.63 19.07 -20.88
N GLN A 53 -8.37 18.80 -20.56
CA GLN A 53 -7.43 19.85 -20.20
C GLN A 53 -6.01 19.47 -20.61
N LYS A 54 -5.47 18.44 -19.98
CA LYS A 54 -4.11 17.99 -20.28
C LYS A 54 -4.03 16.47 -20.29
N GLN A 55 -2.93 15.93 -20.80
CA GLN A 55 -2.73 14.49 -20.87
C GLN A 55 -1.28 14.15 -21.14
N TYR A 56 -0.37 14.79 -20.40
CA TYR A 56 1.05 14.55 -20.58
C TYR A 56 1.48 13.27 -19.85
N GLY A 57 1.54 12.18 -20.60
CA GLY A 57 1.93 10.91 -20.02
C GLY A 57 1.98 9.79 -21.04
N THR A 58 2.76 9.98 -22.09
CA THR A 58 2.89 8.98 -23.15
C THR A 58 4.14 9.23 -23.98
N THR A 59 4.72 8.15 -24.49
CA THR A 59 5.92 8.25 -25.31
C THR A 59 5.97 7.13 -26.35
N LEU A 60 6.06 5.89 -25.89
CA LEU A 60 6.12 4.74 -26.77
C LEU A 60 5.89 3.45 -26.00
N GLN A 61 6.73 3.21 -24.99
CA GLN A 61 6.61 2.01 -24.16
C GLN A 61 7.33 2.20 -22.83
N ASN A 62 6.85 1.49 -21.80
CA ASN A 62 7.45 1.58 -20.47
C ASN A 62 7.25 0.28 -19.71
N LEU A 63 6.00 -0.01 -19.36
CA LEU A 63 5.67 -1.22 -18.62
C LEU A 63 4.21 -1.61 -18.82
N ALA A 64 3.90 -2.13 -20.00
CA ALA A 64 2.53 -2.55 -20.32
C ALA A 64 2.21 -3.90 -19.71
N LYS A 65 1.12 -3.97 -18.95
CA LYS A 65 0.71 -5.22 -18.31
C LYS A 65 -0.77 -5.18 -17.94
N GLN A 66 -1.28 -6.28 -17.42
CA GLN A 66 -2.68 -6.37 -17.02
C GLN A 66 -2.95 -5.53 -15.79
N ASN A 67 -4.21 -5.16 -15.58
CA ASN A 67 -4.60 -4.36 -14.43
C ASN A 67 -6.10 -4.45 -14.18
N ARG A 68 -6.47 -4.60 -12.91
CA ARG A 68 -7.87 -4.70 -12.53
C ARG A 68 -8.52 -5.92 -13.17
N ILE A 69 -8.54 -7.03 -12.43
CA ILE A 69 -9.13 -8.28 -12.93
C ILE A 69 -10.60 -8.11 -13.23
N ILE A 70 -11.26 -7.21 -12.49
CA ILE A 70 -12.68 -6.95 -12.68
C ILE A 70 -12.90 -5.92 -13.78
N LYS A 71 -14.17 -5.68 -14.11
CA LYS A 71 -14.52 -4.71 -15.15
C LYS A 71 -14.80 -3.34 -14.54
N GLU B 1 -8.34 -6.78 4.89
CA GLU B 1 -8.22 -6.88 6.34
C GLU B 1 -8.40 -5.52 7.01
N THR B 2 -7.48 -4.60 6.71
CA THR B 2 -7.54 -3.26 7.28
C THR B 2 -7.07 -2.22 6.27
N LYS B 3 -5.87 -2.43 5.72
CA LYS B 3 -5.30 -1.52 4.74
C LYS B 3 -4.76 -2.27 3.54
N TYR B 4 -5.67 -2.89 2.78
CA TYR B 4 -5.28 -3.65 1.59
C TYR B 4 -4.35 -4.80 1.97
N GLU B 5 -4.42 -5.22 3.23
CA GLU B 5 -3.59 -6.32 3.71
C GLU B 5 -2.11 -5.96 3.62
N LEU B 6 -1.70 -4.94 4.37
CA LEU B 6 -0.31 -4.49 4.36
C LEU B 6 0.44 -5.07 5.56
N ASN B 7 0.08 -6.29 5.95
CA ASN B 7 0.72 -6.96 7.08
C ASN B 7 2.23 -7.10 6.84
N ASN B 8 2.59 -7.62 5.68
CA ASN B 8 4.00 -7.81 5.33
C ASN B 8 4.72 -6.47 5.25
N THR B 9 4.01 -5.44 4.78
CA THR B 9 4.58 -4.11 4.67
C THR B 9 5.00 -3.56 6.02
N LYS B 10 4.16 -3.78 7.03
CA LYS B 10 4.45 -3.31 8.38
C LYS B 10 5.80 -3.83 8.86
N LYS B 11 6.13 -5.06 8.48
CA LYS B 11 7.39 -5.68 8.87
C LYS B 11 8.55 -5.06 8.11
N VAL B 12 8.29 -4.63 6.88
CA VAL B 12 9.31 -4.01 6.05
C VAL B 12 9.79 -2.69 6.64
N ALA B 13 8.85 -1.86 7.05
CA ALA B 13 9.18 -0.57 7.64
C ALA B 13 9.63 -0.73 9.09
N ASN B 14 9.08 -1.73 9.77
CA ASN B 14 9.43 -2.00 11.16
C ASN B 14 10.79 -2.66 11.26
N ALA B 15 11.21 -3.32 10.19
CA ALA B 15 12.50 -4.00 10.16
C ALA B 15 13.63 -3.03 10.47
N PHE B 16 13.40 -1.74 10.21
CA PHE B 16 14.40 -0.72 10.46
C PHE B 16 14.73 -0.63 11.94
N GLY B 17 13.76 -0.17 12.73
CA GLY B 17 13.97 -0.05 14.17
C GLY B 17 13.48 1.29 14.70
N LEU B 18 12.32 1.28 15.36
CA LEU B 18 11.74 2.49 15.91
C LEU B 18 10.42 2.19 16.62
N ASN B 19 10.34 1.02 17.24
CA ASN B 19 9.13 0.61 17.95
C ASN B 19 7.95 0.47 16.98
N GLU B 20 8.26 0.41 15.69
CA GLU B 20 7.23 0.27 14.67
C GLU B 20 6.33 1.50 14.64
N GLU B 21 6.77 2.57 15.29
CA GLU B 21 6.01 3.81 15.34
C GLU B 21 6.03 4.51 13.98
N ASP B 22 7.20 4.57 13.37
CA ASP B 22 7.35 5.21 12.07
C ASP B 22 6.67 4.39 10.97
N THR B 23 6.67 3.07 11.15
CA THR B 23 6.06 2.17 10.18
C THR B 23 4.58 2.48 9.99
N ASN B 24 3.88 2.66 11.11
CA ASN B 24 2.45 2.96 11.08
C ASN B 24 2.18 4.25 10.30
N LEU B 25 2.99 5.27 10.57
CA LEU B 25 2.85 6.56 9.90
C LEU B 25 3.24 6.45 8.43
N LEU B 26 4.27 5.67 8.15
CA LEU B 26 4.75 5.48 6.78
C LEU B 26 3.67 4.84 5.91
N ILE B 27 3.07 3.75 6.42
CA ILE B 27 2.02 3.06 5.69
C ILE B 27 0.83 3.96 5.44
N ASN B 28 0.59 4.89 6.37
CA ASN B 28 -0.53 5.81 6.25
C ASN B 28 -0.33 6.75 5.07
N ALA B 29 0.91 7.16 4.84
CA ALA B 29 1.24 8.06 3.74
C ALA B 29 1.18 7.32 2.41
N VAL B 30 1.77 6.13 2.36
CA VAL B 30 1.78 5.33 1.15
C VAL B 30 0.39 4.83 0.79
N ASP B 31 -0.27 4.21 1.76
CA ASP B 31 -1.62 3.69 1.55
C ASP B 31 -2.57 4.80 1.11
N LEU B 32 -2.40 5.98 1.69
CA LEU B 32 -3.25 7.13 1.35
C LEU B 32 -2.88 7.70 -0.01
N ASP B 33 -1.60 7.57 -0.37
CA ASP B 33 -1.12 8.08 -1.65
C ASP B 33 -1.68 7.24 -2.80
N ILE B 34 -1.60 5.92 -2.66
CA ILE B 34 -2.10 5.02 -3.69
C ILE B 34 -3.62 5.11 -3.81
N LYS B 35 -4.29 5.20 -2.67
CA LYS B 35 -5.75 5.30 -2.64
C LYS B 35 -6.23 6.48 -3.46
N ASN B 36 -5.50 7.59 -3.38
CA ASN B 36 -5.85 8.81 -4.10
C ASN B 36 -5.69 8.59 -5.61
N ASN B 37 -4.73 7.77 -5.99
CA ASN B 37 -4.48 7.48 -7.39
C ASN B 37 -5.42 6.40 -7.91
N MET B 38 -5.91 5.57 -7.00
CA MET B 38 -6.82 4.49 -7.36
C MET B 38 -7.99 5.02 -8.19
N GLN B 39 -8.36 6.28 -7.94
CA GLN B 39 -9.47 6.89 -8.67
C GLN B 39 -9.24 6.82 -10.17
N GLU B 40 -7.97 6.75 -10.58
CA GLU B 40 -7.63 6.67 -11.99
C GLU B 40 -7.52 5.22 -12.44
N ILE B 41 -7.03 4.36 -11.54
CA ILE B 41 -6.87 2.94 -11.86
C ILE B 41 -8.17 2.35 -12.40
N SER B 42 -8.13 1.89 -13.64
CA SER B 42 -9.30 1.29 -14.28
C SER B 42 -8.89 0.50 -15.52
N SER B 43 -9.77 -0.43 -15.93
CA SER B 43 -9.50 -1.26 -17.09
C SER B 43 -10.75 -2.03 -17.50
N GLU B 44 -10.60 -2.92 -18.48
CA GLU B 44 -11.72 -3.72 -18.96
C GLU B 44 -11.46 -5.21 -18.71
N LEU B 45 -10.56 -5.79 -19.49
CA LEU B 45 -10.22 -7.20 -19.36
C LEU B 45 -11.46 -8.07 -19.54
N GLN B 46 -11.31 -9.36 -19.26
CA GLN B 46 -12.42 -10.31 -19.40
C GLN B 46 -12.65 -11.07 -18.11
N GLN B 47 -13.54 -10.57 -17.28
CA GLN B 47 -13.85 -11.20 -16.00
C GLN B 47 -15.08 -10.57 -15.36
N SER B 48 -15.67 -11.28 -14.40
CA SER B 48 -16.86 -10.79 -13.71
C SER B 48 -16.74 -10.99 -12.20
N GLU B 49 -16.85 -9.90 -11.45
CA GLU B 49 -16.74 -9.95 -10.00
C GLU B 49 -17.04 -8.59 -9.38
N GLN B 50 -17.57 -8.60 -8.16
CA GLN B 50 -17.90 -7.36 -7.46
C GLN B 50 -17.59 -7.48 -5.98
N SER B 51 -17.08 -6.40 -5.39
CA SER B 51 -16.73 -6.39 -3.97
C SER B 51 -17.05 -5.04 -3.35
N LYS B 52 -17.16 -5.01 -2.02
CA LYS B 52 -17.47 -3.78 -1.31
C LYS B 52 -17.14 -3.93 0.18
N GLN B 53 -16.59 -2.88 0.77
CA GLN B 53 -16.24 -2.88 2.18
C GLN B 53 -16.05 -1.47 2.70
N LYS B 54 -15.11 -0.73 2.10
CA LYS B 54 -14.83 0.64 2.51
C LYS B 54 -14.31 0.69 3.93
N GLN B 55 -12.99 0.75 4.08
CA GLN B 55 -12.37 0.80 5.40
C GLN B 55 -11.31 1.91 5.45
N TYR B 56 -11.77 3.15 5.54
CA TYR B 56 -10.87 4.29 5.59
C TYR B 56 -10.96 4.99 6.95
N GLY B 57 -10.24 6.10 7.09
CA GLY B 57 -10.25 6.83 8.34
C GLY B 57 -8.96 6.66 9.11
N THR B 58 -7.85 7.06 8.51
CA THR B 58 -6.54 6.95 9.14
C THR B 58 -5.67 8.14 8.80
N THR B 59 -5.57 9.09 9.73
CA THR B 59 -4.76 10.28 9.52
C THR B 59 -4.38 10.93 10.85
N LEU B 60 -3.10 11.28 10.99
CA LEU B 60 -2.61 11.91 12.21
C LEU B 60 -1.71 13.09 11.90
N GLN B 61 -0.59 12.81 11.24
CA GLN B 61 0.36 13.86 10.86
C GLN B 61 1.33 13.37 9.80
N ASN B 62 2.28 14.22 9.43
CA ASN B 62 3.27 13.87 8.41
C ASN B 62 4.68 14.18 8.90
N LEU B 63 5.02 15.46 8.93
CA LEU B 63 6.35 15.89 9.38
C LEU B 63 7.45 15.16 8.61
N ALA B 64 7.39 15.24 7.28
CA ALA B 64 8.38 14.58 6.44
C ALA B 64 9.02 15.58 5.48
N LYS B 65 9.83 15.07 4.56
CA LYS B 65 10.51 15.91 3.58
C LYS B 65 11.43 16.92 4.27
N GLN B 66 12.72 16.60 4.32
CA GLN B 66 13.70 17.47 4.95
C GLN B 66 15.01 17.47 4.16
N ASN B 67 15.72 18.59 4.20
CA ASN B 67 16.98 18.73 3.49
C ASN B 67 18.13 18.98 4.46
N ARG B 68 19.33 18.56 4.09
CA ARG B 68 20.51 18.74 4.93
C ARG B 68 21.13 20.11 4.70
N ILE B 69 22.30 20.33 5.30
CA ILE B 69 23.00 21.60 5.16
C ILE B 69 24.05 21.53 4.06
N ILE B 70 24.55 20.33 3.79
CA ILE B 70 25.56 20.12 2.76
C ILE B 70 26.82 20.93 3.06
N LYS B 71 27.74 20.32 3.80
CA LYS B 71 28.99 20.98 4.16
C LYS B 71 30.06 19.95 4.55
N GLU A 1 2.53 9.33 -10.93
CA GLU A 1 2.96 9.20 -12.33
C GLU A 1 3.24 7.74 -12.68
N THR A 2 4.23 7.16 -12.02
CA THR A 2 4.59 5.76 -12.26
C THR A 2 3.83 4.83 -11.33
N LYS A 3 3.79 5.18 -10.05
CA LYS A 3 3.08 4.37 -9.06
C LYS A 3 2.10 5.22 -8.26
N TYR A 4 1.09 5.75 -8.93
CA TYR A 4 0.09 6.59 -8.28
C TYR A 4 0.71 7.86 -7.74
N GLU A 5 1.85 8.24 -8.29
CA GLU A 5 2.55 9.44 -7.87
C GLU A 5 3.01 9.32 -6.41
N LEU A 6 3.92 8.38 -6.15
CA LEU A 6 4.43 8.17 -4.81
C LEU A 6 5.73 8.91 -4.59
N ASN A 7 5.86 10.07 -5.24
CA ASN A 7 7.06 10.89 -5.11
C ASN A 7 7.35 11.23 -3.66
N ASN A 8 6.33 11.73 -2.97
CA ASN A 8 6.48 12.09 -1.56
C ASN A 8 6.78 10.87 -0.71
N THR A 9 6.15 9.75 -1.03
CA THR A 9 6.36 8.50 -0.31
C THR A 9 7.81 8.08 -0.35
N LYS A 10 8.40 8.11 -1.55
CA LYS A 10 9.79 7.72 -1.74
C LYS A 10 10.71 8.53 -0.83
N LYS A 11 10.36 9.80 -0.63
CA LYS A 11 11.15 10.69 0.22
C LYS A 11 11.00 10.30 1.69
N VAL A 12 9.83 9.81 2.06
CA VAL A 12 9.57 9.40 3.43
C VAL A 12 10.38 8.16 3.80
N ALA A 13 10.36 7.17 2.92
CA ALA A 13 11.10 5.94 3.15
C ALA A 13 12.61 6.16 3.03
N ASN A 14 12.99 7.00 2.06
CA ASN A 14 14.40 7.29 1.84
C ASN A 14 15.01 8.01 3.04
N ALA A 15 14.15 8.68 3.82
CA ALA A 15 14.61 9.40 5.00
C ALA A 15 15.33 8.47 5.97
N PHE A 16 14.83 7.25 6.10
CA PHE A 16 15.44 6.28 7.00
C PHE A 16 16.93 6.12 6.71
N GLY A 17 17.31 6.34 5.46
CA GLY A 17 18.71 6.22 5.07
C GLY A 17 19.10 4.80 4.74
N LEU A 18 19.09 4.47 3.46
CA LEU A 18 19.44 3.12 3.02
C LEU A 18 20.31 3.17 1.76
N ASN A 19 19.68 3.48 0.63
CA ASN A 19 20.39 3.56 -0.64
C ASN A 19 19.45 3.94 -1.78
N GLU A 20 18.62 2.97 -2.20
CA GLU A 20 17.66 3.20 -3.27
C GLU A 20 16.84 1.95 -3.54
N GLU A 21 17.51 0.81 -3.59
CA GLU A 21 16.84 -0.47 -3.85
C GLU A 21 15.94 -0.84 -2.68
N ASP A 22 16.39 -0.55 -1.46
CA ASP A 22 15.62 -0.86 -0.27
C ASP A 22 14.27 -0.15 -0.28
N THR A 23 14.27 1.10 -0.76
CA THR A 23 13.05 1.89 -0.83
C THR A 23 12.10 1.34 -1.90
N ASN A 24 12.64 1.09 -3.08
CA ASN A 24 11.85 0.57 -4.19
C ASN A 24 11.24 -0.78 -3.83
N LEU A 25 12.00 -1.59 -3.10
CA LEU A 25 11.53 -2.91 -2.69
C LEU A 25 10.37 -2.79 -1.69
N LEU A 26 10.48 -1.81 -0.79
CA LEU A 26 9.44 -1.60 0.20
C LEU A 26 8.17 -1.06 -0.43
N ILE A 27 8.32 -0.04 -1.27
CA ILE A 27 7.18 0.57 -1.96
C ILE A 27 6.55 -0.41 -2.95
N ASN A 28 7.38 -1.31 -3.49
CA ASN A 28 6.89 -2.29 -4.46
C ASN A 28 5.87 -3.23 -3.81
N ALA A 29 6.14 -3.63 -2.57
CA ALA A 29 5.26 -4.51 -1.84
C ALA A 29 4.01 -3.78 -1.37
N VAL A 30 4.20 -2.60 -0.81
CA VAL A 30 3.09 -1.79 -0.32
C VAL A 30 2.19 -1.32 -1.46
N ASP A 31 2.81 -1.11 -2.62
CA ASP A 31 2.07 -0.66 -3.80
C ASP A 31 1.35 -1.83 -4.47
N LEU A 32 2.03 -2.97 -4.55
CA LEU A 32 1.48 -4.16 -5.18
C LEU A 32 0.43 -4.80 -4.27
N ASP A 33 0.61 -4.66 -2.96
CA ASP A 33 -0.32 -5.22 -1.99
C ASP A 33 -1.65 -4.48 -2.03
N ILE A 34 -1.58 -3.16 -2.03
CA ILE A 34 -2.80 -2.33 -2.06
C ILE A 34 -3.53 -2.48 -3.40
N LYS A 35 -2.76 -2.52 -4.48
CA LYS A 35 -3.33 -2.66 -5.82
C LYS A 35 -4.12 -3.95 -5.93
N ASN A 36 -3.59 -5.02 -5.33
CA ASN A 36 -4.25 -6.32 -5.37
C ASN A 36 -5.52 -6.32 -4.53
N ASN A 37 -5.51 -5.52 -3.45
CA ASN A 37 -6.66 -5.42 -2.57
C ASN A 37 -7.81 -4.67 -3.24
N MET A 38 -7.46 -3.81 -4.19
CA MET A 38 -8.46 -3.03 -4.92
C MET A 38 -9.51 -3.93 -5.55
N GLN A 39 -9.10 -5.17 -5.84
CA GLN A 39 -10.02 -6.13 -6.45
C GLN A 39 -11.13 -6.51 -5.49
N GLU A 40 -10.86 -6.40 -4.19
CA GLU A 40 -11.85 -6.74 -3.17
C GLU A 40 -12.54 -5.48 -2.65
N ILE A 41 -11.82 -4.72 -1.84
CA ILE A 41 -12.36 -3.49 -1.27
C ILE A 41 -13.67 -3.75 -0.54
N SER A 42 -13.58 -4.11 0.73
CA SER A 42 -14.77 -4.39 1.54
C SER A 42 -15.18 -3.17 2.34
N SER A 43 -16.41 -3.17 2.83
CA SER A 43 -16.94 -2.06 3.61
C SER A 43 -16.48 -2.16 5.06
N GLU A 44 -15.73 -1.15 5.51
CA GLU A 44 -15.23 -1.12 6.89
C GLU A 44 -15.12 0.32 7.39
N LEU A 45 -14.19 1.06 6.81
CA LEU A 45 -13.98 2.46 7.20
C LEU A 45 -13.53 2.56 8.65
N GLN A 46 -12.23 2.79 8.84
CA GLN A 46 -11.68 2.90 10.19
C GLN A 46 -10.62 4.00 10.24
N GLN A 47 -10.92 5.07 10.98
CA GLN A 47 -9.99 6.19 11.11
C GLN A 47 -10.00 6.74 12.53
N SER A 48 -9.14 7.72 12.79
CA SER A 48 -9.05 8.32 14.11
C SER A 48 -10.12 9.39 14.29
N GLU A 49 -9.91 10.54 13.66
CA GLU A 49 -10.86 11.65 13.75
C GLU A 49 -10.56 12.71 12.69
N GLN A 50 -9.35 13.28 12.75
CA GLN A 50 -8.95 14.31 11.81
C GLN A 50 -7.51 14.08 11.33
N SER A 51 -7.22 14.50 10.11
CA SER A 51 -5.90 14.32 9.54
C SER A 51 -5.55 15.48 8.60
N LYS A 52 -6.01 16.67 8.96
CA LYS A 52 -5.76 17.87 8.15
C LYS A 52 -6.34 19.11 8.83
N GLN A 53 -5.49 20.10 9.06
CA GLN A 53 -5.91 21.34 9.70
C GLN A 53 -4.79 22.38 9.68
N LYS A 54 -4.20 22.57 8.50
CA LYS A 54 -3.11 23.53 8.36
C LYS A 54 -3.63 24.86 7.80
N GLN A 55 -4.26 25.65 8.67
CA GLN A 55 -4.79 26.94 8.28
C GLN A 55 -3.91 28.08 8.77
N TYR A 56 -4.20 29.29 8.31
CA TYR A 56 -3.44 30.46 8.72
C TYR A 56 -4.28 31.73 8.58
N GLY A 57 -4.86 31.93 7.40
CA GLY A 57 -5.68 33.11 7.16
C GLY A 57 -6.12 33.22 5.71
N THR A 58 -5.29 33.86 4.90
CA THR A 58 -5.60 34.04 3.48
C THR A 58 -6.93 34.78 3.31
N THR A 59 -6.88 36.10 3.37
CA THR A 59 -8.08 36.92 3.22
C THR A 59 -7.72 38.32 2.75
N LEU A 60 -8.44 38.81 1.75
CA LEU A 60 -8.21 40.15 1.21
C LEU A 60 -9.52 40.93 1.10
N GLN A 61 -10.33 40.56 0.12
CA GLN A 61 -11.61 41.22 -0.10
C GLN A 61 -12.73 40.21 -0.29
N ASN A 62 -13.91 40.51 0.23
CA ASN A 62 -15.06 39.62 0.12
C ASN A 62 -15.92 40.00 -1.08
N LEU A 63 -15.27 40.29 -2.20
CA LEU A 63 -15.98 40.66 -3.42
C LEU A 63 -16.02 39.50 -4.41
N ALA A 64 -16.08 38.28 -3.87
CA ALA A 64 -16.13 37.09 -4.70
C ALA A 64 -17.45 37.00 -5.46
N LYS A 65 -17.47 36.19 -6.51
CA LYS A 65 -18.67 36.01 -7.33
C LYS A 65 -19.18 34.58 -7.25
N GLN A 66 -20.42 34.38 -7.67
CA GLN A 66 -21.02 33.04 -7.66
C GLN A 66 -20.82 32.33 -8.99
N ASN A 67 -20.17 31.17 -8.94
CA ASN A 67 -19.92 30.39 -10.15
C ASN A 67 -21.08 29.45 -10.45
N ARG A 68 -22.23 30.03 -10.81
CA ARG A 68 -23.41 29.25 -11.11
C ARG A 68 -23.74 28.27 -9.99
N ILE A 69 -23.41 28.66 -8.76
CA ILE A 69 -23.66 27.82 -7.60
C ILE A 69 -22.97 26.47 -7.73
N ILE A 70 -21.69 26.43 -7.40
CA ILE A 70 -20.92 25.19 -7.48
C ILE A 70 -20.34 24.81 -6.12
N LYS A 71 -20.26 23.52 -5.87
CA LYS A 71 -19.72 23.01 -4.61
C LYS A 71 -18.40 22.29 -4.82
N GLU B 1 -4.65 -4.71 11.30
CA GLU B 1 -5.16 -5.14 10.01
C GLU B 1 -6.28 -4.23 9.52
N THR B 2 -5.90 -3.14 8.87
CA THR B 2 -6.87 -2.19 8.35
C THR B 2 -6.26 -1.29 7.29
N LYS B 3 -5.34 -1.85 6.51
CA LYS B 3 -4.68 -1.10 5.44
C LYS B 3 -4.45 -1.98 4.21
N TYR B 4 -5.54 -2.48 3.64
CA TYR B 4 -5.45 -3.33 2.46
C TYR B 4 -4.64 -4.58 2.75
N GLU B 5 -4.57 -4.95 4.02
CA GLU B 5 -3.82 -6.13 4.43
C GLU B 5 -2.32 -5.96 4.14
N LEU B 6 -1.71 -4.99 4.78
CA LEU B 6 -0.29 -4.71 4.59
C LEU B 6 0.52 -5.21 5.78
N ASN B 7 0.13 -6.35 6.33
CA ASN B 7 0.83 -6.93 7.47
C ASN B 7 2.29 -7.24 7.12
N ASN B 8 2.48 -7.94 6.02
CA ASN B 8 3.82 -8.30 5.57
C ASN B 8 4.61 -7.06 5.17
N THR B 9 3.91 -6.07 4.63
CA THR B 9 4.56 -4.83 4.20
C THR B 9 5.02 -4.01 5.39
N LYS B 10 4.15 -3.86 6.38
CA LYS B 10 4.48 -3.11 7.59
C LYS B 10 5.74 -3.65 8.24
N LYS B 11 5.92 -4.96 8.19
CA LYS B 11 7.08 -5.61 8.78
C LYS B 11 8.36 -5.19 8.05
N VAL B 12 8.23 -4.92 6.75
CA VAL B 12 9.37 -4.51 5.94
C VAL B 12 9.87 -3.13 6.35
N ALA B 13 8.93 -2.22 6.61
CA ALA B 13 9.27 -0.86 7.01
C ALA B 13 9.83 -0.84 8.43
N ASN B 14 9.27 -1.67 9.30
CA ASN B 14 9.72 -1.74 10.70
C ASN B 14 11.13 -2.30 10.78
N ALA B 15 11.52 -3.07 9.77
CA ALA B 15 12.86 -3.66 9.74
C ALA B 15 13.94 -2.58 9.69
N PHE B 16 13.58 -1.43 9.14
CA PHE B 16 14.52 -0.32 9.02
C PHE B 16 15.09 0.05 10.39
N GLY B 17 14.34 -0.25 11.44
CA GLY B 17 14.78 0.06 12.79
C GLY B 17 14.31 1.42 13.26
N LEU B 18 13.18 1.45 13.96
CA LEU B 18 12.62 2.69 14.47
C LEU B 18 11.99 2.49 15.84
N ASN B 19 10.82 1.86 15.86
CA ASN B 19 10.12 1.59 17.11
C ASN B 19 8.82 0.85 16.85
N GLU B 20 7.82 1.56 16.34
CA GLU B 20 6.53 0.97 16.04
C GLU B 20 5.60 1.98 15.36
N GLU B 21 5.59 3.21 15.88
CA GLU B 21 4.76 4.26 15.33
C GLU B 21 5.28 4.72 13.96
N ASP B 22 6.60 4.80 13.85
CA ASP B 22 7.23 5.23 12.60
C ASP B 22 6.86 4.28 11.46
N THR B 23 6.70 3.00 11.79
CA THR B 23 6.35 2.00 10.80
C THR B 23 4.93 2.20 10.28
N ASN B 24 3.99 2.38 11.20
CA ASN B 24 2.60 2.58 10.83
C ASN B 24 2.41 3.93 10.15
N LEU B 25 3.13 4.93 10.61
CA LEU B 25 3.05 6.28 10.04
C LEU B 25 3.44 6.26 8.56
N LEU B 26 4.45 5.46 8.23
CA LEU B 26 4.92 5.35 6.86
C LEU B 26 3.83 4.81 5.95
N ILE B 27 3.19 3.72 6.37
CA ILE B 27 2.12 3.12 5.59
C ILE B 27 0.98 4.09 5.37
N ASN B 28 0.78 4.99 6.34
CA ASN B 28 -0.29 5.98 6.25
C ASN B 28 -0.06 6.93 5.09
N ALA B 29 1.21 7.28 4.85
CA ALA B 29 1.56 8.18 3.76
C ALA B 29 1.46 7.48 2.41
N VAL B 30 2.00 6.27 2.35
CA VAL B 30 1.97 5.48 1.11
C VAL B 30 0.55 5.05 0.77
N ASP B 31 -0.12 4.42 1.73
CA ASP B 31 -1.49 3.95 1.54
C ASP B 31 -2.40 5.10 1.13
N LEU B 32 -2.19 6.27 1.74
CA LEU B 32 -2.99 7.45 1.43
C LEU B 32 -2.82 7.87 -0.01
N ASP B 33 -1.60 7.74 -0.53
CA ASP B 33 -1.30 8.10 -1.91
C ASP B 33 -1.97 7.14 -2.88
N ILE B 34 -1.85 5.84 -2.61
CA ILE B 34 -2.44 4.82 -3.46
C ILE B 34 -3.97 4.88 -3.41
N LYS B 35 -4.50 5.08 -2.21
CA LYS B 35 -5.94 5.16 -2.01
C LYS B 35 -6.56 6.25 -2.90
N ASN B 36 -5.85 7.37 -3.02
CA ASN B 36 -6.32 8.47 -3.85
C ASN B 36 -6.41 8.07 -5.31
N ASN B 37 -5.52 7.19 -5.73
CA ASN B 37 -5.50 6.71 -7.12
C ASN B 37 -6.47 5.55 -7.31
N MET B 38 -6.83 4.89 -6.21
CA MET B 38 -7.75 3.76 -6.25
C MET B 38 -9.03 4.14 -6.98
N GLN B 39 -9.39 5.42 -6.91
CA GLN B 39 -10.60 5.91 -7.56
C GLN B 39 -10.30 6.36 -8.98
N GLU B 40 -9.06 6.74 -9.24
CA GLU B 40 -8.64 7.19 -10.57
C GLU B 40 -8.45 6.00 -11.50
N ILE B 41 -7.90 4.92 -10.97
CA ILE B 41 -7.64 3.71 -11.76
C ILE B 41 -8.90 3.27 -12.49
N SER B 42 -8.72 2.42 -13.50
CA SER B 42 -9.85 1.93 -14.28
C SER B 42 -10.80 1.11 -13.41
N SER B 43 -11.99 1.64 -13.20
CA SER B 43 -13.00 0.96 -12.38
C SER B 43 -14.25 0.64 -13.20
N GLU B 44 -15.29 0.16 -12.52
CA GLU B 44 -16.54 -0.18 -13.19
C GLU B 44 -17.69 0.64 -12.63
N LEU B 45 -17.38 1.83 -12.12
CA LEU B 45 -18.39 2.72 -11.56
C LEU B 45 -18.32 4.11 -12.21
N GLN B 46 -17.11 4.56 -12.46
CA GLN B 46 -16.89 5.88 -13.07
C GLN B 46 -15.44 6.05 -13.48
N GLN B 47 -15.20 7.02 -14.37
CA GLN B 47 -13.84 7.30 -14.84
C GLN B 47 -13.81 8.60 -15.64
N SER B 48 -13.08 9.58 -15.12
CA SER B 48 -12.96 10.87 -15.77
C SER B 48 -11.82 11.70 -15.16
N GLU B 49 -10.62 11.11 -15.15
CA GLU B 49 -9.45 11.79 -14.59
C GLU B 49 -8.21 10.92 -14.73
N GLN B 50 -7.17 11.47 -15.34
CA GLN B 50 -5.91 10.74 -15.52
C GLN B 50 -4.85 11.65 -16.12
N SER B 51 -3.59 11.36 -15.80
CA SER B 51 -2.47 12.15 -16.32
C SER B 51 -1.22 11.28 -16.45
N LYS B 52 -0.22 11.82 -17.15
CA LYS B 52 1.03 11.11 -17.35
C LYS B 52 2.07 12.01 -18.02
N GLN B 53 3.23 12.16 -17.36
CA GLN B 53 4.29 12.99 -17.89
C GLN B 53 5.57 12.17 -18.11
N LYS B 54 5.81 11.22 -17.22
CA LYS B 54 7.00 10.37 -17.31
C LYS B 54 8.26 11.20 -17.21
N GLN B 55 9.40 10.52 -17.04
CA GLN B 55 10.69 11.18 -16.93
C GLN B 55 10.72 12.11 -15.72
N TYR B 56 11.31 11.63 -14.64
CA TYR B 56 11.41 12.41 -13.40
C TYR B 56 12.75 12.20 -12.72
N GLY B 57 13.03 13.02 -11.72
CA GLY B 57 14.30 12.91 -11.00
C GLY B 57 14.73 14.22 -10.39
N THR B 58 15.69 14.16 -9.48
CA THR B 58 16.20 15.36 -8.81
C THR B 58 17.70 15.50 -9.00
N THR B 59 18.20 15.02 -10.15
CA THR B 59 19.62 15.09 -10.45
C THR B 59 19.86 15.65 -11.85
N LEU B 60 20.99 16.31 -12.04
CA LEU B 60 21.34 16.89 -13.33
C LEU B 60 22.84 16.77 -13.60
N GLN B 61 23.20 15.92 -14.55
CA GLN B 61 24.61 15.73 -14.90
C GLN B 61 24.80 15.82 -16.42
N ASN B 62 25.37 16.93 -16.86
CA ASN B 62 25.63 17.14 -18.28
C ASN B 62 26.46 16.00 -18.87
N LEU B 63 27.66 15.83 -18.33
CA LEU B 63 28.55 14.78 -18.81
C LEU B 63 28.75 14.86 -20.31
N ALA B 64 29.57 15.81 -20.75
CA ALA B 64 29.84 16.00 -22.17
C ALA B 64 30.74 14.88 -22.70
N LYS B 65 30.13 13.86 -23.29
CA LYS B 65 30.87 12.74 -23.85
C LYS B 65 31.26 13.00 -25.30
N GLN B 66 32.39 12.42 -25.72
CA GLN B 66 32.87 12.59 -27.08
C GLN B 66 33.41 11.28 -27.64
N ASN B 67 33.84 11.31 -28.89
CA ASN B 67 34.39 10.12 -29.53
C ASN B 67 33.32 9.04 -29.65
N ARG B 68 33.71 7.91 -30.25
CA ARG B 68 32.79 6.79 -30.43
C ARG B 68 33.33 5.53 -29.77
N ILE B 69 33.76 5.67 -28.52
CA ILE B 69 34.30 4.54 -27.77
C ILE B 69 33.42 4.21 -26.57
N ILE B 70 32.10 4.25 -26.77
CA ILE B 70 31.15 3.95 -25.70
C ILE B 70 31.31 2.50 -25.23
N LYS B 71 31.92 2.33 -24.06
CA LYS B 71 32.12 1.01 -23.49
C LYS B 71 31.11 0.74 -22.37
N GLU A 1 6.33 5.60 -6.35
CA GLU A 1 7.22 6.52 -7.05
C GLU A 1 6.59 6.97 -8.38
N THR A 2 6.42 6.02 -9.30
CA THR A 2 5.84 6.31 -10.60
C THR A 2 4.53 5.57 -10.79
N LYS A 3 4.36 4.47 -10.07
CA LYS A 3 3.15 3.66 -10.16
C LYS A 3 1.91 4.53 -9.97
N TYR A 4 1.68 4.97 -8.75
CA TYR A 4 0.52 5.82 -8.44
C TYR A 4 0.95 7.25 -8.19
N GLU A 5 1.52 7.50 -7.01
CA GLU A 5 1.96 8.83 -6.64
C GLU A 5 2.61 8.84 -5.26
N LEU A 6 3.55 7.92 -5.06
CA LEU A 6 4.25 7.81 -3.78
C LEU A 6 5.57 8.57 -3.82
N ASN A 7 5.59 9.67 -4.57
CA ASN A 7 6.79 10.49 -4.68
C ASN A 7 7.24 10.98 -3.31
N ASN A 8 6.32 11.57 -2.55
CA ASN A 8 6.62 12.08 -1.23
C ASN A 8 6.88 10.94 -0.25
N THR A 9 6.17 9.83 -0.45
CA THR A 9 6.31 8.66 0.41
C THR A 9 7.72 8.07 0.30
N LYS A 10 8.22 7.97 -0.92
CA LYS A 10 9.54 7.42 -1.17
C LYS A 10 10.60 8.17 -0.35
N LYS A 11 10.41 9.48 -0.21
CA LYS A 11 11.34 10.30 0.56
C LYS A 11 11.27 9.97 2.04
N VAL A 12 10.07 9.65 2.52
CA VAL A 12 9.88 9.30 3.92
C VAL A 12 10.56 7.98 4.27
N ALA A 13 10.47 7.03 3.36
CA ALA A 13 11.08 5.71 3.57
C ALA A 13 12.60 5.80 3.48
N ASN A 14 13.09 6.62 2.56
CA ASN A 14 14.53 6.79 2.36
C ASN A 14 15.16 7.47 3.58
N ALA A 15 14.35 8.22 4.31
CA ALA A 15 14.83 8.93 5.50
C ALA A 15 15.33 7.94 6.56
N PHE A 16 14.79 6.73 6.53
CA PHE A 16 15.17 5.69 7.49
C PHE A 16 16.68 5.46 7.44
N GLY A 17 17.28 5.75 6.29
CA GLY A 17 18.71 5.55 6.13
C GLY A 17 19.06 4.17 5.62
N LEU A 18 19.22 4.05 4.31
CA LEU A 18 19.55 2.78 3.69
C LEU A 18 20.52 2.98 2.54
N ASN A 19 20.01 3.48 1.41
CA ASN A 19 20.85 3.72 0.23
C ASN A 19 20.01 4.32 -0.89
N GLU A 20 19.18 3.49 -1.52
CA GLU A 20 18.34 3.94 -2.63
C GLU A 20 17.46 2.81 -3.13
N GLU A 21 18.04 1.62 -3.25
CA GLU A 21 17.30 0.45 -3.72
C GLU A 21 16.30 -0.02 -2.68
N ASP A 22 16.69 0.08 -1.40
CA ASP A 22 15.82 -0.34 -0.31
C ASP A 22 14.54 0.50 -0.28
N THR A 23 14.67 1.77 -0.64
CA THR A 23 13.52 2.67 -0.65
C THR A 23 12.54 2.30 -1.76
N ASN A 24 13.08 2.10 -2.96
CA ASN A 24 12.25 1.75 -4.11
C ASN A 24 11.67 0.35 -3.95
N LEU A 25 12.47 -0.56 -3.43
CA LEU A 25 12.04 -1.94 -3.22
C LEU A 25 10.85 -2.01 -2.27
N LEU A 26 10.87 -1.15 -1.25
CA LEU A 26 9.79 -1.11 -0.28
C LEU A 26 8.48 -0.71 -0.94
N ILE A 27 8.51 0.34 -1.74
CA ILE A 27 7.32 0.82 -2.43
C ILE A 27 6.73 -0.27 -3.31
N ASN A 28 7.59 -1.14 -3.83
CA ASN A 28 7.16 -2.23 -4.69
C ASN A 28 6.28 -3.23 -3.92
N ALA A 29 6.65 -3.48 -2.66
CA ALA A 29 5.91 -4.39 -1.82
C ALA A 29 4.59 -3.79 -1.38
N VAL A 30 4.63 -2.53 -0.96
CA VAL A 30 3.44 -1.83 -0.50
C VAL A 30 2.47 -1.57 -1.66
N ASP A 31 2.99 -0.97 -2.72
CA ASP A 31 2.18 -0.68 -3.90
C ASP A 31 1.54 -1.94 -4.46
N LEU A 32 2.29 -3.03 -4.45
CA LEU A 32 1.81 -4.32 -4.95
C LEU A 32 0.71 -4.86 -4.06
N ASP A 33 0.92 -4.80 -2.75
CA ASP A 33 -0.06 -5.29 -1.79
C ASP A 33 -1.34 -4.46 -1.84
N ILE A 34 -1.19 -3.15 -1.86
CA ILE A 34 -2.34 -2.25 -1.91
C ILE A 34 -3.07 -2.37 -3.25
N LYS A 35 -2.31 -2.40 -4.33
CA LYS A 35 -2.88 -2.52 -5.67
C LYS A 35 -3.75 -3.76 -5.78
N ASN A 36 -3.30 -4.85 -5.16
CA ASN A 36 -4.05 -6.10 -5.18
C ASN A 36 -5.39 -5.96 -4.47
N ASN A 37 -5.47 -5.02 -3.54
CA ASN A 37 -6.70 -4.77 -2.79
C ASN A 37 -7.60 -3.81 -3.54
N MET A 38 -7.01 -3.02 -4.44
CA MET A 38 -7.78 -2.05 -5.23
C MET A 38 -8.92 -2.75 -5.97
N GLN A 39 -8.74 -4.03 -6.25
CA GLN A 39 -9.75 -4.80 -6.95
C GLN A 39 -11.02 -4.93 -6.12
N GLU A 40 -10.86 -4.90 -4.80
CA GLU A 40 -11.99 -5.01 -3.88
C GLU A 40 -11.98 -3.88 -2.87
N ILE A 41 -11.36 -2.76 -3.24
CA ILE A 41 -11.29 -1.60 -2.36
C ILE A 41 -12.59 -0.81 -2.37
N SER A 42 -13.00 -0.34 -1.20
CA SER A 42 -14.23 0.42 -1.08
C SER A 42 -14.03 1.62 -0.15
N SER A 43 -13.86 2.80 -0.75
CA SER A 43 -13.66 4.02 0.02
C SER A 43 -14.04 5.25 -0.81
N GLU A 44 -13.18 5.58 -1.78
CA GLU A 44 -13.43 6.73 -2.64
C GLU A 44 -13.65 8.00 -1.81
N LEU A 45 -12.56 8.55 -1.30
CA LEU A 45 -12.63 9.76 -0.48
C LEU A 45 -11.33 10.55 -0.54
N GLN A 46 -10.82 10.73 -1.75
CA GLN A 46 -9.57 11.46 -1.95
C GLN A 46 -9.31 11.69 -3.44
N GLN A 47 -9.35 12.95 -3.85
CA GLN A 47 -9.12 13.32 -5.24
C GLN A 47 -8.74 14.79 -5.37
N SER A 48 -7.76 15.07 -6.22
CA SER A 48 -7.31 16.44 -6.43
C SER A 48 -7.56 16.89 -7.86
N GLU A 49 -6.88 16.24 -8.80
CA GLU A 49 -7.04 16.58 -10.21
C GLU A 49 -6.64 18.03 -10.48
N GLN A 50 -6.82 18.46 -11.73
CA GLN A 50 -6.47 19.83 -12.11
C GLN A 50 -7.15 20.20 -13.43
N SER A 51 -6.64 19.66 -14.52
CA SER A 51 -7.18 19.94 -15.85
C SER A 51 -6.80 18.84 -16.84
N LYS A 52 -7.08 19.08 -18.12
CA LYS A 52 -6.77 18.13 -19.16
C LYS A 52 -6.21 18.82 -20.39
N GLN A 53 -5.34 18.13 -21.13
CA GLN A 53 -4.73 18.68 -22.32
C GLN A 53 -5.36 18.08 -23.58
N LYS A 54 -5.03 16.81 -23.83
CA LYS A 54 -5.55 16.11 -25.00
C LYS A 54 -5.12 14.65 -25.00
N GLN A 55 -5.43 13.94 -26.08
CA GLN A 55 -5.06 12.54 -26.20
C GLN A 55 -4.40 12.26 -27.55
N TYR A 56 -3.10 12.00 -27.52
CA TYR A 56 -2.35 11.72 -28.73
C TYR A 56 -2.84 10.44 -29.40
N GLY A 57 -2.84 9.34 -28.65
CA GLY A 57 -3.29 8.07 -29.18
C GLY A 57 -2.19 7.33 -29.93
N THR A 58 -2.09 7.59 -31.23
CA THR A 58 -1.08 6.94 -32.06
C THR A 58 0.31 7.12 -31.46
N THR A 59 1.03 6.01 -31.30
CA THR A 59 2.37 6.05 -30.75
C THR A 59 3.41 5.63 -31.79
N LEU A 60 2.98 4.81 -32.74
CA LEU A 60 3.88 4.33 -33.79
C LEU A 60 5.07 3.60 -33.21
N GLN A 61 6.01 3.22 -34.06
CA GLN A 61 7.21 2.52 -33.63
C GLN A 61 8.27 2.51 -34.73
N ASN A 62 9.46 2.00 -34.40
CA ASN A 62 10.56 1.94 -35.35
C ASN A 62 10.92 0.50 -35.67
N LEU A 63 11.50 -0.19 -34.68
CA LEU A 63 11.89 -1.58 -34.85
C LEU A 63 11.18 -2.47 -33.85
N ALA A 64 11.54 -2.34 -32.57
CA ALA A 64 10.93 -3.13 -31.52
C ALA A 64 10.91 -2.37 -30.20
N LYS A 65 12.08 -2.21 -29.58
CA LYS A 65 12.20 -1.50 -28.33
C LYS A 65 13.66 -1.43 -27.87
N GLN A 66 14.01 -0.31 -27.24
CA GLN A 66 15.38 -0.11 -26.77
C GLN A 66 15.44 -0.22 -25.25
N ASN A 67 16.62 -0.57 -24.72
CA ASN A 67 16.81 -0.70 -23.28
C ASN A 67 17.97 0.16 -22.81
N ARG A 68 18.25 0.12 -21.51
CA ARG A 68 19.33 0.90 -20.93
C ARG A 68 19.20 2.37 -21.30
N ILE A 69 18.11 2.99 -20.84
CA ILE A 69 17.87 4.40 -21.13
C ILE A 69 18.57 5.29 -20.11
N ILE A 70 18.13 5.21 -18.86
CA ILE A 70 18.71 6.01 -17.79
C ILE A 70 18.56 7.50 -18.07
N LYS A 71 17.37 8.03 -17.81
CA LYS A 71 17.10 9.45 -18.03
C LYS A 71 15.88 9.90 -17.23
N GLU B 1 -0.77 -0.91 7.39
CA GLU B 1 -0.66 -1.69 8.62
C GLU B 1 -2.01 -2.32 8.97
N THR B 2 -3.10 -1.61 8.67
CA THR B 2 -4.43 -2.09 8.96
C THR B 2 -5.47 -1.44 8.04
N LYS B 3 -5.01 -1.03 6.86
CA LYS B 3 -5.90 -0.40 5.88
C LYS B 3 -6.54 -1.44 4.97
N TYR B 4 -5.73 -2.00 4.07
CA TYR B 4 -6.23 -3.00 3.14
C TYR B 4 -5.68 -4.38 3.49
N GLU B 5 -4.38 -4.56 3.30
CA GLU B 5 -3.74 -5.84 3.61
C GLU B 5 -2.23 -5.76 3.39
N LEU B 6 -1.57 -4.95 4.21
CA LEU B 6 -0.12 -4.77 4.11
C LEU B 6 0.58 -5.36 5.31
N ASN B 7 0.11 -6.53 5.74
CA ASN B 7 0.70 -7.21 6.90
C ASN B 7 2.20 -7.43 6.69
N ASN B 8 2.56 -8.00 5.55
CA ASN B 8 3.96 -8.27 5.23
C ASN B 8 4.74 -6.97 5.08
N THR B 9 4.06 -5.94 4.58
CA THR B 9 4.70 -4.64 4.38
C THR B 9 5.22 -4.08 5.69
N LYS B 10 4.39 -4.12 6.73
CA LYS B 10 4.77 -3.63 8.05
C LYS B 10 6.06 -4.29 8.54
N LYS B 11 6.20 -5.57 8.21
CA LYS B 11 7.38 -6.33 8.61
C LYS B 11 8.63 -5.82 7.89
N VAL B 12 8.49 -5.51 6.61
CA VAL B 12 9.60 -5.00 5.81
C VAL B 12 10.01 -3.61 6.28
N ALA B 13 9.02 -2.76 6.53
CA ALA B 13 9.28 -1.40 6.98
C ALA B 13 9.80 -1.38 8.41
N ASN B 14 9.25 -2.26 9.24
CA ASN B 14 9.65 -2.34 10.64
C ASN B 14 11.09 -2.84 10.76
N ALA B 15 11.55 -3.57 9.75
CA ALA B 15 12.90 -4.10 9.74
C ALA B 15 13.93 -2.99 9.76
N PHE B 16 13.58 -1.84 9.17
CA PHE B 16 14.48 -0.70 9.13
C PHE B 16 15.00 -0.36 10.52
N GLY B 17 14.19 -0.64 11.54
CA GLY B 17 14.59 -0.36 12.91
C GLY B 17 14.25 1.06 13.32
N LEU B 18 13.12 1.23 14.00
CA LEU B 18 12.70 2.55 14.45
C LEU B 18 11.99 2.45 15.81
N ASN B 19 10.77 1.96 15.80
CA ASN B 19 9.99 1.82 17.02
C ASN B 19 8.62 1.22 16.73
N GLU B 20 7.72 2.03 16.17
CA GLU B 20 6.39 1.58 15.85
C GLU B 20 5.57 2.69 15.20
N GLU B 21 5.61 3.88 15.82
CA GLU B 21 4.88 5.03 15.30
C GLU B 21 5.35 5.39 13.89
N ASP B 22 6.66 5.32 13.68
CA ASP B 22 7.25 5.64 12.39
C ASP B 22 6.70 4.72 11.31
N THR B 23 6.48 3.46 11.66
CA THR B 23 5.96 2.48 10.72
C THR B 23 4.51 2.78 10.35
N ASN B 24 3.69 3.02 11.36
CA ASN B 24 2.27 3.33 11.16
C ASN B 24 2.11 4.60 10.34
N LEU B 25 2.93 5.60 10.63
CA LEU B 25 2.88 6.87 9.91
C LEU B 25 3.36 6.71 8.48
N LEU B 26 4.39 5.89 8.30
CA LEU B 26 4.95 5.65 6.97
C LEU B 26 3.92 4.97 6.06
N ILE B 27 3.30 3.91 6.57
CA ILE B 27 2.29 3.19 5.81
C ILE B 27 1.05 4.05 5.57
N ASN B 28 0.78 4.95 6.50
CA ASN B 28 -0.37 5.84 6.38
C ASN B 28 -0.27 6.72 5.14
N ALA B 29 0.94 7.21 4.86
CA ALA B 29 1.18 8.05 3.70
C ALA B 29 1.17 7.24 2.41
N VAL B 30 1.90 6.11 2.43
CA VAL B 30 1.98 5.24 1.27
C VAL B 30 0.62 4.63 0.94
N ASP B 31 -0.19 4.40 1.97
CA ASP B 31 -1.51 3.81 1.80
C ASP B 31 -2.52 4.87 1.36
N LEU B 32 -2.41 6.07 1.95
CA LEU B 32 -3.31 7.16 1.61
C LEU B 32 -2.98 7.74 0.25
N ASP B 33 -1.70 7.70 -0.12
CA ASP B 33 -1.25 8.23 -1.41
C ASP B 33 -1.78 7.37 -2.56
N ILE B 34 -1.65 6.06 -2.42
CA ILE B 34 -2.12 5.14 -3.45
C ILE B 34 -3.65 5.17 -3.56
N LYS B 35 -4.31 5.23 -2.42
CA LYS B 35 -5.77 5.27 -2.39
C LYS B 35 -6.30 6.44 -3.22
N ASN B 36 -5.61 7.58 -3.14
CA ASN B 36 -6.01 8.76 -3.88
C ASN B 36 -5.93 8.53 -5.39
N ASN B 37 -5.01 7.66 -5.79
CA ASN B 37 -4.83 7.33 -7.20
C ASN B 37 -5.91 6.36 -7.68
N MET B 38 -6.50 5.63 -6.74
CA MET B 38 -7.55 4.67 -7.06
C MET B 38 -8.65 5.32 -7.90
N GLN B 39 -8.86 6.62 -7.68
CA GLN B 39 -9.87 7.36 -8.42
C GLN B 39 -9.58 7.35 -9.91
N GLU B 40 -8.30 7.40 -10.26
CA GLU B 40 -7.89 7.40 -11.67
C GLU B 40 -7.00 6.20 -11.97
N ILE B 41 -7.30 5.07 -11.34
CA ILE B 41 -6.53 3.85 -11.55
C ILE B 41 -6.85 3.22 -12.90
N SER B 42 -8.04 3.49 -13.41
CA SER B 42 -8.47 2.96 -14.69
C SER B 42 -8.55 1.44 -14.64
N SER B 43 -9.18 0.84 -15.66
CA SER B 43 -9.33 -0.60 -15.72
C SER B 43 -9.98 -1.14 -14.45
N GLU B 44 -10.80 -0.31 -13.82
CA GLU B 44 -11.48 -0.70 -12.59
C GLU B 44 -12.47 0.38 -12.15
N LEU B 45 -13.12 1.01 -13.12
CA LEU B 45 -14.09 2.06 -12.84
C LEU B 45 -15.47 1.48 -12.56
N GLN B 46 -16.36 2.31 -12.03
CA GLN B 46 -17.72 1.87 -11.72
C GLN B 46 -17.70 0.75 -10.68
N GLN B 47 -17.60 1.13 -9.41
CA GLN B 47 -17.58 0.16 -8.33
C GLN B 47 -18.32 0.69 -7.10
N SER B 48 -17.94 1.87 -6.66
CA SER B 48 -18.57 2.49 -5.49
C SER B 48 -19.98 2.93 -5.81
N GLU B 49 -20.64 3.55 -4.83
CA GLU B 49 -22.00 4.03 -5.01
C GLU B 49 -22.24 5.32 -4.23
N GLN B 50 -22.21 5.22 -2.91
CA GLN B 50 -22.42 6.38 -2.04
C GLN B 50 -21.21 7.30 -2.08
N SER B 51 -21.42 8.56 -1.69
CA SER B 51 -20.35 9.55 -1.68
C SER B 51 -20.32 10.29 -0.35
N LYS B 52 -21.37 11.06 -0.08
CA LYS B 52 -21.46 11.84 1.16
C LYS B 52 -20.23 12.71 1.34
N GLN B 53 -19.86 13.44 0.29
CA GLN B 53 -18.70 14.32 0.34
C GLN B 53 -19.13 15.77 0.56
N LYS B 54 -20.34 16.10 0.13
CA LYS B 54 -20.87 17.44 0.28
C LYS B 54 -20.00 18.46 -0.45
N GLN B 55 -20.30 19.74 -0.26
CA GLN B 55 -19.54 20.81 -0.90
C GLN B 55 -19.64 20.72 -2.42
N TYR B 56 -19.04 21.69 -3.10
CA TYR B 56 -19.08 21.72 -4.56
C TYR B 56 -17.93 20.91 -5.15
N GLY B 57 -16.71 21.38 -4.94
CA GLY B 57 -15.55 20.68 -5.46
C GLY B 57 -15.64 20.43 -6.95
N THR B 58 -14.86 19.46 -7.43
CA THR B 58 -14.86 19.12 -8.85
C THR B 58 -14.70 17.62 -9.05
N THR B 59 -15.78 16.98 -9.51
CA THR B 59 -15.78 15.54 -9.74
C THR B 59 -16.46 15.20 -11.06
N LEU B 60 -16.20 16.01 -12.08
CA LEU B 60 -16.78 15.80 -13.40
C LEU B 60 -15.83 15.03 -14.30
N GLN B 61 -14.71 15.66 -14.64
CA GLN B 61 -13.70 15.04 -15.49
C GLN B 61 -13.30 13.67 -14.95
N ASN B 62 -12.76 12.82 -15.83
CA ASN B 62 -12.34 11.49 -15.45
C ASN B 62 -10.82 11.42 -15.30
N LEU B 63 -10.12 11.50 -16.42
CA LEU B 63 -8.66 11.44 -16.42
C LEU B 63 -8.17 10.22 -15.66
N ALA B 64 -8.41 9.04 -16.22
CA ALA B 64 -7.99 7.80 -15.60
C ALA B 64 -6.52 7.49 -15.93
N LYS B 65 -6.25 7.22 -17.20
CA LYS B 65 -4.90 6.92 -17.65
C LYS B 65 -4.06 8.19 -17.77
N GLN B 66 -3.17 8.40 -16.80
CA GLN B 66 -2.31 9.58 -16.79
C GLN B 66 -1.33 9.53 -15.63
N ASN B 67 -0.05 9.72 -15.93
CA ASN B 67 0.99 9.70 -14.92
C ASN B 67 1.96 10.86 -15.11
N ARG B 68 2.49 11.37 -13.99
CA ARG B 68 3.43 12.48 -14.03
C ARG B 68 4.23 12.57 -12.74
N ILE B 69 5.55 12.62 -12.87
CA ILE B 69 6.42 12.71 -11.71
C ILE B 69 7.90 12.76 -12.13
N ILE B 70 8.42 13.97 -12.27
CA ILE B 70 9.80 14.17 -12.66
C ILE B 70 10.69 14.41 -11.45
N LYS B 71 11.90 13.86 -11.49
CA LYS B 71 12.86 14.03 -10.39
C LYS B 71 14.17 14.62 -10.89
N GLU A 1 0.18 7.96 -12.42
CA GLU A 1 0.65 7.36 -13.66
C GLU A 1 1.58 6.18 -13.37
N THR A 2 2.76 6.48 -12.83
CA THR A 2 3.74 5.44 -12.51
C THR A 2 3.24 4.56 -11.37
N LYS A 3 3.18 5.13 -10.17
CA LYS A 3 2.72 4.40 -9.00
C LYS A 3 1.76 5.25 -8.17
N TYR A 4 0.70 5.75 -8.82
CA TYR A 4 -0.28 6.58 -8.13
C TYR A 4 0.34 7.87 -7.61
N GLU A 5 1.47 8.25 -8.20
CA GLU A 5 2.17 9.46 -7.80
C GLU A 5 2.67 9.34 -6.36
N LEU A 6 3.59 8.41 -6.13
CA LEU A 6 4.15 8.19 -4.80
C LEU A 6 5.46 8.95 -4.63
N ASN A 7 5.55 10.12 -5.28
CA ASN A 7 6.75 10.94 -5.20
C ASN A 7 7.08 11.29 -3.75
N ASN A 8 6.08 11.79 -3.03
CA ASN A 8 6.27 12.16 -1.63
C ASN A 8 6.61 10.93 -0.78
N THR A 9 5.98 9.80 -1.10
CA THR A 9 6.21 8.56 -0.37
C THR A 9 7.67 8.13 -0.47
N LYS A 10 8.24 8.29 -1.66
CA LYS A 10 9.64 7.92 -1.89
C LYS A 10 10.56 8.63 -0.90
N LYS A 11 10.22 9.87 -0.57
CA LYS A 11 11.01 10.66 0.36
C LYS A 11 10.84 10.15 1.79
N VAL A 12 9.65 9.62 2.09
CA VAL A 12 9.36 9.09 3.41
C VAL A 12 10.20 7.86 3.71
N ALA A 13 10.32 6.98 2.71
CA ALA A 13 11.11 5.76 2.88
C ALA A 13 12.60 6.06 2.94
N ASN A 14 13.04 7.03 2.13
CA ASN A 14 14.44 7.42 2.10
C ASN A 14 14.84 8.15 3.37
N ALA A 15 13.85 8.74 4.05
CA ALA A 15 14.11 9.47 5.28
C ALA A 15 14.86 8.60 6.29
N PHE A 16 14.44 7.34 6.42
CA PHE A 16 15.07 6.41 7.35
C PHE A 16 16.57 6.33 7.09
N GLY A 17 16.97 6.58 5.85
CA GLY A 17 18.38 6.54 5.50
C GLY A 17 18.82 5.16 5.05
N LEU A 18 18.89 4.96 3.74
CA LEU A 18 19.29 3.68 3.17
C LEU A 18 20.29 3.87 2.03
N ASN A 19 19.78 4.31 0.89
CA ASN A 19 20.62 4.53 -0.29
C ASN A 19 19.79 5.05 -1.46
N GLU A 20 19.01 4.16 -2.07
CA GLU A 20 18.17 4.51 -3.21
C GLU A 20 17.31 3.33 -3.64
N GLU A 21 17.93 2.15 -3.72
CA GLU A 21 17.21 0.94 -4.12
C GLU A 21 16.25 0.49 -3.03
N ASP A 22 16.71 0.57 -1.79
CA ASP A 22 15.88 0.16 -0.65
C ASP A 22 14.60 0.98 -0.58
N THR A 23 14.69 2.26 -0.98
CA THR A 23 13.55 3.15 -0.96
C THR A 23 12.50 2.71 -1.99
N ASN A 24 12.94 2.44 -3.21
CA ASN A 24 12.05 2.02 -4.28
C ASN A 24 11.49 0.63 -4.00
N LEU A 25 12.33 -0.24 -3.44
CA LEU A 25 11.93 -1.60 -3.13
C LEU A 25 10.78 -1.61 -2.13
N LEU A 26 10.82 -0.68 -1.17
CA LEU A 26 9.78 -0.59 -0.16
C LEU A 26 8.43 -0.26 -0.80
N ILE A 27 8.43 0.76 -1.65
CA ILE A 27 7.20 1.17 -2.33
C ILE A 27 6.63 0.05 -3.19
N ASN A 28 7.53 -0.79 -3.71
CA ASN A 28 7.12 -1.91 -4.55
C ASN A 28 6.25 -2.90 -3.76
N ALA A 29 6.63 -3.16 -2.52
CA ALA A 29 5.88 -4.08 -1.67
C ALA A 29 4.58 -3.43 -1.18
N VAL A 30 4.65 -2.15 -0.84
CA VAL A 30 3.49 -1.41 -0.36
C VAL A 30 2.47 -1.23 -1.47
N ASP A 31 2.92 -0.72 -2.61
CA ASP A 31 2.03 -0.49 -3.75
C ASP A 31 1.45 -1.81 -4.25
N LEU A 32 2.26 -2.85 -4.25
CA LEU A 32 1.82 -4.17 -4.70
C LEU A 32 0.88 -4.81 -3.69
N ASP A 33 1.19 -4.62 -2.41
CA ASP A 33 0.37 -5.19 -1.34
C ASP A 33 -1.04 -4.62 -1.38
N ILE A 34 -1.16 -3.31 -1.52
CA ILE A 34 -2.45 -2.65 -1.58
C ILE A 34 -3.20 -3.02 -2.86
N LYS A 35 -2.46 -3.07 -3.96
CA LYS A 35 -3.06 -3.42 -5.25
C LYS A 35 -3.76 -4.77 -5.19
N ASN A 36 -3.15 -5.71 -4.47
CA ASN A 36 -3.72 -7.04 -4.32
C ASN A 36 -5.05 -6.99 -3.56
N ASN A 37 -5.20 -5.98 -2.71
CA ASN A 37 -6.41 -5.82 -1.92
C ASN A 37 -7.51 -5.18 -2.76
N MET A 38 -7.11 -4.45 -3.80
CA MET A 38 -8.07 -3.78 -4.67
C MET A 38 -9.13 -4.76 -5.17
N GLN A 39 -8.74 -6.03 -5.30
CA GLN A 39 -9.66 -7.07 -5.76
C GLN A 39 -10.82 -7.25 -4.80
N GLU A 40 -10.53 -7.12 -3.50
CA GLU A 40 -11.55 -7.27 -2.47
C GLU A 40 -11.73 -5.97 -1.69
N ILE A 41 -11.41 -4.85 -2.34
CA ILE A 41 -11.53 -3.54 -1.70
C ILE A 41 -12.92 -3.34 -1.13
N SER A 42 -12.99 -2.69 0.04
CA SER A 42 -14.26 -2.44 0.70
C SER A 42 -14.48 -0.95 0.91
N SER A 43 -14.74 -0.22 -0.16
CA SER A 43 -14.96 1.21 -0.09
C SER A 43 -16.33 1.52 0.50
N GLU A 44 -16.39 1.61 1.82
CA GLU A 44 -17.64 1.90 2.51
C GLU A 44 -17.42 2.93 3.62
N LEU A 45 -16.56 3.91 3.35
CA LEU A 45 -16.26 4.95 4.32
C LEU A 45 -15.69 4.36 5.61
N GLN A 46 -14.36 4.38 5.71
CA GLN A 46 -13.68 3.85 6.89
C GLN A 46 -14.12 4.60 8.16
N GLN A 47 -14.12 3.88 9.28
CA GLN A 47 -14.51 4.48 10.55
C GLN A 47 -14.24 3.52 11.71
N SER A 48 -13.18 2.72 11.56
CA SER A 48 -12.80 1.76 12.59
C SER A 48 -11.37 1.30 12.40
N GLU A 49 -10.63 1.20 13.51
CA GLU A 49 -9.24 0.77 13.46
C GLU A 49 -9.13 -0.66 12.94
N GLN A 50 -9.72 -1.60 13.67
CA GLN A 50 -9.69 -3.01 13.27
C GLN A 50 -11.03 -3.44 12.67
N SER A 51 -11.00 -3.89 11.42
CA SER A 51 -12.22 -4.33 10.74
C SER A 51 -11.88 -5.22 9.55
N LYS A 52 -12.18 -6.50 9.69
CA LYS A 52 -11.92 -7.47 8.63
C LYS A 52 -10.43 -7.52 8.31
N GLN A 53 -10.05 -8.45 7.43
CA GLN A 53 -8.65 -8.60 7.03
C GLN A 53 -8.54 -9.08 5.59
N LYS A 54 -8.85 -10.36 5.38
CA LYS A 54 -8.79 -10.94 4.04
C LYS A 54 -10.03 -11.79 3.77
N GLN A 55 -10.25 -12.79 4.60
CA GLN A 55 -11.40 -13.68 4.45
C GLN A 55 -11.56 -14.59 5.66
N TYR A 56 -12.75 -15.14 5.83
CA TYR A 56 -13.03 -16.04 6.95
C TYR A 56 -13.91 -17.20 6.51
N GLY A 57 -13.52 -18.41 6.92
CA GLY A 57 -14.28 -19.59 6.56
C GLY A 57 -13.66 -20.87 7.08
N THR A 58 -13.14 -20.82 8.31
CA THR A 58 -12.51 -21.97 8.93
C THR A 58 -13.55 -22.94 9.46
N THR A 59 -13.24 -24.23 9.36
CA THR A 59 -14.15 -25.27 9.83
C THR A 59 -15.49 -25.22 9.09
N LEU A 60 -15.57 -25.95 7.98
CA LEU A 60 -16.79 -25.98 7.18
C LEU A 60 -17.73 -27.10 7.65
N GLN A 61 -17.14 -28.22 8.05
CA GLN A 61 -17.91 -29.36 8.53
C GLN A 61 -18.86 -29.86 7.44
N ASN A 62 -18.32 -30.61 6.50
CA ASN A 62 -19.11 -31.16 5.41
C ASN A 62 -18.38 -32.32 4.73
N LEU A 63 -18.30 -33.45 5.43
CA LEU A 63 -17.64 -34.63 4.90
C LEU A 63 -18.45 -35.25 3.77
N ALA A 64 -19.71 -35.56 4.06
CA ALA A 64 -20.60 -36.15 3.07
C ALA A 64 -20.02 -37.45 2.52
N LYS A 65 -20.68 -38.01 1.52
CA LYS A 65 -20.23 -39.25 0.90
C LYS A 65 -19.15 -38.98 -0.14
N GLN A 66 -19.25 -37.83 -0.79
CA GLN A 66 -18.28 -37.44 -1.82
C GLN A 66 -18.14 -35.93 -1.90
N ASN A 67 -16.90 -35.47 -2.09
CA ASN A 67 -16.64 -34.04 -2.17
C ASN A 67 -15.45 -33.77 -3.11
N ARG A 68 -15.28 -32.51 -3.49
CA ARG A 68 -14.20 -32.12 -4.38
C ARG A 68 -12.84 -32.38 -3.74
N ILE A 69 -11.93 -32.96 -4.51
CA ILE A 69 -10.60 -33.27 -4.01
C ILE A 69 -9.80 -32.01 -3.76
N ILE A 70 -10.07 -30.97 -4.55
CA ILE A 70 -9.38 -29.70 -4.40
C ILE A 70 -9.72 -29.03 -3.08
N LYS A 71 -9.17 -27.84 -2.86
CA LYS A 71 -9.42 -27.09 -1.63
C LYS A 71 -9.01 -25.63 -1.78
N GLU B 1 -5.70 -0.67 10.70
CA GLU B 1 -5.52 -1.65 9.64
C GLU B 1 -6.85 -1.96 8.94
N THR B 2 -7.57 -0.90 8.57
CA THR B 2 -8.85 -1.07 7.90
C THR B 2 -8.76 -0.69 6.42
N LYS B 3 -7.80 0.17 6.10
CA LYS B 3 -7.59 0.61 4.73
C LYS B 3 -7.50 -0.58 3.78
N TYR B 4 -6.60 -1.51 4.10
CA TYR B 4 -6.41 -2.70 3.27
C TYR B 4 -5.86 -3.86 4.10
N GLU B 5 -4.57 -3.81 4.39
CA GLU B 5 -3.91 -4.84 5.18
C GLU B 5 -2.43 -4.55 5.35
N LEU B 6 -1.66 -4.77 4.28
CA LEU B 6 -0.22 -4.53 4.31
C LEU B 6 0.42 -5.17 5.55
N ASN B 7 0.08 -6.44 5.78
CA ASN B 7 0.62 -7.17 6.92
C ASN B 7 2.12 -7.38 6.77
N ASN B 8 2.53 -7.84 5.59
CA ASN B 8 3.94 -8.10 5.32
C ASN B 8 4.72 -6.79 5.21
N THR B 9 4.11 -5.80 4.56
CA THR B 9 4.74 -4.50 4.39
C THR B 9 5.06 -3.86 5.74
N LYS B 10 4.11 -3.95 6.67
CA LYS B 10 4.29 -3.38 8.00
C LYS B 10 5.56 -3.91 8.65
N LYS B 11 5.87 -5.17 8.39
CA LYS B 11 7.06 -5.81 8.95
C LYS B 11 8.31 -5.31 8.25
N VAL B 12 8.19 -5.01 6.97
CA VAL B 12 9.30 -4.52 6.17
C VAL B 12 9.75 -3.13 6.64
N ALA B 13 8.77 -2.30 6.98
CA ALA B 13 9.05 -0.94 7.44
C ALA B 13 9.68 -0.95 8.83
N ASN B 14 9.43 -2.02 9.58
CA ASN B 14 9.97 -2.15 10.93
C ASN B 14 11.43 -2.60 10.89
N ALA B 15 11.83 -3.22 9.78
CA ALA B 15 13.19 -3.69 9.62
C ALA B 15 14.18 -2.52 9.58
N PHE B 16 13.74 -1.39 9.04
CA PHE B 16 14.57 -0.21 8.93
C PHE B 16 15.11 0.19 10.31
N GLY B 17 14.38 -0.18 11.35
CA GLY B 17 14.80 0.15 12.70
C GLY B 17 14.33 1.53 13.14
N LEU B 18 13.21 1.56 13.85
CA LEU B 18 12.65 2.82 14.34
C LEU B 18 12.05 2.66 15.72
N ASN B 19 10.88 2.03 15.78
CA ASN B 19 10.20 1.80 17.05
C ASN B 19 8.89 1.04 16.83
N GLU B 20 7.90 1.73 16.26
CA GLU B 20 6.60 1.13 15.99
C GLU B 20 5.66 2.12 15.33
N GLU B 21 5.67 3.36 15.82
CA GLU B 21 4.81 4.40 15.27
C GLU B 21 5.31 4.84 13.89
N ASP B 22 6.63 4.91 13.74
CA ASP B 22 7.22 5.31 12.48
C ASP B 22 6.83 4.36 11.36
N THR B 23 6.84 3.06 11.66
CA THR B 23 6.49 2.05 10.68
C THR B 23 5.06 2.23 10.20
N ASN B 24 4.13 2.39 11.14
CA ASN B 24 2.72 2.59 10.81
C ASN B 24 2.50 3.93 10.12
N LEU B 25 3.22 4.95 10.57
CA LEU B 25 3.10 6.28 9.99
C LEU B 25 3.46 6.27 8.51
N LEU B 26 4.46 5.48 8.16
CA LEU B 26 4.90 5.37 6.77
C LEU B 26 3.80 4.82 5.89
N ILE B 27 3.19 3.72 6.33
CA ILE B 27 2.10 3.09 5.58
C ILE B 27 0.94 4.06 5.37
N ASN B 28 0.76 4.96 6.32
CA ASN B 28 -0.31 5.95 6.25
C ASN B 28 -0.09 6.90 5.07
N ALA B 29 1.16 7.27 4.84
CA ALA B 29 1.51 8.17 3.75
C ALA B 29 1.41 7.47 2.40
N VAL B 30 1.94 6.25 2.35
CA VAL B 30 1.91 5.47 1.11
C VAL B 30 0.49 5.05 0.76
N ASP B 31 -0.19 4.44 1.72
CA ASP B 31 -1.56 3.98 1.52
C ASP B 31 -2.47 5.14 1.13
N LEU B 32 -2.24 6.30 1.75
CA LEU B 32 -3.05 7.48 1.47
C LEU B 32 -2.92 7.90 0.01
N ASP B 33 -1.72 7.76 -0.54
CA ASP B 33 -1.46 8.11 -1.93
C ASP B 33 -2.15 7.13 -2.87
N ILE B 34 -2.01 5.84 -2.58
CA ILE B 34 -2.62 4.81 -3.41
C ILE B 34 -4.13 4.87 -3.33
N LYS B 35 -4.66 5.09 -2.13
CA LYS B 35 -6.09 5.18 -1.91
C LYS B 35 -6.69 6.36 -2.67
N ASN B 36 -5.96 7.47 -2.70
CA ASN B 36 -6.42 8.68 -3.39
C ASN B 36 -6.52 8.43 -4.89
N ASN B 37 -5.62 7.61 -5.42
CA ASN B 37 -5.62 7.29 -6.84
C ASN B 37 -6.57 6.13 -7.14
N MET B 38 -6.83 5.30 -6.12
CA MET B 38 -7.73 4.16 -6.28
C MET B 38 -9.05 4.59 -6.89
N GLN B 39 -9.45 5.83 -6.61
CA GLN B 39 -10.71 6.35 -7.13
C GLN B 39 -10.79 6.16 -8.64
N GLU B 40 -9.64 6.18 -9.30
CA GLU B 40 -9.58 6.00 -10.76
C GLU B 40 -8.47 5.04 -11.14
N ILE B 41 -8.29 4.00 -10.35
CA ILE B 41 -7.25 3.01 -10.61
C ILE B 41 -7.42 2.40 -12.00
N SER B 42 -6.30 2.02 -12.62
CA SER B 42 -6.31 1.43 -13.95
C SER B 42 -5.53 0.12 -13.97
N SER B 43 -5.85 -0.76 -13.03
CA SER B 43 -5.18 -2.06 -12.95
C SER B 43 -5.98 -3.03 -12.08
N GLU B 44 -5.52 -4.28 -12.02
CA GLU B 44 -6.19 -5.30 -11.24
C GLU B 44 -5.45 -6.63 -11.32
N LEU B 45 -4.53 -6.85 -10.38
CA LEU B 45 -3.75 -8.09 -10.35
C LEU B 45 -4.54 -9.21 -9.69
N GLN B 46 -3.86 -10.33 -9.44
CA GLN B 46 -4.50 -11.48 -8.82
C GLN B 46 -3.88 -11.77 -7.45
N GLN B 47 -4.42 -12.77 -6.77
CA GLN B 47 -3.91 -13.15 -5.45
C GLN B 47 -3.34 -14.55 -5.47
N SER B 48 -2.95 -15.05 -4.29
CA SER B 48 -2.37 -16.38 -4.17
C SER B 48 -3.00 -17.14 -3.00
N GLU B 49 -2.77 -16.64 -1.79
CA GLU B 49 -3.31 -17.28 -0.59
C GLU B 49 -2.78 -18.70 -0.44
N GLN B 50 -1.69 -18.84 0.31
CA GLN B 50 -1.09 -20.15 0.53
C GLN B 50 -1.71 -20.84 1.74
N SER B 51 -1.29 -22.08 2.00
CA SER B 51 -1.80 -22.84 3.12
C SER B 51 -1.12 -24.21 3.21
N LYS B 52 -0.34 -24.40 4.26
CA LYS B 52 0.38 -25.66 4.47
C LYS B 52 0.44 -26.01 5.94
N GLN B 53 -0.44 -26.91 6.37
CA GLN B 53 -0.49 -27.34 7.77
C GLN B 53 -1.55 -28.41 7.97
N LYS B 54 -1.15 -29.67 7.79
CA LYS B 54 -2.07 -30.79 7.95
C LYS B 54 -2.53 -30.91 9.39
N GLN B 55 -1.61 -31.33 10.27
CA GLN B 55 -1.92 -31.49 11.69
C GLN B 55 -0.70 -31.20 12.55
N TYR B 56 -0.94 -30.90 13.82
CA TYR B 56 0.16 -30.61 14.75
C TYR B 56 -0.05 -31.32 16.07
N GLY B 57 0.54 -32.51 16.21
CA GLY B 57 0.40 -33.27 17.43
C GLY B 57 1.15 -34.60 17.37
N THR B 58 2.11 -34.78 18.27
CA THR B 58 2.90 -36.00 18.31
C THR B 58 3.04 -36.51 19.73
N THR B 59 3.48 -35.64 20.63
CA THR B 59 3.67 -36.00 22.03
C THR B 59 2.95 -35.02 22.95
N LEU B 60 2.76 -35.41 24.21
CA LEU B 60 2.10 -34.56 25.19
C LEU B 60 2.49 -34.96 26.61
N GLN B 61 2.01 -34.19 27.58
CA GLN B 61 2.32 -34.46 28.98
C GLN B 61 1.12 -35.10 29.69
N ASN B 62 1.41 -36.00 30.62
CA ASN B 62 0.36 -36.69 31.37
C ASN B 62 0.19 -36.06 32.75
N LEU B 63 1.24 -36.13 33.56
CA LEU B 63 1.21 -35.57 34.90
C LEU B 63 2.60 -35.65 35.55
N ALA B 64 3.41 -34.62 35.32
CA ALA B 64 4.76 -34.56 35.88
C ALA B 64 5.66 -35.60 35.24
N LYS B 65 5.50 -36.86 35.67
CA LYS B 65 6.30 -37.95 35.14
C LYS B 65 7.79 -37.69 35.36
N GLN B 66 8.61 -38.59 34.84
CA GLN B 66 10.07 -38.45 34.98
C GLN B 66 10.80 -39.51 34.15
N ASN B 67 11.88 -39.09 33.51
CA ASN B 67 12.67 -40.00 32.68
C ASN B 67 14.15 -39.95 33.06
N ARG B 68 14.84 -41.05 32.83
CA ARG B 68 16.27 -41.13 33.16
C ARG B 68 17.09 -40.31 32.17
N ILE B 69 18.21 -39.75 32.66
CA ILE B 69 19.08 -38.94 31.83
C ILE B 69 20.40 -39.66 31.54
N ILE B 70 20.35 -40.99 31.55
CA ILE B 70 21.54 -41.80 31.30
C ILE B 70 22.65 -41.47 32.30
N LYS B 71 22.59 -42.11 33.46
CA LYS B 71 23.59 -41.88 34.50
C LYS B 71 24.96 -42.39 34.05
N GLU A 1 5.57 9.65 -10.29
CA GLU A 1 4.46 9.37 -11.20
C GLU A 1 4.59 7.98 -11.81
N THR A 2 5.24 7.09 -11.08
CA THR A 2 5.43 5.72 -11.55
C THR A 2 4.56 4.73 -10.77
N LYS A 3 4.16 5.13 -9.57
CA LYS A 3 3.32 4.29 -8.72
C LYS A 3 2.34 5.14 -7.92
N TYR A 4 1.29 5.62 -8.58
CA TYR A 4 0.28 6.44 -7.93
C TYR A 4 0.89 7.75 -7.43
N GLU A 5 2.03 8.11 -7.99
CA GLU A 5 2.71 9.34 -7.60
C GLU A 5 3.17 9.27 -6.14
N LEU A 6 4.10 8.38 -5.86
CA LEU A 6 4.63 8.20 -4.52
C LEU A 6 5.89 9.01 -4.31
N ASN A 7 5.97 10.17 -4.98
CA ASN A 7 7.13 11.03 -4.88
C ASN A 7 7.43 11.38 -3.43
N ASN A 8 6.40 11.84 -2.71
CA ASN A 8 6.55 12.21 -1.31
C ASN A 8 6.84 10.99 -0.46
N THR A 9 6.15 9.88 -0.75
CA THR A 9 6.33 8.64 -0.01
C THR A 9 7.78 8.16 -0.09
N LYS A 10 8.33 8.15 -1.31
CA LYS A 10 9.70 7.72 -1.51
C LYS A 10 10.67 8.50 -0.64
N LYS A 11 10.37 9.78 -0.45
CA LYS A 11 11.21 10.64 0.37
C LYS A 11 11.05 10.32 1.86
N VAL A 12 9.82 9.95 2.24
CA VAL A 12 9.54 9.61 3.63
C VAL A 12 10.23 8.31 4.04
N ALA A 13 10.27 7.36 3.11
CA ALA A 13 10.90 6.07 3.37
C ALA A 13 12.42 6.22 3.43
N ASN A 14 12.97 7.07 2.57
CA ASN A 14 14.41 7.29 2.52
C ASN A 14 14.89 7.99 3.79
N ALA A 15 13.97 8.71 4.43
CA ALA A 15 14.31 9.44 5.65
C ALA A 15 14.92 8.51 6.70
N PHE A 16 14.46 7.27 6.72
CA PHE A 16 14.97 6.28 7.67
C PHE A 16 16.48 6.13 7.54
N GLY A 17 17.00 6.45 6.36
CA GLY A 17 18.43 6.34 6.14
C GLY A 17 18.85 4.94 5.74
N LEU A 18 18.88 4.69 4.43
CA LEU A 18 19.28 3.38 3.92
C LEU A 18 20.35 3.51 2.85
N ASN A 19 19.94 3.95 1.66
CA ASN A 19 20.87 4.12 0.55
C ASN A 19 20.15 4.64 -0.70
N GLU A 20 19.36 3.77 -1.32
CA GLU A 20 18.62 4.14 -2.51
C GLU A 20 17.75 2.98 -3.00
N GLU A 21 18.35 1.79 -3.07
CA GLU A 21 17.65 0.60 -3.52
C GLU A 21 16.62 0.15 -2.48
N ASP A 22 17.00 0.27 -1.21
CA ASP A 22 16.11 -0.12 -0.11
C ASP A 22 14.82 0.69 -0.13
N THR A 23 14.95 1.96 -0.49
CA THR A 23 13.79 2.86 -0.54
C THR A 23 12.82 2.43 -1.64
N ASN A 24 13.36 2.19 -2.83
CA ASN A 24 12.55 1.78 -3.97
C ASN A 24 11.98 0.37 -3.75
N LEU A 25 12.78 -0.49 -3.17
CA LEU A 25 12.37 -1.87 -2.90
C LEU A 25 11.16 -1.90 -1.97
N LEU A 26 11.15 -1.00 -0.99
CA LEU A 26 10.06 -0.93 -0.03
C LEU A 26 8.75 -0.58 -0.73
N ILE A 27 8.78 0.45 -1.57
CA ILE A 27 7.59 0.88 -2.29
C ILE A 27 7.04 -0.25 -3.16
N ASN A 28 7.93 -1.12 -3.62
CA ASN A 28 7.54 -2.25 -4.46
C ASN A 28 6.61 -3.19 -3.69
N ALA A 29 6.96 -3.48 -2.45
CA ALA A 29 6.16 -4.36 -1.61
C ALA A 29 4.88 -3.67 -1.14
N VAL A 30 5.03 -2.42 -0.71
CA VAL A 30 3.90 -1.64 -0.22
C VAL A 30 2.88 -1.40 -1.34
N ASP A 31 3.37 -0.88 -2.46
CA ASP A 31 2.50 -0.60 -3.59
C ASP A 31 1.87 -1.88 -4.14
N LEU A 32 2.66 -2.96 -4.15
CA LEU A 32 2.18 -4.25 -4.64
C LEU A 32 1.02 -4.76 -3.79
N ASP A 33 1.17 -4.64 -2.47
CA ASP A 33 0.13 -5.08 -1.55
C ASP A 33 -1.17 -4.32 -1.78
N ILE A 34 -1.07 -3.01 -1.88
CA ILE A 34 -2.23 -2.15 -2.10
C ILE A 34 -2.83 -2.40 -3.49
N LYS A 35 -1.96 -2.53 -4.47
CA LYS A 35 -2.40 -2.75 -5.85
C LYS A 35 -3.27 -4.01 -5.94
N ASN A 36 -2.90 -5.03 -5.17
CA ASN A 36 -3.65 -6.28 -5.17
C ASN A 36 -5.07 -6.07 -4.64
N ASN A 37 -5.23 -5.07 -3.77
CA ASN A 37 -6.52 -4.76 -3.20
C ASN A 37 -7.32 -3.83 -4.12
N MET A 38 -6.60 -3.08 -4.96
CA MET A 38 -7.24 -2.16 -5.88
C MET A 38 -8.27 -2.88 -6.76
N GLN A 39 -8.07 -4.18 -6.93
CA GLN A 39 -8.97 -4.98 -7.75
C GLN A 39 -10.03 -5.67 -6.88
N GLU A 40 -10.32 -5.07 -5.72
CA GLU A 40 -11.29 -5.63 -4.81
C GLU A 40 -12.08 -4.51 -4.10
N ILE A 41 -11.36 -3.48 -3.68
CA ILE A 41 -11.98 -2.35 -3.00
C ILE A 41 -13.17 -1.81 -3.79
N SER A 42 -13.93 -0.93 -3.16
CA SER A 42 -15.10 -0.34 -3.81
C SER A 42 -14.68 0.72 -4.83
N SER A 43 -14.42 0.28 -6.05
CA SER A 43 -14.01 1.18 -7.12
C SER A 43 -14.79 0.90 -8.40
N GLU A 44 -14.59 1.75 -9.41
CA GLU A 44 -15.27 1.59 -10.68
C GLU A 44 -14.39 2.11 -11.83
N LEU A 45 -13.23 1.50 -12.01
CA LEU A 45 -12.31 1.90 -13.07
C LEU A 45 -12.61 1.15 -14.35
N GLN A 46 -12.33 -0.16 -14.36
CA GLN A 46 -12.57 -0.99 -15.54
C GLN A 46 -13.33 -2.25 -15.16
N GLN A 47 -14.44 -2.08 -14.44
CA GLN A 47 -15.25 -3.22 -14.02
C GLN A 47 -14.42 -4.22 -13.21
N SER A 48 -14.39 -4.01 -11.89
CA SER A 48 -13.63 -4.88 -11.01
C SER A 48 -14.12 -4.77 -9.57
N GLU A 49 -15.20 -5.49 -9.27
CA GLU A 49 -15.78 -5.46 -7.93
C GLU A 49 -16.01 -6.88 -7.41
N GLN A 50 -16.51 -7.75 -8.28
CA GLN A 50 -16.79 -9.13 -7.91
C GLN A 50 -15.60 -10.02 -8.24
N SER A 51 -14.89 -10.46 -7.21
CA SER A 51 -13.72 -11.32 -7.39
C SER A 51 -13.33 -11.98 -6.07
N LYS A 52 -12.80 -11.20 -5.14
CA LYS A 52 -12.39 -11.72 -3.84
C LYS A 52 -11.34 -12.82 -4.00
N GLN A 53 -10.08 -12.42 -4.05
CA GLN A 53 -8.98 -13.37 -4.20
C GLN A 53 -8.49 -13.85 -2.83
N LYS A 54 -8.49 -12.95 -1.87
CA LYS A 54 -8.04 -13.28 -0.52
C LYS A 54 -6.63 -13.86 -0.54
N GLN A 55 -5.63 -12.99 -0.49
CA GLN A 55 -4.24 -13.42 -0.49
C GLN A 55 -3.99 -14.47 0.59
N TYR A 56 -3.99 -14.03 1.84
CA TYR A 56 -3.75 -14.93 2.96
C TYR A 56 -2.47 -15.72 2.77
N GLY A 57 -1.34 -15.10 3.11
CA GLY A 57 -0.05 -15.76 2.96
C GLY A 57 1.11 -14.85 3.31
N THR A 58 2.15 -15.44 3.90
CA THR A 58 3.33 -14.67 4.30
C THR A 58 4.46 -14.85 3.30
N THR A 59 5.10 -13.75 2.94
CA THR A 59 6.21 -13.79 1.98
C THR A 59 7.52 -14.10 2.68
N LEU A 60 8.23 -15.11 2.17
CA LEU A 60 9.51 -15.50 2.75
C LEU A 60 10.60 -14.49 2.42
N GLN A 61 11.68 -14.52 3.18
CA GLN A 61 12.80 -13.60 2.98
C GLN A 61 14.12 -14.30 3.24
N ASN A 62 15.22 -13.56 3.07
CA ASN A 62 16.55 -14.10 3.27
C ASN A 62 17.47 -13.06 3.92
N LEU A 63 16.90 -12.21 4.77
CA LEU A 63 17.65 -11.18 5.45
C LEU A 63 17.08 -10.90 6.84
N ALA A 64 17.14 -11.91 7.71
CA ALA A 64 16.63 -11.77 9.06
C ALA A 64 17.43 -12.62 10.04
N LYS A 65 17.73 -13.84 9.63
CA LYS A 65 18.49 -14.77 10.47
C LYS A 65 17.82 -14.96 11.82
N GLN A 66 16.91 -15.93 11.90
CA GLN A 66 16.19 -16.21 13.13
C GLN A 66 15.35 -15.01 13.56
N ASN A 67 14.46 -15.24 14.52
CA ASN A 67 13.59 -14.18 15.01
C ASN A 67 14.01 -13.73 16.41
N ARG A 68 14.67 -12.58 16.48
CA ARG A 68 15.13 -12.05 17.76
C ARG A 68 14.60 -10.63 17.98
N ILE A 69 13.29 -10.48 17.96
CA ILE A 69 12.66 -9.18 18.15
C ILE A 69 11.35 -9.31 18.92
N ILE A 70 10.38 -9.99 18.32
CA ILE A 70 9.08 -10.18 18.95
C ILE A 70 8.77 -11.67 19.13
N LYS A 71 8.27 -12.02 20.30
CA LYS A 71 7.94 -13.42 20.60
C LYS A 71 6.48 -13.70 20.27
N GLU B 1 -3.02 -0.76 10.06
CA GLU B 1 -2.88 -2.17 9.71
C GLU B 1 -4.25 -2.80 9.45
N THR B 2 -5.18 -1.98 8.96
CA THR B 2 -6.52 -2.44 8.66
C THR B 2 -7.11 -1.72 7.45
N LYS B 3 -6.26 -1.47 6.46
CA LYS B 3 -6.70 -0.78 5.25
C LYS B 3 -6.99 -1.78 4.13
N TYR B 4 -5.96 -2.50 3.71
CA TYR B 4 -6.11 -3.49 2.64
C TYR B 4 -5.51 -4.83 3.07
N GLU B 5 -4.18 -4.91 3.06
CA GLU B 5 -3.50 -6.14 3.45
C GLU B 5 -1.98 -5.94 3.43
N LEU B 6 -1.52 -4.95 4.17
CA LEU B 6 -0.08 -4.65 4.24
C LEU B 6 0.55 -5.32 5.46
N ASN B 7 0.04 -6.50 5.81
CA ASN B 7 0.57 -7.25 6.95
C ASN B 7 2.06 -7.46 6.82
N ASN B 8 2.48 -7.98 5.67
CA ASN B 8 3.89 -8.24 5.41
C ASN B 8 4.67 -6.93 5.25
N THR B 9 4.06 -5.97 4.56
CA THR B 9 4.69 -4.67 4.34
C THR B 9 5.01 -3.98 5.66
N LYS B 10 4.07 -4.06 6.60
CA LYS B 10 4.25 -3.43 7.91
C LYS B 10 5.54 -3.92 8.57
N LYS B 11 5.86 -5.20 8.35
CA LYS B 11 7.07 -5.78 8.93
C LYS B 11 8.31 -5.30 8.19
N VAL B 12 8.16 -5.03 6.90
CA VAL B 12 9.27 -4.55 6.09
C VAL B 12 9.70 -3.14 6.51
N ALA B 13 8.73 -2.31 6.85
CA ALA B 13 8.99 -0.94 7.27
C ALA B 13 9.65 -0.91 8.65
N ASN B 14 9.40 -1.96 9.44
CA ASN B 14 9.96 -2.05 10.78
C ASN B 14 11.41 -2.51 10.74
N ALA B 15 11.78 -3.18 9.66
CA ALA B 15 13.15 -3.66 9.49
C ALA B 15 14.14 -2.50 9.45
N PHE B 16 13.70 -1.36 8.93
CA PHE B 16 14.55 -0.19 8.84
C PHE B 16 15.11 0.19 10.21
N GLY B 17 14.37 -0.18 11.26
CA GLY B 17 14.81 0.12 12.61
C GLY B 17 14.38 1.51 13.05
N LEU B 18 13.27 1.59 13.76
CA LEU B 18 12.75 2.87 14.24
C LEU B 18 12.13 2.71 15.63
N ASN B 19 10.96 2.12 15.69
CA ASN B 19 10.26 1.92 16.96
C ASN B 19 8.93 1.21 16.74
N GLU B 20 7.95 1.93 16.20
CA GLU B 20 6.63 1.38 15.94
C GLU B 20 5.72 2.42 15.31
N GLU B 21 5.84 3.66 15.75
CA GLU B 21 5.02 4.75 15.24
C GLU B 21 5.44 5.11 13.81
N ASP B 22 6.73 5.03 13.55
CA ASP B 22 7.26 5.34 12.22
C ASP B 22 6.72 4.37 11.17
N THR B 23 6.69 3.09 11.52
CA THR B 23 6.19 2.06 10.62
C THR B 23 4.73 2.32 10.25
N ASN B 24 3.91 2.56 11.26
CA ASN B 24 2.49 2.81 11.05
C ASN B 24 2.27 4.12 10.29
N LEU B 25 3.09 5.12 10.62
CA LEU B 25 2.99 6.43 9.97
C LEU B 25 3.42 6.34 8.50
N LEU B 26 4.44 5.54 8.24
CA LEU B 26 4.94 5.37 6.88
C LEU B 26 3.87 4.77 5.97
N ILE B 27 3.24 3.71 6.44
CA ILE B 27 2.20 3.03 5.67
C ILE B 27 1.00 3.95 5.46
N ASN B 28 0.77 4.85 6.42
CA ASN B 28 -0.33 5.79 6.34
C ASN B 28 -0.18 6.72 5.15
N ALA B 29 1.06 7.12 4.87
CA ALA B 29 1.35 8.01 3.76
C ALA B 29 1.25 7.27 2.42
N VAL B 30 1.79 6.06 2.38
CA VAL B 30 1.76 5.25 1.17
C VAL B 30 0.34 4.80 0.85
N ASP B 31 -0.33 4.20 1.84
CA ASP B 31 -1.69 3.72 1.66
C ASP B 31 -2.62 4.86 1.23
N LEU B 32 -2.43 6.04 1.83
CA LEU B 32 -3.25 7.20 1.51
C LEU B 32 -2.85 7.78 0.17
N ASP B 33 -1.56 7.77 -0.13
CA ASP B 33 -1.05 8.29 -1.39
C ASP B 33 -1.56 7.48 -2.56
N ILE B 34 -1.47 6.16 -2.45
CA ILE B 34 -1.93 5.27 -3.51
C ILE B 34 -3.44 5.32 -3.66
N LYS B 35 -4.14 5.26 -2.53
CA LYS B 35 -5.60 5.32 -2.53
C LYS B 35 -6.10 6.66 -3.05
N ASN B 36 -5.39 7.73 -2.70
CA ASN B 36 -5.76 9.07 -3.14
C ASN B 36 -5.69 9.19 -4.65
N ASN B 37 -4.67 8.57 -5.25
CA ASN B 37 -4.49 8.60 -6.70
C ASN B 37 -5.40 7.60 -7.39
N MET B 38 -5.38 6.35 -6.90
CA MET B 38 -6.21 5.30 -7.47
C MET B 38 -6.20 5.37 -8.99
N GLN B 39 -5.02 5.57 -9.57
CA GLN B 39 -4.88 5.65 -11.02
C GLN B 39 -3.52 5.12 -11.46
N GLU B 40 -3.26 3.86 -11.19
CA GLU B 40 -2.00 3.23 -11.56
C GLU B 40 -1.98 1.75 -11.18
N ILE B 41 -3.06 1.05 -11.52
CA ILE B 41 -3.17 -0.37 -11.22
C ILE B 41 -2.03 -1.16 -11.85
N SER B 42 -1.01 -1.46 -11.06
CA SER B 42 0.14 -2.21 -11.54
C SER B 42 -0.29 -3.55 -12.14
N SER B 43 -1.27 -4.19 -11.51
CA SER B 43 -1.77 -5.47 -11.97
C SER B 43 -0.62 -6.46 -12.17
N GLU B 44 -0.29 -7.19 -11.12
CA GLU B 44 0.79 -8.17 -11.18
C GLU B 44 0.41 -9.43 -10.41
N LEU B 45 0.44 -9.33 -9.08
CA LEU B 45 0.10 -10.46 -8.22
C LEU B 45 -1.40 -10.74 -8.24
N GLN B 46 -1.75 -12.02 -8.32
CA GLN B 46 -3.16 -12.43 -8.35
C GLN B 46 -3.29 -13.94 -8.25
N GLN B 47 -3.14 -14.46 -7.03
CA GLN B 47 -3.25 -15.90 -6.80
C GLN B 47 -3.63 -16.19 -5.36
N SER B 48 -3.58 -17.47 -4.98
CA SER B 48 -3.93 -17.87 -3.63
C SER B 48 -5.39 -17.57 -3.32
N GLU B 49 -6.21 -18.62 -3.33
CA GLU B 49 -7.64 -18.45 -3.05
C GLU B 49 -8.08 -19.38 -1.93
N GLN B 50 -9.33 -19.22 -1.49
CA GLN B 50 -9.87 -20.05 -0.41
C GLN B 50 -10.84 -21.09 -0.97
N SER B 51 -10.32 -22.01 -1.77
CA SER B 51 -11.13 -23.05 -2.37
C SER B 51 -10.52 -24.43 -2.12
N LYS B 52 -11.07 -25.45 -2.78
CA LYS B 52 -10.57 -26.81 -2.63
C LYS B 52 -9.08 -26.88 -2.92
N GLN B 53 -8.32 -27.43 -1.99
CA GLN B 53 -6.87 -27.57 -2.16
C GLN B 53 -6.50 -28.97 -2.61
N LYS B 54 -7.29 -29.96 -2.17
CA LYS B 54 -7.05 -31.35 -2.53
C LYS B 54 -5.68 -31.80 -2.04
N GLN B 55 -5.64 -32.40 -0.86
CA GLN B 55 -4.39 -32.88 -0.28
C GLN B 55 -3.68 -33.83 -1.23
N TYR B 56 -2.35 -33.87 -1.14
CA TYR B 56 -1.55 -34.73 -2.01
C TYR B 56 -0.12 -34.82 -1.51
N GLY B 57 0.48 -33.67 -1.25
CA GLY B 57 1.85 -33.63 -0.77
C GLY B 57 1.94 -33.75 0.74
N THR B 58 3.16 -33.83 1.26
CA THR B 58 3.38 -33.94 2.69
C THR B 58 2.74 -32.79 3.45
N THR B 59 2.74 -32.88 4.77
CA THR B 59 2.16 -31.84 5.61
C THR B 59 2.57 -32.01 7.08
N LEU B 60 2.61 -30.91 7.80
CA LEU B 60 2.98 -30.94 9.22
C LEU B 60 2.02 -30.11 10.05
N GLN B 61 1.48 -30.71 11.10
CA GLN B 61 0.54 -30.01 11.99
C GLN B 61 0.55 -30.63 13.38
N ASN B 62 1.74 -31.03 13.84
CA ASN B 62 1.89 -31.64 15.16
C ASN B 62 1.67 -30.60 16.26
N LEU B 63 1.93 -29.34 15.93
CA LEU B 63 1.75 -28.26 16.89
C LEU B 63 0.28 -28.07 17.26
N ALA B 64 -0.59 -28.32 16.29
CA ALA B 64 -2.03 -28.18 16.50
C ALA B 64 -2.52 -29.16 17.56
N LYS B 65 -2.59 -28.71 18.81
CA LYS B 65 -3.04 -29.54 19.90
C LYS B 65 -4.56 -29.47 20.06
N GLN B 66 -5.11 -28.27 19.88
CA GLN B 66 -6.54 -28.06 20.00
C GLN B 66 -7.06 -28.60 21.34
N ASN B 67 -6.67 -27.94 22.42
CA ASN B 67 -7.09 -28.35 23.75
C ASN B 67 -8.21 -27.44 24.27
N ARG B 68 -9.01 -26.92 23.35
CA ARG B 68 -10.11 -26.04 23.72
C ARG B 68 -11.44 -26.57 23.16
N ILE B 69 -12.52 -25.88 23.48
CA ILE B 69 -13.84 -26.27 23.02
C ILE B 69 -14.92 -25.32 23.53
N ILE B 70 -15.23 -24.30 22.73
CA ILE B 70 -16.24 -23.32 23.11
C ILE B 70 -17.62 -23.76 22.65
N LYS B 71 -18.64 -23.45 23.45
CA LYS B 71 -20.01 -23.81 23.14
C LYS B 71 -20.90 -22.57 23.08
N GLU A 1 2.77 9.43 -13.96
CA GLU A 1 2.70 8.65 -12.74
C GLU A 1 3.30 7.25 -12.94
N THR A 2 4.15 6.84 -12.01
CA THR A 2 4.80 5.54 -12.09
C THR A 2 4.29 4.60 -11.00
N LYS A 3 4.05 5.16 -9.82
CA LYS A 3 3.55 4.37 -8.70
C LYS A 3 2.49 5.14 -7.92
N TYR A 4 1.42 5.51 -8.61
CA TYR A 4 0.33 6.26 -7.98
C TYR A 4 0.82 7.59 -7.43
N GLU A 5 1.93 8.08 -7.98
CA GLU A 5 2.51 9.34 -7.54
C GLU A 5 2.96 9.26 -6.08
N LEU A 6 3.93 8.39 -5.83
CA LEU A 6 4.45 8.21 -4.47
C LEU A 6 5.79 8.93 -4.30
N ASN A 7 5.91 10.09 -4.95
CA ASN A 7 7.14 10.87 -4.87
C ASN A 7 7.44 11.27 -3.44
N ASN A 8 6.45 11.85 -2.76
CA ASN A 8 6.60 12.27 -1.38
C ASN A 8 6.91 11.09 -0.47
N THR A 9 6.36 9.93 -0.81
CA THR A 9 6.58 8.72 -0.03
C THR A 9 8.04 8.30 -0.07
N LYS A 10 8.66 8.41 -1.23
CA LYS A 10 10.07 8.05 -1.40
C LYS A 10 10.94 8.81 -0.42
N LYS A 11 10.59 10.06 -0.14
CA LYS A 11 11.34 10.88 0.79
C LYS A 11 11.10 10.44 2.23
N VAL A 12 9.90 9.93 2.50
CA VAL A 12 9.55 9.47 3.83
C VAL A 12 10.34 8.23 4.21
N ALA A 13 10.50 7.32 3.26
CA ALA A 13 11.24 6.10 3.49
C ALA A 13 12.74 6.36 3.62
N ASN A 14 13.23 7.30 2.81
CA ASN A 14 14.66 7.66 2.83
C ASN A 14 15.03 8.27 4.18
N ALA A 15 14.05 8.84 4.87
CA ALA A 15 14.28 9.46 6.16
C ALA A 15 14.91 8.47 7.14
N PHE A 16 14.46 7.22 7.07
CA PHE A 16 14.98 6.18 7.95
C PHE A 16 16.49 6.06 7.83
N GLY A 17 17.02 6.46 6.68
CA GLY A 17 18.45 6.39 6.45
C GLY A 17 18.88 5.07 5.85
N LEU A 18 19.05 5.05 4.54
CA LEU A 18 19.47 3.84 3.84
C LEU A 18 20.41 4.16 2.68
N ASN A 19 19.86 4.69 1.60
CA ASN A 19 20.65 5.06 0.43
C ASN A 19 19.77 5.65 -0.66
N GLU A 20 19.01 4.78 -1.33
CA GLU A 20 18.12 5.23 -2.41
C GLU A 20 17.34 4.05 -2.98
N GLU A 21 18.05 2.95 -3.24
CA GLU A 21 17.42 1.75 -3.79
C GLU A 21 16.54 1.08 -2.75
N ASP A 22 17.00 1.03 -1.51
CA ASP A 22 16.24 0.42 -0.43
C ASP A 22 14.90 1.10 -0.25
N THR A 23 14.86 2.41 -0.52
CA THR A 23 13.64 3.18 -0.39
C THR A 23 12.61 2.78 -1.45
N ASN A 24 13.07 2.71 -2.70
CA ASN A 24 12.19 2.33 -3.81
C ASN A 24 11.65 0.92 -3.62
N LEU A 25 12.48 0.04 -3.10
CA LEU A 25 12.08 -1.36 -2.87
C LEU A 25 10.91 -1.42 -1.90
N LEU A 26 10.91 -0.56 -0.89
CA LEU A 26 9.85 -0.53 0.10
C LEU A 26 8.51 -0.17 -0.55
N ILE A 27 8.52 0.88 -1.36
CA ILE A 27 7.30 1.31 -2.04
C ILE A 27 6.75 0.20 -2.94
N ASN A 28 7.64 -0.63 -3.46
CA ASN A 28 7.25 -1.72 -4.34
C ASN A 28 6.41 -2.75 -3.58
N ALA A 29 6.77 -2.97 -2.32
CA ALA A 29 6.06 -3.93 -1.48
C ALA A 29 4.68 -3.39 -1.08
N VAL A 30 4.65 -2.14 -0.64
CA VAL A 30 3.41 -1.51 -0.23
C VAL A 30 2.48 -1.27 -1.42
N ASP A 31 3.01 -0.63 -2.46
CA ASP A 31 2.23 -0.35 -3.65
C ASP A 31 1.62 -1.63 -4.22
N LEU A 32 2.38 -2.72 -4.18
CA LEU A 32 1.92 -4.00 -4.67
C LEU A 32 0.89 -4.62 -3.73
N ASP A 33 1.05 -4.33 -2.44
CA ASP A 33 0.13 -4.85 -1.43
C ASP A 33 -1.28 -4.29 -1.62
N ILE A 34 -1.36 -2.98 -1.82
CA ILE A 34 -2.64 -2.32 -2.01
C ILE A 34 -3.29 -2.76 -3.32
N LYS A 35 -2.48 -2.90 -4.37
CA LYS A 35 -2.98 -3.31 -5.67
C LYS A 35 -3.72 -4.65 -5.56
N ASN A 36 -3.20 -5.55 -4.74
CA ASN A 36 -3.82 -6.86 -4.55
C ASN A 36 -5.17 -6.72 -3.85
N ASN A 37 -5.28 -5.73 -2.98
CA ASN A 37 -6.51 -5.49 -2.24
C ASN A 37 -7.51 -4.71 -3.09
N MET A 38 -7.00 -3.95 -4.04
CA MET A 38 -7.85 -3.16 -4.92
C MET A 38 -8.91 -4.02 -5.60
N GLN A 39 -8.58 -5.30 -5.77
CA GLN A 39 -9.51 -6.24 -6.40
C GLN A 39 -10.76 -6.43 -5.55
N GLU A 40 -10.62 -6.22 -4.25
CA GLU A 40 -11.74 -6.38 -3.33
C GLU A 40 -12.30 -5.02 -2.92
N ILE A 41 -11.57 -4.32 -2.07
CA ILE A 41 -12.00 -2.99 -1.60
C ILE A 41 -13.35 -3.08 -0.90
N SER A 42 -13.32 -3.25 0.43
CA SER A 42 -14.54 -3.34 1.22
C SER A 42 -15.41 -2.10 1.02
N SER A 43 -14.93 -0.97 1.52
CA SER A 43 -15.67 0.29 1.41
C SER A 43 -14.82 1.46 1.90
N GLU A 44 -15.15 2.65 1.42
CA GLU A 44 -14.42 3.85 1.82
C GLU A 44 -15.08 5.11 1.24
N LEU A 45 -16.41 5.11 1.23
CA LEU A 45 -17.17 6.25 0.72
C LEU A 45 -18.64 6.11 1.03
N GLN A 46 -19.28 7.22 1.39
CA GLN A 46 -20.70 7.21 1.72
C GLN A 46 -21.37 8.51 1.27
N GLN A 47 -22.03 8.46 0.11
CA GLN A 47 -22.70 9.63 -0.43
C GLN A 47 -23.91 9.22 -1.27
N SER A 48 -24.67 10.21 -1.72
CA SER A 48 -25.85 9.95 -2.53
C SER A 48 -25.51 9.10 -3.75
N GLU A 49 -26.54 8.68 -4.48
CA GLU A 49 -26.34 7.86 -5.67
C GLU A 49 -25.65 8.66 -6.78
N GLN A 50 -24.61 8.07 -7.36
CA GLN A 50 -23.87 8.72 -8.42
C GLN A 50 -24.70 8.83 -9.70
N SER A 51 -24.27 9.68 -10.62
CA SER A 51 -24.99 9.87 -11.87
C SER A 51 -24.16 9.39 -13.06
N LYS A 52 -24.25 8.10 -13.36
CA LYS A 52 -23.51 7.51 -14.46
C LYS A 52 -22.00 7.64 -14.23
N GLN A 53 -21.22 6.97 -15.07
CA GLN A 53 -19.77 7.01 -14.97
C GLN A 53 -19.11 6.28 -16.14
N LYS A 54 -19.71 6.42 -17.32
CA LYS A 54 -19.18 5.77 -18.51
C LYS A 54 -18.48 6.78 -19.41
N GLN A 55 -17.16 6.66 -19.51
CA GLN A 55 -16.37 7.56 -20.34
C GLN A 55 -14.92 7.10 -20.41
N TYR A 56 -14.19 7.60 -21.41
CA TYR A 56 -12.79 7.24 -21.59
C TYR A 56 -12.61 5.73 -21.60
N GLY A 57 -12.83 5.13 -22.77
CA GLY A 57 -12.69 3.69 -22.90
C GLY A 57 -11.41 3.29 -23.60
N THR A 58 -11.42 3.34 -24.93
CA THR A 58 -10.26 2.97 -25.72
C THR A 58 -9.77 4.16 -26.55
N THR A 59 -8.57 4.02 -27.11
CA THR A 59 -7.99 5.07 -27.94
C THR A 59 -6.80 4.57 -28.73
N LEU A 60 -6.48 5.25 -29.82
CA LEU A 60 -5.35 4.86 -30.66
C LEU A 60 -5.53 3.44 -31.19
N GLN A 61 -4.48 2.93 -31.83
CA GLN A 61 -4.52 1.58 -32.38
C GLN A 61 -3.22 0.83 -32.09
N ASN A 62 -3.09 -0.37 -32.65
CA ASN A 62 -1.89 -1.17 -32.46
C ASN A 62 -0.99 -1.12 -33.69
N LEU A 63 -1.08 -0.03 -34.44
CA LEU A 63 -0.28 0.15 -35.64
C LEU A 63 -0.53 -0.98 -36.63
N ALA A 64 -1.79 -1.16 -37.01
CA ALA A 64 -2.16 -2.21 -37.95
C ALA A 64 -3.66 -2.15 -38.26
N LYS A 65 -4.08 -2.96 -39.23
CA LYS A 65 -5.49 -3.01 -39.62
C LYS A 65 -6.38 -3.36 -38.42
N GLN A 66 -7.69 -3.27 -38.62
CA GLN A 66 -8.64 -3.56 -37.56
C GLN A 66 -8.79 -5.08 -37.38
N ASN A 67 -8.49 -5.54 -36.17
CA ASN A 67 -8.60 -6.97 -35.86
C ASN A 67 -8.99 -7.18 -34.40
N ARG A 68 -10.23 -7.60 -34.19
CA ARG A 68 -10.73 -7.84 -32.84
C ARG A 68 -10.75 -9.33 -32.53
N ILE A 69 -9.81 -9.77 -31.70
CA ILE A 69 -9.72 -11.18 -31.31
C ILE A 69 -10.92 -11.60 -30.47
N ILE A 70 -11.11 -10.91 -29.35
CA ILE A 70 -12.21 -11.21 -28.44
C ILE A 70 -12.77 -9.94 -27.81
N LYS A 71 -11.96 -9.33 -26.94
CA LYS A 71 -12.37 -8.10 -26.27
C LYS A 71 -11.18 -7.46 -25.55
N GLU B 1 -9.83 4.49 7.94
CA GLU B 1 -9.26 3.15 8.02
C GLU B 1 -9.38 2.44 6.69
N THR B 2 -8.42 2.68 5.79
CA THR B 2 -8.41 2.06 4.48
C THR B 2 -7.05 1.48 4.14
N LYS B 3 -6.46 0.77 5.10
CA LYS B 3 -5.15 0.16 4.92
C LYS B 3 -5.27 -1.14 4.12
N TYR B 4 -6.45 -1.75 4.15
CA TYR B 4 -6.69 -3.00 3.43
C TYR B 4 -6.05 -4.17 4.16
N GLU B 5 -4.77 -4.04 4.46
CA GLU B 5 -4.04 -5.09 5.15
C GLU B 5 -2.57 -4.71 5.34
N LEU B 6 -1.81 -4.80 4.26
CA LEU B 6 -0.39 -4.46 4.30
C LEU B 6 0.31 -5.15 5.47
N ASN B 7 0.07 -6.46 5.60
CA ASN B 7 0.68 -7.24 6.66
C ASN B 7 2.19 -7.33 6.49
N ASN B 8 2.63 -7.69 5.30
CA ASN B 8 4.05 -7.81 5.00
C ASN B 8 4.73 -6.44 5.04
N THR B 9 3.99 -5.41 4.65
CA THR B 9 4.52 -4.05 4.64
C THR B 9 4.97 -3.62 6.04
N LYS B 10 4.13 -3.89 7.03
CA LYS B 10 4.44 -3.54 8.41
C LYS B 10 5.77 -4.14 8.84
N LYS B 11 6.03 -5.36 8.40
CA LYS B 11 7.28 -6.06 8.74
C LYS B 11 8.44 -5.47 7.95
N VAL B 12 8.17 -5.01 6.74
CA VAL B 12 9.19 -4.42 5.88
C VAL B 12 9.70 -3.10 6.46
N ALA B 13 8.78 -2.31 7.00
CA ALA B 13 9.15 -1.02 7.59
C ALA B 13 9.90 -1.21 8.89
N ASN B 14 9.49 -2.20 9.67
CA ASN B 14 10.13 -2.49 10.96
C ASN B 14 11.58 -2.94 10.75
N ALA B 15 11.86 -3.49 9.57
CA ALA B 15 13.20 -3.95 9.25
C ALA B 15 14.24 -2.86 9.48
N PHE B 16 13.94 -1.66 8.99
CA PHE B 16 14.85 -0.52 9.14
C PHE B 16 15.19 -0.29 10.60
N GLY B 17 14.29 -0.70 11.48
CA GLY B 17 14.51 -0.53 12.91
C GLY B 17 14.16 0.87 13.39
N LEU B 18 12.94 1.02 13.90
CA LEU B 18 12.48 2.31 14.40
C LEU B 18 11.84 2.18 15.78
N ASN B 19 10.62 1.64 15.80
CA ASN B 19 9.90 1.45 17.05
C ASN B 19 8.55 0.79 16.81
N GLU B 20 7.61 1.57 16.28
CA GLU B 20 6.27 1.07 15.99
C GLU B 20 5.41 2.16 15.36
N GLU B 21 5.48 3.36 15.93
CA GLU B 21 4.70 4.49 15.42
C GLU B 21 5.24 4.96 14.06
N ASP B 22 6.55 4.96 13.93
CA ASP B 22 7.20 5.39 12.69
C ASP B 22 6.75 4.51 11.52
N THR B 23 6.62 3.21 11.78
CA THR B 23 6.21 2.27 10.75
C THR B 23 4.80 2.59 10.25
N ASN B 24 3.91 2.90 11.18
CA ASN B 24 2.53 3.22 10.84
C ASN B 24 2.45 4.52 10.04
N LEU B 25 3.29 5.48 10.41
CA LEU B 25 3.33 6.77 9.72
C LEU B 25 3.68 6.60 8.25
N LEU B 26 4.68 5.77 7.98
CA LEU B 26 5.11 5.52 6.61
C LEU B 26 4.00 4.86 5.80
N ILE B 27 3.40 3.82 6.36
CA ILE B 27 2.31 3.10 5.70
C ILE B 27 1.11 4.01 5.48
N ASN B 28 0.92 4.95 6.40
CA ASN B 28 -0.20 5.89 6.30
C ASN B 28 -0.07 6.79 5.08
N ALA B 29 1.16 7.17 4.76
CA ALA B 29 1.43 8.02 3.61
C ALA B 29 1.27 7.24 2.31
N VAL B 30 1.83 6.03 2.27
CA VAL B 30 1.76 5.18 1.09
C VAL B 30 0.34 4.71 0.83
N ASP B 31 -0.28 4.14 1.87
CA ASP B 31 -1.65 3.64 1.76
C ASP B 31 -2.59 4.76 1.33
N LEU B 32 -2.37 5.96 1.87
CA LEU B 32 -3.20 7.11 1.55
C LEU B 32 -2.92 7.62 0.14
N ASP B 33 -1.66 7.52 -0.27
CA ASP B 33 -1.24 7.97 -1.59
C ASP B 33 -1.93 7.14 -2.68
N ILE B 34 -1.91 5.82 -2.52
CA ILE B 34 -2.52 4.93 -3.48
C ILE B 34 -4.03 5.08 -3.50
N LYS B 35 -4.62 5.23 -2.32
CA LYS B 35 -6.06 5.40 -2.19
C LYS B 35 -6.55 6.59 -3.02
N ASN B 36 -5.76 7.65 -3.02
CA ASN B 36 -6.11 8.85 -3.78
C ASN B 36 -6.14 8.57 -5.28
N ASN B 37 -5.32 7.63 -5.71
CA ASN B 37 -5.26 7.25 -7.12
C ASN B 37 -6.32 6.22 -7.46
N MET B 38 -6.81 5.53 -6.44
CA MET B 38 -7.84 4.51 -6.63
C MET B 38 -9.06 5.10 -7.34
N GLN B 39 -9.25 6.41 -7.20
CA GLN B 39 -10.37 7.09 -7.82
C GLN B 39 -9.98 7.70 -9.16
N GLU B 40 -8.97 7.09 -9.79
CA GLU B 40 -8.49 7.58 -11.08
C GLU B 40 -7.67 6.50 -11.79
N ILE B 41 -7.95 5.24 -11.46
CA ILE B 41 -7.24 4.12 -12.06
C ILE B 41 -8.11 3.38 -13.07
N SER B 42 -7.57 2.32 -13.65
CA SER B 42 -8.31 1.52 -14.63
C SER B 42 -9.05 0.38 -13.94
N SER B 43 -10.03 0.72 -13.11
CA SER B 43 -10.80 -0.28 -12.39
C SER B 43 -11.60 -1.14 -13.36
N GLU B 44 -11.98 -2.34 -12.91
CA GLU B 44 -12.75 -3.26 -13.74
C GLU B 44 -14.12 -3.53 -13.12
N LEU B 45 -14.20 -3.44 -11.81
CA LEU B 45 -15.46 -3.66 -11.10
C LEU B 45 -15.48 -2.91 -9.78
N GLN B 46 -16.62 -2.28 -9.49
CA GLN B 46 -16.78 -1.51 -8.25
C GLN B 46 -18.09 -1.86 -7.56
N GLN B 47 -18.07 -1.86 -6.23
CA GLN B 47 -19.25 -2.17 -5.46
C GLN B 47 -20.29 -1.04 -5.54
N SER B 48 -21.50 -1.38 -5.97
CA SER B 48 -22.56 -0.40 -6.10
C SER B 48 -23.49 -0.44 -4.90
N GLU B 49 -22.95 -0.84 -3.75
CA GLU B 49 -23.73 -0.93 -2.52
C GLU B 49 -23.95 0.45 -1.91
N GLN B 50 -25.21 0.88 -1.87
CA GLN B 50 -25.56 2.18 -1.32
C GLN B 50 -27.06 2.30 -1.09
N SER B 51 -27.61 1.37 -0.31
CA SER B 51 -29.04 1.37 -0.02
C SER B 51 -29.32 0.72 1.33
N LYS B 52 -30.05 1.44 2.18
CA LYS B 52 -30.38 0.93 3.51
C LYS B 52 -31.29 1.92 4.25
N GLN B 53 -32.35 1.39 4.84
CA GLN B 53 -33.30 2.23 5.58
C GLN B 53 -34.38 1.37 6.24
N LYS B 54 -35.23 0.77 5.43
CA LYS B 54 -36.31 -0.08 5.94
C LYS B 54 -36.40 -1.37 5.14
N GLN B 55 -36.81 -1.25 3.88
CA GLN B 55 -36.95 -2.41 3.01
C GLN B 55 -36.07 -2.27 1.77
N TYR B 56 -35.92 -3.36 1.03
CA TYR B 56 -35.10 -3.36 -0.18
C TYR B 56 -35.97 -3.25 -1.44
N GLY B 57 -36.93 -4.17 -1.56
CA GLY B 57 -37.81 -4.17 -2.71
C GLY B 57 -38.58 -5.47 -2.86
N THR B 58 -39.66 -5.43 -3.63
CA THR B 58 -40.48 -6.62 -3.86
C THR B 58 -40.47 -7.03 -5.33
N THR B 59 -39.80 -8.13 -5.62
CA THR B 59 -39.73 -8.63 -6.99
C THR B 59 -40.15 -10.09 -7.07
N LEU B 60 -40.80 -10.46 -8.16
CA LEU B 60 -41.26 -11.83 -8.37
C LEU B 60 -40.38 -12.56 -9.38
N GLN B 61 -39.41 -13.32 -8.87
CA GLN B 61 -38.50 -14.07 -9.73
C GLN B 61 -38.85 -15.55 -9.72
N ASN B 62 -38.03 -16.35 -10.41
CA ASN B 62 -38.26 -17.79 -10.49
C ASN B 62 -39.63 -18.10 -11.09
N LEU B 63 -39.68 -18.14 -12.41
CA LEU B 63 -40.94 -18.42 -13.12
C LEU B 63 -40.74 -19.52 -14.15
N ALA B 64 -39.96 -19.22 -15.18
CA ALA B 64 -39.69 -20.19 -16.24
C ALA B 64 -40.99 -20.65 -16.90
N LYS B 65 -41.35 -20.01 -18.01
CA LYS B 65 -42.56 -20.36 -18.73
C LYS B 65 -42.23 -20.75 -20.18
N GLN B 66 -42.52 -22.00 -20.53
CA GLN B 66 -42.27 -22.49 -21.88
C GLN B 66 -43.03 -23.79 -22.13
N ASN B 67 -43.33 -24.04 -23.40
CA ASN B 67 -44.06 -25.24 -23.78
C ASN B 67 -43.44 -25.87 -25.03
N ARG B 68 -43.71 -27.17 -25.23
CA ARG B 68 -43.19 -27.89 -26.38
C ARG B 68 -43.72 -27.27 -27.68
N ILE B 69 -42.81 -26.76 -28.49
CA ILE B 69 -43.18 -26.14 -29.76
C ILE B 69 -42.27 -26.62 -30.89
N ILE B 70 -41.91 -27.90 -30.86
CA ILE B 70 -41.05 -28.48 -31.87
C ILE B 70 -41.79 -28.66 -33.19
N LYS B 71 -41.06 -28.55 -34.30
CA LYS B 71 -41.66 -28.71 -35.62
C LYS B 71 -42.29 -30.09 -35.77
N GLU A 1 0.87 -1.07 -13.07
CA GLU A 1 0.92 -2.51 -12.94
C GLU A 1 1.19 -2.92 -11.49
N THR A 2 2.10 -2.21 -10.85
CA THR A 2 2.46 -2.50 -9.46
C THR A 2 3.19 -1.32 -8.83
N LYS A 3 2.88 -0.11 -9.29
CA LYS A 3 3.50 1.10 -8.77
C LYS A 3 2.93 2.34 -9.45
N TYR A 4 1.76 2.77 -8.99
CA TYR A 4 1.09 3.95 -9.55
C TYR A 4 2.06 5.14 -9.61
N GLU A 5 2.40 5.66 -8.43
CA GLU A 5 3.31 6.79 -8.34
C GLU A 5 3.95 6.88 -6.96
N LEU A 6 3.17 7.34 -5.99
CA LEU A 6 3.65 7.48 -4.61
C LEU A 6 4.97 8.23 -4.57
N ASN A 7 5.01 9.37 -5.25
CA ASN A 7 6.21 10.21 -5.29
C ASN A 7 6.62 10.63 -3.88
N ASN A 8 5.68 11.19 -3.15
CA ASN A 8 5.93 11.64 -1.79
C ASN A 8 6.30 10.47 -0.88
N THR A 9 5.70 9.32 -1.15
CA THR A 9 5.96 8.12 -0.36
C THR A 9 7.43 7.71 -0.43
N LYS A 10 7.97 7.71 -1.65
CA LYS A 10 9.37 7.34 -1.86
C LYS A 10 10.30 8.21 -1.01
N LYS A 11 9.92 9.48 -0.86
CA LYS A 11 10.71 10.42 -0.07
C LYS A 11 10.70 10.04 1.40
N VAL A 12 9.52 9.68 1.91
CA VAL A 12 9.38 9.28 3.31
C VAL A 12 10.09 7.97 3.58
N ALA A 13 9.95 7.02 2.67
CA ALA A 13 10.58 5.71 2.82
C ALA A 13 12.09 5.80 2.61
N ASN A 14 12.51 6.73 1.76
CA ASN A 14 13.93 6.93 1.47
C ASN A 14 14.51 8.03 2.34
N ALA A 15 13.84 8.31 3.46
CA ALA A 15 14.30 9.34 4.38
C ALA A 15 15.12 8.74 5.52
N PHE A 16 14.87 7.46 5.80
CA PHE A 16 15.58 6.77 6.87
C PHE A 16 17.08 6.73 6.58
N GLY A 17 17.43 6.51 5.32
CA GLY A 17 18.83 6.45 4.93
C GLY A 17 19.25 5.07 4.49
N LEU A 18 19.22 4.82 3.19
CA LEU A 18 19.60 3.52 2.65
C LEU A 18 20.37 3.68 1.33
N ASN A 19 19.64 4.01 0.27
CA ASN A 19 20.25 4.21 -1.04
C ASN A 19 19.20 4.60 -2.08
N GLU A 20 18.39 3.63 -2.50
CA GLU A 20 17.35 3.87 -3.49
C GLU A 20 16.57 2.59 -3.78
N GLU A 21 17.29 1.50 -4.00
CA GLU A 21 16.66 0.22 -4.29
C GLU A 21 15.76 -0.22 -3.14
N ASP A 22 16.21 0.05 -1.92
CA ASP A 22 15.44 -0.31 -0.73
C ASP A 22 14.07 0.35 -0.73
N THR A 23 14.03 1.63 -1.12
CA THR A 23 12.80 2.38 -1.17
C THR A 23 11.88 1.87 -2.29
N ASN A 24 12.45 1.71 -3.47
CA ASN A 24 11.69 1.22 -4.63
C ASN A 24 11.10 -0.16 -4.35
N LEU A 25 11.87 -0.99 -3.67
CA LEU A 25 11.43 -2.35 -3.34
C LEU A 25 10.24 -2.30 -2.38
N LEU A 26 10.28 -1.36 -1.44
CA LEU A 26 9.20 -1.22 -0.47
C LEU A 26 7.90 -0.82 -1.15
N ILE A 27 7.98 0.16 -2.03
CA ILE A 27 6.81 0.64 -2.75
C ILE A 27 6.15 -0.48 -3.53
N ASN A 28 6.97 -1.39 -4.05
CA ASN A 28 6.46 -2.52 -4.83
C ASN A 28 5.62 -3.44 -3.94
N ALA A 29 6.04 -3.60 -2.70
CA ALA A 29 5.33 -4.46 -1.76
C ALA A 29 4.03 -3.80 -1.29
N VAL A 30 4.12 -2.53 -0.94
CA VAL A 30 2.96 -1.78 -0.48
C VAL A 30 1.95 -1.57 -1.60
N ASP A 31 2.43 -1.04 -2.72
CA ASP A 31 1.57 -0.79 -3.87
C ASP A 31 0.89 -2.07 -4.33
N LEU A 32 1.61 -3.18 -4.27
CA LEU A 32 1.07 -4.48 -4.69
C LEU A 32 0.04 -4.97 -3.67
N ASP A 33 0.24 -4.62 -2.41
CA ASP A 33 -0.66 -5.03 -1.35
C ASP A 33 -2.02 -4.34 -1.50
N ILE A 34 -1.99 -3.03 -1.72
CA ILE A 34 -3.22 -2.26 -1.88
C ILE A 34 -3.95 -2.65 -3.16
N LYS A 35 -3.18 -2.84 -4.23
CA LYS A 35 -3.75 -3.22 -5.52
C LYS A 35 -4.58 -4.49 -5.40
N ASN A 36 -4.10 -5.44 -4.60
CA ASN A 36 -4.79 -6.70 -4.39
C ASN A 36 -6.14 -6.48 -3.73
N ASN A 37 -6.22 -5.44 -2.90
CA ASN A 37 -7.46 -5.12 -2.20
C ASN A 37 -8.37 -4.25 -3.06
N MET A 38 -7.80 -3.71 -4.14
CA MET A 38 -8.56 -2.86 -5.04
C MET A 38 -9.80 -3.59 -5.57
N GLN A 39 -9.74 -4.93 -5.58
CA GLN A 39 -10.85 -5.74 -6.06
C GLN A 39 -12.03 -5.68 -5.08
N GLU A 40 -11.72 -5.39 -3.81
CA GLU A 40 -12.75 -5.31 -2.78
C GLU A 40 -13.41 -3.94 -2.79
N ILE A 41 -12.60 -2.89 -2.67
CA ILE A 41 -13.11 -1.53 -2.67
C ILE A 41 -14.02 -1.28 -3.86
N SER A 42 -15.07 -0.49 -3.64
CA SER A 42 -16.02 -0.17 -4.70
C SER A 42 -16.56 -1.44 -5.36
N SER A 43 -17.29 -1.28 -6.46
CA SER A 43 -17.86 -2.41 -7.16
C SER A 43 -16.76 -3.29 -7.75
N GLU A 44 -17.17 -4.33 -8.47
CA GLU A 44 -16.22 -5.25 -9.09
C GLU A 44 -15.54 -4.61 -10.29
N LEU A 45 -16.28 -3.79 -11.01
CA LEU A 45 -15.75 -3.11 -12.19
C LEU A 45 -15.23 -4.12 -13.21
N GLN A 46 -16.08 -4.53 -14.13
CA GLN A 46 -15.71 -5.49 -15.16
C GLN A 46 -15.20 -4.77 -16.41
N GLN A 47 -14.46 -5.50 -17.24
CA GLN A 47 -13.91 -4.94 -18.47
C GLN A 47 -12.95 -3.80 -18.16
N SER A 48 -11.65 -4.09 -18.23
CA SER A 48 -10.63 -3.09 -17.96
C SER A 48 -9.78 -2.81 -19.20
N GLU A 49 -9.16 -3.87 -19.72
CA GLU A 49 -8.31 -3.74 -20.91
C GLU A 49 -8.48 -4.95 -21.82
N GLN A 50 -8.73 -4.68 -23.10
CA GLN A 50 -8.91 -5.75 -24.08
C GLN A 50 -7.78 -5.74 -25.10
N SER A 51 -7.21 -4.58 -25.34
CA SER A 51 -6.13 -4.43 -26.30
C SER A 51 -4.78 -4.31 -25.59
N LYS A 52 -3.70 -4.38 -26.36
CA LYS A 52 -2.36 -4.28 -25.81
C LYS A 52 -1.55 -3.20 -26.52
N GLN A 53 -0.30 -3.03 -26.11
CA GLN A 53 0.57 -2.03 -26.70
C GLN A 53 2.03 -2.33 -26.41
N LYS A 54 2.63 -3.20 -27.21
CA LYS A 54 4.02 -3.58 -27.04
C LYS A 54 4.92 -2.82 -28.00
N GLN A 55 6.22 -3.13 -27.99
CA GLN A 55 7.17 -2.48 -28.87
C GLN A 55 7.24 -0.98 -28.58
N TYR A 56 8.24 -0.57 -27.82
CA TYR A 56 8.42 0.83 -27.46
C TYR A 56 9.69 1.39 -28.10
N GLY A 57 9.93 2.69 -27.88
CA GLY A 57 11.10 3.33 -28.43
C GLY A 57 11.02 4.84 -28.39
N THR A 58 12.12 5.51 -28.72
CA THR A 58 12.16 6.96 -28.71
C THR A 58 11.88 7.51 -27.32
N THR A 59 12.94 7.85 -26.60
CA THR A 59 12.81 8.39 -25.25
C THR A 59 12.33 9.83 -25.28
N LEU A 60 12.01 10.38 -24.11
CA LEU A 60 11.54 11.75 -24.01
C LEU A 60 12.26 12.49 -22.88
N GLN A 61 12.49 13.78 -23.08
CA GLN A 61 13.17 14.60 -22.08
C GLN A 61 12.19 15.55 -21.39
N ASN A 62 12.64 16.15 -20.29
CA ASN A 62 11.79 17.09 -19.55
C ASN A 62 11.37 18.26 -20.42
N LEU A 63 12.31 19.15 -20.71
CA LEU A 63 12.04 20.32 -21.54
C LEU A 63 13.32 20.84 -22.19
N ALA A 64 14.21 21.38 -21.36
CA ALA A 64 15.48 21.91 -21.85
C ALA A 64 16.38 22.34 -20.69
N LYS A 65 16.02 23.46 -20.06
CA LYS A 65 16.79 23.98 -18.94
C LYS A 65 16.14 25.24 -18.37
N GLN A 66 16.83 25.88 -17.42
CA GLN A 66 16.32 27.09 -16.81
C GLN A 66 15.00 26.83 -16.09
N ASN A 67 15.08 26.66 -14.77
CA ASN A 67 13.90 26.40 -13.96
C ASN A 67 13.41 27.67 -13.27
N ARG A 68 12.21 27.62 -12.70
CA ARG A 68 11.64 28.76 -12.02
C ARG A 68 11.00 28.35 -10.69
N ILE A 69 11.03 29.24 -9.72
CA ILE A 69 10.46 28.96 -8.40
C ILE A 69 11.06 27.71 -7.79
N ILE A 70 12.27 27.85 -7.26
CA ILE A 70 12.96 26.73 -6.64
C ILE A 70 13.10 26.92 -5.13
N LYS A 71 13.01 25.83 -4.38
CA LYS A 71 13.13 25.88 -2.93
C LYS A 71 13.85 24.65 -2.40
N GLU B 1 -2.84 -0.79 9.23
CA GLU B 1 -3.24 -1.72 10.28
C GLU B 1 -4.38 -2.62 9.82
N THR B 2 -5.35 -2.03 9.14
CA THR B 2 -6.49 -2.79 8.63
C THR B 2 -7.14 -2.08 7.46
N LYS B 3 -6.32 -1.49 6.59
CA LYS B 3 -6.81 -0.77 5.42
C LYS B 3 -6.95 -1.72 4.23
N TYR B 4 -5.85 -2.36 3.86
CA TYR B 4 -5.85 -3.29 2.74
C TYR B 4 -5.00 -4.52 3.05
N GLU B 5 -4.88 -4.84 4.33
CA GLU B 5 -4.10 -5.99 4.77
C GLU B 5 -2.62 -5.81 4.42
N LEU B 6 -2.00 -4.80 5.00
CA LEU B 6 -0.59 -4.52 4.75
C LEU B 6 0.27 -5.01 5.91
N ASN B 7 -0.10 -6.14 6.48
CA ASN B 7 0.65 -6.72 7.60
C ASN B 7 2.11 -6.93 7.22
N ASN B 8 2.33 -7.59 6.08
CA ASN B 8 3.67 -7.87 5.62
C ASN B 8 4.42 -6.57 5.31
N THR B 9 3.69 -5.57 4.82
CA THR B 9 4.28 -4.28 4.49
C THR B 9 4.92 -3.64 5.71
N LYS B 10 4.19 -3.63 6.82
CA LYS B 10 4.69 -3.05 8.07
C LYS B 10 6.02 -3.69 8.46
N LYS B 11 6.16 -4.98 8.21
CA LYS B 11 7.38 -5.70 8.54
C LYS B 11 8.55 -5.19 7.72
N VAL B 12 8.27 -4.76 6.49
CA VAL B 12 9.31 -4.24 5.60
C VAL B 12 9.86 -2.92 6.12
N ALA B 13 8.95 -2.01 6.50
CA ALA B 13 9.36 -0.71 7.02
C ALA B 13 9.97 -0.84 8.41
N ASN B 14 9.41 -1.73 9.22
CA ASN B 14 9.90 -1.94 10.58
C ASN B 14 11.33 -2.46 10.57
N ALA B 15 11.70 -3.12 9.47
CA ALA B 15 13.05 -3.66 9.34
C ALA B 15 14.10 -2.55 9.37
N PHE B 16 13.72 -1.37 8.89
CA PHE B 16 14.63 -0.23 8.86
C PHE B 16 15.18 0.06 10.26
N GLY B 17 14.41 -0.33 11.29
CA GLY B 17 14.84 -0.10 12.66
C GLY B 17 14.36 1.23 13.19
N LEU B 18 13.27 1.22 13.94
CA LEU B 18 12.72 2.44 14.52
C LEU B 18 12.04 2.15 15.85
N ASN B 19 10.86 1.54 15.80
CA ASN B 19 10.12 1.20 17.00
C ASN B 19 8.81 0.49 16.67
N GLU B 20 7.84 1.26 16.17
CA GLU B 20 6.55 0.70 15.80
C GLU B 20 5.64 1.78 15.21
N GLU B 21 5.54 2.91 15.90
CA GLU B 21 4.71 4.01 15.45
C GLU B 21 5.19 4.55 14.11
N ASP B 22 6.51 4.67 13.97
CA ASP B 22 7.10 5.17 12.73
C ASP B 22 6.73 4.28 11.55
N THR B 23 6.55 2.99 11.82
CA THR B 23 6.20 2.03 10.78
C THR B 23 4.78 2.25 10.29
N ASN B 24 3.85 2.40 11.23
CA ASN B 24 2.45 2.62 10.89
C ASN B 24 2.26 4.00 10.25
N LEU B 25 2.96 4.99 10.77
CA LEU B 25 2.87 6.36 10.25
C LEU B 25 3.40 6.43 8.83
N LEU B 26 4.47 5.69 8.57
CA LEU B 26 5.08 5.66 7.24
C LEU B 26 4.17 4.96 6.24
N ILE B 27 3.68 3.78 6.61
CA ILE B 27 2.80 3.01 5.74
C ILE B 27 1.50 3.75 5.48
N ASN B 28 1.09 4.57 6.43
CA ASN B 28 -0.14 5.35 6.31
C ASN B 28 -0.04 6.32 5.14
N ALA B 29 1.14 6.89 4.94
CA ALA B 29 1.37 7.85 3.87
C ALA B 29 1.26 7.17 2.50
N VAL B 30 1.73 5.93 2.43
CA VAL B 30 1.68 5.18 1.18
C VAL B 30 0.25 4.86 0.79
N ASP B 31 -0.51 4.28 1.72
CA ASP B 31 -1.90 3.92 1.47
C ASP B 31 -2.68 5.11 0.92
N LEU B 32 -2.38 6.29 1.46
CA LEU B 32 -3.05 7.52 1.02
C LEU B 32 -2.63 7.89 -0.40
N ASP B 33 -1.39 7.58 -0.75
CA ASP B 33 -0.88 7.88 -2.08
C ASP B 33 -1.57 7.02 -3.14
N ILE B 34 -1.68 5.73 -2.86
CA ILE B 34 -2.32 4.80 -3.80
C ILE B 34 -3.77 5.19 -4.05
N LYS B 35 -4.47 5.60 -2.98
CA LYS B 35 -5.86 6.00 -3.08
C LYS B 35 -6.03 7.11 -4.11
N ASN B 36 -5.08 8.04 -4.14
CA ASN B 36 -5.12 9.15 -5.08
C ASN B 36 -4.96 8.65 -6.52
N ASN B 37 -4.21 7.57 -6.69
CA ASN B 37 -3.97 7.00 -8.01
C ASN B 37 -5.16 6.16 -8.45
N MET B 38 -5.90 5.63 -7.49
CA MET B 38 -7.06 4.79 -7.77
C MET B 38 -8.02 5.51 -8.73
N GLN B 39 -8.03 6.84 -8.65
CA GLN B 39 -8.91 7.64 -9.51
C GLN B 39 -8.71 7.28 -10.97
N GLU B 40 -7.48 6.89 -11.32
CA GLU B 40 -7.15 6.53 -12.69
C GLU B 40 -6.58 5.12 -12.75
N ILE B 41 -7.40 4.13 -12.41
CA ILE B 41 -6.98 2.74 -12.43
C ILE B 41 -7.83 1.92 -13.40
N SER B 42 -7.20 0.92 -14.01
CA SER B 42 -7.89 0.06 -14.97
C SER B 42 -7.49 -1.40 -14.78
N SER B 43 -7.63 -1.88 -13.55
CA SER B 43 -7.27 -3.27 -13.23
C SER B 43 -7.86 -3.68 -11.88
N GLU B 44 -8.68 -4.73 -11.91
CA GLU B 44 -9.30 -5.22 -10.68
C GLU B 44 -8.90 -6.67 -10.41
N LEU B 45 -9.46 -7.58 -11.19
CA LEU B 45 -9.15 -9.00 -11.04
C LEU B 45 -9.57 -9.50 -9.66
N GLN B 46 -9.38 -10.80 -9.42
CA GLN B 46 -9.72 -11.40 -8.14
C GLN B 46 -11.24 -11.43 -7.95
N GLN B 47 -11.82 -10.27 -7.64
CA GLN B 47 -13.26 -10.17 -7.44
C GLN B 47 -13.70 -11.04 -6.25
N SER B 48 -14.95 -10.87 -5.85
CA SER B 48 -15.49 -11.63 -4.73
C SER B 48 -14.65 -11.45 -3.48
N GLU B 49 -14.96 -12.21 -2.44
CA GLU B 49 -14.22 -12.13 -1.18
C GLU B 49 -14.38 -10.75 -0.56
N GLN B 50 -15.32 -10.62 0.37
CA GLN B 50 -15.57 -9.35 1.05
C GLN B 50 -16.32 -9.57 2.35
N SER B 51 -15.90 -8.84 3.40
CA SER B 51 -16.53 -8.97 4.71
C SER B 51 -16.50 -7.63 5.45
N LYS B 52 -15.31 -7.23 5.86
CA LYS B 52 -15.13 -5.97 6.58
C LYS B 52 -14.81 -4.83 5.62
N GLN B 53 -14.67 -3.63 6.16
CA GLN B 53 -14.36 -2.45 5.35
C GLN B 53 -13.76 -1.34 6.20
N LYS B 54 -12.46 -1.44 6.46
CA LYS B 54 -11.76 -0.45 7.26
C LYS B 54 -12.32 -0.40 8.69
N GLN B 55 -11.70 0.41 9.53
CA GLN B 55 -12.13 0.54 10.92
C GLN B 55 -11.40 1.68 11.62
N TYR B 56 -11.57 1.77 12.93
CA TYR B 56 -10.92 2.81 13.72
C TYR B 56 -11.05 2.54 15.21
N GLY B 57 -9.98 2.79 15.95
CA GLY B 57 -10.00 2.56 17.38
C GLY B 57 -8.83 1.73 17.86
N THR B 58 -7.83 2.38 18.44
CA THR B 58 -6.65 1.70 18.94
C THR B 58 -6.27 2.19 20.34
N THR B 59 -6.36 3.50 20.54
CA THR B 59 -6.03 4.10 21.82
C THR B 59 -4.64 3.65 22.30
N LEU B 60 -3.61 4.31 21.78
CA LEU B 60 -2.23 3.99 22.15
C LEU B 60 -1.46 5.25 22.49
N GLN B 61 -0.75 5.22 23.62
CA GLN B 61 0.04 6.38 24.06
C GLN B 61 0.93 6.00 25.24
N ASN B 62 2.20 6.37 25.15
CA ASN B 62 3.16 6.07 26.21
C ASN B 62 4.01 7.30 26.54
N LEU B 63 4.90 7.64 25.61
CA LEU B 63 5.79 8.79 25.80
C LEU B 63 6.59 8.66 27.09
N ALA B 64 7.70 7.93 27.01
CA ALA B 64 8.57 7.72 28.16
C ALA B 64 10.04 7.72 27.74
N LYS B 65 10.89 8.30 28.59
CA LYS B 65 12.31 8.36 28.31
C LYS B 65 13.08 8.90 29.51
N GLN B 66 13.98 8.09 30.05
CA GLN B 66 14.78 8.49 31.21
C GLN B 66 15.80 7.41 31.56
N ASN B 67 16.95 7.85 32.07
CA ASN B 67 18.01 6.92 32.46
C ASN B 67 19.10 7.64 33.25
N ARG B 68 19.89 6.87 33.98
CA ARG B 68 20.99 7.44 34.78
C ARG B 68 22.31 6.78 34.43
N ILE B 69 23.40 7.39 34.87
CA ILE B 69 24.74 6.87 34.60
C ILE B 69 25.81 7.70 35.30
N ILE B 70 25.58 9.00 35.37
CA ILE B 70 26.53 9.91 36.01
C ILE B 70 25.84 11.19 36.47
N LYS B 71 26.19 11.65 37.67
CA LYS B 71 25.62 12.87 38.23
C LYS B 71 25.94 14.07 37.34
N GLU A 1 6.43 1.31 -14.70
CA GLU A 1 6.59 2.30 -13.64
C GLU A 1 5.52 3.39 -13.76
N THR A 2 4.29 3.04 -13.43
CA THR A 2 3.17 3.98 -13.50
C THR A 2 2.03 3.55 -12.61
N LYS A 3 2.35 2.82 -11.54
CA LYS A 3 1.34 2.35 -10.60
C LYS A 3 0.40 3.47 -10.19
N TYR A 4 0.94 4.50 -9.58
CA TYR A 4 0.15 5.65 -9.14
C TYR A 4 0.99 6.91 -9.08
N GLU A 5 1.89 6.98 -8.11
CA GLU A 5 2.75 8.14 -7.95
C GLU A 5 3.69 7.96 -6.76
N LEU A 6 3.14 8.11 -5.55
CA LEU A 6 3.92 7.96 -4.33
C LEU A 6 5.20 8.80 -4.40
N ASN A 7 5.06 10.02 -4.89
CA ASN A 7 6.20 10.93 -5.01
C ASN A 7 6.71 11.34 -3.63
N ASN A 8 5.80 11.79 -2.77
CA ASN A 8 6.16 12.21 -1.42
C ASN A 8 6.56 11.01 -0.57
N THR A 9 5.91 9.88 -0.81
CA THR A 9 6.19 8.66 -0.07
C THR A 9 7.65 8.24 -0.23
N LYS A 10 8.13 8.26 -1.47
CA LYS A 10 9.51 7.89 -1.76
C LYS A 10 10.48 8.71 -0.93
N LYS A 11 10.15 9.98 -0.72
CA LYS A 11 10.99 10.88 0.06
C LYS A 11 10.90 10.55 1.55
N VAL A 12 9.73 10.09 1.98
CA VAL A 12 9.53 9.75 3.38
C VAL A 12 10.33 8.52 3.77
N ALA A 13 10.42 7.56 2.85
CA ALA A 13 11.16 6.33 3.10
C ALA A 13 12.67 6.59 3.11
N ASN A 14 13.11 7.49 2.22
CA ASN A 14 14.53 7.82 2.13
C ASN A 14 15.02 8.46 3.43
N ALA A 15 14.09 8.99 4.21
CA ALA A 15 14.43 9.63 5.47
C ALA A 15 14.99 8.62 6.47
N PHE A 16 14.42 7.41 6.45
CA PHE A 16 14.87 6.35 7.35
C PHE A 16 16.38 6.16 7.27
N GLY A 17 16.94 6.45 6.10
CA GLY A 17 18.37 6.30 5.91
C GLY A 17 18.77 4.91 5.45
N LEU A 18 18.97 4.76 4.15
CA LEU A 18 19.34 3.46 3.58
C LEU A 18 20.33 3.64 2.44
N ASN A 19 19.82 4.08 1.29
CA ASN A 19 20.66 4.30 0.11
C ASN A 19 19.83 4.83 -1.05
N GLU A 20 19.03 3.95 -1.65
CA GLU A 20 18.19 4.32 -2.78
C GLU A 20 17.36 3.13 -3.27
N GLU A 21 18.01 1.97 -3.35
CA GLU A 21 17.33 0.76 -3.80
C GLU A 21 16.34 0.26 -2.75
N ASP A 22 16.73 0.37 -1.49
CA ASP A 22 15.88 -0.07 -0.38
C ASP A 22 14.56 0.70 -0.38
N THR A 23 14.65 2.01 -0.61
CA THR A 23 13.46 2.86 -0.63
C THR A 23 12.48 2.40 -1.70
N ASN A 24 13.00 2.14 -2.89
CA ASN A 24 12.16 1.70 -4.00
C ASN A 24 11.61 0.30 -3.75
N LEU A 25 12.42 -0.55 -3.14
CA LEU A 25 12.02 -1.92 -2.84
C LEU A 25 10.81 -1.94 -1.91
N LEU A 26 10.81 -1.03 -0.93
CA LEU A 26 9.71 -0.93 0.02
C LEU A 26 8.41 -0.56 -0.68
N ILE A 27 8.47 0.47 -1.52
CA ILE A 27 7.29 0.92 -2.25
C ILE A 27 6.71 -0.20 -3.10
N ASN A 28 7.57 -1.10 -3.57
CA ASN A 28 7.15 -2.22 -4.38
C ASN A 28 6.24 -3.17 -3.59
N ALA A 29 6.59 -3.39 -2.34
CA ALA A 29 5.82 -4.27 -1.47
C ALA A 29 4.51 -3.60 -1.05
N VAL A 30 4.58 -2.33 -0.70
CA VAL A 30 3.41 -1.57 -0.27
C VAL A 30 2.44 -1.36 -1.43
N ASP A 31 2.97 -0.83 -2.54
CA ASP A 31 2.15 -0.58 -3.72
C ASP A 31 1.51 -1.87 -4.22
N LEU A 32 2.29 -2.94 -4.25
CA LEU A 32 1.80 -4.24 -4.71
C LEU A 32 0.64 -4.73 -3.84
N ASP A 33 0.73 -4.42 -2.54
CA ASP A 33 -0.31 -4.82 -1.60
C ASP A 33 -1.64 -4.14 -1.93
N ILE A 34 -1.58 -2.83 -2.16
CA ILE A 34 -2.78 -2.06 -2.48
C ILE A 34 -3.36 -2.47 -3.83
N LYS A 35 -2.47 -2.71 -4.80
CA LYS A 35 -2.90 -3.12 -6.13
C LYS A 35 -3.70 -4.41 -6.08
N ASN A 36 -3.28 -5.33 -5.21
CA ASN A 36 -3.96 -6.61 -5.07
C ASN A 36 -5.39 -6.41 -4.54
N ASN A 37 -5.57 -5.35 -3.76
CA ASN A 37 -6.88 -5.05 -3.20
C ASN A 37 -7.74 -4.25 -4.18
N MET A 38 -7.10 -3.75 -5.24
CA MET A 38 -7.79 -2.98 -6.26
C MET A 38 -9.00 -3.75 -6.80
N GLN A 39 -8.93 -5.07 -6.74
CA GLN A 39 -10.01 -5.92 -7.22
C GLN A 39 -11.31 -5.64 -6.45
N GLU A 40 -11.17 -5.05 -5.28
CA GLU A 40 -12.33 -4.73 -4.44
C GLU A 40 -12.65 -3.23 -4.53
N ILE A 41 -11.86 -2.42 -3.85
CA ILE A 41 -12.07 -0.98 -3.84
C ILE A 41 -13.49 -0.63 -3.47
N SER A 42 -13.75 -0.48 -2.18
CA SER A 42 -15.08 -0.16 -1.68
C SER A 42 -15.47 1.26 -2.08
N SER A 43 -16.63 1.40 -2.72
CA SER A 43 -17.12 2.70 -3.15
C SER A 43 -16.18 3.32 -4.18
N GLU A 44 -16.55 3.21 -5.45
CA GLU A 44 -15.73 3.75 -6.53
C GLU A 44 -15.80 5.27 -6.55
N LEU A 45 -16.93 5.81 -6.11
CA LEU A 45 -17.11 7.26 -6.08
C LEU A 45 -17.06 7.85 -7.48
N GLN A 46 -17.18 9.18 -7.57
CA GLN A 46 -17.15 9.87 -8.85
C GLN A 46 -16.96 11.36 -8.65
N GLN A 47 -16.92 12.10 -9.77
CA GLN A 47 -16.75 13.55 -9.72
C GLN A 47 -18.09 14.26 -9.65
N SER A 48 -18.89 13.91 -8.65
CA SER A 48 -20.21 14.51 -8.47
C SER A 48 -20.65 14.45 -7.02
N GLU A 49 -21.90 14.80 -6.77
CA GLU A 49 -22.45 14.78 -5.42
C GLU A 49 -23.39 13.59 -5.22
N GLN A 50 -23.11 12.51 -5.92
CA GLN A 50 -23.92 11.31 -5.84
C GLN A 50 -23.36 10.19 -6.71
N SER A 51 -22.73 9.21 -6.07
CA SER A 51 -22.13 8.09 -6.79
C SER A 51 -22.33 6.78 -6.02
N LYS A 52 -21.73 6.70 -4.84
CA LYS A 52 -21.85 5.52 -4.00
C LYS A 52 -21.46 5.82 -2.56
N GLN A 53 -21.75 4.89 -1.66
CA GLN A 53 -21.44 5.07 -0.24
C GLN A 53 -21.01 3.75 0.38
N LYS A 54 -21.94 2.79 0.42
CA LYS A 54 -21.65 1.48 1.00
C LYS A 54 -22.74 0.48 0.62
N GLN A 55 -22.42 -0.81 0.72
CA GLN A 55 -23.37 -1.86 0.40
C GLN A 55 -23.44 -2.90 1.52
N TYR A 56 -22.37 -3.68 1.66
CA TYR A 56 -22.31 -4.72 2.69
C TYR A 56 -23.54 -5.63 2.62
N GLY A 57 -23.43 -6.67 1.81
CA GLY A 57 -24.54 -7.61 1.66
C GLY A 57 -24.08 -9.04 1.50
N THR A 58 -24.79 -9.96 2.14
CA THR A 58 -24.43 -11.38 2.07
C THR A 58 -25.46 -12.23 2.79
N THR A 59 -25.95 -13.27 2.10
CA THR A 59 -26.94 -14.16 2.69
C THR A 59 -26.67 -15.61 2.28
N LEU A 60 -26.77 -16.51 3.25
CA LEU A 60 -26.54 -17.94 3.00
C LEU A 60 -27.73 -18.56 2.27
N GLN A 61 -27.47 -19.64 1.54
CA GLN A 61 -28.51 -20.32 0.80
C GLN A 61 -28.35 -21.84 0.89
N ASN A 62 -27.95 -22.30 2.08
CA ASN A 62 -27.75 -23.74 2.30
C ASN A 62 -29.08 -24.49 2.28
N LEU A 63 -29.89 -24.28 3.31
CA LEU A 63 -31.19 -24.93 3.39
C LEU A 63 -31.05 -26.45 3.32
N ALA A 64 -30.22 -27.00 4.21
CA ALA A 64 -30.00 -28.45 4.24
C ALA A 64 -30.86 -29.11 5.31
N LYS A 65 -31.05 -30.42 5.19
CA LYS A 65 -31.85 -31.17 6.15
C LYS A 65 -31.17 -32.49 6.50
N GLN A 66 -30.31 -32.47 7.52
CA GLN A 66 -29.61 -33.66 7.95
C GLN A 66 -29.89 -33.96 9.43
N ASN A 67 -29.21 -34.96 9.96
CA ASN A 67 -29.39 -35.36 11.36
C ASN A 67 -28.56 -34.47 12.28
N ARG A 68 -28.67 -34.71 13.59
CA ARG A 68 -27.93 -33.93 14.57
C ARG A 68 -26.43 -34.15 14.42
N ILE A 69 -25.67 -33.07 14.56
CA ILE A 69 -24.21 -33.15 14.44
C ILE A 69 -23.53 -32.59 15.69
N ILE A 70 -23.94 -31.39 16.10
CA ILE A 70 -23.37 -30.75 17.27
C ILE A 70 -21.86 -30.57 17.12
N LYS A 71 -21.46 -29.68 16.22
CA LYS A 71 -20.04 -29.41 15.98
C LYS A 71 -19.87 -28.26 15.01
N GLU B 1 -9.44 -4.99 7.23
CA GLU B 1 -9.37 -4.48 5.86
C GLU B 1 -9.41 -2.96 5.85
N THR B 2 -8.48 -2.34 6.54
CA THR B 2 -8.41 -0.88 6.60
C THR B 2 -7.21 -0.35 5.85
N LYS B 3 -6.15 -1.16 5.77
CA LYS B 3 -4.94 -0.77 5.07
C LYS B 3 -4.64 -1.74 3.93
N TYR B 4 -5.68 -2.26 3.31
CA TYR B 4 -5.53 -3.21 2.20
C TYR B 4 -4.70 -4.42 2.63
N GLU B 5 -4.70 -4.69 3.92
CA GLU B 5 -3.95 -5.83 4.46
C GLU B 5 -2.46 -5.65 4.20
N LEU B 6 -1.88 -4.60 4.77
CA LEU B 6 -0.46 -4.33 4.60
C LEU B 6 0.34 -4.87 5.77
N ASN B 7 -0.11 -5.98 6.33
CA ASN B 7 0.56 -6.61 7.47
C ASN B 7 2.01 -6.93 7.12
N ASN B 8 2.22 -7.59 5.98
CA ASN B 8 3.55 -7.95 5.54
C ASN B 8 4.41 -6.71 5.33
N THR B 9 3.78 -5.62 4.89
CA THR B 9 4.48 -4.37 4.65
C THR B 9 4.99 -3.77 5.96
N LYS B 10 4.19 -3.89 7.02
CA LYS B 10 4.56 -3.37 8.32
C LYS B 10 5.92 -3.90 8.76
N LYS B 11 6.20 -5.15 8.44
CA LYS B 11 7.46 -5.79 8.79
C LYS B 11 8.61 -5.23 7.94
N VAL B 12 8.29 -4.86 6.71
CA VAL B 12 9.29 -4.32 5.80
C VAL B 12 9.77 -2.95 6.26
N ALA B 13 8.84 -2.13 6.74
CA ALA B 13 9.18 -0.79 7.22
C ALA B 13 9.94 -0.86 8.54
N ASN B 14 9.54 -1.80 9.40
CA ASN B 14 10.18 -1.97 10.70
C ASN B 14 11.62 -2.44 10.54
N ALA B 15 11.91 -3.05 9.40
CA ALA B 15 13.25 -3.56 9.12
C ALA B 15 14.29 -2.46 9.28
N PHE B 16 13.98 -1.28 8.76
CA PHE B 16 14.89 -0.14 8.85
C PHE B 16 15.27 0.14 10.30
N GLY B 17 14.38 -0.23 11.22
CA GLY B 17 14.63 -0.01 12.62
C GLY B 17 14.20 1.37 13.08
N LEU B 18 13.00 1.45 13.66
CA LEU B 18 12.46 2.73 14.14
C LEU B 18 11.89 2.58 15.54
N ASN B 19 10.73 1.95 15.64
CA ASN B 19 10.07 1.74 16.93
C ASN B 19 8.76 0.99 16.76
N GLU B 20 7.74 1.69 16.25
CA GLU B 20 6.43 1.07 16.04
C GLU B 20 5.50 2.05 15.32
N GLU B 21 5.42 3.27 15.83
CA GLU B 21 4.55 4.29 15.24
C GLU B 21 5.12 4.76 13.90
N ASP B 22 6.44 4.86 13.82
CA ASP B 22 7.10 5.29 12.60
C ASP B 22 6.82 4.33 11.45
N THR B 23 6.73 3.04 11.77
CA THR B 23 6.46 2.02 10.77
C THR B 23 5.04 2.13 10.23
N ASN B 24 4.08 2.24 11.13
CA ASN B 24 2.68 2.35 10.75
C ASN B 24 2.42 3.69 10.06
N LEU B 25 3.06 4.74 10.55
CA LEU B 25 2.90 6.07 9.98
C LEU B 25 3.32 6.10 8.52
N LEU B 26 4.37 5.36 8.19
CA LEU B 26 4.87 5.29 6.83
C LEU B 26 3.83 4.69 5.89
N ILE B 27 3.27 3.56 6.30
CA ILE B 27 2.26 2.88 5.50
C ILE B 27 1.03 3.78 5.29
N ASN B 28 0.76 4.64 6.26
CA ASN B 28 -0.37 5.55 6.18
C ASN B 28 -0.22 6.52 5.01
N ALA B 29 1.00 6.98 4.79
CA ALA B 29 1.29 7.90 3.71
C ALA B 29 1.26 7.19 2.36
N VAL B 30 1.83 5.98 2.32
CA VAL B 30 1.86 5.19 1.10
C VAL B 30 0.46 4.73 0.69
N ASP B 31 -0.25 4.12 1.62
CA ASP B 31 -1.60 3.63 1.36
C ASP B 31 -2.52 4.79 0.99
N LEU B 32 -2.36 5.91 1.67
CA LEU B 32 -3.18 7.09 1.40
C LEU B 32 -2.78 7.75 0.10
N ASP B 33 -1.49 7.71 -0.21
CA ASP B 33 -0.97 8.30 -1.44
C ASP B 33 -1.57 7.62 -2.67
N ILE B 34 -1.57 6.29 -2.66
CA ILE B 34 -2.11 5.53 -3.78
C ILE B 34 -3.62 5.72 -3.89
N LYS B 35 -4.30 5.65 -2.75
CA LYS B 35 -5.75 5.81 -2.72
C LYS B 35 -6.14 7.22 -3.15
N ASN B 36 -5.35 8.20 -2.75
CA ASN B 36 -5.62 9.59 -3.10
C ASN B 36 -5.57 9.80 -4.61
N ASN B 37 -4.69 9.06 -5.27
CA ASN B 37 -4.55 9.15 -6.72
C ASN B 37 -5.55 8.26 -7.43
N MET B 38 -5.63 7.01 -7.01
CA MET B 38 -6.55 6.05 -7.60
C MET B 38 -6.56 6.17 -9.13
N GLN B 39 -5.37 6.32 -9.70
CA GLN B 39 -5.25 6.45 -11.15
C GLN B 39 -4.77 5.15 -11.79
N GLU B 40 -5.24 4.03 -11.23
CA GLU B 40 -4.86 2.71 -11.74
C GLU B 40 -5.71 1.62 -11.10
N ILE B 41 -6.99 1.58 -11.46
CA ILE B 41 -7.90 0.59 -10.93
C ILE B 41 -8.93 0.15 -11.98
N SER B 42 -9.88 -0.67 -11.56
CA SER B 42 -10.92 -1.15 -12.46
C SER B 42 -11.60 0.01 -13.17
N SER B 43 -12.39 -0.32 -14.20
CA SER B 43 -13.09 0.69 -14.97
C SER B 43 -14.60 0.47 -14.92
N GLU B 44 -15.34 1.21 -15.74
CA GLU B 44 -16.79 1.09 -15.78
C GLU B 44 -17.21 -0.37 -15.96
N LEU B 45 -16.37 -1.15 -16.64
CA LEU B 45 -16.66 -2.55 -16.87
C LEU B 45 -15.43 -3.42 -16.59
N GLN B 46 -15.41 -4.05 -15.42
CA GLN B 46 -14.29 -4.90 -15.02
C GLN B 46 -14.52 -5.50 -13.65
N GLN B 47 -13.92 -6.66 -13.40
CA GLN B 47 -14.07 -7.35 -12.13
C GLN B 47 -13.25 -8.63 -12.11
N SER B 48 -13.30 -9.34 -10.98
CA SER B 48 -12.56 -10.59 -10.83
C SER B 48 -13.31 -11.55 -9.93
N GLU B 49 -13.29 -11.28 -8.62
CA GLU B 49 -13.98 -12.13 -7.65
C GLU B 49 -13.86 -11.56 -6.25
N GLN B 50 -14.59 -12.14 -5.31
CA GLN B 50 -14.57 -11.69 -3.92
C GLN B 50 -15.48 -12.55 -3.05
N SER B 51 -14.93 -13.63 -2.51
CA SER B 51 -15.69 -14.54 -1.66
C SER B 51 -14.76 -15.42 -0.83
N LYS B 52 -15.33 -16.13 0.13
CA LYS B 52 -14.56 -17.01 1.00
C LYS B 52 -15.48 -17.86 1.86
N GLN B 53 -15.34 -19.18 1.75
CA GLN B 53 -16.16 -20.10 2.53
C GLN B 53 -15.79 -21.55 2.21
N LYS B 54 -14.86 -22.10 3.00
CA LYS B 54 -14.42 -23.48 2.81
C LYS B 54 -15.58 -24.45 3.00
N GLN B 55 -15.96 -24.66 4.25
CA GLN B 55 -17.06 -25.57 4.57
C GLN B 55 -17.32 -25.60 6.08
N TYR B 56 -18.18 -26.52 6.50
CA TYR B 56 -18.51 -26.66 7.92
C TYR B 56 -19.43 -27.86 8.14
N GLY B 57 -18.84 -29.04 8.29
CA GLY B 57 -19.61 -30.24 8.52
C GLY B 57 -18.88 -31.25 9.38
N THR B 58 -19.60 -32.28 9.83
CA THR B 58 -19.02 -33.31 10.66
C THR B 58 -20.03 -34.40 10.97
N THR B 59 -19.60 -35.42 11.71
CA THR B 59 -20.47 -36.53 12.08
C THR B 59 -20.23 -36.95 13.53
N LEU B 60 -21.25 -37.58 14.12
CA LEU B 60 -21.16 -38.03 15.51
C LEU B 60 -22.05 -39.24 15.74
N GLN B 61 -21.44 -40.37 16.07
CA GLN B 61 -22.19 -41.59 16.33
C GLN B 61 -22.50 -41.75 17.81
N ASN B 62 -23.63 -42.37 18.11
CA ASN B 62 -24.04 -42.58 19.49
C ASN B 62 -24.06 -44.07 19.83
N LEU B 63 -24.97 -44.80 19.21
CA LEU B 63 -25.10 -46.24 19.45
C LEU B 63 -25.44 -46.52 20.91
N ALA B 64 -26.73 -46.48 21.22
CA ALA B 64 -27.18 -46.74 22.59
C ALA B 64 -28.67 -47.08 22.61
N LYS B 65 -29.03 -48.10 23.38
CA LYS B 65 -30.42 -48.53 23.48
C LYS B 65 -30.57 -49.64 24.53
N GLN B 66 -31.81 -49.87 24.95
CA GLN B 66 -32.08 -50.91 25.95
C GLN B 66 -33.58 -51.10 26.13
N ASN B 67 -34.01 -52.35 26.23
CA ASN B 67 -35.42 -52.66 26.40
C ASN B 67 -35.60 -53.88 27.31
N ARG B 68 -36.85 -54.22 27.60
CA ARG B 68 -37.16 -55.35 28.46
C ARG B 68 -38.49 -55.99 28.07
N ILE B 69 -38.88 -57.03 28.80
CA ILE B 69 -40.13 -57.72 28.53
C ILE B 69 -40.34 -58.88 29.50
N ILE B 70 -41.04 -58.60 30.60
CA ILE B 70 -41.31 -59.62 31.61
C ILE B 70 -42.78 -59.97 31.64
N LYS B 71 -43.11 -61.08 32.29
CA LYS B 71 -44.48 -61.54 32.41
C LYS B 71 -45.03 -61.29 33.81
N GLU A 1 1.30 6.86 -12.62
CA GLU A 1 1.74 6.55 -13.98
C GLU A 1 1.94 5.06 -14.16
N THR A 2 2.99 4.53 -13.55
CA THR A 2 3.29 3.10 -13.63
C THR A 2 2.94 2.38 -12.35
N LYS A 3 3.12 3.06 -11.22
CA LYS A 3 2.82 2.49 -9.91
C LYS A 3 2.87 3.55 -8.83
N TYR A 4 2.49 4.77 -9.17
CA TYR A 4 2.50 5.87 -8.21
C TYR A 4 3.92 6.23 -7.82
N GLU A 5 4.49 7.24 -8.47
CA GLU A 5 5.84 7.69 -8.18
C GLU A 5 6.10 7.71 -6.68
N LEU A 6 5.10 8.18 -5.92
CA LEU A 6 5.22 8.26 -4.48
C LEU A 6 6.49 8.98 -4.07
N ASN A 7 6.66 10.20 -4.58
CA ASN A 7 7.84 11.01 -4.27
C ASN A 7 7.87 11.37 -2.79
N ASN A 8 6.76 11.91 -2.29
CA ASN A 8 6.67 12.31 -0.89
C ASN A 8 6.85 11.10 0.03
N THR A 9 6.28 9.97 -0.36
CA THR A 9 6.38 8.75 0.43
C THR A 9 7.79 8.20 0.39
N LYS A 10 8.36 8.12 -0.80
CA LYS A 10 9.72 7.60 -0.97
C LYS A 10 10.70 8.37 -0.10
N LYS A 11 10.48 9.67 0.04
CA LYS A 11 11.34 10.52 0.85
C LYS A 11 11.30 10.10 2.32
N VAL A 12 10.15 9.58 2.74
CA VAL A 12 9.98 9.14 4.13
C VAL A 12 10.83 7.91 4.41
N ALA A 13 10.77 6.93 3.51
CA ALA A 13 11.54 5.70 3.67
C ALA A 13 13.03 5.95 3.45
N ASN A 14 13.34 6.93 2.61
CA ASN A 14 14.73 7.28 2.32
C ASN A 14 15.39 7.97 3.51
N ALA A 15 14.56 8.58 4.35
CA ALA A 15 15.06 9.28 5.53
C ALA A 15 15.63 8.29 6.55
N PHE A 16 15.12 7.07 6.54
CA PHE A 16 15.56 6.04 7.46
C PHE A 16 17.09 5.88 7.40
N GLY A 17 17.66 6.18 6.24
CA GLY A 17 19.10 6.07 6.08
C GLY A 17 19.52 4.71 5.54
N LEU A 18 19.73 4.64 4.23
CA LEU A 18 20.13 3.40 3.59
C LEU A 18 20.93 3.67 2.33
N ASN A 19 20.25 4.09 1.27
CA ASN A 19 20.90 4.39 0.00
C ASN A 19 19.89 4.87 -1.03
N GLU A 20 19.10 3.94 -1.56
CA GLU A 20 18.09 4.25 -2.56
C GLU A 20 17.33 3.01 -3.00
N GLU A 21 18.05 1.90 -3.13
CA GLU A 21 17.45 0.64 -3.55
C GLU A 21 16.39 0.20 -2.55
N ASP A 22 16.71 0.31 -1.26
CA ASP A 22 15.79 -0.08 -0.20
C ASP A 22 14.53 0.79 -0.23
N THR A 23 14.69 2.05 -0.65
CA THR A 23 13.58 2.98 -0.72
C THR A 23 12.58 2.55 -1.79
N ASN A 24 13.09 2.25 -2.99
CA ASN A 24 12.24 1.83 -4.09
C ASN A 24 11.63 0.46 -3.82
N LEU A 25 12.42 -0.44 -3.26
CA LEU A 25 11.95 -1.79 -2.94
C LEU A 25 10.79 -1.74 -1.97
N LEU A 26 10.85 -0.82 -1.01
CA LEU A 26 9.80 -0.68 -0.01
C LEU A 26 8.48 -0.29 -0.67
N ILE A 27 8.53 0.68 -1.57
CA ILE A 27 7.34 1.13 -2.28
C ILE A 27 6.77 0.03 -3.17
N ASN A 28 7.66 -0.82 -3.67
CA ASN A 28 7.24 -1.91 -4.55
C ASN A 28 6.34 -2.89 -3.80
N ALA A 29 6.64 -3.11 -2.52
CA ALA A 29 5.85 -4.01 -1.70
C ALA A 29 4.48 -3.41 -1.38
N VAL A 30 4.48 -2.15 -0.97
CA VAL A 30 3.23 -1.46 -0.63
C VAL A 30 2.37 -1.25 -1.87
N ASP A 31 2.97 -0.66 -2.90
CA ASP A 31 2.26 -0.40 -4.15
C ASP A 31 1.61 -1.66 -4.69
N LEU A 32 2.34 -2.77 -4.56
CA LEU A 32 1.84 -4.06 -5.05
C LEU A 32 0.73 -4.60 -4.14
N ASP A 33 0.89 -4.37 -2.84
CA ASP A 33 -0.10 -4.83 -1.87
C ASP A 33 -1.45 -4.16 -2.11
N ILE A 34 -1.44 -2.85 -2.30
CA ILE A 34 -2.67 -2.11 -2.55
C ILE A 34 -3.28 -2.48 -3.90
N LYS A 35 -2.43 -2.65 -4.90
CA LYS A 35 -2.89 -3.00 -6.24
C LYS A 35 -3.65 -4.33 -6.21
N ASN A 36 -3.17 -5.27 -5.42
CA ASN A 36 -3.80 -6.58 -5.30
C ASN A 36 -5.18 -6.46 -4.66
N ASN A 37 -5.32 -5.51 -3.73
CA ASN A 37 -6.58 -5.28 -3.04
C ASN A 37 -7.62 -4.69 -3.99
N MET A 38 -7.17 -4.27 -5.16
CA MET A 38 -8.06 -3.69 -6.16
C MET A 38 -9.26 -4.60 -6.41
N GLN A 39 -9.05 -5.90 -6.27
CA GLN A 39 -10.12 -6.87 -6.47
C GLN A 39 -11.34 -6.53 -5.61
N GLU A 40 -11.09 -5.88 -4.48
CA GLU A 40 -12.17 -5.50 -3.57
C GLU A 40 -12.66 -4.09 -3.88
N ILE A 41 -11.83 -3.10 -3.58
CA ILE A 41 -12.19 -1.71 -3.83
C ILE A 41 -12.67 -1.50 -5.25
N SER A 42 -13.64 -0.61 -5.43
CA SER A 42 -14.19 -0.33 -6.74
C SER A 42 -13.08 0.00 -7.74
N SER A 43 -13.29 -0.38 -9.00
CA SER A 43 -12.30 -0.13 -10.04
C SER A 43 -12.89 -0.40 -11.42
N GLU A 44 -13.54 0.60 -12.00
CA GLU A 44 -14.15 0.46 -13.31
C GLU A 44 -13.15 -0.07 -14.32
N LEU A 45 -12.12 0.71 -14.60
CA LEU A 45 -11.08 0.32 -15.56
C LEU A 45 -10.54 -1.06 -15.22
N GLN A 46 -9.74 -1.62 -16.13
CA GLN A 46 -9.16 -2.94 -15.92
C GLN A 46 -7.91 -3.11 -16.79
N GLN A 47 -7.26 -4.26 -16.65
CA GLN A 47 -6.05 -4.55 -17.42
C GLN A 47 -6.40 -5.05 -18.82
N SER A 48 -5.40 -5.53 -19.54
CA SER A 48 -5.60 -6.03 -20.89
C SER A 48 -6.25 -7.40 -20.87
N GLU A 49 -7.54 -7.45 -20.56
CA GLU A 49 -8.27 -8.71 -20.50
C GLU A 49 -9.77 -8.45 -20.52
N GLN A 50 -10.38 -8.59 -21.70
CA GLN A 50 -11.81 -8.38 -21.85
C GLN A 50 -12.59 -9.64 -21.50
N SER A 51 -12.92 -9.80 -20.22
CA SER A 51 -13.65 -10.97 -19.76
C SER A 51 -14.01 -10.84 -18.29
N LYS A 52 -14.78 -11.80 -17.78
CA LYS A 52 -15.20 -11.79 -16.38
C LYS A 52 -14.56 -12.96 -15.63
N GLN A 53 -13.34 -12.75 -15.13
CA GLN A 53 -12.63 -13.78 -14.38
C GLN A 53 -11.80 -13.16 -13.27
N LYS A 54 -12.46 -12.71 -12.21
CA LYS A 54 -11.78 -12.09 -11.08
C LYS A 54 -11.04 -13.15 -10.26
N GLN A 55 -9.89 -12.76 -9.71
CA GLN A 55 -9.09 -13.67 -8.91
C GLN A 55 -8.45 -12.94 -7.73
N TYR A 56 -8.46 -13.60 -6.57
CA TYR A 56 -7.89 -13.00 -5.36
C TYR A 56 -6.73 -13.85 -4.83
N GLY A 57 -5.76 -13.19 -4.23
CA GLY A 57 -4.61 -13.90 -3.68
C GLY A 57 -3.30 -13.20 -3.99
N THR A 58 -2.22 -13.64 -3.37
CA THR A 58 -0.90 -13.06 -3.58
C THR A 58 -0.48 -13.17 -5.04
N THR A 59 0.15 -12.12 -5.55
CA THR A 59 0.61 -12.09 -6.93
C THR A 59 2.06 -12.55 -7.04
N LEU A 60 2.46 -12.98 -8.23
CA LEU A 60 3.82 -13.44 -8.46
C LEU A 60 4.18 -13.35 -9.94
N GLN A 61 4.93 -12.31 -10.29
CA GLN A 61 5.35 -12.11 -11.68
C GLN A 61 6.45 -13.09 -12.06
N ASN A 62 6.71 -13.19 -13.36
CA ASN A 62 7.74 -14.10 -13.86
C ASN A 62 8.82 -13.33 -14.61
N LEU A 63 8.40 -12.36 -15.42
CA LEU A 63 9.33 -11.55 -16.19
C LEU A 63 10.11 -12.41 -17.19
N ALA A 64 9.53 -12.57 -18.38
CA ALA A 64 10.16 -13.36 -19.42
C ALA A 64 9.89 -12.77 -20.80
N LYS A 65 10.93 -12.58 -21.58
CA LYS A 65 10.81 -12.01 -22.93
C LYS A 65 10.20 -10.62 -22.87
N GLN A 66 10.16 -9.96 -24.03
CA GLN A 66 9.60 -8.61 -24.11
C GLN A 66 8.87 -8.41 -25.44
N ASN A 67 7.96 -9.33 -25.76
CA ASN A 67 7.19 -9.25 -26.99
C ASN A 67 6.40 -7.95 -27.06
N ARG A 68 5.97 -7.58 -28.26
CA ARG A 68 5.21 -6.36 -28.46
C ARG A 68 5.99 -5.15 -27.97
N ILE A 69 6.71 -4.50 -28.88
CA ILE A 69 7.50 -3.33 -28.53
C ILE A 69 6.73 -2.05 -28.83
N ILE A 70 5.81 -2.13 -29.79
CA ILE A 70 5.00 -0.98 -30.16
C ILE A 70 4.03 -0.59 -29.05
N LYS A 71 3.66 -1.58 -28.23
CA LYS A 71 2.74 -1.34 -27.12
C LYS A 71 2.59 -2.60 -26.27
N GLU B 1 -5.93 -6.19 7.78
CA GLU B 1 -7.38 -6.09 7.64
C GLU B 1 -7.85 -4.67 7.92
N THR B 2 -6.98 -3.70 7.67
CA THR B 2 -7.30 -2.30 7.90
C THR B 2 -6.42 -1.38 7.06
N LYS B 3 -5.93 -1.91 5.94
CA LYS B 3 -5.08 -1.13 5.04
C LYS B 3 -4.67 -1.97 3.83
N TYR B 4 -5.66 -2.53 3.15
CA TYR B 4 -5.41 -3.35 1.98
C TYR B 4 -4.52 -4.55 2.33
N GLU B 5 -4.57 -4.96 3.59
CA GLU B 5 -3.77 -6.09 4.05
C GLU B 5 -2.28 -5.81 3.88
N LEU B 6 -1.80 -4.77 4.55
CA LEU B 6 -0.39 -4.40 4.47
C LEU B 6 0.39 -4.97 5.65
N ASN B 7 -0.01 -6.14 6.12
CA ASN B 7 0.65 -6.79 7.25
C ASN B 7 2.13 -7.02 6.95
N ASN B 8 2.41 -7.62 5.79
CA ASN B 8 3.79 -7.89 5.39
C ASN B 8 4.57 -6.60 5.22
N THR B 9 3.90 -5.57 4.72
CA THR B 9 4.55 -4.27 4.51
C THR B 9 5.07 -3.70 5.82
N LYS B 10 4.28 -3.81 6.87
CA LYS B 10 4.67 -3.31 8.19
C LYS B 10 6.00 -3.91 8.62
N LYS B 11 6.21 -5.17 8.27
CA LYS B 11 7.45 -5.87 8.63
C LYS B 11 8.64 -5.28 7.87
N VAL B 12 8.39 -4.83 6.65
CA VAL B 12 9.44 -4.25 5.82
C VAL B 12 9.90 -2.91 6.38
N ALA B 13 8.94 -2.06 6.73
CA ALA B 13 9.25 -0.75 7.29
C ALA B 13 9.76 -0.86 8.72
N ASN B 14 9.20 -1.81 9.47
CA ASN B 14 9.61 -2.03 10.86
C ASN B 14 10.96 -2.73 10.93
N ALA B 15 11.32 -3.41 9.85
CA ALA B 15 12.59 -4.12 9.79
C ALA B 15 13.76 -3.21 10.14
N PHE B 16 13.65 -1.94 9.74
CA PHE B 16 14.69 -0.96 10.01
C PHE B 16 14.96 -0.85 11.50
N GLY B 17 13.96 -1.21 12.30
CA GLY B 17 14.11 -1.14 13.75
C GLY B 17 14.37 0.26 14.24
N LEU B 18 13.31 1.05 14.37
CA LEU B 18 13.43 2.43 14.83
C LEU B 18 12.06 3.07 14.99
N ASN B 19 11.50 2.96 16.20
CA ASN B 19 10.19 3.53 16.49
C ASN B 19 9.10 2.85 15.67
N GLU B 20 8.52 1.79 16.22
CA GLU B 20 7.47 1.05 15.55
C GLU B 20 6.38 1.99 15.03
N GLU B 21 6.17 3.09 15.74
CA GLU B 21 5.16 4.07 15.36
C GLU B 21 5.46 4.64 13.96
N ASP B 22 6.74 4.87 13.69
CA ASP B 22 7.15 5.40 12.40
C ASP B 22 6.73 4.48 11.26
N THR B 23 6.70 3.19 11.54
CA THR B 23 6.32 2.20 10.54
C THR B 23 4.84 2.30 10.21
N ASN B 24 4.01 2.44 11.24
CA ASN B 24 2.57 2.55 11.06
C ASN B 24 2.20 3.87 10.38
N LEU B 25 2.92 4.93 10.72
CA LEU B 25 2.67 6.24 10.15
C LEU B 25 3.07 6.27 8.67
N LEU B 26 4.16 5.58 8.34
CA LEU B 26 4.64 5.53 6.98
C LEU B 26 3.61 4.88 6.05
N ILE B 27 3.09 3.74 6.48
CA ILE B 27 2.08 3.02 5.69
C ILE B 27 0.87 3.91 5.41
N ASN B 28 0.58 4.81 6.34
CA ASN B 28 -0.56 5.72 6.21
C ASN B 28 -0.36 6.65 5.02
N ALA B 29 0.87 7.12 4.84
CA ALA B 29 1.19 8.02 3.75
C ALA B 29 1.22 7.28 2.41
N VAL B 30 1.80 6.08 2.42
CA VAL B 30 1.89 5.27 1.22
C VAL B 30 0.52 4.78 0.78
N ASP B 31 -0.21 4.17 1.70
CA ASP B 31 -1.55 3.66 1.41
C ASP B 31 -2.47 4.77 0.96
N LEU B 32 -2.34 5.93 1.59
CA LEU B 32 -3.17 7.09 1.25
C LEU B 32 -2.77 7.67 -0.10
N ASP B 33 -1.48 7.61 -0.41
CA ASP B 33 -0.98 8.12 -1.68
C ASP B 33 -1.59 7.37 -2.86
N ILE B 34 -1.62 6.04 -2.76
CA ILE B 34 -2.18 5.22 -3.82
C ILE B 34 -3.69 5.43 -3.94
N LYS B 35 -4.37 5.47 -2.79
CA LYS B 35 -5.80 5.67 -2.76
C LYS B 35 -6.18 7.04 -3.31
N ASN B 36 -5.36 8.04 -3.00
CA ASN B 36 -5.60 9.41 -3.46
C ASN B 36 -5.57 9.49 -4.98
N ASN B 37 -4.65 8.73 -5.59
CA ASN B 37 -4.51 8.72 -7.04
C ASN B 37 -5.54 7.78 -7.66
N MET B 38 -5.62 6.56 -7.14
CA MET B 38 -6.56 5.57 -7.65
C MET B 38 -6.56 5.55 -9.17
N GLN B 39 -5.37 5.68 -9.76
CA GLN B 39 -5.24 5.68 -11.22
C GLN B 39 -4.74 4.32 -11.71
N GLU B 40 -3.52 3.96 -11.33
CA GLU B 40 -2.94 2.69 -11.74
C GLU B 40 -3.77 1.52 -11.23
N ILE B 41 -4.61 1.78 -10.24
CA ILE B 41 -5.46 0.75 -9.65
C ILE B 41 -6.83 0.75 -10.31
N SER B 42 -6.91 1.28 -11.52
CA SER B 42 -8.17 1.34 -12.25
C SER B 42 -9.21 2.15 -11.49
N SER B 43 -9.38 3.41 -11.87
CA SER B 43 -10.34 4.29 -11.20
C SER B 43 -11.76 4.01 -11.70
N GLU B 44 -12.68 4.88 -11.33
CA GLU B 44 -14.08 4.74 -11.74
C GLU B 44 -14.34 5.48 -13.04
N LEU B 45 -13.48 5.24 -14.03
CA LEU B 45 -13.62 5.88 -15.33
C LEU B 45 -13.47 7.40 -15.22
N GLN B 46 -13.55 8.09 -16.35
CA GLN B 46 -13.43 9.54 -16.37
C GLN B 46 -12.04 9.97 -15.89
N GLN B 47 -11.01 9.27 -16.35
CA GLN B 47 -9.65 9.59 -15.96
C GLN B 47 -8.65 8.72 -16.72
N SER B 48 -7.36 9.03 -16.56
CA SER B 48 -6.31 8.28 -17.24
C SER B 48 -5.60 7.34 -16.27
N GLU B 49 -4.82 6.41 -16.81
CA GLU B 49 -4.09 5.45 -15.99
C GLU B 49 -3.18 4.58 -16.86
N GLN B 50 -2.56 3.58 -16.24
CA GLN B 50 -1.67 2.68 -16.95
C GLN B 50 -1.10 1.61 -16.01
N SER B 51 -1.71 0.44 -16.02
CA SER B 51 -1.28 -0.66 -15.16
C SER B 51 -0.83 -1.85 -15.99
N LYS B 52 -0.42 -2.92 -15.33
CA LYS B 52 0.03 -4.12 -16.00
C LYS B 52 -1.13 -5.08 -16.27
N GLN B 53 -0.80 -6.30 -16.69
CA GLN B 53 -1.82 -7.30 -16.98
C GLN B 53 -2.44 -7.83 -15.68
N LYS B 54 -1.59 -8.08 -14.69
CA LYS B 54 -2.06 -8.58 -13.40
C LYS B 54 -2.86 -9.88 -13.59
N GLN B 55 -2.17 -11.01 -13.52
CA GLN B 55 -2.82 -12.30 -13.67
C GLN B 55 -2.24 -13.32 -12.69
N TYR B 56 -2.67 -13.23 -11.44
CA TYR B 56 -2.20 -14.15 -10.40
C TYR B 56 -2.88 -13.85 -9.06
N GLY B 57 -3.06 -14.89 -8.26
CA GLY B 57 -3.69 -14.71 -6.96
C GLY B 57 -4.45 -15.95 -6.51
N THR B 58 -3.85 -16.71 -5.59
CA THR B 58 -4.48 -17.92 -5.08
C THR B 58 -3.87 -18.34 -3.75
N THR B 59 -4.51 -17.95 -2.65
CA THR B 59 -4.04 -18.29 -1.32
C THR B 59 -5.14 -18.16 -0.28
N LEU B 60 -5.46 -19.26 0.38
CA LEU B 60 -6.50 -19.27 1.40
C LEU B 60 -6.22 -20.33 2.46
N GLN B 61 -6.54 -20.01 3.71
CA GLN B 61 -6.32 -20.93 4.82
C GLN B 61 -6.90 -20.38 6.12
N ASN B 62 -6.51 -19.16 6.46
CA ASN B 62 -6.99 -18.51 7.67
C ASN B 62 -8.52 -18.55 7.74
N LEU B 63 -9.16 -17.78 6.86
CA LEU B 63 -10.61 -17.72 6.83
C LEU B 63 -11.17 -17.17 8.14
N ALA B 64 -10.37 -16.36 8.82
CA ALA B 64 -10.79 -15.76 10.08
C ALA B 64 -11.03 -16.82 11.14
N LYS B 65 -10.12 -16.92 12.10
CA LYS B 65 -10.24 -17.89 13.18
C LYS B 65 -10.31 -17.20 14.53
N GLN B 66 -11.50 -17.16 15.12
CA GLN B 66 -11.70 -16.53 16.42
C GLN B 66 -12.99 -17.02 17.07
N ASN B 67 -13.29 -16.48 18.25
CA ASN B 67 -14.50 -16.86 18.98
C ASN B 67 -14.90 -15.78 19.97
N ARG B 68 -14.15 -15.69 21.06
CA ARG B 68 -14.43 -14.69 22.10
C ARG B 68 -14.25 -13.28 21.56
N ILE B 69 -15.13 -12.38 21.98
CA ILE B 69 -15.08 -10.99 21.53
C ILE B 69 -14.91 -10.04 22.71
N ILE B 70 -15.49 -10.40 23.85
CA ILE B 70 -15.41 -9.58 25.05
C ILE B 70 -16.02 -8.20 24.82
N LYS B 71 -17.28 -8.03 25.22
CA LYS B 71 -17.96 -6.76 25.05
C LYS B 71 -17.70 -5.84 26.24
N GLU A 1 1.94 9.17 -12.21
CA GLU A 1 2.97 9.11 -13.23
C GLU A 1 3.53 7.70 -13.35
N THR A 2 3.75 7.06 -12.20
CA THR A 2 4.29 5.71 -12.17
C THR A 2 3.64 4.88 -11.07
N LYS A 3 3.94 5.23 -9.82
CA LYS A 3 3.40 4.52 -8.67
C LYS A 3 2.44 5.42 -7.89
N TYR A 4 1.41 5.92 -8.58
CA TYR A 4 0.43 6.80 -7.95
C TYR A 4 1.09 8.06 -7.39
N GLU A 5 2.25 8.40 -7.94
CA GLU A 5 2.98 9.58 -7.50
C GLU A 5 3.41 9.44 -6.04
N LEU A 6 4.27 8.46 -5.78
CA LEU A 6 4.76 8.22 -4.43
C LEU A 6 6.12 8.90 -4.21
N ASN A 7 6.31 10.04 -4.85
CA ASN A 7 7.56 10.78 -4.73
C ASN A 7 7.83 11.14 -3.28
N ASN A 8 6.84 11.74 -2.62
CA ASN A 8 6.98 12.13 -1.23
C ASN A 8 7.24 10.91 -0.34
N THR A 9 6.63 9.78 -0.71
CA THR A 9 6.79 8.55 0.06
C THR A 9 8.25 8.11 0.08
N LYS A 10 8.87 8.10 -1.10
CA LYS A 10 10.27 7.69 -1.22
C LYS A 10 11.16 8.51 -0.30
N LYS A 11 10.83 9.78 -0.14
CA LYS A 11 11.60 10.68 0.72
C LYS A 11 11.44 10.28 2.19
N VAL A 12 10.26 9.78 2.54
CA VAL A 12 9.98 9.36 3.91
C VAL A 12 10.80 8.13 4.29
N ALA A 13 10.84 7.15 3.39
CA ALA A 13 11.59 5.92 3.63
C ALA A 13 13.09 6.17 3.55
N ASN A 14 13.49 7.04 2.62
CA ASN A 14 14.91 7.36 2.46
C ASN A 14 15.51 7.88 3.76
N ALA A 15 14.66 8.44 4.62
CA ALA A 15 15.10 8.97 5.89
C ALA A 15 15.61 7.86 6.80
N PHE A 16 15.06 6.66 6.64
CA PHE A 16 15.45 5.51 7.45
C PHE A 16 16.96 5.27 7.35
N GLY A 17 17.56 5.70 6.25
CA GLY A 17 18.98 5.53 6.06
C GLY A 17 19.32 4.18 5.46
N LEU A 18 19.50 4.14 4.15
CA LEU A 18 19.84 2.90 3.46
C LEU A 18 20.78 3.17 2.28
N ASN A 19 20.22 3.71 1.20
CA ASN A 19 21.00 4.03 0.01
C ASN A 19 20.12 4.66 -1.06
N GLU A 20 19.30 3.85 -1.71
CA GLU A 20 18.40 4.34 -2.75
C GLU A 20 17.55 3.21 -3.31
N GLU A 21 18.17 2.05 -3.51
CA GLU A 21 17.46 0.88 -4.04
C GLU A 21 16.50 0.31 -3.00
N ASP A 22 16.92 0.30 -1.74
CA ASP A 22 16.09 -0.21 -0.66
C ASP A 22 14.79 0.57 -0.55
N THR A 23 14.88 1.89 -0.69
CA THR A 23 13.70 2.75 -0.60
C THR A 23 12.70 2.42 -1.69
N ASN A 24 13.18 2.28 -2.92
CA ASN A 24 12.32 1.96 -4.05
C ASN A 24 11.79 0.54 -3.93
N LEU A 25 12.62 -0.37 -3.45
CA LEU A 25 12.23 -1.76 -3.28
C LEU A 25 11.17 -1.90 -2.20
N LEU A 26 11.34 -1.16 -1.12
CA LEU A 26 10.40 -1.20 0.00
C LEU A 26 9.06 -0.59 -0.40
N ILE A 27 9.11 0.60 -1.01
CA ILE A 27 7.89 1.29 -1.44
C ILE A 27 7.11 0.43 -2.43
N ASN A 28 7.82 -0.38 -3.19
CA ASN A 28 7.19 -1.25 -4.18
C ASN A 28 6.30 -2.29 -3.50
N ALA A 29 6.81 -2.89 -2.44
CA ALA A 29 6.06 -3.90 -1.70
C ALA A 29 4.79 -3.31 -1.09
N VAL A 30 4.87 -2.06 -0.64
CA VAL A 30 3.73 -1.39 -0.05
C VAL A 30 2.60 -1.22 -1.06
N ASP A 31 2.93 -0.67 -2.21
CA ASP A 31 1.95 -0.45 -3.27
C ASP A 31 1.46 -1.78 -3.84
N LEU A 32 2.38 -2.73 -3.98
CA LEU A 32 2.04 -4.04 -4.52
C LEU A 32 0.94 -4.70 -3.69
N ASP A 33 0.99 -4.47 -2.38
CA ASP A 33 0.00 -5.05 -1.47
C ASP A 33 -1.37 -4.40 -1.67
N ILE A 34 -1.38 -3.07 -1.75
CA ILE A 34 -2.62 -2.33 -1.95
C ILE A 34 -3.22 -2.62 -3.32
N LYS A 35 -2.35 -2.69 -4.34
CA LYS A 35 -2.80 -2.96 -5.70
C LYS A 35 -3.59 -4.27 -5.76
N ASN A 36 -3.13 -5.27 -5.02
CA ASN A 36 -3.79 -6.57 -4.99
C ASN A 36 -5.19 -6.46 -4.40
N ASN A 37 -5.35 -5.55 -3.44
CA ASN A 37 -6.64 -5.35 -2.79
C ASN A 37 -7.50 -4.37 -3.59
N MET A 38 -6.86 -3.61 -4.47
CA MET A 38 -7.56 -2.64 -5.30
C MET A 38 -8.73 -3.29 -6.02
N GLN A 39 -8.60 -4.58 -6.32
CA GLN A 39 -9.65 -5.32 -7.01
C GLN A 39 -10.79 -5.64 -6.07
N GLU A 40 -10.47 -5.91 -4.81
CA GLU A 40 -11.47 -6.25 -3.81
C GLU A 40 -12.17 -4.99 -3.30
N ILE A 41 -11.43 -3.88 -3.26
CA ILE A 41 -11.98 -2.62 -2.80
C ILE A 41 -12.45 -1.76 -3.96
N SER A 42 -12.80 -2.42 -5.07
CA SER A 42 -13.27 -1.72 -6.26
C SER A 42 -14.72 -2.07 -6.55
N SER A 43 -14.95 -3.29 -7.05
CA SER A 43 -16.30 -3.73 -7.38
C SER A 43 -16.29 -5.16 -7.89
N GLU A 44 -15.72 -5.36 -9.08
CA GLU A 44 -15.64 -6.69 -9.69
C GLU A 44 -14.62 -6.70 -10.83
N LEU A 45 -14.87 -5.87 -11.83
CA LEU A 45 -13.97 -5.79 -12.99
C LEU A 45 -13.90 -4.36 -13.53
N GLN A 46 -13.23 -4.20 -14.66
CA GLN A 46 -13.10 -2.88 -15.27
C GLN A 46 -13.49 -2.93 -16.74
N GLN A 47 -13.29 -1.81 -17.45
CA GLN A 47 -13.62 -1.73 -18.86
C GLN A 47 -13.14 -0.42 -19.46
N SER A 48 -12.11 -0.51 -20.30
CA SER A 48 -11.54 0.67 -20.95
C SER A 48 -10.44 0.28 -21.92
N GLU A 49 -9.99 1.25 -22.71
CA GLU A 49 -8.95 1.01 -23.70
C GLU A 49 -9.40 -0.02 -24.74
N GLN A 50 -8.50 -0.36 -25.66
CA GLN A 50 -8.81 -1.32 -26.70
C GLN A 50 -9.94 -0.82 -27.59
N SER A 51 -9.57 -0.32 -28.77
CA SER A 51 -10.55 0.20 -29.72
C SER A 51 -10.19 -0.19 -31.14
N LYS A 52 -11.15 -0.05 -32.06
CA LYS A 52 -10.93 -0.38 -33.46
C LYS A 52 -10.67 0.87 -34.29
N GLN A 53 -11.58 1.83 -34.19
CA GLN A 53 -11.46 3.08 -34.92
C GLN A 53 -11.48 2.83 -36.43
N LYS A 54 -12.50 2.12 -36.89
CA LYS A 54 -12.65 1.81 -38.32
C LYS A 54 -14.11 1.86 -38.74
N GLN A 55 -14.43 2.75 -39.66
CA GLN A 55 -15.79 2.90 -40.16
C GLN A 55 -15.93 2.38 -41.58
N TYR A 56 -15.18 1.32 -41.88
CA TYR A 56 -15.20 0.72 -43.22
C TYR A 56 -16.24 -0.40 -43.29
N GLY A 57 -17.49 -0.04 -42.99
CA GLY A 57 -18.56 -1.03 -43.03
C GLY A 57 -18.59 -1.90 -41.80
N THR A 58 -18.88 -3.19 -41.99
CA THR A 58 -18.95 -4.13 -40.89
C THR A 58 -20.04 -3.75 -39.90
N THR A 59 -21.19 -4.40 -40.00
CA THR A 59 -22.31 -4.13 -39.11
C THR A 59 -21.90 -4.26 -37.66
N LEU A 60 -22.41 -3.36 -36.82
CA LEU A 60 -22.10 -3.38 -35.39
C LEU A 60 -22.59 -4.66 -34.74
N GLN A 61 -21.86 -5.12 -33.73
CA GLN A 61 -22.22 -6.35 -33.02
C GLN A 61 -23.22 -6.05 -31.91
N ASN A 62 -23.17 -4.85 -31.36
CA ASN A 62 -24.07 -4.44 -30.30
C ASN A 62 -23.93 -5.36 -29.09
N LEU A 63 -22.87 -5.15 -28.31
CA LEU A 63 -22.62 -5.97 -27.12
C LEU A 63 -23.06 -5.22 -25.86
N ALA A 64 -23.02 -3.90 -25.91
CA ALA A 64 -23.41 -3.08 -24.77
C ALA A 64 -24.81 -3.46 -24.27
N LYS A 65 -25.01 -3.37 -22.97
CA LYS A 65 -26.30 -3.71 -22.36
C LYS A 65 -27.32 -2.60 -22.62
N GLN A 66 -28.57 -2.99 -22.80
CA GLN A 66 -29.65 -2.03 -23.04
C GLN A 66 -30.97 -2.54 -22.47
N ASN A 67 -31.70 -1.64 -21.81
CA ASN A 67 -32.98 -2.00 -21.21
C ASN A 67 -32.83 -3.17 -20.25
N ARG A 68 -33.96 -3.65 -19.74
CA ARG A 68 -33.95 -4.77 -18.81
C ARG A 68 -33.35 -6.01 -19.45
N ILE A 69 -32.23 -6.47 -18.90
CA ILE A 69 -31.55 -7.66 -19.42
C ILE A 69 -31.61 -8.80 -18.43
N ILE A 70 -31.58 -8.47 -17.14
CA ILE A 70 -31.63 -9.47 -16.08
C ILE A 70 -30.42 -10.40 -16.16
N LYS A 71 -29.36 -10.04 -15.47
CA LYS A 71 -28.14 -10.85 -15.45
C LYS A 71 -27.91 -11.44 -14.06
N GLU B 1 -6.73 -6.92 9.20
CA GLU B 1 -5.96 -5.75 8.78
C GLU B 1 -6.90 -4.64 8.30
N THR B 2 -6.39 -3.41 8.30
CA THR B 2 -7.18 -2.27 7.87
C THR B 2 -6.39 -1.39 6.90
N LYS B 3 -5.42 -1.99 6.22
CA LYS B 3 -4.59 -1.27 5.26
C LYS B 3 -4.33 -2.10 4.02
N TYR B 4 -5.41 -2.64 3.44
CA TYR B 4 -5.30 -3.47 2.24
C TYR B 4 -4.42 -4.68 2.49
N GLU B 5 -4.37 -5.12 3.75
CA GLU B 5 -3.56 -6.27 4.13
C GLU B 5 -2.09 -6.01 3.89
N LEU B 6 -1.53 -5.04 4.62
CA LEU B 6 -0.13 -4.69 4.48
C LEU B 6 0.70 -5.31 5.60
N ASN B 7 0.32 -6.52 6.02
CA ASN B 7 1.02 -7.22 7.08
C ASN B 7 2.49 -7.43 6.70
N ASN B 8 2.72 -7.98 5.51
CA ASN B 8 4.07 -8.23 5.04
C ASN B 8 4.84 -6.92 4.85
N THR B 9 4.11 -5.87 4.45
CA THR B 9 4.73 -4.56 4.23
C THR B 9 5.17 -3.93 5.56
N LYS B 10 4.28 -3.97 6.54
CA LYS B 10 4.58 -3.41 7.86
C LYS B 10 5.85 -4.01 8.44
N LYS B 11 6.06 -5.29 8.17
CA LYS B 11 7.24 -5.99 8.67
C LYS B 11 8.51 -5.44 8.01
N VAL B 12 8.43 -5.18 6.72
CA VAL B 12 9.57 -4.65 5.98
C VAL B 12 9.90 -3.23 6.42
N ALA B 13 8.86 -2.40 6.57
CA ALA B 13 9.04 -1.02 6.99
C ALA B 13 9.44 -0.94 8.46
N ASN B 14 8.98 -1.91 9.25
CA ASN B 14 9.29 -1.95 10.68
C ASN B 14 10.50 -2.83 10.94
N ALA B 15 11.31 -3.05 9.92
CA ALA B 15 12.50 -3.88 10.04
C ALA B 15 13.76 -3.02 10.08
N PHE B 16 13.67 -1.83 9.50
CA PHE B 16 14.81 -0.91 9.46
C PHE B 16 15.30 -0.61 10.87
N GLY B 17 14.41 -0.72 11.85
CA GLY B 17 14.77 -0.46 13.23
C GLY B 17 14.42 0.95 13.66
N LEU B 18 13.25 1.10 14.27
CA LEU B 18 12.79 2.41 14.73
C LEU B 18 12.07 2.29 16.07
N ASN B 19 10.84 1.78 16.02
CA ASN B 19 10.04 1.61 17.23
C ASN B 19 8.68 0.98 16.90
N GLU B 20 7.80 1.79 16.32
CA GLU B 20 6.47 1.31 15.95
C GLU B 20 5.67 2.41 15.26
N GLU B 21 5.68 3.60 15.85
CA GLU B 21 4.96 4.73 15.29
C GLU B 21 5.47 5.08 13.89
N ASP B 22 6.78 4.96 13.71
CA ASP B 22 7.40 5.25 12.42
C ASP B 22 6.83 4.36 11.33
N THR B 23 6.53 3.12 11.68
CA THR B 23 5.99 2.15 10.73
C THR B 23 4.57 2.53 10.34
N ASN B 24 3.74 2.82 11.33
CA ASN B 24 2.35 3.19 11.08
C ASN B 24 2.27 4.47 10.25
N LEU B 25 3.17 5.40 10.52
CA LEU B 25 3.20 6.67 9.80
C LEU B 25 3.64 6.46 8.36
N LEU B 26 4.59 5.55 8.15
CA LEU B 26 5.10 5.26 6.82
C LEU B 26 3.99 4.70 5.93
N ILE B 27 3.26 3.72 6.45
CA ILE B 27 2.18 3.09 5.71
C ILE B 27 1.02 4.08 5.49
N ASN B 28 0.86 4.99 6.44
CA ASN B 28 -0.19 5.99 6.35
C ASN B 28 0.00 6.90 5.14
N ALA B 29 1.26 7.20 4.84
CA ALA B 29 1.59 8.06 3.70
C ALA B 29 1.39 7.32 2.39
N VAL B 30 1.92 6.10 2.32
CA VAL B 30 1.81 5.28 1.12
C VAL B 30 0.37 4.85 0.88
N ASP B 31 -0.25 4.26 1.89
CA ASP B 31 -1.62 3.80 1.79
C ASP B 31 -2.55 4.94 1.37
N LEU B 32 -2.29 6.13 1.90
CA LEU B 32 -3.09 7.31 1.58
C LEU B 32 -2.81 7.80 0.18
N ASP B 33 -1.57 7.60 -0.28
CA ASP B 33 -1.17 8.02 -1.61
C ASP B 33 -1.91 7.23 -2.68
N ILE B 34 -1.95 5.91 -2.51
CA ILE B 34 -2.63 5.04 -3.46
C ILE B 34 -4.14 5.28 -3.44
N LYS B 35 -4.69 5.46 -2.25
CA LYS B 35 -6.12 5.70 -2.11
C LYS B 35 -6.55 6.94 -2.89
N ASN B 36 -5.71 7.97 -2.86
CA ASN B 36 -6.00 9.21 -3.58
C ASN B 36 -6.06 8.97 -5.07
N ASN B 37 -5.29 8.00 -5.55
CA ASN B 37 -5.26 7.67 -6.97
C ASN B 37 -6.38 6.71 -7.34
N MET B 38 -6.86 5.95 -6.35
CA MET B 38 -7.93 5.00 -6.57
C MET B 38 -9.13 5.67 -7.21
N GLN B 39 -9.29 6.96 -6.96
CA GLN B 39 -10.41 7.73 -7.52
C GLN B 39 -10.49 7.54 -9.03
N GLU B 40 -9.33 7.32 -9.66
CA GLU B 40 -9.28 7.12 -11.10
C GLU B 40 -8.29 6.02 -11.45
N ILE B 41 -8.49 4.84 -10.86
CA ILE B 41 -7.62 3.70 -11.12
C ILE B 41 -8.24 2.76 -12.16
N SER B 42 -7.38 2.15 -12.97
CA SER B 42 -7.84 1.24 -14.01
C SER B 42 -7.00 -0.04 -14.02
N SER B 43 -7.48 -1.06 -13.33
CA SER B 43 -6.77 -2.33 -13.26
C SER B 43 -7.65 -3.42 -12.64
N GLU B 44 -7.06 -4.56 -12.34
CA GLU B 44 -7.79 -5.67 -11.75
C GLU B 44 -6.85 -6.81 -11.38
N LEU B 45 -6.34 -6.77 -10.16
CA LEU B 45 -5.42 -7.80 -9.67
C LEU B 45 -5.63 -8.06 -8.18
N GLN B 46 -5.40 -9.30 -7.77
CA GLN B 46 -5.57 -9.69 -6.38
C GLN B 46 -5.00 -11.08 -6.12
N GLN B 47 -4.06 -11.17 -5.19
CA GLN B 47 -3.44 -12.44 -4.85
C GLN B 47 -2.42 -12.27 -3.73
N SER B 48 -2.89 -12.35 -2.49
CA SER B 48 -2.01 -12.20 -1.33
C SER B 48 -2.80 -12.39 -0.03
N GLU B 49 -2.19 -13.11 0.92
CA GLU B 49 -2.83 -13.36 2.20
C GLU B 49 -1.92 -14.19 3.11
N GLN B 50 -1.96 -13.90 4.40
CA GLN B 50 -1.14 -14.62 5.36
C GLN B 50 -1.62 -14.36 6.79
N SER B 51 -1.33 -13.17 7.29
CA SER B 51 -1.73 -12.79 8.65
C SER B 51 -1.06 -13.68 9.69
N LYS B 52 -1.08 -13.25 10.94
CA LYS B 52 -0.46 -14.01 12.02
C LYS B 52 -0.87 -13.44 13.38
N GLN B 53 -0.54 -14.17 14.44
CA GLN B 53 -0.87 -13.73 15.79
C GLN B 53 -0.30 -14.71 16.83
N LYS B 54 0.91 -14.43 17.28
CA LYS B 54 1.57 -15.28 18.27
C LYS B 54 2.71 -14.53 18.95
N GLN B 55 2.66 -14.48 20.28
CA GLN B 55 3.71 -13.80 21.05
C GLN B 55 3.46 -13.97 22.54
N TYR B 56 4.52 -14.31 23.28
CA TYR B 56 4.42 -14.50 24.71
C TYR B 56 5.78 -14.83 25.32
N GLY B 57 5.99 -14.42 26.56
CA GLY B 57 7.26 -14.68 27.23
C GLY B 57 7.36 -13.97 28.56
N THR B 58 8.27 -14.44 29.41
CA THR B 58 8.47 -13.84 30.73
C THR B 58 9.93 -13.88 31.14
N THR B 59 10.24 -13.27 32.28
CA THR B 59 11.60 -13.23 32.78
C THR B 59 11.76 -14.10 34.03
N LEU B 60 11.22 -13.62 35.15
CA LEU B 60 11.29 -14.35 36.41
C LEU B 60 12.74 -14.52 36.85
N GLN B 61 13.15 -13.73 37.84
CA GLN B 61 14.51 -13.80 38.36
C GLN B 61 14.64 -13.01 39.66
N ASN B 62 14.98 -13.69 40.74
CA ASN B 62 15.13 -13.05 42.03
C ASN B 62 15.66 -14.05 43.08
N LEU B 63 16.97 -14.21 43.10
CA LEU B 63 17.60 -15.14 44.05
C LEU B 63 18.85 -14.51 44.67
N ALA B 64 19.91 -14.42 43.89
CA ALA B 64 21.16 -13.83 44.37
C ALA B 64 21.73 -14.63 45.52
N LYS B 65 22.94 -14.27 45.96
CA LYS B 65 23.59 -14.94 47.06
C LYS B 65 23.76 -16.43 46.77
N GLN B 66 24.37 -17.16 47.70
CA GLN B 66 24.59 -18.58 47.54
C GLN B 66 25.47 -18.86 46.33
N ASN B 67 26.73 -18.45 46.41
CA ASN B 67 27.68 -18.66 45.32
C ASN B 67 28.83 -19.55 45.76
N ARG B 68 28.52 -20.50 46.63
CA ARG B 68 29.53 -21.43 47.14
C ARG B 68 28.94 -22.82 47.36
N ILE B 69 27.97 -23.19 46.53
CA ILE B 69 27.32 -24.48 46.64
C ILE B 69 26.24 -24.65 45.56
N ILE B 70 26.63 -25.23 44.43
CA ILE B 70 25.71 -25.45 43.33
C ILE B 70 25.64 -26.93 42.96
N LYS B 71 24.47 -27.53 43.19
CA LYS B 71 24.27 -28.95 42.88
C LYS B 71 23.41 -29.11 41.64
N GLU A 1 0.54 6.41 -11.87
CA GLU A 1 0.07 5.75 -13.06
C GLU A 1 0.58 4.31 -13.14
N THR A 2 1.89 4.17 -13.34
CA THR A 2 2.51 2.85 -13.41
C THR A 2 2.42 2.11 -12.09
N LYS A 3 3.06 2.66 -11.06
CA LYS A 3 3.04 2.05 -9.73
C LYS A 3 3.05 3.12 -8.65
N TYR A 4 2.56 4.31 -8.99
CA TYR A 4 2.52 5.41 -8.03
C TYR A 4 3.92 5.88 -7.67
N GLU A 5 4.40 6.91 -8.34
CA GLU A 5 5.73 7.46 -8.09
C GLU A 5 6.01 7.54 -6.59
N LEU A 6 5.02 8.03 -5.85
CA LEU A 6 5.16 8.16 -4.40
C LEU A 6 6.44 8.90 -4.04
N ASN A 7 6.61 10.09 -4.61
CA ASN A 7 7.80 10.90 -4.35
C ASN A 7 7.82 11.36 -2.89
N ASN A 8 6.72 11.96 -2.45
CA ASN A 8 6.61 12.45 -1.08
C ASN A 8 6.71 11.31 -0.07
N THR A 9 6.06 10.19 -0.40
CA THR A 9 6.07 9.02 0.47
C THR A 9 7.45 8.38 0.51
N LYS A 10 8.04 8.17 -0.67
CA LYS A 10 9.35 7.57 -0.77
C LYS A 10 10.38 8.33 0.06
N LYS A 11 10.22 9.65 0.10
CA LYS A 11 11.13 10.50 0.87
C LYS A 11 11.08 10.16 2.35
N VAL A 12 9.89 9.78 2.83
CA VAL A 12 9.71 9.42 4.23
C VAL A 12 10.44 8.12 4.56
N ALA A 13 10.38 7.17 3.65
CA ALA A 13 11.04 5.88 3.85
C ALA A 13 12.56 6.02 3.74
N ASN A 14 13.01 6.87 2.82
CA ASN A 14 14.43 7.09 2.62
C ASN A 14 15.05 7.78 3.84
N ALA A 15 14.22 8.49 4.60
CA ALA A 15 14.69 9.20 5.78
C ALA A 15 15.29 8.23 6.79
N PHE A 16 14.81 6.99 6.78
CA PHE A 16 15.30 5.98 7.69
C PHE A 16 16.81 5.83 7.59
N GLY A 17 17.36 6.16 6.42
CA GLY A 17 18.79 6.07 6.22
C GLY A 17 19.20 4.72 5.68
N LEU A 18 19.31 4.62 4.36
CA LEU A 18 19.70 3.37 3.72
C LEU A 18 20.60 3.63 2.51
N ASN A 19 20.00 4.10 1.43
CA ASN A 19 20.75 4.40 0.21
C ASN A 19 19.82 4.93 -0.88
N GLU A 20 19.05 4.04 -1.48
CA GLU A 20 18.12 4.42 -2.54
C GLU A 20 17.34 3.21 -3.05
N GLU A 21 18.07 2.13 -3.35
CA GLU A 21 17.44 0.91 -3.85
C GLU A 21 16.46 0.35 -2.82
N ASP A 22 16.85 0.38 -1.54
CA ASP A 22 16.02 -0.12 -0.47
C ASP A 22 14.73 0.68 -0.36
N THR A 23 14.80 1.96 -0.69
CA THR A 23 13.63 2.84 -0.63
C THR A 23 12.62 2.47 -1.71
N ASN A 24 13.10 2.32 -2.94
CA ASN A 24 12.23 1.97 -4.06
C ASN A 24 11.70 0.55 -3.92
N LEU A 25 12.55 -0.35 -3.44
CA LEU A 25 12.16 -1.74 -3.25
C LEU A 25 10.99 -1.86 -2.26
N LEU A 26 11.02 -1.02 -1.23
CA LEU A 26 9.96 -1.03 -0.22
C LEU A 26 8.62 -0.66 -0.84
N ILE A 27 8.61 0.41 -1.62
CA ILE A 27 7.38 0.87 -2.27
C ILE A 27 6.79 -0.23 -3.16
N ASN A 28 7.67 -1.07 -3.71
CA ASN A 28 7.24 -2.16 -4.58
C ASN A 28 6.41 -3.18 -3.80
N ALA A 29 6.82 -3.45 -2.57
CA ALA A 29 6.12 -4.40 -1.72
C ALA A 29 4.80 -3.82 -1.22
N VAL A 30 4.83 -2.57 -0.78
CA VAL A 30 3.64 -1.90 -0.27
C VAL A 30 2.64 -1.64 -1.39
N ASP A 31 3.11 -1.02 -2.47
CA ASP A 31 2.25 -0.72 -3.61
C ASP A 31 1.63 -2.00 -4.17
N LEU A 32 2.40 -3.07 -4.20
CA LEU A 32 1.93 -4.34 -4.71
C LEU A 32 0.78 -4.88 -3.88
N ASP A 33 0.86 -4.66 -2.56
CA ASP A 33 -0.18 -5.12 -1.64
C ASP A 33 -1.46 -4.31 -1.83
N ILE A 34 -1.32 -3.00 -1.90
CA ILE A 34 -2.47 -2.12 -2.08
C ILE A 34 -3.10 -2.31 -3.46
N LYS A 35 -2.25 -2.45 -4.47
CA LYS A 35 -2.71 -2.65 -5.84
C LYS A 35 -3.53 -3.93 -5.96
N ASN A 36 -3.10 -4.97 -5.26
CA ASN A 36 -3.79 -6.25 -5.29
C ASN A 36 -5.19 -6.13 -4.70
N ASN A 37 -5.40 -5.09 -3.90
CA ASN A 37 -6.70 -4.85 -3.28
C ASN A 37 -7.63 -4.11 -4.23
N MET A 38 -7.05 -3.39 -5.19
CA MET A 38 -7.83 -2.64 -6.16
C MET A 38 -8.82 -3.55 -6.89
N GLN A 39 -8.50 -4.83 -6.96
CA GLN A 39 -9.35 -5.81 -7.63
C GLN A 39 -10.61 -6.09 -6.80
N GLU A 40 -10.50 -5.88 -5.49
CA GLU A 40 -11.62 -6.12 -4.59
C GLU A 40 -12.29 -4.80 -4.20
N ILE A 41 -11.63 -4.04 -3.33
CA ILE A 41 -12.16 -2.76 -2.88
C ILE A 41 -13.60 -2.91 -2.38
N SER A 42 -13.74 -3.31 -1.13
CA SER A 42 -15.06 -3.49 -0.53
C SER A 42 -15.22 -2.60 0.71
N SER A 43 -14.81 -1.35 0.58
CA SER A 43 -14.91 -0.40 1.69
C SER A 43 -15.56 0.91 1.23
N GLU A 44 -16.38 0.82 0.18
CA GLU A 44 -17.05 2.00 -0.35
C GLU A 44 -16.05 3.11 -0.63
N LEU A 45 -15.37 3.02 -1.77
CA LEU A 45 -14.38 4.02 -2.16
C LEU A 45 -15.07 5.32 -2.59
N GLN A 46 -14.38 6.44 -2.39
CA GLN A 46 -14.92 7.75 -2.76
C GLN A 46 -13.84 8.61 -3.40
N GLN A 47 -14.20 9.86 -3.70
CA GLN A 47 -13.26 10.79 -4.32
C GLN A 47 -12.82 10.30 -5.69
N SER A 48 -13.78 10.16 -6.60
CA SER A 48 -13.49 9.69 -7.94
C SER A 48 -12.69 10.73 -8.72
N GLU A 49 -12.09 10.30 -9.83
CA GLU A 49 -11.29 11.20 -10.66
C GLU A 49 -10.75 10.45 -11.88
N GLN A 50 -10.00 11.18 -12.72
CA GLN A 50 -9.42 10.59 -13.91
C GLN A 50 -8.42 11.55 -14.57
N SER A 51 -7.81 11.11 -15.66
CA SER A 51 -6.83 11.93 -16.36
C SER A 51 -7.38 12.37 -17.72
N LYS A 52 -6.52 13.00 -18.52
CA LYS A 52 -6.91 13.47 -19.84
C LYS A 52 -5.83 13.13 -20.88
N GLN A 53 -4.64 13.69 -20.70
CA GLN A 53 -3.53 13.45 -21.61
C GLN A 53 -2.20 13.47 -20.87
N LYS A 54 -1.91 12.39 -20.16
CA LYS A 54 -0.66 12.28 -19.40
C LYS A 54 0.09 11.01 -19.78
N GLN A 55 0.85 11.06 -20.87
CA GLN A 55 1.62 9.91 -21.33
C GLN A 55 3.00 10.33 -21.81
N TYR A 56 3.03 11.04 -22.95
CA TYR A 56 4.29 11.49 -23.51
C TYR A 56 4.65 12.89 -22.99
N GLY A 57 5.91 13.27 -23.14
CA GLY A 57 6.37 14.56 -22.68
C GLY A 57 7.86 14.62 -22.46
N THR A 58 8.37 15.80 -22.14
CA THR A 58 9.80 15.98 -21.90
C THR A 58 10.60 15.71 -23.17
N THR A 59 11.06 16.79 -23.82
CA THR A 59 11.84 16.68 -25.03
C THR A 59 13.26 17.20 -24.84
N LEU A 60 14.09 17.02 -25.85
CA LEU A 60 15.48 17.48 -25.78
C LEU A 60 15.69 18.69 -26.69
N GLN A 61 16.85 19.32 -26.57
CA GLN A 61 17.18 20.49 -27.38
C GLN A 61 18.58 20.37 -27.97
N ASN A 62 19.02 21.43 -28.64
CA ASN A 62 20.35 21.44 -29.26
C ASN A 62 21.21 22.55 -28.66
N LEU A 63 20.62 23.72 -28.48
CA LEU A 63 21.32 24.87 -27.91
C LEU A 63 21.71 24.60 -26.46
N ALA A 64 20.70 24.56 -25.59
CA ALA A 64 20.94 24.31 -24.18
C ALA A 64 21.85 25.38 -23.57
N LYS A 65 21.78 26.58 -24.13
CA LYS A 65 22.60 27.69 -23.65
C LYS A 65 22.27 28.01 -22.20
N GLN A 66 21.09 28.59 -21.98
CA GLN A 66 20.66 28.95 -20.63
C GLN A 66 19.78 27.85 -20.02
N ASN A 67 19.97 27.59 -18.74
CA ASN A 67 19.20 26.56 -18.04
C ASN A 67 18.57 27.12 -16.78
N ARG A 68 17.82 28.21 -16.92
CA ARG A 68 17.16 28.83 -15.77
C ARG A 68 15.72 28.37 -15.66
N ILE A 69 15.53 27.12 -15.26
CA ILE A 69 14.20 26.55 -15.11
C ILE A 69 14.28 25.10 -14.65
N ILE A 70 14.24 24.89 -13.35
CA ILE A 70 14.29 23.54 -12.79
C ILE A 70 13.14 22.68 -13.30
N LYS A 71 13.36 21.37 -13.32
CA LYS A 71 12.34 20.44 -13.80
C LYS A 71 11.11 20.47 -12.90
N GLU B 1 -2.18 -3.19 7.57
CA GLU B 1 -2.65 -4.53 7.90
C GLU B 1 -4.17 -4.63 7.72
N THR B 2 -4.85 -3.52 7.96
CA THR B 2 -6.30 -3.47 7.84
C THR B 2 -6.73 -2.75 6.57
N LYS B 3 -5.86 -1.86 6.09
CA LYS B 3 -6.15 -1.11 4.88
C LYS B 3 -6.29 -2.03 3.67
N TYR B 4 -5.20 -2.70 3.31
CA TYR B 4 -5.20 -3.60 2.17
C TYR B 4 -4.29 -4.80 2.44
N GLU B 5 -4.38 -5.34 3.65
CA GLU B 5 -3.56 -6.50 4.03
C GLU B 5 -2.08 -6.17 3.89
N LEU B 6 -1.62 -5.16 4.62
CA LEU B 6 -0.23 -4.75 4.58
C LEU B 6 0.56 -5.40 5.71
N ASN B 7 0.17 -6.61 6.09
CA ASN B 7 0.83 -7.34 7.15
C ASN B 7 2.32 -7.53 6.85
N ASN B 8 2.62 -8.02 5.64
CA ASN B 8 3.99 -8.24 5.22
C ASN B 8 4.73 -6.92 5.06
N THR B 9 4.01 -5.91 4.58
CA THR B 9 4.59 -4.58 4.38
C THR B 9 5.14 -4.02 5.68
N LYS B 10 4.32 -4.08 6.73
CA LYS B 10 4.72 -3.57 8.04
C LYS B 10 6.03 -4.20 8.50
N LYS B 11 6.21 -5.49 8.17
CA LYS B 11 7.42 -6.20 8.54
C LYS B 11 8.64 -5.66 7.80
N VAL B 12 8.43 -5.28 6.54
CA VAL B 12 9.50 -4.74 5.72
C VAL B 12 9.96 -3.38 6.23
N ALA B 13 8.99 -2.52 6.53
CA ALA B 13 9.29 -1.17 7.03
C ALA B 13 9.82 -1.24 8.46
N ASN B 14 9.26 -2.14 9.25
CA ASN B 14 9.67 -2.30 10.65
C ASN B 14 11.09 -2.86 10.73
N ALA B 15 11.49 -3.58 9.69
CA ALA B 15 12.83 -4.17 9.65
C ALA B 15 13.91 -3.10 9.79
N PHE B 16 13.64 -1.91 9.25
CA PHE B 16 14.59 -0.82 9.32
C PHE B 16 15.02 -0.55 10.76
N GLY B 17 14.14 -0.87 11.70
CA GLY B 17 14.45 -0.67 13.10
C GLY B 17 14.12 0.74 13.57
N LEU B 18 12.95 0.90 14.19
CA LEU B 18 12.52 2.20 14.68
C LEU B 18 11.77 2.07 16.00
N ASN B 19 10.53 1.59 15.93
CA ASN B 19 9.71 1.40 17.13
C ASN B 19 8.35 0.82 16.76
N GLU B 20 7.49 1.66 16.19
CA GLU B 20 6.15 1.23 15.79
C GLU B 20 5.38 2.38 15.15
N GLU B 21 5.34 3.52 15.83
CA GLU B 21 4.63 4.69 15.32
C GLU B 21 5.22 5.14 13.99
N ASP B 22 6.54 5.04 13.87
CA ASP B 22 7.24 5.44 12.65
C ASP B 22 6.73 4.64 11.45
N THR B 23 6.45 3.35 11.68
CA THR B 23 5.96 2.48 10.62
C THR B 23 4.55 2.86 10.20
N ASN B 24 3.67 3.06 11.18
CA ASN B 24 2.29 3.43 10.90
C ASN B 24 2.22 4.75 10.15
N LEU B 25 3.10 5.67 10.51
CA LEU B 25 3.14 6.99 9.87
C LEU B 25 3.59 6.87 8.42
N LEU B 26 4.54 5.97 8.17
CA LEU B 26 5.06 5.76 6.82
C LEU B 26 4.01 5.08 5.94
N ILE B 27 3.42 4.01 6.46
CA ILE B 27 2.41 3.26 5.72
C ILE B 27 1.17 4.12 5.49
N ASN B 28 0.91 5.03 6.42
CA ASN B 28 -0.25 5.91 6.32
C ASN B 28 -0.17 6.78 5.06
N ALA B 29 1.03 7.26 4.76
CA ALA B 29 1.23 8.09 3.58
C ALA B 29 1.21 7.26 2.30
N VAL B 30 1.93 6.14 2.32
CA VAL B 30 1.99 5.26 1.16
C VAL B 30 0.64 4.62 0.89
N ASP B 31 -0.13 4.40 1.95
CA ASP B 31 -1.45 3.79 1.82
C ASP B 31 -2.49 4.83 1.39
N LEU B 32 -2.40 6.02 1.97
CA LEU B 32 -3.32 7.10 1.64
C LEU B 32 -3.03 7.68 0.27
N ASP B 33 -1.74 7.68 -0.10
CA ASP B 33 -1.33 8.22 -1.39
C ASP B 33 -1.86 7.35 -2.53
N ILE B 34 -1.69 6.03 -2.39
CA ILE B 34 -2.15 5.09 -3.40
C ILE B 34 -3.67 5.09 -3.51
N LYS B 35 -4.34 5.15 -2.36
CA LYS B 35 -5.80 5.16 -2.32
C LYS B 35 -6.36 6.31 -3.15
N ASN B 36 -5.69 7.46 -3.09
CA ASN B 36 -6.12 8.63 -3.83
C ASN B 36 -5.98 8.41 -5.33
N ASN B 37 -4.90 7.74 -5.72
CA ASN B 37 -4.63 7.46 -7.13
C ASN B 37 -5.50 6.30 -7.62
N MET B 38 -5.98 5.49 -6.68
CA MET B 38 -6.82 4.35 -7.02
C MET B 38 -8.02 4.79 -7.86
N GLN B 39 -8.43 6.03 -7.69
CA GLN B 39 -9.57 6.57 -8.43
C GLN B 39 -9.13 7.13 -9.77
N GLU B 40 -7.86 7.52 -9.86
CA GLU B 40 -7.32 8.07 -11.10
C GLU B 40 -6.89 6.96 -12.05
N ILE B 41 -6.35 5.88 -11.49
CA ILE B 41 -5.90 4.75 -12.28
C ILE B 41 -7.00 4.27 -13.23
N SER B 42 -6.60 3.65 -14.33
CA SER B 42 -7.55 3.15 -15.32
C SER B 42 -8.15 1.81 -14.87
N SER B 43 -9.18 1.37 -15.57
CA SER B 43 -9.84 0.11 -15.24
C SER B 43 -10.47 0.17 -13.85
N GLU B 44 -11.39 -0.74 -13.59
CA GLU B 44 -12.07 -0.78 -12.29
C GLU B 44 -12.64 0.58 -11.92
N LEU B 45 -13.80 0.89 -12.48
CA LEU B 45 -14.45 2.18 -12.21
C LEU B 45 -15.97 2.02 -12.18
N GLN B 46 -16.58 2.38 -11.05
CA GLN B 46 -18.02 2.29 -10.90
C GLN B 46 -18.46 2.81 -9.54
N GLN B 47 -18.17 4.08 -9.27
CA GLN B 47 -18.54 4.70 -8.01
C GLN B 47 -18.19 6.19 -8.00
N SER B 48 -18.65 6.90 -6.97
CA SER B 48 -18.39 8.32 -6.86
C SER B 48 -18.88 8.85 -5.51
N GLU B 49 -18.24 9.91 -5.03
CA GLU B 49 -18.60 10.51 -3.75
C GLU B 49 -17.79 11.79 -3.50
N GLN B 50 -18.00 12.38 -2.34
CA GLN B 50 -17.29 13.61 -1.98
C GLN B 50 -17.11 13.71 -0.46
N SER B 51 -16.16 14.54 -0.04
CA SER B 51 -15.89 14.71 1.37
C SER B 51 -14.98 15.92 1.61
N LYS B 52 -15.16 16.59 2.74
CA LYS B 52 -14.36 17.76 3.08
C LYS B 52 -14.63 18.20 4.52
N GLN B 53 -13.62 18.80 5.15
CA GLN B 53 -13.75 19.27 6.52
C GLN B 53 -13.07 20.62 6.70
N LYS B 54 -11.74 20.62 6.69
CA LYS B 54 -10.97 21.84 6.85
C LYS B 54 -11.22 22.46 8.22
N GLN B 55 -10.25 22.33 9.12
CA GLN B 55 -10.37 22.88 10.46
C GLN B 55 -8.99 23.04 11.10
N TYR B 56 -8.61 24.28 11.36
CA TYR B 56 -7.32 24.56 11.97
C TYR B 56 -7.16 26.05 12.25
N GLY B 57 -6.75 26.39 13.48
CA GLY B 57 -6.58 27.77 13.85
C GLY B 57 -6.64 27.98 15.36
N THR B 58 -5.55 28.50 15.93
CA THR B 58 -5.49 28.75 17.35
C THR B 58 -4.49 29.85 17.68
N THR B 59 -4.46 30.28 18.94
CA THR B 59 -3.56 31.33 19.38
C THR B 59 -3.44 31.36 20.90
N LEU B 60 -2.43 32.05 21.40
CA LEU B 60 -2.20 32.16 22.83
C LEU B 60 -1.00 33.04 23.14
N GLN B 61 -0.86 34.13 22.39
CA GLN B 61 0.24 35.05 22.57
C GLN B 61 -0.24 36.50 22.56
N ASN B 62 0.38 37.34 23.39
CA ASN B 62 0.01 38.75 23.46
C ASN B 62 0.99 39.61 22.67
N LEU B 63 2.19 39.76 23.20
CA LEU B 63 3.22 40.56 22.55
C LEU B 63 4.53 40.53 23.34
N ALA B 64 4.52 41.17 24.51
CA ALA B 64 5.70 41.22 25.37
C ALA B 64 5.39 41.90 26.69
N LYS B 65 6.42 42.12 27.50
CA LYS B 65 6.26 42.76 28.79
C LYS B 65 7.57 43.38 29.27
N GLN B 66 7.55 44.69 29.51
CA GLN B 66 8.74 45.40 29.96
C GLN B 66 8.37 46.71 30.65
N ASN B 67 8.88 46.88 31.87
CA ASN B 67 8.59 48.09 32.65
C ASN B 67 9.88 48.76 33.10
N ARG B 68 9.90 50.09 33.07
CA ARG B 68 11.07 50.85 33.48
C ARG B 68 10.66 52.17 34.13
N ILE B 69 10.83 52.26 35.45
CA ILE B 69 10.48 53.47 36.19
C ILE B 69 11.72 54.27 36.56
N ILE B 70 12.84 53.56 36.71
CA ILE B 70 14.11 54.20 37.07
C ILE B 70 14.96 54.45 35.83
N LYS B 71 15.65 55.58 35.81
CA LYS B 71 16.51 55.94 34.69
C LYS B 71 17.79 56.62 35.17
N GLU A 1 1.30 6.71 -12.56
CA GLU A 1 1.43 6.29 -13.95
C GLU A 1 1.44 4.77 -14.06
N THR A 2 2.51 4.16 -13.56
CA THR A 2 2.65 2.70 -13.62
C THR A 2 2.25 2.07 -12.28
N LYS A 3 2.48 2.80 -11.19
CA LYS A 3 2.15 2.31 -9.87
C LYS A 3 2.27 3.43 -8.82
N TYR A 4 1.90 4.64 -9.22
CA TYR A 4 1.97 5.79 -8.33
C TYR A 4 3.42 6.14 -8.00
N GLU A 5 3.96 7.12 -8.71
CA GLU A 5 5.34 7.55 -8.50
C GLU A 5 5.67 7.60 -7.01
N LEU A 6 4.71 8.06 -6.21
CA LEU A 6 4.91 8.16 -4.77
C LEU A 6 6.20 8.90 -4.44
N ASN A 7 6.34 10.11 -4.97
CA ASN A 7 7.54 10.92 -4.73
C ASN A 7 7.64 11.30 -3.26
N ASN A 8 6.56 11.85 -2.72
CA ASN A 8 6.52 12.27 -1.32
C ASN A 8 6.77 11.08 -0.40
N THR A 9 6.19 9.94 -0.75
CA THR A 9 6.34 8.73 0.06
C THR A 9 7.75 8.17 -0.05
N LYS A 10 8.25 8.06 -1.28
CA LYS A 10 9.60 7.54 -1.52
C LYS A 10 10.63 8.35 -0.73
N LYS A 11 10.40 9.65 -0.62
CA LYS A 11 11.32 10.52 0.11
C LYS A 11 11.29 10.22 1.60
N VAL A 12 10.12 9.84 2.10
CA VAL A 12 9.96 9.53 3.52
C VAL A 12 10.71 8.24 3.87
N ALA A 13 10.61 7.24 2.99
CA ALA A 13 11.28 5.96 3.21
C ALA A 13 12.79 6.09 3.05
N ASN A 14 13.21 6.92 2.09
CA ASN A 14 14.64 7.13 1.85
C ASN A 14 15.28 7.87 3.01
N ALA A 15 14.48 8.62 3.74
CA ALA A 15 14.98 9.38 4.88
C ALA A 15 15.64 8.46 5.91
N PHE A 16 15.13 7.25 6.02
CA PHE A 16 15.66 6.27 6.96
C PHE A 16 17.16 6.08 6.74
N GLY A 17 17.61 6.31 5.51
CA GLY A 17 19.02 6.16 5.19
C GLY A 17 19.36 4.74 4.77
N LEU A 18 19.43 4.53 3.45
CA LEU A 18 19.75 3.21 2.91
C LEU A 18 20.60 3.33 1.65
N ASN A 19 19.97 3.73 0.55
CA ASN A 19 20.66 3.89 -0.72
C ASN A 19 19.71 4.37 -1.81
N GLU A 20 18.87 3.46 -2.29
CA GLU A 20 17.90 3.81 -3.33
C GLU A 20 17.04 2.59 -3.68
N GLU A 21 17.69 1.44 -3.84
CA GLU A 21 16.98 0.22 -4.19
C GLU A 21 15.98 -0.16 -3.09
N ASP A 22 16.41 -0.05 -1.84
CA ASP A 22 15.56 -0.38 -0.70
C ASP A 22 14.32 0.51 -0.68
N THR A 23 14.47 1.74 -1.17
CA THR A 23 13.36 2.68 -1.22
C THR A 23 12.30 2.24 -2.21
N ASN A 24 12.73 1.90 -3.42
CA ASN A 24 11.82 1.45 -4.46
C ASN A 24 11.19 0.11 -4.11
N LEU A 25 12.01 -0.78 -3.56
CA LEU A 25 11.54 -2.11 -3.17
C LEU A 25 10.43 -2.02 -2.13
N LEU A 26 10.56 -1.06 -1.21
CA LEU A 26 9.56 -0.87 -0.17
C LEU A 26 8.21 -0.49 -0.77
N ILE A 27 8.23 0.49 -1.67
CA ILE A 27 7.01 0.95 -2.31
C ILE A 27 6.39 -0.15 -3.17
N ASN A 28 7.24 -1.02 -3.71
CA ASN A 28 6.78 -2.12 -4.55
C ASN A 28 5.89 -3.07 -3.76
N ALA A 29 6.22 -3.27 -2.49
CA ALA A 29 5.45 -4.15 -1.62
C ALA A 29 4.12 -3.50 -1.23
N VAL A 30 4.18 -2.24 -0.84
CA VAL A 30 2.98 -1.51 -0.44
C VAL A 30 2.05 -1.30 -1.62
N ASP A 31 2.58 -0.76 -2.71
CA ASP A 31 1.80 -0.50 -3.91
C ASP A 31 1.16 -1.79 -4.42
N LEU A 32 1.90 -2.89 -4.34
CA LEU A 32 1.42 -4.19 -4.80
C LEU A 32 0.29 -4.68 -3.91
N ASP A 33 0.43 -4.48 -2.60
CA ASP A 33 -0.58 -4.90 -1.65
C ASP A 33 -1.91 -4.20 -1.91
N ILE A 34 -1.85 -2.89 -2.12
CA ILE A 34 -3.05 -2.10 -2.39
C ILE A 34 -3.67 -2.48 -3.72
N LYS A 35 -2.82 -2.69 -4.72
CA LYS A 35 -3.28 -3.07 -6.05
C LYS A 35 -4.16 -4.32 -6.00
N ASN A 36 -3.78 -5.26 -5.14
CA ASN A 36 -4.54 -6.50 -4.99
C ASN A 36 -5.93 -6.23 -4.45
N ASN A 37 -6.05 -5.20 -3.62
CA ASN A 37 -7.33 -4.83 -3.03
C ASN A 37 -8.12 -3.92 -3.97
N MET A 38 -7.44 -3.39 -4.99
CA MET A 38 -8.07 -2.51 -5.96
C MET A 38 -9.34 -3.15 -6.52
N GLN A 39 -9.35 -4.48 -6.60
CA GLN A 39 -10.49 -5.20 -7.13
C GLN A 39 -11.78 -4.80 -6.39
N GLU A 40 -11.63 -4.40 -5.14
CA GLU A 40 -12.77 -3.99 -4.33
C GLU A 40 -12.93 -2.47 -4.33
N ILE A 41 -11.81 -1.78 -4.47
CA ILE A 41 -11.82 -0.32 -4.48
C ILE A 41 -12.62 0.22 -5.66
N SER A 42 -13.85 0.66 -5.39
CA SER A 42 -14.72 1.18 -6.42
C SER A 42 -14.87 0.20 -7.57
N SER A 43 -15.74 -0.78 -7.39
CA SER A 43 -15.97 -1.81 -8.41
C SER A 43 -17.10 -1.38 -9.35
N GLU A 44 -18.31 -1.34 -8.84
CA GLU A 44 -19.47 -0.96 -9.64
C GLU A 44 -20.74 -0.93 -8.79
N LEU A 45 -20.86 -1.90 -7.89
CA LEU A 45 -22.02 -1.99 -7.01
C LEU A 45 -21.90 -3.17 -6.06
N GLN A 46 -22.86 -3.30 -5.15
CA GLN A 46 -22.86 -4.39 -4.18
C GLN A 46 -22.70 -5.74 -4.88
N GLN A 47 -21.60 -6.42 -4.58
CA GLN A 47 -21.35 -7.73 -5.18
C GLN A 47 -20.15 -8.40 -4.51
N SER A 48 -19.81 -9.59 -4.98
CA SER A 48 -18.69 -10.34 -4.42
C SER A 48 -17.45 -10.22 -5.32
N GLU A 49 -16.57 -9.28 -4.96
CA GLU A 49 -15.35 -9.04 -5.73
C GLU A 49 -14.14 -9.02 -4.81
N GLN A 50 -13.29 -10.04 -4.91
CA GLN A 50 -12.10 -10.13 -4.09
C GLN A 50 -11.19 -11.25 -4.56
N SER A 51 -9.91 -10.94 -4.76
CA SER A 51 -8.95 -11.93 -5.23
C SER A 51 -8.24 -12.59 -4.04
N LYS A 52 -7.31 -13.50 -4.35
CA LYS A 52 -6.57 -14.20 -3.32
C LYS A 52 -5.45 -13.33 -2.76
N GLN A 53 -5.16 -13.50 -1.47
CA GLN A 53 -4.10 -12.73 -0.81
C GLN A 53 -2.73 -13.30 -1.15
N LYS A 54 -2.62 -14.62 -1.13
CA LYS A 54 -1.37 -15.29 -1.43
C LYS A 54 -1.58 -16.42 -2.43
N GLN A 55 -0.62 -16.59 -3.34
CA GLN A 55 -0.71 -17.63 -4.35
C GLN A 55 -0.96 -18.99 -3.71
N TYR A 56 -2.15 -19.53 -3.95
CA TYR A 56 -2.53 -20.83 -3.38
C TYR A 56 -2.49 -20.80 -1.86
N GLY A 57 -2.69 -21.96 -1.25
CA GLY A 57 -2.68 -22.04 0.20
C GLY A 57 -1.40 -21.50 0.80
N THR A 58 -0.31 -21.60 0.06
CA THR A 58 0.99 -21.11 0.52
C THR A 58 2.00 -21.07 -0.62
N THR A 59 3.21 -20.59 -0.31
CA THR A 59 4.26 -20.50 -1.30
C THR A 59 5.54 -21.18 -0.81
N LEU A 60 6.41 -21.54 -1.74
CA LEU A 60 7.67 -22.19 -1.41
C LEU A 60 8.55 -22.35 -2.65
N GLN A 61 9.70 -21.68 -2.64
CA GLN A 61 10.62 -21.74 -3.76
C GLN A 61 11.74 -22.74 -3.49
N ASN A 62 11.84 -23.75 -4.34
CA ASN A 62 12.86 -24.78 -4.18
C ASN A 62 13.99 -24.58 -5.19
N LEU A 63 14.43 -23.34 -5.36
CA LEU A 63 15.50 -23.02 -6.29
C LEU A 63 16.80 -23.70 -5.89
N ALA A 64 17.04 -23.78 -4.59
CA ALA A 64 18.24 -24.41 -4.07
C ALA A 64 19.50 -23.75 -4.62
N LYS A 65 19.94 -22.69 -3.97
CA LYS A 65 21.13 -21.95 -4.39
C LYS A 65 22.01 -21.60 -3.20
N GLN A 66 22.07 -22.50 -2.22
CA GLN A 66 22.88 -22.28 -1.02
C GLN A 66 22.41 -21.04 -0.28
N ASN A 67 21.48 -21.23 0.66
CA ASN A 67 20.96 -20.12 1.44
C ASN A 67 21.58 -20.10 2.83
N ARG A 68 21.42 -21.19 3.57
CA ARG A 68 21.97 -21.30 4.92
C ARG A 68 22.44 -22.72 5.21
N ILE A 69 23.55 -23.10 4.62
CA ILE A 69 24.10 -24.44 4.81
C ILE A 69 23.12 -25.52 4.37
N ILE A 70 23.05 -25.75 3.06
CA ILE A 70 22.15 -26.75 2.52
C ILE A 70 20.70 -26.47 2.91
N LYS A 71 20.01 -25.70 2.08
CA LYS A 71 18.62 -25.35 2.34
C LYS A 71 18.47 -24.67 3.69
N GLU B 1 -3.72 -1.46 11.85
CA GLU B 1 -3.52 -1.46 10.42
C GLU B 1 -4.38 -2.54 9.76
N THR B 2 -5.26 -2.12 8.86
CA THR B 2 -6.14 -3.04 8.15
C THR B 2 -6.70 -2.40 6.88
N LYS B 3 -5.97 -1.45 6.33
CA LYS B 3 -6.38 -0.77 5.11
C LYS B 3 -6.62 -1.76 3.99
N TYR B 4 -5.55 -2.38 3.50
CA TYR B 4 -5.65 -3.36 2.42
C TYR B 4 -4.80 -4.58 2.72
N GLU B 5 -4.74 -4.97 3.98
CA GLU B 5 -3.96 -6.13 4.40
C GLU B 5 -2.47 -5.89 4.14
N LEU B 6 -1.91 -4.90 4.82
CA LEU B 6 -0.50 -4.59 4.66
C LEU B 6 0.32 -5.09 5.84
N ASN B 7 -0.06 -6.26 6.36
CA ASN B 7 0.63 -6.86 7.50
C ASN B 7 2.11 -7.05 7.19
N ASN B 8 2.39 -7.68 6.05
CA ASN B 8 3.77 -7.94 5.64
C ASN B 8 4.51 -6.63 5.38
N THR B 9 3.78 -5.63 4.89
CA THR B 9 4.36 -4.32 4.59
C THR B 9 4.97 -3.70 5.84
N LYS B 10 4.22 -3.75 6.94
CA LYS B 10 4.69 -3.18 8.20
C LYS B 10 6.03 -3.78 8.60
N LYS B 11 6.20 -5.07 8.33
CA LYS B 11 7.45 -5.76 8.66
C LYS B 11 8.61 -5.22 7.83
N VAL B 12 8.30 -4.78 6.61
CA VAL B 12 9.32 -4.23 5.72
C VAL B 12 9.86 -2.91 6.25
N ALA B 13 8.95 -2.02 6.65
CA ALA B 13 9.33 -0.73 7.17
C ALA B 13 9.96 -0.85 8.56
N ASN B 14 9.43 -1.76 9.36
CA ASN B 14 9.94 -1.98 10.71
C ASN B 14 11.36 -2.53 10.68
N ALA B 15 11.70 -3.19 9.58
CA ALA B 15 13.04 -3.76 9.42
C ALA B 15 14.11 -2.68 9.54
N PHE B 16 13.81 -1.49 9.03
CA PHE B 16 14.76 -0.38 9.08
C PHE B 16 15.19 -0.10 10.52
N GLY B 17 14.34 -0.47 11.48
CA GLY B 17 14.66 -0.26 12.87
C GLY B 17 14.23 1.12 13.36
N LEU B 18 13.08 1.17 14.01
CA LEU B 18 12.55 2.43 14.53
C LEU B 18 11.87 2.23 15.88
N ASN B 19 10.69 1.64 15.85
CA ASN B 19 9.92 1.39 17.07
C ASN B 19 8.60 0.68 16.77
N GLU B 20 7.66 1.45 16.22
CA GLU B 20 6.35 0.90 15.88
C GLU B 20 5.47 1.96 15.21
N GLU B 21 5.43 3.15 15.81
CA GLU B 21 4.63 4.25 15.27
C GLU B 21 5.19 4.70 13.93
N ASP B 22 6.51 4.80 13.84
CA ASP B 22 7.17 5.24 12.61
C ASP B 22 6.84 4.28 11.46
N THR B 23 6.70 3.00 11.78
CA THR B 23 6.40 2.00 10.77
C THR B 23 4.98 2.15 10.25
N ASN B 24 4.03 2.29 11.16
CA ASN B 24 2.63 2.46 10.79
C ASN B 24 2.40 3.80 10.11
N LEU B 25 3.10 4.83 10.59
CA LEU B 25 2.97 6.17 10.02
C LEU B 25 3.37 6.18 8.55
N LEU B 26 4.41 5.41 8.23
CA LEU B 26 4.89 5.33 6.84
C LEU B 26 3.83 4.74 5.93
N ILE B 27 3.24 3.63 6.34
CA ILE B 27 2.20 2.98 5.55
C ILE B 27 1.02 3.91 5.31
N ASN B 28 0.78 4.81 6.27
CA ASN B 28 -0.32 5.77 6.16
C ASN B 28 -0.10 6.70 4.97
N ALA B 29 1.14 7.13 4.77
CA ALA B 29 1.47 8.03 3.67
C ALA B 29 1.45 7.29 2.34
N VAL B 30 1.98 6.07 2.33
CA VAL B 30 2.02 5.26 1.13
C VAL B 30 0.62 4.83 0.70
N ASP B 31 -0.12 4.25 1.63
CA ASP B 31 -1.48 3.80 1.35
C ASP B 31 -2.37 4.96 0.92
N LEU B 32 -2.36 6.03 1.71
CA LEU B 32 -3.15 7.21 1.42
C LEU B 32 -2.81 7.79 0.05
N ASP B 33 -1.54 7.62 -0.34
CA ASP B 33 -1.07 8.12 -1.63
C ASP B 33 -1.79 7.41 -2.78
N ILE B 34 -1.87 6.09 -2.69
CA ILE B 34 -2.53 5.29 -3.73
C ILE B 34 -4.02 5.57 -3.77
N LYS B 35 -4.64 5.60 -2.59
CA LYS B 35 -6.08 5.86 -2.48
C LYS B 35 -6.40 7.28 -2.94
N ASN B 36 -5.52 8.22 -2.61
CA ASN B 36 -5.73 9.62 -2.98
C ASN B 36 -5.74 9.77 -4.50
N ASN B 37 -4.87 9.03 -5.18
CA ASN B 37 -4.78 9.09 -6.63
C ASN B 37 -5.87 8.24 -7.28
N MET B 38 -6.00 7.01 -6.82
CA MET B 38 -7.01 6.09 -7.35
C MET B 38 -7.06 6.18 -8.87
N GLN B 39 -5.90 6.22 -9.51
CA GLN B 39 -5.82 6.30 -10.96
C GLN B 39 -6.15 4.95 -11.60
N GLU B 40 -6.32 3.94 -10.76
CA GLU B 40 -6.64 2.60 -11.25
C GLU B 40 -5.48 2.03 -12.07
N ILE B 41 -4.57 1.34 -11.39
CA ILE B 41 -3.42 0.74 -12.05
C ILE B 41 -3.85 -0.09 -13.27
N SER B 42 -2.99 -0.12 -14.28
CA SER B 42 -3.28 -0.85 -15.50
C SER B 42 -2.87 -2.32 -15.36
N SER B 43 -2.98 -3.06 -16.45
CA SER B 43 -2.63 -4.49 -16.44
C SER B 43 -3.62 -5.29 -15.62
N GLU B 44 -3.51 -5.19 -14.30
CA GLU B 44 -4.41 -5.91 -13.39
C GLU B 44 -4.25 -7.42 -13.56
N LEU B 45 -3.30 -7.99 -12.82
CA LEU B 45 -3.05 -9.42 -12.89
C LEU B 45 -3.78 -10.16 -11.77
N GLN B 46 -3.48 -11.44 -11.61
CA GLN B 46 -4.11 -12.25 -10.57
C GLN B 46 -3.23 -12.35 -9.34
N GLN B 47 -2.16 -13.14 -9.44
CA GLN B 47 -1.24 -13.32 -8.33
C GLN B 47 -0.08 -14.23 -8.73
N SER B 48 -0.36 -15.53 -8.82
CA SER B 48 0.66 -16.51 -9.19
C SER B 48 0.06 -17.91 -9.25
N GLU B 49 0.94 -18.91 -9.37
CA GLU B 49 0.49 -20.30 -9.45
C GLU B 49 1.44 -21.21 -8.67
N GLN B 50 0.88 -22.14 -7.91
CA GLN B 50 1.67 -23.08 -7.11
C GLN B 50 0.78 -24.11 -6.44
N SER B 51 1.40 -25.01 -5.69
CA SER B 51 0.67 -26.07 -5.00
C SER B 51 1.56 -26.75 -3.96
N LYS B 52 0.92 -27.40 -2.99
CA LYS B 52 1.64 -28.10 -1.94
C LYS B 52 0.68 -28.83 -1.00
N GLN B 53 0.51 -30.13 -1.24
CA GLN B 53 -0.38 -30.94 -0.42
C GLN B 53 0.40 -32.03 0.32
N LYS B 54 1.54 -32.42 -0.24
CA LYS B 54 2.37 -33.45 0.37
C LYS B 54 2.69 -33.10 1.82
N GLN B 55 2.37 -34.03 2.73
CA GLN B 55 2.61 -33.81 4.14
C GLN B 55 2.30 -35.08 4.94
N TYR B 56 3.12 -35.36 5.95
CA TYR B 56 2.94 -36.53 6.79
C TYR B 56 3.68 -36.39 8.11
N GLY B 57 3.62 -37.42 8.94
CA GLY B 57 4.30 -37.39 10.23
C GLY B 57 3.78 -38.45 11.17
N THR B 58 4.69 -39.05 11.95
CA THR B 58 4.31 -40.09 12.90
C THR B 58 5.51 -40.49 13.76
N THR B 59 5.23 -41.19 14.85
CA THR B 59 6.28 -41.64 15.76
C THR B 59 5.75 -42.67 16.75
N LEU B 60 6.64 -43.53 17.23
CA LEU B 60 6.26 -44.57 18.19
C LEU B 60 7.48 -45.08 18.95
N GLN B 61 7.23 -45.91 19.95
CA GLN B 61 8.30 -46.47 20.76
C GLN B 61 7.78 -47.56 21.69
N ASN B 62 8.32 -48.77 21.54
CA ASN B 62 7.90 -49.90 22.37
C ASN B 62 8.76 -51.13 22.09
N LEU B 63 9.86 -51.25 22.82
CA LEU B 63 10.77 -52.38 22.65
C LEU B 63 10.81 -53.24 23.91
N ALA B 64 11.31 -52.67 24.99
CA ALA B 64 11.39 -53.39 26.27
C ALA B 64 12.33 -54.58 26.15
N LYS B 65 12.71 -55.13 27.31
CA LYS B 65 13.60 -56.28 27.34
C LYS B 65 13.66 -56.88 28.74
N GLN B 66 14.57 -57.83 28.93
CA GLN B 66 14.73 -58.48 30.23
C GLN B 66 16.21 -58.73 30.54
N ASN B 67 16.46 -59.42 31.64
CA ASN B 67 17.83 -59.73 32.05
C ASN B 67 18.19 -61.19 31.75
N ARG B 68 19.36 -61.61 32.18
CA ARG B 68 19.82 -62.97 31.96
C ARG B 68 19.99 -63.71 33.28
N ILE B 69 20.55 -64.92 33.21
CA ILE B 69 20.77 -65.72 34.41
C ILE B 69 22.24 -66.10 34.55
N ILE B 70 22.79 -66.72 33.52
CA ILE B 70 24.19 -67.13 33.53
C ILE B 70 25.09 -65.96 33.90
N LYS B 71 25.99 -66.19 34.86
CA LYS B 71 26.93 -65.16 35.30
C LYS B 71 26.19 -63.90 35.71
N GLU A 1 8.12 5.81 -9.88
CA GLU A 1 7.00 6.60 -9.36
C GLU A 1 5.97 6.85 -10.46
N THR A 2 5.53 5.77 -11.10
CA THR A 2 4.54 5.86 -12.17
C THR A 2 3.43 4.84 -11.99
N LYS A 3 3.21 4.41 -10.75
CA LYS A 3 2.18 3.43 -10.44
C LYS A 3 0.94 4.09 -9.86
N TYR A 4 1.12 4.76 -8.71
CA TYR A 4 0.01 5.44 -8.05
C TYR A 4 0.45 6.80 -7.53
N GLU A 5 1.48 7.37 -8.16
CA GLU A 5 1.99 8.67 -7.75
C GLU A 5 2.52 8.62 -6.31
N LEU A 6 3.53 7.79 -6.09
CA LEU A 6 4.13 7.67 -4.76
C LEU A 6 5.43 8.44 -4.66
N ASN A 7 5.48 9.59 -5.33
CA ASN A 7 6.67 10.44 -5.31
C ASN A 7 7.00 10.89 -3.90
N ASN A 8 6.01 11.43 -3.20
CA ASN A 8 6.20 11.90 -1.84
C ASN A 8 6.55 10.74 -0.91
N THR A 9 6.00 9.56 -1.20
CA THR A 9 6.26 8.39 -0.39
C THR A 9 7.73 8.01 -0.42
N LYS A 10 8.33 8.06 -1.60
CA LYS A 10 9.74 7.74 -1.76
C LYS A 10 10.61 8.57 -0.83
N LYS A 11 10.22 9.82 -0.63
CA LYS A 11 10.96 10.73 0.24
C LYS A 11 10.77 10.34 1.70
N VAL A 12 9.61 9.78 2.03
CA VAL A 12 9.31 9.37 3.39
C VAL A 12 10.18 8.19 3.80
N ALA A 13 10.33 7.23 2.90
CA ALA A 13 11.14 6.04 3.16
C ALA A 13 12.62 6.38 3.19
N ASN A 14 13.04 7.27 2.31
CA ASN A 14 14.43 7.69 2.23
C ASN A 14 14.89 8.31 3.55
N ALA A 15 13.94 8.83 4.32
CA ALA A 15 14.23 9.45 5.60
C ALA A 15 14.87 8.46 6.56
N PHE A 16 14.40 7.20 6.50
CA PHE A 16 14.93 6.15 7.37
C PHE A 16 16.43 6.02 7.20
N GLY A 17 16.94 6.42 6.04
CA GLY A 17 18.37 6.33 5.77
C GLY A 17 18.79 4.95 5.30
N LEU A 18 18.85 4.78 3.98
CA LEU A 18 19.25 3.50 3.40
C LEU A 18 20.27 3.70 2.29
N ASN A 19 19.79 4.17 1.13
CA ASN A 19 20.66 4.41 -0.01
C ASN A 19 19.88 4.96 -1.19
N GLU A 20 19.11 4.08 -1.84
CA GLU A 20 18.31 4.47 -2.99
C GLU A 20 17.47 3.30 -3.50
N GLU A 21 18.10 2.13 -3.59
CA GLU A 21 17.41 0.93 -4.06
C GLU A 21 16.41 0.44 -3.03
N ASP A 22 16.78 0.52 -1.75
CA ASP A 22 15.92 0.08 -0.67
C ASP A 22 14.61 0.88 -0.67
N THR A 23 14.70 2.14 -1.02
CA THR A 23 13.52 3.01 -1.05
C THR A 23 12.55 2.58 -2.15
N ASN A 24 13.09 2.35 -3.36
CA ASN A 24 12.27 1.94 -4.48
C ASN A 24 11.74 0.52 -4.28
N LEU A 25 12.57 -0.33 -3.71
CA LEU A 25 12.18 -1.71 -3.44
C LEU A 25 11.02 -1.79 -2.46
N LEU A 26 11.04 -0.90 -1.47
CA LEU A 26 9.98 -0.87 -0.46
C LEU A 26 8.64 -0.54 -1.10
N ILE A 27 8.62 0.50 -1.93
CA ILE A 27 7.39 0.91 -2.61
C ILE A 27 6.82 -0.22 -3.46
N ASN A 28 7.71 -1.07 -3.97
CA ASN A 28 7.29 -2.19 -4.80
C ASN A 28 6.47 -3.19 -3.99
N ALA A 29 6.86 -3.39 -2.73
CA ALA A 29 6.16 -4.31 -1.85
C ALA A 29 4.82 -3.73 -1.41
N VAL A 30 4.83 -2.47 -1.02
CA VAL A 30 3.62 -1.80 -0.57
C VAL A 30 2.64 -1.60 -1.71
N ASP A 31 3.12 -1.00 -2.80
CA ASP A 31 2.28 -0.75 -3.97
C ASP A 31 1.58 -2.03 -4.42
N LEU A 32 2.30 -3.15 -4.35
CA LEU A 32 1.75 -4.43 -4.75
C LEU A 32 0.75 -4.95 -3.71
N ASP A 33 0.98 -4.60 -2.46
CA ASP A 33 0.10 -5.02 -1.37
C ASP A 33 -1.28 -4.39 -1.52
N ILE A 34 -1.31 -3.08 -1.77
CA ILE A 34 -2.57 -2.35 -1.93
C ILE A 34 -3.29 -2.80 -3.19
N LYS A 35 -2.53 -3.00 -4.27
CA LYS A 35 -3.11 -3.42 -5.53
C LYS A 35 -3.89 -4.71 -5.37
N ASN A 36 -3.37 -5.61 -4.55
CA ASN A 36 -4.02 -6.90 -4.31
C ASN A 36 -5.31 -6.71 -3.50
N ASN A 37 -5.36 -5.63 -2.74
CA ASN A 37 -6.53 -5.32 -1.92
C ASN A 37 -7.59 -4.57 -2.73
N MET A 38 -7.17 -4.04 -3.87
CA MET A 38 -8.07 -3.30 -4.75
C MET A 38 -9.34 -4.10 -5.04
N GLN A 39 -9.16 -5.41 -5.21
CA GLN A 39 -10.29 -6.29 -5.50
C GLN A 39 -11.38 -6.14 -4.46
N GLU A 40 -10.99 -5.76 -3.25
CA GLU A 40 -11.93 -5.58 -2.15
C GLU A 40 -12.43 -4.14 -2.09
N ILE A 41 -11.54 -3.20 -2.41
CA ILE A 41 -11.88 -1.79 -2.39
C ILE A 41 -13.15 -1.52 -3.19
N SER A 42 -13.29 -2.23 -4.30
CA SER A 42 -14.46 -2.06 -5.17
C SER A 42 -14.52 -0.65 -5.74
N SER A 43 -14.06 -0.50 -6.98
CA SER A 43 -14.05 0.80 -7.65
C SER A 43 -14.40 0.66 -9.12
N GLU A 44 -13.82 -0.35 -9.77
CA GLU A 44 -14.07 -0.59 -11.18
C GLU A 44 -13.86 -2.07 -11.52
N LEU A 45 -12.80 -2.65 -11.00
CA LEU A 45 -12.49 -4.06 -11.24
C LEU A 45 -12.29 -4.31 -12.73
N GLN A 46 -12.21 -5.59 -13.10
CA GLN A 46 -12.01 -5.97 -14.50
C GLN A 46 -10.68 -5.45 -15.03
N GLN A 47 -9.70 -5.36 -14.14
CA GLN A 47 -8.37 -4.87 -14.52
C GLN A 47 -7.33 -5.26 -13.48
N SER A 48 -7.69 -5.13 -12.20
CA SER A 48 -6.79 -5.46 -11.11
C SER A 48 -6.55 -6.96 -11.05
N GLU A 49 -5.42 -7.35 -10.46
CA GLU A 49 -5.07 -8.76 -10.33
C GLU A 49 -3.74 -8.92 -9.59
N GLN A 50 -3.22 -10.15 -9.58
CA GLN A 50 -1.96 -10.44 -8.91
C GLN A 50 -0.77 -10.14 -9.82
N SER A 51 0.43 -10.16 -9.25
CA SER A 51 1.65 -9.89 -10.01
C SER A 51 2.88 -10.25 -9.19
N LYS A 52 4.02 -10.30 -9.87
CA LYS A 52 5.29 -10.63 -9.20
C LYS A 52 6.25 -9.44 -9.25
N GLN A 53 6.81 -9.18 -10.44
CA GLN A 53 7.74 -8.09 -10.61
C GLN A 53 8.88 -8.17 -9.61
N LYS A 54 9.83 -9.08 -9.88
CA LYS A 54 10.98 -9.26 -9.00
C LYS A 54 12.28 -9.03 -9.76
N GLN A 55 13.39 -9.02 -9.03
CA GLN A 55 14.70 -8.81 -9.63
C GLN A 55 15.72 -9.78 -9.06
N TYR A 56 16.98 -9.60 -9.44
CA TYR A 56 18.06 -10.47 -8.97
C TYR A 56 19.35 -9.69 -8.79
N GLY A 57 20.21 -10.17 -7.90
CA GLY A 57 21.47 -9.50 -7.64
C GLY A 57 22.28 -10.17 -6.56
N THR A 58 23.13 -11.13 -6.96
CA THR A 58 23.96 -11.86 -6.02
C THR A 58 25.43 -11.74 -6.37
N THR A 59 26.28 -11.71 -5.36
CA THR A 59 27.73 -11.59 -5.57
C THR A 59 28.50 -12.21 -4.41
N LEU A 60 28.13 -11.82 -3.18
CA LEU A 60 28.79 -12.33 -1.98
C LEU A 60 30.26 -11.93 -1.96
N GLN A 61 30.58 -10.93 -1.14
CA GLN A 61 31.94 -10.44 -1.02
C GLN A 61 32.35 -10.32 0.45
N ASN A 62 33.65 -10.39 0.70
CA ASN A 62 34.18 -10.29 2.06
C ASN A 62 34.93 -8.98 2.25
N LEU A 63 35.79 -8.66 1.30
CA LEU A 63 36.57 -7.42 1.36
C LEU A 63 37.49 -7.43 2.58
N ALA A 64 38.40 -8.40 2.63
CA ALA A 64 39.34 -8.50 3.74
C ALA A 64 40.35 -7.37 3.71
N LYS A 65 41.01 -7.19 2.57
CA LYS A 65 42.00 -6.13 2.42
C LYS A 65 41.84 -5.42 1.08
N GLN A 66 41.40 -4.17 1.13
CA GLN A 66 41.21 -3.39 -0.09
C GLN A 66 41.17 -1.89 0.22
N ASN A 67 40.98 -1.08 -0.81
CA ASN A 67 40.92 0.37 -0.64
C ASN A 67 39.81 0.76 0.32
N ARG A 68 38.72 -0.02 0.32
CA ARG A 68 37.59 0.25 1.19
C ARG A 68 36.96 1.60 0.84
N ILE A 69 35.97 1.57 -0.04
CA ILE A 69 35.27 2.78 -0.45
C ILE A 69 33.75 2.62 -0.33
N ILE A 70 33.31 2.02 0.77
CA ILE A 70 31.89 1.81 1.01
C ILE A 70 31.12 3.13 0.93
N LYS A 71 29.89 3.05 0.43
CA LYS A 71 29.04 4.23 0.30
C LYS A 71 28.14 4.39 1.52
N GLU B 1 -6.43 -3.18 8.41
CA GLU B 1 -7.70 -2.64 8.86
C GLU B 1 -8.08 -1.40 8.08
N THR B 2 -7.37 -0.30 8.35
CA THR B 2 -7.64 0.96 7.67
C THR B 2 -6.84 1.06 6.37
N LYS B 3 -5.73 0.34 6.30
CA LYS B 3 -4.87 0.35 5.11
C LYS B 3 -5.05 -0.94 4.32
N TYR B 4 -6.25 -1.50 4.37
CA TYR B 4 -6.56 -2.73 3.64
C TYR B 4 -5.95 -3.94 4.36
N GLU B 5 -4.65 -3.86 4.64
CA GLU B 5 -3.95 -4.95 5.32
C GLU B 5 -2.47 -4.62 5.48
N LEU B 6 -1.72 -4.72 4.39
CA LEU B 6 -0.29 -4.44 4.41
C LEU B 6 0.39 -5.16 5.57
N ASN B 7 0.06 -6.43 5.75
CA ASN B 7 0.64 -7.23 6.82
C ASN B 7 2.13 -7.45 6.58
N ASN B 8 2.48 -7.90 5.39
CA ASN B 8 3.88 -8.15 5.03
C ASN B 8 4.66 -6.84 4.93
N THR B 9 4.02 -5.83 4.35
CA THR B 9 4.65 -4.52 4.20
C THR B 9 5.04 -3.93 5.54
N LYS B 10 4.15 -4.06 6.52
CA LYS B 10 4.41 -3.53 7.86
C LYS B 10 5.71 -4.09 8.42
N LYS B 11 6.00 -5.35 8.09
CA LYS B 11 7.22 -6.00 8.57
C LYS B 11 8.45 -5.42 7.87
N VAL B 12 8.31 -5.13 6.58
CA VAL B 12 9.40 -4.57 5.79
C VAL B 12 9.74 -3.16 6.25
N ALA B 13 8.70 -2.35 6.44
CA ALA B 13 8.89 -0.97 6.88
C ALA B 13 9.33 -0.91 8.34
N ASN B 14 8.97 -1.93 9.11
CA ASN B 14 9.33 -2.00 10.52
C ASN B 14 10.64 -2.76 10.71
N ALA B 15 11.36 -2.95 9.62
CA ALA B 15 12.64 -3.65 9.67
C ALA B 15 13.82 -2.68 9.67
N PHE B 16 13.59 -1.50 9.09
CA PHE B 16 14.63 -0.48 9.02
C PHE B 16 15.18 -0.16 10.41
N GLY B 17 14.35 -0.39 11.43
CA GLY B 17 14.78 -0.12 12.80
C GLY B 17 14.38 1.27 13.26
N LEU B 18 13.24 1.37 13.94
CA LEU B 18 12.76 2.65 14.44
C LEU B 18 12.12 2.50 15.82
N ASN B 19 10.91 1.93 15.84
CA ASN B 19 10.20 1.71 17.10
C ASN B 19 8.86 1.03 16.85
N GLU B 20 7.90 1.80 16.32
CA GLU B 20 6.57 1.27 16.04
C GLU B 20 5.68 2.36 15.43
N GLU B 21 5.78 3.56 15.98
CA GLU B 21 4.97 4.68 15.49
C GLU B 21 5.45 5.12 14.11
N ASP B 22 6.76 5.15 13.91
CA ASP B 22 7.34 5.55 12.64
C ASP B 22 6.89 4.63 11.52
N THR B 23 6.68 3.36 11.85
CA THR B 23 6.24 2.37 10.88
C THR B 23 4.82 2.64 10.42
N ASN B 24 3.92 2.85 11.38
CA ASN B 24 2.52 3.12 11.08
C ASN B 24 2.37 4.43 10.32
N LEU B 25 3.18 5.42 10.71
CA LEU B 25 3.13 6.74 10.06
C LEU B 25 3.52 6.64 8.59
N LEU B 26 4.50 5.79 8.30
CA LEU B 26 4.96 5.60 6.93
C LEU B 26 3.89 4.94 6.08
N ILE B 27 3.31 3.87 6.59
CA ILE B 27 2.26 3.15 5.87
C ILE B 27 1.07 4.05 5.59
N ASN B 28 0.84 5.02 6.49
CA ASN B 28 -0.27 5.95 6.33
C ASN B 28 -0.10 6.81 5.09
N ALA B 29 1.14 7.22 4.82
CA ALA B 29 1.44 8.05 3.66
C ALA B 29 1.41 7.22 2.38
N VAL B 30 2.01 6.04 2.42
CA VAL B 30 2.03 5.15 1.26
C VAL B 30 0.64 4.62 0.93
N ASP B 31 -0.03 4.06 1.94
CA ASP B 31 -1.36 3.53 1.75
C ASP B 31 -2.32 4.60 1.26
N LEU B 32 -2.33 5.74 1.93
CA LEU B 32 -3.20 6.86 1.56
C LEU B 32 -2.85 7.38 0.17
N ASP B 33 -1.55 7.39 -0.14
CA ASP B 33 -1.08 7.86 -1.43
C ASP B 33 -1.65 7.01 -2.57
N ILE B 34 -1.58 5.69 -2.40
CA ILE B 34 -2.09 4.77 -3.40
C ILE B 34 -3.60 4.87 -3.52
N LYS B 35 -4.28 4.98 -2.39
CA LYS B 35 -5.73 5.09 -2.36
C LYS B 35 -6.20 6.27 -3.21
N ASN B 36 -5.47 7.37 -3.15
CA ASN B 36 -5.81 8.56 -3.92
C ASN B 36 -5.73 8.28 -5.42
N ASN B 37 -4.80 7.42 -5.81
CA ASN B 37 -4.62 7.08 -7.21
C ASN B 37 -5.56 5.95 -7.62
N MET B 38 -6.00 5.17 -6.64
CA MET B 38 -6.92 4.05 -6.89
C MET B 38 -8.13 4.52 -7.69
N GLN B 39 -8.51 5.78 -7.48
CA GLN B 39 -9.66 6.35 -8.18
C GLN B 39 -9.51 6.21 -9.69
N GLU B 40 -8.26 6.13 -10.15
CA GLU B 40 -7.99 5.99 -11.57
C GLU B 40 -7.85 4.53 -11.96
N ILE B 41 -7.49 3.69 -10.99
CA ILE B 41 -7.33 2.26 -11.24
C ILE B 41 -6.25 2.00 -12.29
N SER B 42 -5.05 1.65 -11.81
CA SER B 42 -3.94 1.37 -12.71
C SER B 42 -3.47 -0.07 -12.57
N SER B 43 -3.32 -0.75 -13.71
CA SER B 43 -2.89 -2.14 -13.72
C SER B 43 -1.86 -2.38 -14.81
N GLU B 44 -1.52 -3.66 -15.02
CA GLU B 44 -0.54 -4.02 -16.04
C GLU B 44 -1.22 -4.68 -17.23
N LEU B 45 -1.72 -5.90 -17.03
CA LEU B 45 -2.39 -6.65 -18.07
C LEU B 45 -2.91 -7.99 -17.56
N GLN B 46 -4.15 -8.31 -17.88
CA GLN B 46 -4.76 -9.56 -17.45
C GLN B 46 -6.17 -9.70 -18.01
N GLN B 47 -6.87 -8.58 -18.11
CA GLN B 47 -8.25 -8.59 -18.63
C GLN B 47 -8.27 -8.09 -20.07
N SER B 48 -9.12 -8.73 -20.89
CA SER B 48 -9.25 -8.35 -22.29
C SER B 48 -10.51 -7.51 -22.52
N GLU B 49 -10.91 -6.78 -21.50
CA GLU B 49 -12.10 -5.94 -21.58
C GLU B 49 -11.74 -4.47 -21.42
N GLN B 50 -11.02 -3.93 -22.40
CA GLN B 50 -10.61 -2.52 -22.36
C GLN B 50 -11.79 -1.60 -22.64
N SER B 51 -12.24 -0.90 -21.61
CA SER B 51 -13.37 0.02 -21.74
C SER B 51 -13.10 1.33 -21.01
N LYS B 52 -11.82 1.67 -20.88
CA LYS B 52 -11.43 2.90 -20.20
C LYS B 52 -10.07 3.39 -20.71
N GLN B 53 -9.86 4.70 -20.64
CA GLN B 53 -8.61 5.29 -21.09
C GLN B 53 -8.09 6.31 -20.08
N LYS B 54 -8.15 5.94 -18.80
CA LYS B 54 -7.68 6.82 -17.73
C LYS B 54 -6.33 6.37 -17.21
N GLN B 55 -5.42 6.07 -18.13
CA GLN B 55 -4.07 5.63 -17.76
C GLN B 55 -3.02 6.32 -18.62
N TYR B 56 -2.10 7.02 -17.97
CA TYR B 56 -1.03 7.73 -18.68
C TYR B 56 0.33 7.43 -18.04
N GLY B 57 1.25 6.93 -18.85
CA GLY B 57 2.58 6.61 -18.36
C GLY B 57 2.58 5.40 -17.45
N THR B 58 2.95 4.24 -18.01
CA THR B 58 3.00 3.01 -17.24
C THR B 58 3.83 1.96 -17.95
N THR B 59 5.15 2.12 -17.89
CA THR B 59 6.06 1.17 -18.52
C THR B 59 6.02 -0.18 -17.83
N LEU B 60 5.70 -1.22 -18.61
CA LEU B 60 5.63 -2.58 -18.06
C LEU B 60 6.67 -3.47 -18.72
N GLN B 61 7.36 -4.27 -17.91
CA GLN B 61 8.38 -5.18 -18.41
C GLN B 61 8.05 -6.62 -18.06
N ASN B 62 8.75 -7.56 -18.69
CA ASN B 62 8.53 -8.98 -18.44
C ASN B 62 9.60 -9.82 -19.12
N LEU B 63 10.73 -10.00 -18.44
CA LEU B 63 11.83 -10.79 -18.98
C LEU B 63 12.13 -11.99 -18.09
N ALA B 64 11.07 -12.61 -17.57
CA ALA B 64 11.22 -13.77 -16.70
C ALA B 64 10.09 -14.77 -16.92
N LYS B 65 10.39 -15.85 -17.63
CA LYS B 65 9.38 -16.88 -17.91
C LYS B 65 9.86 -18.25 -17.41
N GLN B 66 9.10 -18.83 -16.50
CA GLN B 66 9.44 -20.14 -15.94
C GLN B 66 9.47 -21.20 -17.03
N ASN B 67 9.93 -22.40 -16.68
CA ASN B 67 10.00 -23.50 -17.63
C ASN B 67 9.77 -24.83 -16.93
N ARG B 68 8.97 -25.70 -17.54
CA ARG B 68 8.66 -27.00 -16.97
C ARG B 68 8.11 -26.87 -15.55
N ILE B 69 6.79 -26.77 -15.45
CA ILE B 69 6.14 -26.64 -14.16
C ILE B 69 5.38 -27.91 -13.80
N ILE B 70 4.90 -28.62 -14.82
CA ILE B 70 4.16 -29.86 -14.60
C ILE B 70 2.88 -29.61 -13.82
N LYS B 71 1.84 -29.16 -14.51
CA LYS B 71 0.55 -28.89 -13.90
C LYS B 71 -0.10 -30.18 -13.39
N GLU A 1 7.48 5.08 -8.09
CA GLU A 1 7.91 6.31 -8.77
C GLU A 1 6.84 6.78 -9.75
N THR A 2 6.33 5.85 -10.56
CA THR A 2 5.30 6.17 -11.54
C THR A 2 4.14 5.18 -11.46
N LYS A 3 3.88 4.67 -10.26
CA LYS A 3 2.79 3.72 -10.06
C LYS A 3 1.51 4.45 -9.65
N TYR A 4 1.56 5.13 -8.51
CA TYR A 4 0.40 5.87 -8.03
C TYR A 4 0.80 7.25 -7.50
N GLU A 5 1.90 7.77 -8.04
CA GLU A 5 2.40 9.08 -7.62
C GLU A 5 2.81 9.06 -6.15
N LEU A 6 3.82 8.27 -5.84
CA LEU A 6 4.31 8.15 -4.46
C LEU A 6 5.64 8.87 -4.31
N ASN A 7 5.79 10.01 -4.97
CA ASN A 7 7.02 10.79 -4.91
C ASN A 7 7.34 11.18 -3.46
N ASN A 8 6.36 11.75 -2.77
CA ASN A 8 6.53 12.17 -1.39
C ASN A 8 6.80 10.97 -0.49
N THR A 9 6.19 9.83 -0.83
CA THR A 9 6.37 8.61 -0.05
C THR A 9 7.84 8.20 0.01
N LYS A 10 8.52 8.29 -1.14
CA LYS A 10 9.93 7.93 -1.22
C LYS A 10 10.75 8.72 -0.19
N LYS A 11 10.51 10.02 -0.11
CA LYS A 11 11.23 10.87 0.83
C LYS A 11 10.98 10.42 2.26
N VAL A 12 9.80 9.86 2.52
CA VAL A 12 9.45 9.39 3.85
C VAL A 12 10.28 8.17 4.24
N ALA A 13 10.47 7.27 3.29
CA ALA A 13 11.25 6.06 3.53
C ALA A 13 12.74 6.39 3.65
N ASN A 14 13.20 7.33 2.85
CA ASN A 14 14.60 7.73 2.86
C ASN A 14 14.98 8.34 4.22
N ALA A 15 13.99 8.86 4.92
CA ALA A 15 14.20 9.46 6.22
C ALA A 15 14.80 8.46 7.20
N PHE A 16 14.35 7.21 7.11
CA PHE A 16 14.84 6.16 7.99
C PHE A 16 16.35 6.03 7.90
N GLY A 17 16.91 6.45 6.76
CA GLY A 17 18.35 6.37 6.57
C GLY A 17 18.79 5.04 5.99
N LEU A 18 19.00 5.01 4.68
CA LEU A 18 19.42 3.79 4.01
C LEU A 18 20.39 4.11 2.87
N ASN A 19 19.85 4.62 1.77
CA ASN A 19 20.68 4.97 0.61
C ASN A 19 19.82 5.55 -0.50
N GLU A 20 19.07 4.70 -1.19
CA GLU A 20 18.20 5.13 -2.27
C GLU A 20 17.42 3.95 -2.85
N GLU A 21 18.10 2.83 -3.04
CA GLU A 21 17.47 1.63 -3.58
C GLU A 21 16.53 1.01 -2.56
N ASP A 22 16.95 0.97 -1.31
CA ASP A 22 16.14 0.41 -0.23
C ASP A 22 14.81 1.14 -0.11
N THR A 23 14.84 2.44 -0.41
CA THR A 23 13.63 3.27 -0.33
C THR A 23 12.61 2.87 -1.40
N ASN A 24 13.10 2.68 -2.62
CA ASN A 24 12.23 2.29 -3.74
C ASN A 24 11.71 0.87 -3.54
N LEU A 25 12.56 0.00 -3.02
CA LEU A 25 12.18 -1.39 -2.79
C LEU A 25 11.00 -1.48 -1.82
N LEU A 26 11.00 -0.62 -0.82
CA LEU A 26 9.93 -0.59 0.18
C LEU A 26 8.59 -0.26 -0.47
N ILE A 27 8.57 0.79 -1.29
CA ILE A 27 7.35 1.20 -1.98
C ILE A 27 6.83 0.09 -2.88
N ASN A 28 7.74 -0.72 -3.40
CA ASN A 28 7.37 -1.83 -4.29
C ASN A 28 6.55 -2.87 -3.53
N ALA A 29 6.90 -3.09 -2.27
CA ALA A 29 6.19 -4.05 -1.44
C ALA A 29 4.80 -3.55 -1.06
N VAL A 30 4.74 -2.29 -0.62
CA VAL A 30 3.48 -1.68 -0.22
C VAL A 30 2.57 -1.47 -1.43
N ASP A 31 3.10 -0.81 -2.44
CA ASP A 31 2.34 -0.54 -3.66
C ASP A 31 1.71 -1.81 -4.20
N LEU A 32 2.45 -2.90 -4.13
CA LEU A 32 1.96 -4.20 -4.61
C LEU A 32 0.90 -4.76 -3.67
N ASP A 33 1.03 -4.46 -2.39
CA ASP A 33 0.08 -4.93 -1.39
C ASP A 33 -1.30 -4.34 -1.62
N ILE A 34 -1.35 -3.03 -1.84
CA ILE A 34 -2.61 -2.34 -2.07
C ILE A 34 -3.24 -2.77 -3.40
N LYS A 35 -2.41 -2.94 -4.42
CA LYS A 35 -2.88 -3.36 -5.73
C LYS A 35 -3.65 -4.68 -5.63
N ASN A 36 -3.16 -5.58 -4.78
CA ASN A 36 -3.81 -6.88 -4.61
C ASN A 36 -5.21 -6.71 -4.02
N ASN A 37 -5.37 -5.71 -3.15
CA ASN A 37 -6.65 -5.45 -2.52
C ASN A 37 -7.52 -4.56 -3.41
N MET A 38 -6.89 -3.89 -4.36
CA MET A 38 -7.61 -3.01 -5.28
C MET A 38 -8.69 -3.77 -6.02
N GLN A 39 -8.53 -5.09 -6.11
CA GLN A 39 -9.50 -5.92 -6.81
C GLN A 39 -10.77 -6.08 -5.98
N GLU A 40 -10.66 -5.82 -4.68
CA GLU A 40 -11.80 -5.94 -3.79
C GLU A 40 -12.52 -4.60 -3.63
N ILE A 41 -11.90 -3.69 -2.87
CA ILE A 41 -12.47 -2.38 -2.64
C ILE A 41 -13.71 -2.45 -1.75
N SER A 42 -14.78 -3.01 -2.28
CA SER A 42 -16.03 -3.14 -1.53
C SER A 42 -16.67 -1.77 -1.30
N SER A 43 -16.11 -1.02 -0.35
CA SER A 43 -16.62 0.30 -0.02
C SER A 43 -18.09 0.23 0.38
N GLU A 44 -18.70 1.38 0.63
CA GLU A 44 -20.09 1.45 1.03
C GLU A 44 -20.67 2.84 0.79
N LEU A 45 -20.42 3.38 -0.41
CA LEU A 45 -20.91 4.71 -0.76
C LEU A 45 -20.28 5.77 0.15
N GLN A 46 -18.96 5.83 0.15
CA GLN A 46 -18.25 6.80 0.96
C GLN A 46 -16.79 6.93 0.52
N GLN A 47 -16.41 8.12 0.08
CA GLN A 47 -15.04 8.36 -0.37
C GLN A 47 -14.84 9.83 -0.71
N SER A 48 -13.65 10.16 -1.21
CA SER A 48 -13.33 11.55 -1.56
C SER A 48 -13.49 12.47 -0.36
N GLU A 49 -12.39 12.67 0.37
CA GLU A 49 -12.41 13.54 1.55
C GLU A 49 -11.18 14.43 1.58
N GLN A 50 -11.34 15.67 1.13
CA GLN A 50 -10.23 16.63 1.12
C GLN A 50 -10.75 18.06 1.18
N SER A 51 -10.25 18.82 2.14
CA SER A 51 -10.65 20.21 2.31
C SER A 51 -9.63 20.98 3.14
N LYS A 52 -9.36 20.51 4.34
CA LYS A 52 -8.40 21.14 5.23
C LYS A 52 -7.06 21.32 4.54
N GLN A 53 -6.35 22.38 4.90
CA GLN A 53 -5.04 22.67 4.31
C GLN A 53 -4.38 23.85 5.00
N LYS A 54 -4.14 23.72 6.30
CA LYS A 54 -3.51 24.79 7.07
C LYS A 54 -3.04 24.26 8.43
N GLN A 55 -2.30 25.10 9.15
CA GLN A 55 -1.79 24.72 10.46
C GLN A 55 -1.87 25.89 11.43
N TYR A 56 -2.35 25.62 12.65
CA TYR A 56 -2.47 26.66 13.67
C TYR A 56 -1.52 26.40 14.83
N GLY A 57 -0.57 27.31 15.01
CA GLY A 57 0.40 27.16 16.09
C GLY A 57 0.04 27.99 17.31
N THR A 58 -0.08 29.30 17.12
CA THR A 58 -0.41 30.20 18.21
C THR A 58 0.63 30.15 19.31
N THR A 59 1.63 31.03 19.22
CA THR A 59 2.69 31.08 20.21
C THR A 59 2.43 32.16 21.25
N LEU A 60 2.41 31.77 22.52
CA LEU A 60 2.17 32.71 23.62
C LEU A 60 2.83 32.22 24.90
N GLN A 61 2.85 33.08 25.90
CA GLN A 61 3.45 32.75 27.19
C GLN A 61 2.47 31.96 28.06
N ASN A 62 3.00 31.21 29.01
CA ASN A 62 2.18 30.40 29.90
C ASN A 62 2.98 29.95 31.12
N LEU A 63 4.22 29.56 30.89
CA LEU A 63 5.09 29.11 31.99
C LEU A 63 4.43 28.00 32.79
N ALA A 64 4.07 26.91 32.10
CA ALA A 64 3.43 25.78 32.75
C ALA A 64 4.42 25.01 33.62
N LYS A 65 4.45 25.34 34.91
CA LYS A 65 5.36 24.68 35.85
C LYS A 65 5.17 23.17 35.81
N GLN A 66 3.92 22.73 35.84
CA GLN A 66 3.61 21.31 35.80
C GLN A 66 4.24 20.58 36.99
N ASN A 67 4.18 19.26 36.96
CA ASN A 67 4.75 18.45 38.04
C ASN A 67 5.61 17.32 37.48
N ARG A 68 6.69 17.00 38.18
CA ARG A 68 7.59 15.94 37.75
C ARG A 68 7.39 14.69 38.59
N ILE A 69 6.54 13.78 38.11
CA ILE A 69 6.26 12.55 38.82
C ILE A 69 5.89 11.43 37.85
N ILE A 70 6.40 11.53 36.62
CA ILE A 70 6.11 10.53 35.60
C ILE A 70 7.41 9.96 35.02
N LYS A 71 7.69 8.70 35.37
CA LYS A 71 8.90 8.03 34.88
C LYS A 71 8.54 6.75 34.14
N GLU B 1 -12.06 0.09 5.68
CA GLU B 1 -11.20 -0.45 4.65
C GLU B 1 -10.29 0.63 4.07
N THR B 2 -9.32 1.07 4.87
CA THR B 2 -8.38 2.10 4.45
C THR B 2 -7.02 1.50 4.11
N LYS B 3 -6.45 0.79 5.08
CA LYS B 3 -5.14 0.17 4.88
C LYS B 3 -5.26 -1.13 4.08
N TYR B 4 -6.45 -1.72 4.11
CA TYR B 4 -6.70 -2.96 3.38
C TYR B 4 -6.06 -4.15 4.10
N GLU B 5 -4.77 -4.02 4.39
CA GLU B 5 -4.04 -5.09 5.08
C GLU B 5 -2.58 -4.71 5.28
N LEU B 6 -1.81 -4.78 4.20
CA LEU B 6 -0.39 -4.44 4.26
C LEU B 6 0.29 -5.16 5.41
N ASN B 7 0.07 -6.46 5.51
CA ASN B 7 0.67 -7.26 6.58
C ASN B 7 2.18 -7.34 6.41
N ASN B 8 2.63 -7.70 5.21
CA ASN B 8 4.05 -7.81 4.93
C ASN B 8 4.73 -6.44 4.99
N THR B 9 3.98 -5.40 4.62
CA THR B 9 4.52 -4.04 4.63
C THR B 9 4.96 -3.64 6.03
N LYS B 10 4.12 -3.93 7.02
CA LYS B 10 4.42 -3.61 8.41
C LYS B 10 5.76 -4.22 8.83
N LYS B 11 6.02 -5.43 8.38
CA LYS B 11 7.26 -6.13 8.70
C LYS B 11 8.43 -5.52 7.92
N VAL B 12 8.15 -5.06 6.71
CA VAL B 12 9.18 -4.46 5.86
C VAL B 12 9.68 -3.15 6.44
N ALA B 13 8.75 -2.36 6.98
CA ALA B 13 9.09 -1.07 7.57
C ALA B 13 9.84 -1.25 8.89
N ASN B 14 9.44 -2.25 9.66
CA ASN B 14 10.07 -2.53 10.94
C ASN B 14 11.52 -2.99 10.74
N ALA B 15 11.81 -3.51 9.57
CA ALA B 15 13.15 -4.00 9.25
C ALA B 15 14.19 -2.91 9.52
N PHE B 16 13.94 -1.71 9.02
CA PHE B 16 14.86 -0.59 9.19
C PHE B 16 15.19 -0.41 10.68
N GLY B 17 14.25 -0.76 11.54
CA GLY B 17 14.46 -0.62 12.98
C GLY B 17 14.14 0.77 13.47
N LEU B 18 12.93 0.96 13.99
CA LEU B 18 12.50 2.25 14.51
C LEU B 18 11.81 2.10 15.85
N ASN B 19 10.58 1.60 15.83
CA ASN B 19 9.81 1.41 17.06
C ASN B 19 8.44 0.82 16.75
N GLU B 20 7.54 1.65 16.22
CA GLU B 20 6.20 1.22 15.88
C GLU B 20 5.38 2.36 15.28
N GLU B 21 5.59 3.56 15.80
CA GLU B 21 4.88 4.74 15.32
C GLU B 21 5.37 5.15 13.93
N ASP B 22 6.68 5.12 13.75
CA ASP B 22 7.28 5.48 12.47
C ASP B 22 6.80 4.55 11.36
N THR B 23 6.72 3.26 11.67
CA THR B 23 6.28 2.26 10.70
C THR B 23 4.86 2.56 10.23
N ASN B 24 3.97 2.81 11.18
CA ASN B 24 2.57 3.11 10.86
C ASN B 24 2.45 4.45 10.15
N LEU B 25 3.25 5.40 10.59
CA LEU B 25 3.24 6.75 9.99
C LEU B 25 3.60 6.68 8.51
N LEU B 26 4.55 5.83 8.17
CA LEU B 26 4.99 5.68 6.79
C LEU B 26 3.90 5.00 5.95
N ILE B 27 3.37 3.90 6.45
CA ILE B 27 2.33 3.16 5.75
C ILE B 27 1.09 4.03 5.54
N ASN B 28 0.86 4.96 6.46
CA ASN B 28 -0.29 5.86 6.36
C ASN B 28 -0.19 6.73 5.12
N ALA B 29 1.02 7.21 4.82
CA ALA B 29 1.25 8.05 3.66
C ALA B 29 1.20 7.24 2.36
N VAL B 30 1.81 6.06 2.39
CA VAL B 30 1.84 5.19 1.23
C VAL B 30 0.44 4.67 0.89
N ASP B 31 -0.23 4.11 1.89
CA ASP B 31 -1.57 3.58 1.71
C ASP B 31 -2.53 4.68 1.28
N LEU B 32 -2.37 5.86 1.85
CA LEU B 32 -3.23 7.00 1.53
C LEU B 32 -2.93 7.51 0.11
N ASP B 33 -1.66 7.54 -0.25
CA ASP B 33 -1.25 8.00 -1.57
C ASP B 33 -1.85 7.12 -2.66
N ILE B 34 -1.75 5.81 -2.48
CA ILE B 34 -2.28 4.86 -3.45
C ILE B 34 -3.80 4.94 -3.53
N LYS B 35 -4.44 5.08 -2.36
CA LYS B 35 -5.89 5.17 -2.29
C LYS B 35 -6.40 6.32 -3.15
N ASN B 36 -5.67 7.43 -3.14
CA ASN B 36 -6.06 8.60 -3.92
C ASN B 36 -6.02 8.29 -5.42
N ASN B 37 -5.15 7.37 -5.81
CA ASN B 37 -5.02 6.98 -7.21
C ASN B 37 -6.05 5.91 -7.57
N MET B 38 -6.50 5.16 -6.58
CA MET B 38 -7.48 4.11 -6.79
C MET B 38 -8.69 4.64 -7.56
N GLN B 39 -9.01 5.91 -7.33
CA GLN B 39 -10.15 6.54 -7.99
C GLN B 39 -9.95 6.56 -9.51
N GLU B 40 -8.72 6.84 -9.93
CA GLU B 40 -8.40 6.89 -11.36
C GLU B 40 -7.41 5.79 -11.74
N ILE B 41 -7.70 4.57 -11.31
CA ILE B 41 -6.83 3.44 -11.60
C ILE B 41 -7.38 2.60 -12.76
N SER B 42 -6.48 1.99 -13.52
CA SER B 42 -6.87 1.16 -14.65
C SER B 42 -7.56 -0.11 -14.18
N SER B 43 -8.47 -0.62 -15.00
CA SER B 43 -9.20 -1.84 -14.66
C SER B 43 -10.03 -1.65 -13.39
N GLU B 44 -10.58 -0.45 -13.23
CA GLU B 44 -11.39 -0.14 -12.06
C GLU B 44 -12.66 -0.98 -12.03
N LEU B 45 -13.14 -1.34 -13.22
CA LEU B 45 -14.35 -2.14 -13.32
C LEU B 45 -14.05 -3.62 -13.07
N GLN B 46 -14.52 -4.11 -11.93
CA GLN B 46 -14.30 -5.51 -11.56
C GLN B 46 -15.38 -6.00 -10.59
N GLN B 47 -15.69 -7.28 -10.65
CA GLN B 47 -16.70 -7.86 -9.78
C GLN B 47 -16.37 -7.63 -8.32
N SER B 48 -17.39 -7.25 -7.54
CA SER B 48 -17.20 -6.98 -6.12
C SER B 48 -18.55 -6.94 -5.39
N GLU B 49 -18.50 -6.94 -4.07
CA GLU B 49 -19.72 -6.91 -3.26
C GLU B 49 -19.67 -5.77 -2.25
N GLN B 50 -20.64 -5.74 -1.35
CA GLN B 50 -20.70 -4.70 -0.32
C GLN B 50 -20.80 -5.32 1.07
N SER B 51 -20.85 -4.47 2.08
CA SER B 51 -20.94 -4.92 3.47
C SER B 51 -22.40 -5.11 3.89
N LYS B 52 -22.60 -5.51 5.14
CA LYS B 52 -23.94 -5.73 5.67
C LYS B 52 -23.87 -6.15 7.13
N GLN B 53 -25.03 -6.55 7.67
CA GLN B 53 -25.10 -6.99 9.06
C GLN B 53 -24.70 -5.86 10.00
N LYS B 54 -25.10 -4.64 9.67
CA LYS B 54 -24.78 -3.47 10.49
C LYS B 54 -26.05 -2.84 11.05
N GLN B 55 -27.16 -3.01 10.35
CA GLN B 55 -28.43 -2.46 10.78
C GLN B 55 -28.85 -3.04 12.13
N TYR B 56 -29.60 -2.25 12.90
CA TYR B 56 -30.06 -2.69 14.21
C TYR B 56 -31.33 -1.97 14.61
N GLY B 57 -31.28 -0.65 14.64
CA GLY B 57 -32.45 0.14 14.99
C GLY B 57 -32.10 1.34 15.86
N THR B 58 -32.94 1.62 16.85
CA THR B 58 -32.71 2.74 17.75
C THR B 58 -33.43 2.54 19.07
N THR B 59 -32.77 2.92 20.16
CA THR B 59 -33.35 2.77 21.50
C THR B 59 -33.59 4.14 22.14
N LEU B 60 -32.69 5.08 21.86
CA LEU B 60 -32.80 6.43 22.41
C LEU B 60 -32.74 6.40 23.93
N GLN B 61 -32.73 7.58 24.54
CA GLN B 61 -32.68 7.69 25.99
C GLN B 61 -34.05 8.04 26.57
N ASN B 62 -34.56 9.22 26.22
CA ASN B 62 -35.86 9.67 26.70
C ASN B 62 -35.88 9.72 28.22
N LEU B 63 -35.19 10.72 28.78
CA LEU B 63 -35.13 10.89 30.23
C LEU B 63 -36.50 11.24 30.79
N ALA B 64 -37.12 12.28 30.22
CA ALA B 64 -38.43 12.73 30.67
C ALA B 64 -38.42 13.08 32.15
N LYS B 65 -38.12 14.33 32.45
CA LYS B 65 -38.08 14.79 33.84
C LYS B 65 -38.40 16.28 33.92
N GLN B 66 -39.69 16.61 33.85
CA GLN B 66 -40.12 18.00 33.92
C GLN B 66 -41.05 18.22 35.12
N ASN B 67 -40.53 17.98 36.31
CA ASN B 67 -41.32 18.15 37.53
C ASN B 67 -42.55 17.25 37.51
N ARG B 68 -43.35 17.33 38.57
CA ARG B 68 -44.57 16.53 38.68
C ARG B 68 -45.81 17.41 38.56
N ILE B 69 -46.80 16.92 37.82
CA ILE B 69 -48.04 17.66 37.62
C ILE B 69 -49.23 16.91 38.21
N ILE B 70 -49.03 16.35 39.40
CA ILE B 70 -50.09 15.60 40.08
C ILE B 70 -51.17 16.54 40.60
N LYS B 71 -52.32 15.97 40.96
CA LYS B 71 -53.43 16.75 41.48
C LYS B 71 -54.38 15.86 42.29
N GLU A 1 9.04 5.48 -10.71
CA GLU A 1 8.13 6.02 -9.70
C GLU A 1 6.92 6.68 -10.37
N THR A 2 6.02 5.87 -10.91
CA THR A 2 4.83 6.39 -11.57
C THR A 2 3.67 5.40 -11.47
N LYS A 3 3.64 4.64 -10.38
CA LYS A 3 2.59 3.66 -10.16
C LYS A 3 1.30 4.34 -9.69
N TYR A 4 1.39 5.05 -8.57
CA TYR A 4 0.23 5.74 -8.01
C TYR A 4 0.63 7.11 -7.48
N GLU A 5 1.65 7.71 -8.08
CA GLU A 5 2.13 9.02 -7.65
C GLU A 5 2.61 8.98 -6.20
N LEU A 6 3.62 8.17 -5.93
CA LEU A 6 4.17 8.05 -4.59
C LEU A 6 5.47 8.82 -4.46
N ASN A 7 5.55 9.97 -5.12
CA ASN A 7 6.74 10.81 -5.08
C ASN A 7 7.05 11.23 -3.65
N ASN A 8 6.04 11.78 -2.96
CA ASN A 8 6.20 12.23 -1.59
C ASN A 8 6.54 11.06 -0.67
N THR A 9 5.99 9.88 -0.98
CA THR A 9 6.23 8.69 -0.18
C THR A 9 7.68 8.24 -0.29
N LYS A 10 8.25 8.40 -1.48
CA LYS A 10 9.64 8.01 -1.71
C LYS A 10 10.57 8.69 -0.71
N LYS A 11 10.29 9.95 -0.42
CA LYS A 11 11.10 10.71 0.52
C LYS A 11 10.94 10.18 1.94
N VAL A 12 9.74 9.66 2.24
CA VAL A 12 9.46 9.11 3.56
C VAL A 12 10.29 7.87 3.83
N ALA A 13 10.40 7.01 2.83
CA ALA A 13 11.16 5.77 2.96
C ALA A 13 12.67 6.06 2.99
N ASN A 14 13.09 7.02 2.19
CA ASN A 14 14.50 7.39 2.12
C ASN A 14 14.94 8.07 3.42
N ALA A 15 13.99 8.66 4.13
CA ALA A 15 14.28 9.33 5.40
C ALA A 15 14.93 8.38 6.39
N PHE A 16 14.52 7.11 6.35
CA PHE A 16 15.06 6.10 7.25
C PHE A 16 16.58 6.04 7.14
N GLY A 17 17.09 6.43 5.98
CA GLY A 17 18.53 6.40 5.75
C GLY A 17 19.01 5.06 5.22
N LEU A 18 19.19 4.98 3.92
CA LEU A 18 19.64 3.75 3.28
C LEU A 18 20.59 4.05 2.12
N ASN A 19 20.02 4.50 1.00
CA ASN A 19 20.80 4.83 -0.17
C ASN A 19 19.92 5.35 -1.30
N GLU A 20 19.18 4.44 -1.93
CA GLU A 20 18.29 4.80 -3.03
C GLU A 20 17.45 3.60 -3.47
N GLU A 21 18.11 2.44 -3.58
CA GLU A 21 17.42 1.22 -3.99
C GLU A 21 16.49 0.71 -2.89
N ASP A 22 16.96 0.79 -1.65
CA ASP A 22 16.16 0.34 -0.51
C ASP A 22 14.85 1.13 -0.42
N THR A 23 14.91 2.41 -0.81
CA THR A 23 13.73 3.26 -0.76
C THR A 23 12.68 2.80 -1.76
N ASN A 24 13.10 2.48 -2.97
CA ASN A 24 12.20 2.02 -4.01
C ASN A 24 11.63 0.64 -3.67
N LEU A 25 12.47 -0.21 -3.09
CA LEU A 25 12.06 -1.56 -2.71
C LEU A 25 10.91 -1.51 -1.71
N LEU A 26 10.96 -0.54 -0.79
CA LEU A 26 9.92 -0.40 0.22
C LEU A 26 8.57 -0.09 -0.42
N ILE A 27 8.56 0.87 -1.33
CA ILE A 27 7.34 1.26 -2.04
C ILE A 27 6.84 0.12 -2.91
N ASN A 28 7.75 -0.68 -3.43
CA ASN A 28 7.41 -1.79 -4.30
C ASN A 28 6.61 -2.84 -3.53
N ALA A 29 6.96 -3.04 -2.27
CA ALA A 29 6.28 -4.01 -1.42
C ALA A 29 4.88 -3.53 -1.05
N VAL A 30 4.80 -2.27 -0.62
CA VAL A 30 3.52 -1.68 -0.23
C VAL A 30 2.60 -1.50 -1.43
N ASP A 31 3.13 -0.83 -2.47
CA ASP A 31 2.36 -0.59 -3.69
C ASP A 31 1.75 -1.89 -4.21
N LEU A 32 2.51 -2.97 -4.12
CA LEU A 32 2.05 -4.27 -4.59
C LEU A 32 0.98 -4.84 -3.66
N ASP A 33 1.08 -4.50 -2.38
CA ASP A 33 0.11 -4.98 -1.39
C ASP A 33 -1.27 -4.38 -1.64
N ILE A 34 -1.30 -3.07 -1.87
CA ILE A 34 -2.56 -2.37 -2.13
C ILE A 34 -3.18 -2.81 -3.45
N LYS A 35 -2.33 -2.98 -4.47
CA LYS A 35 -2.78 -3.41 -5.79
C LYS A 35 -3.55 -4.72 -5.70
N ASN A 36 -3.07 -5.62 -4.84
CA ASN A 36 -3.71 -6.92 -4.67
C ASN A 36 -5.06 -6.77 -3.96
N ASN A 37 -5.17 -5.74 -3.13
CA ASN A 37 -6.39 -5.49 -2.38
C ASN A 37 -7.43 -4.78 -3.27
N MET A 38 -6.96 -4.23 -4.38
CA MET A 38 -7.84 -3.53 -5.31
C MET A 38 -9.05 -4.40 -5.67
N GLN A 39 -8.85 -5.71 -5.67
CA GLN A 39 -9.92 -6.64 -6.00
C GLN A 39 -11.17 -6.36 -5.18
N GLU A 40 -10.97 -5.84 -3.97
CA GLU A 40 -12.08 -5.52 -3.08
C GLU A 40 -12.38 -4.02 -3.10
N ILE A 41 -11.45 -3.23 -2.58
CA ILE A 41 -11.62 -1.78 -2.54
C ILE A 41 -11.87 -1.23 -3.93
N SER A 42 -12.69 -0.19 -4.01
CA SER A 42 -13.02 0.44 -5.29
C SER A 42 -13.66 1.81 -5.07
N SER A 43 -12.84 2.86 -5.17
CA SER A 43 -13.33 4.22 -4.98
C SER A 43 -14.30 4.61 -6.09
N GLU A 44 -13.80 4.65 -7.32
CA GLU A 44 -14.63 5.01 -8.47
C GLU A 44 -15.17 6.43 -8.33
N LEU A 45 -14.36 7.40 -8.75
CA LEU A 45 -14.76 8.80 -8.67
C LEU A 45 -13.75 9.70 -9.39
N GLN A 46 -14.12 10.20 -10.55
CA GLN A 46 -13.24 11.06 -11.33
C GLN A 46 -11.97 10.33 -11.72
N GLN A 47 -11.91 9.86 -12.96
CA GLN A 47 -10.74 9.14 -13.46
C GLN A 47 -9.56 10.09 -13.64
N SER A 48 -9.62 10.91 -14.68
CA SER A 48 -8.55 11.86 -14.97
C SER A 48 -7.21 11.15 -15.12
N GLU A 49 -6.87 10.80 -16.36
CA GLU A 49 -5.62 10.10 -16.63
C GLU A 49 -5.05 10.53 -17.99
N GLN A 50 -3.89 11.19 -17.95
CA GLN A 50 -3.24 11.64 -19.17
C GLN A 50 -1.81 12.09 -18.89
N SER A 51 -0.85 11.36 -19.45
CA SER A 51 0.56 11.68 -19.26
C SER A 51 1.43 10.79 -20.14
N LYS A 52 2.56 11.35 -20.59
CA LYS A 52 3.48 10.62 -21.45
C LYS A 52 4.87 11.25 -21.42
N GLN A 53 5.69 10.84 -20.45
CA GLN A 53 7.03 11.36 -20.31
C GLN A 53 7.82 10.58 -19.26
N LYS A 54 8.15 9.34 -19.60
CA LYS A 54 8.90 8.47 -18.69
C LYS A 54 10.27 8.13 -19.27
N GLN A 55 11.18 7.70 -18.42
CA GLN A 55 12.53 7.34 -18.85
C GLN A 55 13.22 6.46 -17.81
N TYR A 56 14.34 5.86 -18.20
CA TYR A 56 15.09 4.99 -17.31
C TYR A 56 16.42 4.60 -17.93
N GLY A 57 17.26 3.93 -17.14
CA GLY A 57 18.56 3.51 -17.63
C GLY A 57 19.54 3.22 -16.51
N THR A 58 19.67 1.95 -16.14
CA THR A 58 20.56 1.54 -15.08
C THR A 58 21.98 1.33 -15.60
N THR A 59 22.97 1.72 -14.80
CA THR A 59 24.36 1.57 -15.18
C THR A 59 25.06 0.51 -14.33
N LEU A 60 25.08 0.71 -13.03
CA LEU A 60 25.71 -0.23 -12.11
C LEU A 60 24.78 -1.40 -11.80
N GLN A 61 25.28 -2.62 -12.02
CA GLN A 61 24.49 -3.82 -11.76
C GLN A 61 25.39 -4.99 -11.37
N ASN A 62 24.77 -6.09 -10.97
CA ASN A 62 25.52 -7.29 -10.57
C ASN A 62 26.50 -6.96 -9.45
N LEU A 63 26.00 -6.33 -8.40
CA LEU A 63 26.84 -5.96 -7.26
C LEU A 63 26.91 -7.09 -6.24
N ALA A 64 25.74 -7.64 -5.91
CA ALA A 64 25.66 -8.73 -4.93
C ALA A 64 24.35 -9.49 -5.08
N LYS A 65 24.40 -10.81 -4.85
CA LYS A 65 23.22 -11.64 -4.95
C LYS A 65 22.64 -11.95 -3.56
N GLN A 66 23.51 -12.42 -2.67
CA GLN A 66 23.08 -12.76 -1.31
C GLN A 66 24.27 -12.71 -0.34
N ASN A 67 24.09 -12.00 0.78
CA ASN A 67 25.13 -11.87 1.77
C ASN A 67 24.76 -12.60 3.05
N ARG A 68 25.76 -12.97 3.84
CA ARG A 68 25.54 -13.67 5.10
C ARG A 68 26.02 -12.83 6.28
N ILE A 69 25.91 -11.52 6.16
CA ILE A 69 26.33 -10.61 7.22
C ILE A 69 25.23 -9.63 7.58
N ILE A 70 24.95 -8.71 6.67
CA ILE A 70 23.90 -7.71 6.89
C ILE A 70 22.80 -7.83 5.85
N LYS A 71 21.58 -7.46 6.24
CA LYS A 71 20.44 -7.52 5.34
C LYS A 71 19.84 -6.14 5.13
N GLU B 1 -12.18 -0.82 3.58
CA GLU B 1 -11.16 -0.42 4.54
C GLU B 1 -10.24 0.64 3.93
N THR B 2 -9.29 1.12 4.73
CA THR B 2 -8.35 2.13 4.28
C THR B 2 -6.98 1.53 3.97
N LYS B 3 -6.42 0.82 4.95
CA LYS B 3 -5.13 0.18 4.78
C LYS B 3 -5.25 -1.11 4.00
N TYR B 4 -6.43 -1.71 4.04
CA TYR B 4 -6.68 -2.97 3.33
C TYR B 4 -6.05 -4.14 4.07
N GLU B 5 -4.76 -4.02 4.37
CA GLU B 5 -4.04 -5.07 5.08
C GLU B 5 -2.57 -4.69 5.26
N LEU B 6 -1.80 -4.77 4.19
CA LEU B 6 -0.37 -4.42 4.25
C LEU B 6 0.31 -5.13 5.41
N ASN B 7 0.09 -6.45 5.51
CA ASN B 7 0.69 -7.23 6.58
C ASN B 7 2.20 -7.31 6.42
N ASN B 8 2.65 -7.67 5.22
CA ASN B 8 4.08 -7.78 4.94
C ASN B 8 4.74 -6.41 5.00
N THR B 9 4.00 -5.38 4.62
CA THR B 9 4.53 -4.01 4.63
C THR B 9 4.97 -3.61 6.03
N LYS B 10 4.12 -3.90 7.02
CA LYS B 10 4.43 -3.57 8.40
C LYS B 10 5.77 -4.15 8.83
N LYS B 11 6.04 -5.38 8.40
CA LYS B 11 7.29 -6.06 8.72
C LYS B 11 8.46 -5.44 7.96
N VAL B 12 8.20 -5.03 6.72
CA VAL B 12 9.23 -4.42 5.89
C VAL B 12 9.63 -3.05 6.44
N ALA B 13 8.63 -2.23 6.76
CA ALA B 13 8.88 -0.89 7.30
C ALA B 13 9.42 -0.96 8.71
N ASN B 14 9.11 -2.05 9.42
CA ASN B 14 9.56 -2.23 10.79
C ASN B 14 10.87 -3.01 10.83
N ALA B 15 11.53 -3.10 9.68
CA ALA B 15 12.80 -3.82 9.57
C ALA B 15 13.98 -2.86 9.65
N PHE B 16 13.80 -1.66 9.10
CA PHE B 16 14.85 -0.66 9.11
C PHE B 16 15.30 -0.35 10.53
N GLY B 17 14.41 -0.57 11.49
CA GLY B 17 14.73 -0.31 12.88
C GLY B 17 14.35 1.09 13.32
N LEU B 18 13.20 1.21 13.98
CA LEU B 18 12.72 2.50 14.45
C LEU B 18 12.06 2.38 15.81
N ASN B 19 10.86 1.82 15.84
CA ASN B 19 10.11 1.64 17.07
C ASN B 19 8.77 0.97 16.82
N GLU B 20 7.83 1.74 16.27
CA GLU B 20 6.51 1.21 15.97
C GLU B 20 5.65 2.28 15.29
N GLU B 21 5.72 3.50 15.80
CA GLU B 21 4.95 4.60 15.24
C GLU B 21 5.48 5.02 13.87
N ASP B 22 6.81 5.01 13.73
CA ASP B 22 7.45 5.37 12.48
C ASP B 22 7.00 4.45 11.34
N THR B 23 6.77 3.18 11.68
CA THR B 23 6.34 2.20 10.69
C THR B 23 4.92 2.47 10.23
N ASN B 24 4.02 2.70 11.18
CA ASN B 24 2.62 2.98 10.86
C ASN B 24 2.48 4.33 10.18
N LEU B 25 3.27 5.31 10.62
CA LEU B 25 3.24 6.65 10.05
C LEU B 25 3.58 6.61 8.57
N LEU B 26 4.54 5.76 8.20
CA LEU B 26 4.96 5.63 6.81
C LEU B 26 3.87 4.96 5.98
N ILE B 27 3.35 3.85 6.47
CA ILE B 27 2.31 3.11 5.77
C ILE B 27 1.09 3.99 5.52
N ASN B 28 0.86 4.94 6.43
CA ASN B 28 -0.27 5.85 6.31
C ASN B 28 -0.14 6.72 5.07
N ALA B 29 1.07 7.19 4.80
CA ALA B 29 1.32 8.03 3.64
C ALA B 29 1.31 7.21 2.35
N VAL B 30 1.88 6.01 2.41
CA VAL B 30 1.93 5.13 1.25
C VAL B 30 0.54 4.62 0.89
N ASP B 31 -0.16 4.07 1.87
CA ASP B 31 -1.51 3.55 1.65
C ASP B 31 -2.45 4.65 1.18
N LEU B 32 -2.44 5.78 1.89
CA LEU B 32 -3.29 6.91 1.55
C LEU B 32 -2.95 7.45 0.17
N ASP B 33 -1.66 7.47 -0.16
CA ASP B 33 -1.21 7.96 -1.46
C ASP B 33 -1.78 7.10 -2.58
N ILE B 34 -1.70 5.78 -2.42
CA ILE B 34 -2.20 4.87 -3.43
C ILE B 34 -3.72 4.95 -3.54
N LYS B 35 -4.38 5.06 -2.40
CA LYS B 35 -5.84 5.16 -2.37
C LYS B 35 -6.32 6.33 -3.22
N ASN B 36 -5.59 7.44 -3.17
CA ASN B 36 -5.95 8.63 -3.93
C ASN B 36 -5.87 8.35 -5.43
N ASN B 37 -4.93 7.49 -5.82
CA ASN B 37 -4.75 7.15 -7.22
C ASN B 37 -5.69 6.02 -7.63
N MET B 38 -6.12 5.23 -6.66
CA MET B 38 -7.02 4.12 -6.91
C MET B 38 -8.28 4.59 -7.62
N GLN B 39 -8.64 5.86 -7.41
CA GLN B 39 -9.82 6.44 -8.03
C GLN B 39 -9.63 6.60 -9.54
N GLU B 40 -8.37 6.71 -9.96
CA GLU B 40 -8.06 6.86 -11.38
C GLU B 40 -8.03 5.51 -12.07
N ILE B 41 -7.66 4.47 -11.33
CA ILE B 41 -7.58 3.12 -11.88
C ILE B 41 -8.88 2.74 -12.59
N SER B 42 -9.93 2.55 -11.81
CA SER B 42 -11.24 2.18 -12.36
C SER B 42 -12.28 2.07 -11.26
N SER B 43 -12.20 0.98 -10.49
CA SER B 43 -13.15 0.75 -9.41
C SER B 43 -14.58 0.69 -9.93
N GLU B 44 -15.54 0.56 -9.02
CA GLU B 44 -16.94 0.49 -9.39
C GLU B 44 -17.81 1.22 -8.37
N LEU B 45 -17.70 0.81 -7.10
CA LEU B 45 -18.47 1.43 -6.03
C LEU B 45 -18.07 0.85 -4.68
N GLN B 46 -17.64 1.72 -3.77
CA GLN B 46 -17.22 1.30 -2.44
C GLN B 46 -16.83 2.50 -1.59
N GLN B 47 -16.74 2.29 -0.28
CA GLN B 47 -16.36 3.36 0.64
C GLN B 47 -15.29 2.88 1.61
N SER B 48 -14.74 3.81 2.38
CA SER B 48 -13.69 3.49 3.35
C SER B 48 -13.81 4.38 4.58
N GLU B 49 -13.10 4.00 5.64
CA GLU B 49 -13.12 4.76 6.88
C GLU B 49 -11.75 4.73 7.57
N GLN B 50 -11.24 5.90 7.91
CA GLN B 50 -9.94 6.02 8.57
C GLN B 50 -10.03 5.53 10.01
N SER B 51 -10.82 6.23 10.83
CA SER B 51 -10.99 5.87 12.22
C SER B 51 -9.67 5.99 12.98
N LYS B 52 -9.15 7.22 13.08
CA LYS B 52 -7.90 7.47 13.76
C LYS B 52 -7.76 8.95 14.12
N GLN B 53 -7.12 9.22 15.24
CA GLN B 53 -6.91 10.60 15.70
C GLN B 53 -6.03 10.64 16.94
N LYS B 54 -4.72 10.73 16.72
CA LYS B 54 -3.76 10.78 17.82
C LYS B 54 -2.41 11.28 17.33
N GLN B 55 -1.82 12.21 18.08
CA GLN B 55 -0.52 12.77 17.72
C GLN B 55 0.27 13.15 18.97
N TYR B 56 1.48 12.60 19.09
CA TYR B 56 2.33 12.88 20.23
C TYR B 56 3.81 12.85 19.84
N GLY B 57 4.60 13.70 20.49
CA GLY B 57 6.02 13.78 20.18
C GLY B 57 6.49 15.19 19.95
N THR B 58 7.21 15.74 20.93
CA THR B 58 7.72 17.10 20.82
C THR B 58 9.05 17.25 21.54
N THR B 59 9.06 16.95 22.83
CA THR B 59 10.27 17.04 23.64
C THR B 59 11.14 15.80 23.48
N LEU B 60 12.44 16.01 23.28
CA LEU B 60 13.38 14.91 23.10
C LEU B 60 13.64 14.21 24.44
N GLN B 61 13.76 14.98 25.50
CA GLN B 61 14.01 14.44 26.82
C GLN B 61 15.35 13.71 26.87
N ASN B 62 16.40 14.45 27.21
CA ASN B 62 17.74 13.87 27.29
C ASN B 62 18.69 14.78 28.07
N LEU B 63 18.59 14.72 29.39
CA LEU B 63 19.44 15.54 30.25
C LEU B 63 19.73 14.83 31.56
N ALA B 64 20.45 13.71 31.48
CA ALA B 64 20.79 12.93 32.66
C ALA B 64 22.01 13.52 33.37
N LYS B 65 23.06 13.79 32.59
CA LYS B 65 24.28 14.36 33.15
C LYS B 65 24.03 15.77 33.68
N GLN B 66 24.45 16.00 34.92
CA GLN B 66 24.27 17.31 35.55
C GLN B 66 25.54 17.75 36.27
N ASN B 67 25.73 19.05 36.37
CA ASN B 67 26.91 19.60 37.04
C ASN B 67 26.59 20.02 38.46
N ARG B 68 27.26 19.40 39.43
CA ARG B 68 27.05 19.71 40.84
C ARG B 68 28.22 19.21 41.69
N ILE B 69 29.35 19.89 41.58
CA ILE B 69 30.54 19.52 42.34
C ILE B 69 31.08 20.70 43.13
N ILE B 70 30.17 21.55 43.62
CA ILE B 70 30.55 22.71 44.40
C ILE B 70 29.44 23.12 45.36
N LYS B 71 29.82 23.45 46.60
CA LYS B 71 28.87 23.86 47.62
C LYS B 71 29.55 24.62 48.75
N GLU A 1 2.70 8.78 -12.96
CA GLU A 1 1.63 7.86 -13.37
C GLU A 1 2.15 6.43 -13.45
N THR A 2 2.81 5.97 -12.38
CA THR A 2 3.35 4.62 -12.35
C THR A 2 2.99 3.92 -11.04
N LYS A 3 3.34 4.54 -9.92
CA LYS A 3 3.05 3.97 -8.61
C LYS A 3 2.06 4.84 -7.85
N TYR A 4 0.96 5.19 -8.52
CA TYR A 4 -0.08 6.02 -7.90
C TYR A 4 0.50 7.36 -7.45
N GLU A 5 1.61 7.76 -8.06
CA GLU A 5 2.26 9.02 -7.72
C GLU A 5 2.74 9.01 -6.26
N LEU A 6 3.65 8.08 -5.95
CA LEU A 6 4.18 7.97 -4.60
C LEU A 6 5.49 8.74 -4.45
N ASN A 7 5.60 9.84 -5.18
CA ASN A 7 6.80 10.68 -5.14
C ASN A 7 7.11 11.10 -3.71
N ASN A 8 6.11 11.65 -3.03
CA ASN A 8 6.27 12.10 -1.66
C ASN A 8 6.64 10.94 -0.74
N THR A 9 6.02 9.78 -1.00
CA THR A 9 6.28 8.59 -0.20
C THR A 9 7.73 8.14 -0.32
N LYS A 10 8.28 8.28 -1.53
CA LYS A 10 9.66 7.88 -1.78
C LYS A 10 10.62 8.59 -0.83
N LYS A 11 10.30 9.84 -0.49
CA LYS A 11 11.13 10.62 0.41
C LYS A 11 10.98 10.13 1.84
N VAL A 12 9.79 9.62 2.17
CA VAL A 12 9.52 9.11 3.51
C VAL A 12 10.39 7.90 3.83
N ALA A 13 10.46 6.97 2.89
CA ALA A 13 11.27 5.76 3.07
C ALA A 13 12.75 6.08 2.99
N ASN A 14 13.09 7.16 2.29
CA ASN A 14 14.48 7.58 2.15
C ASN A 14 15.02 8.16 3.46
N ALA A 15 14.10 8.63 4.31
CA ALA A 15 14.50 9.20 5.59
C ALA A 15 15.42 8.27 6.36
N PHE A 16 15.04 7.00 6.43
CA PHE A 16 15.84 6.00 7.14
C PHE A 16 17.25 5.93 6.56
N GLY A 17 17.38 6.28 5.28
CA GLY A 17 18.68 6.24 4.64
C GLY A 17 19.31 4.86 4.69
N LEU A 18 18.94 4.01 3.74
CA LEU A 18 19.48 2.66 3.68
C LEU A 18 20.48 2.52 2.54
N ASN A 19 19.98 2.46 1.31
CA ASN A 19 20.83 2.32 0.13
C ASN A 19 20.08 2.71 -1.13
N GLU A 20 19.05 3.53 -0.97
CA GLU A 20 18.25 3.97 -2.11
C GLU A 20 17.31 2.86 -2.57
N GLU A 21 17.87 1.67 -2.79
CA GLU A 21 17.08 0.52 -3.24
C GLU A 21 16.06 0.12 -2.19
N ASP A 22 16.45 0.20 -0.93
CA ASP A 22 15.58 -0.16 0.17
C ASP A 22 14.32 0.71 0.18
N THR A 23 14.48 1.96 -0.22
CA THR A 23 13.36 2.89 -0.28
C THR A 23 12.38 2.52 -1.37
N ASN A 24 12.89 2.26 -2.57
CA ASN A 24 12.06 1.89 -3.71
C ASN A 24 11.44 0.52 -3.50
N LEU A 25 12.21 -0.40 -2.91
CA LEU A 25 11.75 -1.75 -2.65
C LEU A 25 10.53 -1.74 -1.74
N LEU A 26 10.52 -0.83 -0.77
CA LEU A 26 9.42 -0.72 0.17
C LEU A 26 8.13 -0.35 -0.56
N ILE A 27 8.20 0.67 -1.41
CA ILE A 27 7.05 1.12 -2.17
C ILE A 27 6.53 0.02 -3.08
N ASN A 28 7.44 -0.82 -3.57
CA ASN A 28 7.06 -1.91 -4.46
C ASN A 28 6.20 -2.93 -3.72
N ALA A 29 6.50 -3.15 -2.46
CA ALA A 29 5.74 -4.10 -1.65
C ALA A 29 4.38 -3.54 -1.28
N VAL A 30 4.35 -2.29 -0.84
CA VAL A 30 3.11 -1.63 -0.46
C VAL A 30 2.22 -1.40 -1.67
N ASP A 31 2.77 -0.76 -2.69
CA ASP A 31 2.03 -0.48 -3.92
C ASP A 31 1.36 -1.74 -4.45
N LEU A 32 2.08 -2.85 -4.39
CA LEU A 32 1.55 -4.13 -4.86
C LEU A 32 0.50 -4.69 -3.90
N ASP A 33 0.73 -4.48 -2.61
CA ASP A 33 -0.20 -4.96 -1.59
C ASP A 33 -1.57 -4.31 -1.75
N ILE A 34 -1.58 -2.99 -1.92
CA ILE A 34 -2.82 -2.26 -2.10
C ILE A 34 -3.50 -2.62 -3.41
N LYS A 35 -2.71 -2.77 -4.46
CA LYS A 35 -3.24 -3.12 -5.78
C LYS A 35 -4.03 -4.41 -5.71
N ASN A 36 -3.54 -5.36 -4.92
CA ASN A 36 -4.21 -6.65 -4.77
C ASN A 36 -5.58 -6.48 -4.13
N ASN A 37 -5.69 -5.55 -3.19
CA ASN A 37 -6.93 -5.28 -2.50
C ASN A 37 -7.85 -4.40 -3.34
N MET A 38 -7.25 -3.59 -4.20
CA MET A 38 -8.00 -2.70 -5.07
C MET A 38 -9.05 -3.47 -5.87
N GLN A 39 -8.72 -4.69 -6.24
CA GLN A 39 -9.64 -5.54 -7.00
C GLN A 39 -10.94 -5.75 -6.24
N GLU A 40 -10.87 -5.66 -4.91
CA GLU A 40 -12.05 -5.84 -4.07
C GLU A 40 -12.86 -4.55 -3.98
N ILE A 41 -12.16 -3.41 -4.02
CA ILE A 41 -12.82 -2.12 -3.95
C ILE A 41 -13.95 -2.01 -4.97
N SER A 42 -15.03 -1.34 -4.58
CA SER A 42 -16.18 -1.17 -5.46
C SER A 42 -16.10 0.17 -6.19
N SER A 43 -15.03 0.36 -6.95
CA SER A 43 -14.84 1.59 -7.70
C SER A 43 -14.23 1.31 -9.07
N GLU A 44 -14.28 2.29 -9.95
CA GLU A 44 -13.73 2.14 -11.30
C GLU A 44 -13.21 3.47 -11.83
N LEU A 45 -14.03 4.52 -11.71
CA LEU A 45 -13.65 5.85 -12.17
C LEU A 45 -13.03 6.66 -11.04
N GLN A 46 -12.47 7.81 -11.38
CA GLN A 46 -11.85 8.69 -10.40
C GLN A 46 -12.85 9.71 -9.86
N GLN A 47 -12.39 10.54 -8.94
CA GLN A 47 -13.25 11.57 -8.34
C GLN A 47 -12.41 12.65 -7.66
N SER A 48 -13.09 13.61 -7.04
CA SER A 48 -12.41 14.71 -6.36
C SER A 48 -11.55 14.17 -5.21
N GLU A 49 -11.04 15.09 -4.39
CA GLU A 49 -10.21 14.72 -3.25
C GLU A 49 -11.06 14.16 -2.11
N GLN A 50 -11.60 12.97 -2.31
CA GLN A 50 -12.44 12.33 -1.30
C GLN A 50 -12.17 10.83 -1.25
N SER A 51 -12.76 10.16 -0.26
CA SER A 51 -12.60 8.72 -0.10
C SER A 51 -13.51 8.18 1.00
N LYS A 52 -14.80 8.16 0.72
CA LYS A 52 -15.79 7.68 1.68
C LYS A 52 -17.19 7.71 1.09
N GLN A 53 -17.44 6.84 0.11
CA GLN A 53 -18.74 6.78 -0.53
C GLN A 53 -19.05 5.36 -1.01
N LYS A 54 -18.24 4.87 -1.96
CA LYS A 54 -18.41 3.53 -2.50
C LYS A 54 -17.42 2.56 -1.89
N GLN A 55 -16.27 3.10 -1.46
CA GLN A 55 -15.22 2.27 -0.86
C GLN A 55 -15.78 1.44 0.30
N TYR A 56 -15.70 0.12 0.18
CA TYR A 56 -16.20 -0.78 1.20
C TYR A 56 -15.05 -1.40 1.98
N GLY A 57 -15.38 -2.37 2.83
CA GLY A 57 -14.37 -3.04 3.63
C GLY A 57 -13.41 -3.86 2.78
N THR A 58 -12.83 -4.91 3.37
CA THR A 58 -11.90 -5.76 2.67
C THR A 58 -11.53 -6.99 3.51
N THR A 59 -10.92 -7.97 2.87
CA THR A 59 -10.50 -9.19 3.57
C THR A 59 -9.01 -9.18 3.87
N LEU A 60 -8.55 -10.21 4.57
CA LEU A 60 -7.14 -10.32 4.92
C LEU A 60 -6.56 -11.63 4.42
N GLN A 61 -6.22 -11.67 3.13
CA GLN A 61 -5.64 -12.87 2.52
C GLN A 61 -5.32 -12.64 1.05
N ASN A 62 -4.20 -13.19 0.61
CA ASN A 62 -3.78 -13.03 -0.78
C ASN A 62 -2.77 -14.12 -1.17
N LEU A 63 -1.57 -14.02 -0.61
CA LEU A 63 -0.51 -14.98 -0.89
C LEU A 63 -0.24 -15.07 -2.39
N ALA A 64 0.53 -14.11 -2.90
CA ALA A 64 0.86 -14.08 -4.32
C ALA A 64 2.30 -14.51 -4.55
N LYS A 65 3.25 -13.78 -3.95
CA LYS A 65 4.66 -14.08 -4.09
C LYS A 65 5.10 -14.01 -5.55
N GLN A 66 5.72 -12.90 -5.92
CA GLN A 66 6.18 -12.70 -7.28
C GLN A 66 7.25 -11.62 -7.35
N ASN A 67 8.27 -11.84 -8.16
CA ASN A 67 9.35 -10.88 -8.31
C ASN A 67 9.20 -10.06 -9.59
N ARG A 68 9.21 -8.74 -9.45
CA ARG A 68 9.06 -7.85 -10.59
C ARG A 68 10.14 -6.76 -10.58
N ILE A 69 11.13 -6.91 -11.45
CA ILE A 69 12.21 -5.94 -11.54
C ILE A 69 12.88 -5.73 -10.18
N ILE A 70 13.64 -6.73 -9.74
CA ILE A 70 14.34 -6.66 -8.46
C ILE A 70 15.32 -5.50 -8.44
N LYS A 71 15.20 -4.64 -7.43
CA LYS A 71 16.08 -3.49 -7.29
C LYS A 71 17.30 -3.84 -6.45
N GLU B 1 -5.76 1.58 11.29
CA GLU B 1 -6.25 0.23 11.10
C GLU B 1 -7.56 0.23 10.32
N THR B 2 -7.48 0.66 9.06
CA THR B 2 -8.66 0.71 8.20
C THR B 2 -8.29 1.15 6.79
N LYS B 3 -7.98 0.17 5.94
CA LYS B 3 -7.60 0.46 4.56
C LYS B 3 -7.62 -0.82 3.72
N TYR B 4 -6.62 -1.65 3.90
CA TYR B 4 -6.52 -2.91 3.16
C TYR B 4 -5.93 -4.01 4.03
N GLU B 5 -4.63 -3.93 4.28
CA GLU B 5 -3.95 -4.93 5.10
C GLU B 5 -2.45 -4.60 5.22
N LEU B 6 -1.71 -4.85 4.15
CA LEU B 6 -0.28 -4.58 4.14
C LEU B 6 0.40 -5.23 5.35
N ASN B 7 0.12 -6.50 5.57
CA ASN B 7 0.71 -7.23 6.69
C ASN B 7 2.23 -7.30 6.55
N ASN B 8 2.69 -7.75 5.38
CA ASN B 8 4.12 -7.85 5.13
C ASN B 8 4.79 -6.49 5.10
N THR B 9 4.05 -5.48 4.64
CA THR B 9 4.56 -4.12 4.57
C THR B 9 4.99 -3.62 5.95
N LYS B 10 4.14 -3.84 6.94
CA LYS B 10 4.43 -3.42 8.31
C LYS B 10 5.75 -3.98 8.79
N LYS B 11 6.03 -5.24 8.41
CA LYS B 11 7.26 -5.90 8.80
C LYS B 11 8.45 -5.35 8.00
N VAL B 12 8.18 -4.94 6.77
CA VAL B 12 9.23 -4.40 5.90
C VAL B 12 9.72 -3.05 6.41
N ALA B 13 8.78 -2.18 6.78
CA ALA B 13 9.12 -0.86 7.29
C ALA B 13 9.72 -0.95 8.70
N ASN B 14 9.18 -1.86 9.50
CA ASN B 14 9.67 -2.05 10.86
C ASN B 14 11.05 -2.69 10.87
N ALA B 15 11.39 -3.37 9.78
CA ALA B 15 12.68 -4.02 9.67
C ALA B 15 13.82 -3.00 9.67
N PHE B 16 13.58 -1.85 9.06
CA PHE B 16 14.58 -0.80 8.99
C PHE B 16 15.09 -0.45 10.39
N GLY B 17 14.24 -0.64 11.39
CA GLY B 17 14.62 -0.35 12.75
C GLY B 17 14.25 1.07 13.17
N LEU B 18 13.14 1.20 13.88
CA LEU B 18 12.67 2.50 14.33
C LEU B 18 12.05 2.41 15.73
N ASN B 19 10.84 1.86 15.78
CA ASN B 19 10.14 1.70 17.06
C ASN B 19 8.78 1.04 16.85
N GLU B 20 7.84 1.79 16.28
CA GLU B 20 6.50 1.27 16.03
C GLU B 20 5.64 2.31 15.33
N GLU B 21 5.74 3.55 15.79
CA GLU B 21 4.96 4.65 15.21
C GLU B 21 5.47 5.00 13.83
N ASP B 22 6.80 4.96 13.66
CA ASP B 22 7.41 5.27 12.38
C ASP B 22 6.93 4.32 11.29
N THR B 23 6.73 3.06 11.66
CA THR B 23 6.27 2.05 10.71
C THR B 23 4.85 2.34 10.26
N ASN B 24 3.96 2.61 11.20
CA ASN B 24 2.57 2.89 10.90
C ASN B 24 2.44 4.23 10.18
N LEU B 25 3.24 5.20 10.59
CA LEU B 25 3.22 6.53 9.98
C LEU B 25 3.58 6.46 8.50
N LEU B 26 4.55 5.60 8.18
CA LEU B 26 5.00 5.43 6.80
C LEU B 26 3.89 4.82 5.95
N ILE B 27 3.31 3.73 6.45
CA ILE B 27 2.24 3.05 5.72
C ILE B 27 1.05 3.98 5.51
N ASN B 28 0.85 4.91 6.43
CA ASN B 28 -0.26 5.85 6.35
C ASN B 28 -0.11 6.74 5.11
N ALA B 29 1.12 7.15 4.83
CA ALA B 29 1.40 8.00 3.68
C ALA B 29 1.30 7.22 2.38
N VAL B 30 1.84 6.00 2.38
CA VAL B 30 1.81 5.15 1.19
C VAL B 30 0.39 4.70 0.88
N ASP B 31 -0.28 4.14 1.88
CA ASP B 31 -1.65 3.66 1.71
C ASP B 31 -2.57 4.79 1.29
N LEU B 32 -2.35 5.97 1.85
CA LEU B 32 -3.16 7.14 1.53
C LEU B 32 -2.82 7.68 0.14
N ASP B 33 -1.57 7.51 -0.26
CA ASP B 33 -1.13 7.97 -1.57
C ASP B 33 -1.81 7.19 -2.69
N ILE B 34 -1.84 5.86 -2.54
CA ILE B 34 -2.46 5.00 -3.54
C ILE B 34 -3.97 5.21 -3.58
N LYS B 35 -4.59 5.26 -2.41
CA LYS B 35 -6.03 5.45 -2.31
C LYS B 35 -6.42 6.84 -2.82
N ASN B 36 -5.58 7.82 -2.55
CA ASN B 36 -5.85 9.19 -3.00
C ASN B 36 -5.88 9.27 -4.52
N ASN B 37 -4.99 8.53 -5.17
CA ASN B 37 -4.93 8.52 -6.62
C ASN B 37 -5.98 7.58 -7.21
N MET B 38 -6.04 6.37 -6.70
CA MET B 38 -7.01 5.38 -7.16
C MET B 38 -7.09 5.39 -8.69
N GLN B 39 -5.94 5.43 -9.34
CA GLN B 39 -5.87 5.44 -10.80
C GLN B 39 -4.52 4.94 -11.30
N GLU B 40 -4.23 3.67 -11.04
CA GLU B 40 -2.97 3.06 -11.46
C GLU B 40 -2.92 1.60 -11.05
N ILE B 41 -4.04 0.90 -11.20
CA ILE B 41 -4.11 -0.51 -10.85
C ILE B 41 -3.88 -1.39 -12.08
N SER B 42 -3.63 -2.68 -11.84
CA SER B 42 -3.38 -3.61 -12.93
C SER B 42 -4.48 -4.69 -12.98
N SER B 43 -5.09 -4.94 -11.83
CA SER B 43 -6.15 -5.94 -11.74
C SER B 43 -5.62 -7.33 -12.08
N GLU B 44 -6.36 -8.36 -11.67
CA GLU B 44 -5.96 -9.74 -11.94
C GLU B 44 -7.05 -10.71 -11.48
N LEU B 45 -7.27 -10.78 -10.18
CA LEU B 45 -8.27 -11.67 -9.60
C LEU B 45 -8.67 -11.23 -8.21
N GLN B 46 -9.97 -11.19 -7.95
CA GLN B 46 -10.49 -10.78 -6.64
C GLN B 46 -11.04 -12.00 -5.88
N GLN B 47 -11.42 -11.76 -4.63
CA GLN B 47 -11.98 -12.82 -3.79
C GLN B 47 -12.49 -12.26 -2.47
N SER B 48 -13.78 -12.46 -2.22
CA SER B 48 -14.40 -11.98 -0.99
C SER B 48 -14.72 -13.12 -0.04
N GLU B 49 -15.05 -12.79 1.20
CA GLU B 49 -15.37 -13.80 2.20
C GLU B 49 -16.12 -13.18 3.38
N GLN B 50 -15.42 -12.34 4.14
CA GLN B 50 -16.01 -11.68 5.30
C GLN B 50 -15.07 -10.63 5.88
N SER B 51 -15.42 -10.10 7.04
CA SER B 51 -14.61 -9.08 7.70
C SER B 51 -15.08 -8.85 9.13
N LYS B 52 -14.12 -8.71 10.04
CA LYS B 52 -14.44 -8.48 11.45
C LYS B 52 -13.19 -8.14 12.24
N GLN B 53 -13.36 -7.44 13.35
CA GLN B 53 -12.24 -7.05 14.20
C GLN B 53 -12.72 -6.65 15.59
N LYS B 54 -13.49 -5.56 15.66
CA LYS B 54 -14.01 -5.07 16.93
C LYS B 54 -12.88 -4.79 17.91
N GLN B 55 -11.86 -4.08 17.44
CA GLN B 55 -10.71 -3.74 18.27
C GLN B 55 -10.71 -2.25 18.59
N TYR B 56 -10.49 -1.43 17.57
CA TYR B 56 -10.45 0.02 17.75
C TYR B 56 -9.30 0.42 18.67
N GLY B 57 -8.27 -0.41 18.71
CA GLY B 57 -7.12 -0.11 19.55
C GLY B 57 -7.49 0.02 21.01
N THR B 58 -6.48 0.20 21.87
CA THR B 58 -6.72 0.34 23.30
C THR B 58 -5.74 1.33 23.92
N THR B 59 -4.45 1.10 23.70
CA THR B 59 -3.42 1.98 24.24
C THR B 59 -3.20 3.18 23.34
N LEU B 60 -2.57 4.22 23.88
CA LEU B 60 -2.30 5.44 23.13
C LEU B 60 -1.32 6.34 23.88
N GLN B 61 -0.44 5.72 24.66
CA GLN B 61 0.55 6.47 25.42
C GLN B 61 1.58 5.52 26.05
N ASN B 62 2.85 5.79 25.80
CA ASN B 62 3.93 4.97 26.34
C ASN B 62 5.18 5.80 26.61
N LEU B 63 5.72 6.40 25.54
CA LEU B 63 6.92 7.23 25.66
C LEU B 63 8.03 6.48 26.37
N ALA B 64 8.62 5.50 25.68
CA ALA B 64 9.71 4.71 26.24
C ALA B 64 10.99 4.90 25.45
N LYS B 65 11.99 5.51 26.08
CA LYS B 65 13.28 5.75 25.44
C LYS B 65 14.43 5.37 26.36
N GLN B 66 14.30 4.23 27.04
CA GLN B 66 15.33 3.77 27.96
C GLN B 66 16.32 2.84 27.24
N ASN B 67 17.58 2.92 27.64
CA ASN B 67 18.61 2.09 27.03
C ASN B 67 19.66 1.68 28.06
N ARG B 68 20.13 0.45 27.97
CA ARG B 68 21.14 -0.06 28.91
C ARG B 68 22.41 -0.46 28.17
N ILE B 69 23.54 -0.38 28.85
CA ILE B 69 24.83 -0.75 28.26
C ILE B 69 25.75 -1.36 29.31
N ILE B 70 25.42 -2.56 29.76
CA ILE B 70 26.22 -3.26 30.75
C ILE B 70 26.36 -4.74 30.41
N LYS B 71 27.47 -5.34 30.82
CA LYS B 71 27.72 -6.76 30.56
C LYS B 71 27.68 -7.56 31.85
N GLU A 1 5.44 9.11 -9.22
CA GLU A 1 6.15 9.24 -10.48
C GLU A 1 5.76 8.12 -11.44
N THR A 2 5.35 6.99 -10.88
CA THR A 2 4.95 5.84 -11.69
C THR A 2 4.14 4.85 -10.86
N LYS A 3 3.46 5.36 -9.84
CA LYS A 3 2.64 4.52 -8.97
C LYS A 3 1.79 5.37 -8.02
N TYR A 4 0.70 5.89 -8.55
CA TYR A 4 -0.20 6.73 -7.76
C TYR A 4 0.52 7.98 -7.26
N GLU A 5 1.63 8.30 -7.90
CA GLU A 5 2.42 9.47 -7.51
C GLU A 5 2.97 9.33 -6.10
N LEU A 6 3.87 8.37 -5.91
CA LEU A 6 4.46 8.12 -4.61
C LEU A 6 5.80 8.84 -4.47
N ASN A 7 5.89 10.02 -5.10
CA ASN A 7 7.11 10.82 -5.05
C ASN A 7 7.47 11.16 -3.61
N ASN A 8 6.52 11.68 -2.87
CA ASN A 8 6.74 12.04 -1.47
C ASN A 8 6.98 10.81 -0.61
N THR A 9 6.27 9.73 -0.93
CA THR A 9 6.41 8.48 -0.19
C THR A 9 7.84 7.96 -0.26
N LYS A 10 8.41 7.95 -1.45
CA LYS A 10 9.77 7.47 -1.65
C LYS A 10 10.74 8.22 -0.74
N LYS A 11 10.48 9.51 -0.55
CA LYS A 11 11.32 10.35 0.30
C LYS A 11 11.19 9.95 1.77
N VAL A 12 9.99 9.49 2.14
CA VAL A 12 9.73 9.08 3.52
C VAL A 12 10.52 7.83 3.87
N ALA A 13 10.56 6.88 2.95
CA ALA A 13 11.29 5.63 3.17
C ALA A 13 12.79 5.86 3.15
N ASN A 14 13.25 6.74 2.26
CA ASN A 14 14.66 7.05 2.14
C ASN A 14 15.17 7.78 3.38
N ALA A 15 14.25 8.41 4.10
CA ALA A 15 14.61 9.15 5.31
C ALA A 15 15.24 8.22 6.35
N PHE A 16 14.72 7.00 6.44
CA PHE A 16 15.24 6.02 7.39
C PHE A 16 16.75 5.87 7.24
N GLY A 17 17.25 6.09 6.04
CA GLY A 17 18.68 5.97 5.79
C GLY A 17 19.06 4.60 5.29
N LEU A 18 19.24 4.48 3.98
CA LEU A 18 19.62 3.20 3.38
C LEU A 18 20.59 3.41 2.22
N ASN A 19 20.07 3.88 1.09
CA ASN A 19 20.88 4.12 -0.09
C ASN A 19 20.04 4.67 -1.23
N GLU A 20 19.24 3.80 -1.84
CA GLU A 20 18.39 4.20 -2.95
C GLU A 20 17.54 3.03 -3.43
N GLU A 21 18.17 1.85 -3.54
CA GLU A 21 17.47 0.66 -4.00
C GLU A 21 16.50 0.16 -2.93
N ASP A 22 16.92 0.23 -1.67
CA ASP A 22 16.08 -0.20 -0.56
C ASP A 22 14.77 0.58 -0.52
N THR A 23 14.85 1.88 -0.81
CA THR A 23 13.68 2.74 -0.79
C THR A 23 12.69 2.31 -1.86
N ASN A 24 13.18 2.10 -3.08
CA ASN A 24 12.33 1.69 -4.19
C ASN A 24 11.81 0.27 -4.00
N LEU A 25 12.66 -0.59 -3.44
CA LEU A 25 12.28 -1.98 -3.18
C LEU A 25 11.20 -2.06 -2.11
N LEU A 26 11.36 -1.26 -1.05
CA LEU A 26 10.40 -1.26 0.04
C LEU A 26 9.07 -0.64 -0.41
N ILE A 27 9.16 0.52 -1.06
CA ILE A 27 7.97 1.21 -1.53
C ILE A 27 7.19 0.34 -2.52
N ASN A 28 7.91 -0.53 -3.24
CA ASN A 28 7.29 -1.41 -4.22
C ASN A 28 6.37 -2.42 -3.52
N ALA A 29 6.85 -2.99 -2.43
CA ALA A 29 6.08 -3.97 -1.67
C ALA A 29 4.82 -3.34 -1.09
N VAL A 30 4.93 -2.09 -0.67
CA VAL A 30 3.80 -1.38 -0.09
C VAL A 30 2.68 -1.20 -1.11
N ASP A 31 3.03 -0.68 -2.28
CA ASP A 31 2.05 -0.47 -3.34
C ASP A 31 1.52 -1.79 -3.88
N LEU A 32 2.42 -2.77 -4.00
CA LEU A 32 2.04 -4.09 -4.50
C LEU A 32 0.96 -4.71 -3.63
N ASP A 33 1.10 -4.58 -2.32
CA ASP A 33 0.13 -5.13 -1.38
C ASP A 33 -1.24 -4.48 -1.59
N ILE A 34 -1.25 -3.16 -1.69
CA ILE A 34 -2.50 -2.42 -1.88
C ILE A 34 -3.11 -2.73 -3.25
N LYS A 35 -2.26 -2.81 -4.26
CA LYS A 35 -2.71 -3.10 -5.62
C LYS A 35 -3.49 -4.40 -5.67
N ASN A 36 -3.05 -5.39 -4.89
CA ASN A 36 -3.71 -6.69 -4.84
C ASN A 36 -5.13 -6.55 -4.29
N ASN A 37 -5.30 -5.63 -3.35
CA ASN A 37 -6.61 -5.40 -2.73
C ASN A 37 -7.45 -4.43 -3.58
N MET A 38 -6.77 -3.63 -4.39
CA MET A 38 -7.45 -2.66 -5.25
C MET A 38 -8.44 -3.36 -6.17
N GLN A 39 -8.22 -4.66 -6.40
CA GLN A 39 -9.10 -5.44 -7.28
C GLN A 39 -10.49 -5.55 -6.67
N GLU A 40 -10.57 -5.42 -5.35
CA GLU A 40 -11.86 -5.51 -4.65
C GLU A 40 -12.27 -4.15 -4.10
N ILE A 41 -11.62 -3.72 -3.03
CA ILE A 41 -11.93 -2.44 -2.41
C ILE A 41 -13.34 -2.43 -1.83
N SER A 42 -13.53 -1.63 -0.78
CA SER A 42 -14.84 -1.54 -0.13
C SER A 42 -15.38 -0.12 -0.20
N SER A 43 -15.25 0.49 -1.38
CA SER A 43 -15.73 1.86 -1.59
C SER A 43 -15.71 2.22 -3.07
N GLU A 44 -16.70 1.72 -3.80
CA GLU A 44 -16.80 2.00 -5.23
C GLU A 44 -18.26 2.03 -5.67
N LEU A 45 -18.93 3.13 -5.39
CA LEU A 45 -20.34 3.29 -5.75
C LEU A 45 -20.54 3.03 -7.25
N GLN A 46 -21.17 1.91 -7.57
CA GLN A 46 -21.43 1.54 -8.95
C GLN A 46 -22.21 0.24 -9.04
N GLN A 47 -21.88 -0.71 -8.16
CA GLN A 47 -22.55 -2.00 -8.14
C GLN A 47 -22.30 -2.72 -6.82
N SER A 48 -23.05 -3.79 -6.58
CA SER A 48 -22.91 -4.57 -5.35
C SER A 48 -21.95 -5.73 -5.55
N GLU A 49 -20.77 -5.61 -4.96
CA GLU A 49 -19.75 -6.66 -5.06
C GLU A 49 -18.77 -6.58 -3.90
N GLN A 50 -18.56 -7.72 -3.24
CA GLN A 50 -17.64 -7.79 -2.10
C GLN A 50 -16.84 -9.08 -2.13
N SER A 51 -15.80 -9.14 -1.30
CA SER A 51 -14.95 -10.32 -1.23
C SER A 51 -14.03 -10.25 -0.01
N LYS A 52 -13.31 -11.34 0.24
CA LYS A 52 -12.38 -11.41 1.36
C LYS A 52 -11.07 -10.70 1.04
N GLN A 53 -10.11 -10.83 1.94
CA GLN A 53 -8.81 -10.20 1.75
C GLN A 53 -7.76 -11.22 1.32
N LYS A 54 -7.97 -12.47 1.72
CA LYS A 54 -7.05 -13.54 1.39
C LYS A 54 -6.79 -13.59 -0.12
N GLN A 55 -5.60 -14.03 -0.51
CA GLN A 55 -5.23 -14.13 -1.91
C GLN A 55 -4.31 -15.31 -2.16
N TYR A 56 -3.90 -15.48 -3.41
CA TYR A 56 -3.02 -16.57 -3.78
C TYR A 56 -1.68 -16.06 -4.31
N GLY A 57 -0.61 -16.29 -3.55
CA GLY A 57 0.70 -15.84 -3.96
C GLY A 57 1.80 -16.82 -3.58
N THR A 58 3.02 -16.51 -3.98
CA THR A 58 4.17 -17.38 -3.68
C THR A 58 4.90 -16.90 -2.43
N THR A 59 4.88 -15.59 -2.20
CA THR A 59 5.54 -15.01 -1.04
C THR A 59 6.99 -15.48 -0.95
N LEU A 60 7.64 -15.17 0.17
CA LEU A 60 9.03 -15.56 0.39
C LEU A 60 9.41 -15.41 1.86
N GLN A 61 9.64 -16.54 2.52
CA GLN A 61 10.01 -16.53 3.93
C GLN A 61 8.92 -15.90 4.79
N ASN A 62 8.11 -16.74 5.42
CA ASN A 62 7.02 -16.26 6.27
C ASN A 62 6.79 -17.21 7.44
N LEU A 63 7.71 -17.18 8.40
CA LEU A 63 7.60 -18.04 9.58
C LEU A 63 6.25 -17.87 10.26
N ALA A 64 5.78 -16.62 10.33
CA ALA A 64 4.50 -16.33 10.95
C ALA A 64 4.49 -16.74 12.42
N LYS A 65 5.19 -15.97 13.24
CA LYS A 65 5.26 -16.27 14.68
C LYS A 65 4.01 -15.78 15.39
N GLN A 66 2.87 -16.37 15.05
CA GLN A 66 1.60 -16.00 15.66
C GLN A 66 1.48 -16.59 17.05
N ASN A 67 0.31 -16.44 17.66
CA ASN A 67 0.06 -16.95 19.00
C ASN A 67 0.99 -16.30 20.01
N ARG A 68 0.75 -16.59 21.29
CA ARG A 68 1.56 -16.02 22.36
C ARG A 68 1.53 -14.50 22.33
N ILE A 69 0.53 -13.92 22.99
CA ILE A 69 0.38 -12.47 23.03
C ILE A 69 1.49 -11.83 23.88
N ILE A 70 2.02 -12.61 24.81
CA ILE A 70 3.09 -12.12 25.68
C ILE A 70 4.44 -12.11 24.96
N LYS A 71 5.23 -11.09 25.22
CA LYS A 71 6.54 -10.95 24.59
C LYS A 71 7.56 -10.42 25.57
N GLU B 1 -4.74 0.82 11.05
CA GLU B 1 -4.58 -0.55 10.58
C GLU B 1 -5.83 -1.02 9.85
N THR B 2 -5.73 -2.18 9.20
CA THR B 2 -6.87 -2.74 8.46
C THR B 2 -7.28 -1.82 7.32
N LYS B 3 -6.42 -1.70 6.32
CA LYS B 3 -6.71 -0.86 5.16
C LYS B 3 -6.87 -1.70 3.89
N TYR B 4 -5.93 -2.62 3.69
CA TYR B 4 -5.97 -3.49 2.52
C TYR B 4 -5.34 -4.85 2.83
N GLU B 5 -4.01 -4.88 2.87
CA GLU B 5 -3.28 -6.11 3.15
C GLU B 5 -1.79 -5.86 3.20
N LEU B 6 -1.37 -4.88 3.99
CA LEU B 6 0.03 -4.53 4.11
C LEU B 6 0.66 -5.22 5.32
N ASN B 7 0.17 -6.42 5.63
CA ASN B 7 0.68 -7.18 6.77
C ASN B 7 2.18 -7.41 6.65
N ASN B 8 2.62 -7.89 5.49
CA ASN B 8 4.03 -8.15 5.25
C ASN B 8 4.80 -6.84 5.11
N THR B 9 4.20 -5.87 4.43
CA THR B 9 4.82 -4.57 4.23
C THR B 9 5.13 -3.89 5.56
N LYS B 10 4.15 -3.89 6.45
CA LYS B 10 4.31 -3.27 7.77
C LYS B 10 5.53 -3.86 8.50
N LYS B 11 5.76 -5.15 8.30
CA LYS B 11 6.89 -5.83 8.93
C LYS B 11 8.20 -5.43 8.26
N VAL B 12 8.14 -5.18 6.95
CA VAL B 12 9.33 -4.79 6.19
C VAL B 12 9.82 -3.42 6.61
N ALA B 13 8.88 -2.52 6.88
CA ALA B 13 9.22 -1.16 7.28
C ALA B 13 9.79 -1.14 8.70
N ASN B 14 9.43 -2.15 9.49
CA ASN B 14 9.90 -2.24 10.88
C ASN B 14 11.34 -2.75 10.92
N ALA B 15 11.76 -3.44 9.86
CA ALA B 15 13.10 -3.98 9.78
C ALA B 15 14.14 -2.87 9.89
N PHE B 16 13.85 -1.73 9.27
CA PHE B 16 14.77 -0.59 9.31
C PHE B 16 15.16 -0.26 10.75
N GLY B 17 14.26 -0.53 11.68
CA GLY B 17 14.54 -0.25 13.07
C GLY B 17 14.18 1.17 13.46
N LEU B 18 12.99 1.35 14.04
CA LEU B 18 12.54 2.67 14.46
C LEU B 18 11.90 2.61 15.84
N ASN B 19 10.69 2.08 15.92
CA ASN B 19 9.98 1.96 17.18
C ASN B 19 8.62 1.29 16.99
N GLU B 20 7.70 2.02 16.37
CA GLU B 20 6.36 1.50 16.12
C GLU B 20 5.51 2.53 15.37
N GLU B 21 5.56 3.77 15.84
CA GLU B 21 4.79 4.85 15.21
C GLU B 21 5.36 5.21 13.84
N ASP B 22 6.69 5.13 13.73
CA ASP B 22 7.35 5.45 12.47
C ASP B 22 6.94 4.48 11.38
N THR B 23 6.86 3.20 11.71
CA THR B 23 6.47 2.18 10.75
C THR B 23 5.04 2.37 10.28
N ASN B 24 4.14 2.61 11.23
CA ASN B 24 2.73 2.82 10.91
C ASN B 24 2.53 4.13 10.16
N LEU B 25 3.29 5.15 10.54
CA LEU B 25 3.20 6.47 9.91
C LEU B 25 3.53 6.37 8.43
N LEU B 26 4.52 5.54 8.10
CA LEU B 26 4.93 5.35 6.71
C LEU B 26 3.80 4.78 5.87
N ILE B 27 3.17 3.72 6.38
CA ILE B 27 2.07 3.07 5.67
C ILE B 27 0.91 4.04 5.47
N ASN B 28 0.77 4.98 6.41
CA ASN B 28 -0.31 5.98 6.33
C ASN B 28 -0.13 6.87 5.12
N ALA B 29 1.12 7.20 4.81
CA ALA B 29 1.43 8.06 3.67
C ALA B 29 1.26 7.31 2.36
N VAL B 30 1.77 6.09 2.30
CA VAL B 30 1.68 5.27 1.10
C VAL B 30 0.24 4.83 0.86
N ASP B 31 -0.37 4.23 1.87
CA ASP B 31 -1.75 3.76 1.77
C ASP B 31 -2.68 4.89 1.35
N LEU B 32 -2.46 6.07 1.92
CA LEU B 32 -3.28 7.23 1.60
C LEU B 32 -2.93 7.78 0.22
N ASP B 33 -1.68 7.62 -0.18
CA ASP B 33 -1.23 8.10 -1.48
C ASP B 33 -1.90 7.32 -2.61
N ILE B 34 -1.90 6.00 -2.48
CA ILE B 34 -2.51 5.13 -3.49
C ILE B 34 -4.02 5.32 -3.54
N LYS B 35 -4.64 5.35 -2.36
CA LYS B 35 -6.09 5.53 -2.27
C LYS B 35 -6.50 6.92 -2.78
N ASN B 36 -5.68 7.92 -2.49
CA ASN B 36 -5.96 9.29 -2.91
C ASN B 36 -5.96 9.39 -4.44
N ASN B 37 -5.04 8.68 -5.08
CA ASN B 37 -4.94 8.69 -6.53
C ASN B 37 -5.98 7.77 -7.15
N MET B 38 -6.04 6.54 -6.66
CA MET B 38 -7.00 5.55 -7.17
C MET B 38 -7.07 5.62 -8.69
N GLN B 39 -5.92 5.80 -9.33
CA GLN B 39 -5.86 5.86 -10.78
C GLN B 39 -4.54 5.32 -11.30
N GLU B 40 -4.29 4.03 -11.02
CA GLU B 40 -3.06 3.38 -11.46
C GLU B 40 -3.04 1.91 -11.03
N ILE B 41 -4.22 1.29 -11.03
CA ILE B 41 -4.34 -0.10 -10.64
C ILE B 41 -4.06 -1.02 -11.83
N SER B 42 -3.65 -2.25 -11.54
CA SER B 42 -3.34 -3.23 -12.57
C SER B 42 -4.61 -3.96 -13.02
N SER B 43 -5.08 -4.87 -12.18
CA SER B 43 -6.28 -5.63 -12.48
C SER B 43 -7.51 -4.73 -12.58
N GLU B 44 -8.69 -5.33 -12.65
CA GLU B 44 -9.93 -4.58 -12.75
C GLU B 44 -10.88 -4.94 -11.61
N LEU B 45 -11.38 -6.17 -11.63
CA LEU B 45 -12.29 -6.65 -10.60
C LEU B 45 -12.02 -8.11 -10.27
N GLN B 46 -12.27 -8.99 -11.23
CA GLN B 46 -12.05 -10.41 -11.04
C GLN B 46 -13.11 -11.01 -10.13
N GLN B 47 -13.06 -10.63 -8.85
CA GLN B 47 -14.03 -11.13 -7.87
C GLN B 47 -14.03 -12.66 -7.85
N SER B 48 -13.22 -13.23 -6.96
CA SER B 48 -13.13 -14.68 -6.82
C SER B 48 -12.92 -15.09 -5.37
N GLU B 49 -13.97 -14.93 -4.57
CA GLU B 49 -13.90 -15.28 -3.15
C GLU B 49 -15.23 -15.02 -2.46
N GLN B 50 -15.51 -15.80 -1.41
CA GLN B 50 -16.75 -15.66 -0.67
C GLN B 50 -16.81 -16.65 0.48
N SER B 51 -17.57 -16.31 1.52
CA SER B 51 -17.71 -17.17 2.69
C SER B 51 -18.78 -16.63 3.63
N LYS B 52 -19.47 -17.54 4.31
CA LYS B 52 -20.52 -17.16 5.24
C LYS B 52 -21.14 -18.40 5.90
N GLN B 53 -21.83 -18.18 7.01
CA GLN B 53 -22.47 -19.29 7.74
C GLN B 53 -23.79 -18.83 8.36
N LYS B 54 -23.70 -18.06 9.43
CA LYS B 54 -24.88 -17.56 10.12
C LYS B 54 -25.71 -18.70 10.68
N GLN B 55 -25.59 -18.95 11.98
CA GLN B 55 -26.34 -20.02 12.62
C GLN B 55 -27.01 -19.52 13.91
N TYR B 56 -28.17 -20.10 14.22
CA TYR B 56 -28.91 -19.70 15.42
C TYR B 56 -30.12 -20.61 15.62
N GLY B 57 -30.76 -20.47 16.77
CA GLY B 57 -31.93 -21.28 17.08
C GLY B 57 -32.35 -21.17 18.53
N THR B 58 -33.61 -21.49 18.80
CA THR B 58 -34.14 -21.42 20.16
C THR B 58 -35.58 -21.91 20.22
N THR B 59 -36.00 -22.39 21.38
CA THR B 59 -37.35 -22.89 21.56
C THR B 59 -37.59 -23.33 23.01
N LEU B 60 -38.77 -23.02 23.53
CA LEU B 60 -39.13 -23.37 24.89
C LEU B 60 -40.63 -23.50 25.05
N GLN B 61 -41.06 -24.37 25.96
CA GLN B 61 -42.48 -24.59 26.21
C GLN B 61 -42.69 -25.55 27.37
N ASN B 62 -43.50 -25.14 28.35
CA ASN B 62 -43.77 -25.97 29.51
C ASN B 62 -44.84 -25.32 30.39
N LEU B 63 -46.10 -25.64 30.12
CA LEU B 63 -47.21 -25.08 30.90
C LEU B 63 -48.05 -26.19 31.52
N ALA B 64 -48.77 -26.93 30.69
CA ALA B 64 -49.61 -28.02 31.16
C ALA B 64 -50.68 -27.52 32.12
N LYS B 65 -51.54 -28.42 32.58
CA LYS B 65 -52.61 -28.07 33.50
C LYS B 65 -53.35 -29.32 33.97
N GLN B 66 -54.40 -29.12 34.76
CA GLN B 66 -55.21 -30.22 35.27
C GLN B 66 -56.48 -29.72 35.92
N ASN B 67 -57.38 -30.64 36.26
CA ASN B 67 -58.64 -30.29 36.90
C ASN B 67 -59.33 -31.52 37.45
N ARG B 68 -60.49 -31.32 38.08
CA ARG B 68 -61.25 -32.42 38.66
C ARG B 68 -62.56 -31.91 39.27
N ILE B 69 -63.60 -32.72 39.18
CA ILE B 69 -64.90 -32.35 39.73
C ILE B 69 -65.51 -33.50 40.53
N ILE B 70 -64.66 -34.18 41.30
CA ILE B 70 -65.11 -35.31 42.11
C ILE B 70 -66.16 -34.86 43.14
N LYS B 71 -67.18 -35.68 43.32
CA LYS B 71 -68.25 -35.38 44.27
C LYS B 71 -67.79 -35.60 45.70
N GLU A 1 7.23 5.20 -11.23
CA GLU A 1 7.67 4.68 -12.53
C GLU A 1 6.49 4.11 -13.30
N THR A 2 5.86 3.08 -12.74
CA THR A 2 4.72 2.44 -13.39
C THR A 2 3.70 1.97 -12.35
N LYS A 3 3.70 2.62 -11.19
CA LYS A 3 2.78 2.27 -10.12
C LYS A 3 2.86 3.28 -8.99
N TYR A 4 2.33 4.49 -9.22
CA TYR A 4 2.34 5.53 -8.21
C TYR A 4 3.76 6.01 -7.95
N GLU A 5 4.16 7.09 -8.61
CA GLU A 5 5.50 7.65 -8.44
C GLU A 5 5.89 7.69 -6.97
N LEU A 6 4.95 8.10 -6.12
CA LEU A 6 5.20 8.17 -4.68
C LEU A 6 6.48 8.95 -4.40
N ASN A 7 6.55 10.17 -4.91
CA ASN A 7 7.71 11.03 -4.71
C ASN A 7 7.87 11.40 -3.24
N ASN A 8 6.78 11.84 -2.63
CA ASN A 8 6.79 12.22 -1.21
C ASN A 8 7.06 11.00 -0.33
N THR A 9 6.36 9.91 -0.61
CA THR A 9 6.53 8.69 0.16
C THR A 9 7.93 8.13 0.02
N LYS A 10 8.41 8.04 -1.22
CA LYS A 10 9.75 7.53 -1.49
C LYS A 10 10.80 8.30 -0.71
N LYS A 11 10.58 9.61 -0.57
CA LYS A 11 11.50 10.47 0.17
C LYS A 11 11.43 10.20 1.66
N VAL A 12 10.25 9.82 2.14
CA VAL A 12 10.06 9.52 3.55
C VAL A 12 10.81 8.26 3.96
N ALA A 13 10.82 7.27 3.09
CA ALA A 13 11.51 6.01 3.36
C ALA A 13 13.02 6.20 3.31
N ASN A 14 13.48 7.02 2.38
CA ASN A 14 14.91 7.29 2.22
C ASN A 14 15.47 7.99 3.44
N ALA A 15 14.61 8.68 4.18
CA ALA A 15 15.01 9.40 5.38
C ALA A 15 15.60 8.44 6.41
N PHE A 16 15.14 7.19 6.38
CA PHE A 16 15.62 6.18 7.31
C PHE A 16 17.14 6.04 7.24
N GLY A 17 17.70 6.39 6.09
CA GLY A 17 19.14 6.31 5.91
C GLY A 17 19.57 5.00 5.28
N LEU A 18 19.76 5.01 3.97
CA LEU A 18 20.17 3.81 3.24
C LEU A 18 20.95 4.19 1.99
N ASN A 19 20.24 4.66 0.96
CA ASN A 19 20.86 5.05 -0.29
C ASN A 19 19.82 5.56 -1.28
N GLU A 20 19.06 4.64 -1.85
CA GLU A 20 18.02 4.99 -2.82
C GLU A 20 17.25 3.77 -3.28
N GLU A 21 17.98 2.79 -3.81
CA GLU A 21 17.37 1.56 -4.29
C GLU A 21 16.64 0.83 -3.16
N ASP A 22 17.24 0.84 -1.97
CA ASP A 22 16.64 0.19 -0.81
C ASP A 22 15.28 0.77 -0.49
N THR A 23 15.12 2.07 -0.75
CA THR A 23 13.87 2.77 -0.49
C THR A 23 12.78 2.30 -1.45
N ASN A 24 13.13 2.20 -2.73
CA ASN A 24 12.18 1.78 -3.75
C ASN A 24 11.73 0.35 -3.50
N LEU A 25 12.66 -0.49 -3.05
CA LEU A 25 12.36 -1.89 -2.77
C LEU A 25 11.29 -2.02 -1.68
N LEU A 26 11.38 -1.15 -0.68
CA LEU A 26 10.41 -1.16 0.42
C LEU A 26 9.04 -0.68 -0.05
N ILE A 27 9.02 0.45 -0.75
CA ILE A 27 7.78 1.01 -1.25
C ILE A 27 7.15 0.11 -2.30
N ASN A 28 7.99 -0.63 -3.02
CA ASN A 28 7.52 -1.55 -4.05
C ASN A 28 6.60 -2.61 -3.46
N ALA A 29 6.92 -3.06 -2.25
CA ALA A 29 6.12 -4.07 -1.58
C ALA A 29 4.79 -3.51 -1.12
N VAL A 30 4.79 -2.25 -0.70
CA VAL A 30 3.57 -1.59 -0.25
C VAL A 30 2.60 -1.38 -1.40
N ASP A 31 3.09 -0.78 -2.48
CA ASP A 31 2.26 -0.52 -3.64
C ASP A 31 1.77 -1.81 -4.27
N LEU A 32 2.64 -2.83 -4.28
CA LEU A 32 2.29 -4.13 -4.85
C LEU A 32 1.16 -4.78 -4.06
N ASP A 33 1.19 -4.61 -2.74
CA ASP A 33 0.17 -5.19 -1.86
C ASP A 33 -1.16 -4.48 -2.05
N ILE A 34 -1.12 -3.15 -2.06
CA ILE A 34 -2.33 -2.35 -2.23
C ILE A 34 -2.91 -2.52 -3.62
N LYS A 35 -2.03 -2.55 -4.61
CA LYS A 35 -2.46 -2.72 -6.01
C LYS A 35 -3.29 -3.98 -6.17
N ASN A 36 -2.88 -5.04 -5.48
CA ASN A 36 -3.60 -6.32 -5.55
C ASN A 36 -5.01 -6.19 -5.00
N ASN A 37 -5.20 -5.26 -4.06
CA ASN A 37 -6.50 -5.03 -3.46
C ASN A 37 -7.37 -4.14 -4.35
N MET A 38 -6.72 -3.42 -5.26
CA MET A 38 -7.43 -2.53 -6.17
C MET A 38 -8.53 -3.28 -6.90
N GLN A 39 -8.34 -4.58 -7.08
CA GLN A 39 -9.33 -5.40 -7.78
C GLN A 39 -10.36 -5.96 -6.79
N GLU A 40 -9.95 -6.10 -5.53
CA GLU A 40 -10.84 -6.62 -4.50
C GLU A 40 -11.79 -5.54 -4.01
N ILE A 41 -11.39 -4.28 -4.17
CA ILE A 41 -12.22 -3.16 -3.74
C ILE A 41 -13.33 -2.87 -4.75
N SER A 42 -14.17 -3.87 -5.00
CA SER A 42 -15.27 -3.73 -5.94
C SER A 42 -14.76 -3.21 -7.29
N SER A 43 -13.90 -3.98 -7.93
CA SER A 43 -13.34 -3.60 -9.22
C SER A 43 -12.93 -4.84 -10.03
N GLU A 44 -12.84 -4.67 -11.34
CA GLU A 44 -12.45 -5.77 -12.23
C GLU A 44 -12.29 -5.28 -13.66
N LEU A 45 -11.33 -4.38 -13.86
CA LEU A 45 -11.06 -3.83 -15.19
C LEU A 45 -9.56 -3.67 -15.42
N GLN A 46 -9.21 -2.99 -16.51
CA GLN A 46 -7.81 -2.77 -16.85
C GLN A 46 -7.09 -4.09 -17.10
N GLN A 47 -5.91 -4.00 -17.73
CA GLN A 47 -5.13 -5.20 -18.03
C GLN A 47 -3.67 -4.83 -18.29
N SER A 48 -2.91 -5.80 -18.78
CA SER A 48 -1.49 -5.58 -19.07
C SER A 48 -1.28 -5.30 -20.55
N GLU A 49 -0.17 -4.63 -20.86
CA GLU A 49 0.14 -4.29 -22.25
C GLU A 49 1.61 -4.59 -22.55
N GLN A 50 2.51 -3.90 -21.87
CA GLN A 50 3.94 -4.10 -22.07
C GLN A 50 4.75 -3.47 -20.93
N SER A 51 5.23 -4.31 -20.03
CA SER A 51 6.01 -3.84 -18.90
C SER A 51 6.63 -5.01 -18.13
N LYS A 52 7.49 -4.70 -17.17
CA LYS A 52 8.15 -5.72 -16.37
C LYS A 52 8.63 -5.14 -15.04
N GLN A 53 8.25 -5.79 -13.95
CA GLN A 53 8.64 -5.33 -12.61
C GLN A 53 8.34 -6.41 -11.57
N LYS A 54 7.06 -6.71 -11.40
CA LYS A 54 6.63 -7.71 -10.44
C LYS A 54 5.20 -8.17 -10.71
N GLN A 55 4.71 -9.09 -9.89
CA GLN A 55 3.36 -9.62 -10.05
C GLN A 55 3.20 -10.33 -11.39
N TYR A 56 1.97 -10.67 -11.74
CA TYR A 56 1.69 -11.35 -13.00
C TYR A 56 0.71 -10.56 -13.84
N GLY A 57 0.74 -10.80 -15.15
CA GLY A 57 -0.15 -10.10 -16.05
C GLY A 57 0.41 -9.99 -17.46
N THR A 58 -0.42 -10.29 -18.45
CA THR A 58 0.00 -10.22 -19.85
C THR A 58 -1.18 -10.43 -20.79
N THR A 59 -0.99 -10.05 -22.05
CA THR A 59 -2.04 -10.19 -23.05
C THR A 59 -2.52 -11.64 -23.15
N LEU A 60 -3.69 -11.83 -23.75
CA LEU A 60 -4.26 -13.16 -23.89
C LEU A 60 -4.21 -13.61 -25.35
N GLN A 61 -4.31 -12.65 -26.27
CA GLN A 61 -4.28 -12.96 -27.70
C GLN A 61 -4.05 -11.68 -28.51
N ASN A 62 -3.38 -10.72 -27.91
CA ASN A 62 -3.09 -9.45 -28.58
C ASN A 62 -4.37 -8.71 -28.91
N LEU A 63 -4.85 -7.90 -27.96
CA LEU A 63 -6.07 -7.13 -28.16
C LEU A 63 -6.09 -5.91 -27.26
N ALA A 64 -4.91 -5.35 -26.98
CA ALA A 64 -4.79 -4.18 -26.14
C ALA A 64 -5.08 -2.90 -26.92
N LYS A 65 -4.16 -2.56 -27.83
CA LYS A 65 -4.30 -1.36 -28.65
C LYS A 65 -3.39 -1.43 -29.87
N GLN A 66 -2.10 -1.65 -29.62
CA GLN A 66 -1.13 -1.73 -30.71
C GLN A 66 -1.18 -0.49 -31.59
N ASN A 67 -1.48 0.65 -30.97
CA ASN A 67 -1.57 1.91 -31.70
C ASN A 67 -0.95 3.05 -30.90
N ARG A 68 0.21 3.52 -31.36
CA ARG A 68 0.91 4.62 -30.69
C ARG A 68 1.26 4.22 -29.26
N ILE A 69 1.78 5.19 -28.50
CA ILE A 69 2.17 4.95 -27.11
C ILE A 69 1.86 6.16 -26.24
N ILE A 70 0.79 6.88 -26.58
CA ILE A 70 0.40 8.06 -25.82
C ILE A 70 0.13 7.72 -24.37
N LYS A 71 0.46 8.64 -23.46
CA LYS A 71 0.25 8.43 -22.04
C LYS A 71 -1.23 8.22 -21.74
N GLU B 1 -6.87 -6.69 6.01
CA GLU B 1 -7.86 -6.67 7.08
C GLU B 1 -8.35 -5.25 7.36
N THR B 2 -7.43 -4.29 7.30
CA THR B 2 -7.76 -2.89 7.55
C THR B 2 -7.23 -2.01 6.43
N LYS B 3 -5.98 -2.24 6.03
CA LYS B 3 -5.35 -1.47 4.96
C LYS B 3 -4.95 -2.36 3.80
N TYR B 4 -5.92 -3.06 3.22
CA TYR B 4 -5.66 -3.95 2.10
C TYR B 4 -4.73 -5.09 2.51
N GLU B 5 -4.70 -5.38 3.81
CA GLU B 5 -3.86 -6.44 4.34
C GLU B 5 -2.38 -6.14 4.11
N LEU B 6 -1.90 -5.06 4.72
CA LEU B 6 -0.50 -4.66 4.58
C LEU B 6 0.33 -5.18 5.74
N ASN B 7 -0.02 -6.36 6.25
CA ASN B 7 0.70 -6.96 7.36
C ASN B 7 2.18 -7.14 7.02
N ASN B 8 2.44 -7.74 5.86
CA ASN B 8 3.82 -7.97 5.43
C ASN B 8 4.55 -6.64 5.23
N THR B 9 3.84 -5.65 4.70
CA THR B 9 4.42 -4.34 4.47
C THR B 9 4.94 -3.72 5.77
N LYS B 10 4.15 -3.87 6.83
CA LYS B 10 4.53 -3.33 8.14
C LYS B 10 5.90 -3.84 8.56
N LYS B 11 6.19 -5.09 8.22
CA LYS B 11 7.46 -5.71 8.58
C LYS B 11 8.61 -5.06 7.81
N VAL B 12 8.31 -4.59 6.60
CA VAL B 12 9.32 -3.95 5.75
C VAL B 12 9.74 -2.61 6.35
N ALA B 13 8.77 -1.81 6.75
CA ALA B 13 9.04 -0.50 7.33
C ALA B 13 9.59 -0.63 8.74
N ASN B 14 9.23 -1.72 9.41
CA ASN B 14 9.69 -1.97 10.77
C ASN B 14 10.93 -2.86 10.78
N ALA B 15 11.65 -2.87 9.65
CA ALA B 15 12.87 -3.67 9.54
C ALA B 15 14.11 -2.80 9.66
N PHE B 16 14.01 -1.55 9.20
CA PHE B 16 15.13 -0.63 9.27
C PHE B 16 15.53 -0.35 10.70
N GLY B 17 14.58 -0.50 11.62
CA GLY B 17 14.85 -0.26 13.02
C GLY B 17 14.41 1.12 13.48
N LEU B 18 13.25 1.19 14.12
CA LEU B 18 12.73 2.47 14.61
C LEU B 18 12.04 2.29 15.96
N ASN B 19 10.85 1.70 15.95
CA ASN B 19 10.10 1.48 17.17
C ASN B 19 8.78 0.76 16.88
N GLU B 20 7.82 1.51 16.32
CA GLU B 20 6.52 0.96 15.99
C GLU B 20 5.64 2.00 15.30
N GLU B 21 5.72 3.24 15.78
CA GLU B 21 4.93 4.33 15.22
C GLU B 21 5.45 4.71 13.84
N ASP B 22 6.77 4.71 13.68
CA ASP B 22 7.40 5.07 12.42
C ASP B 22 6.94 4.12 11.31
N THR B 23 6.70 2.86 11.67
CA THR B 23 6.27 1.86 10.69
C THR B 23 4.84 2.14 10.23
N ASN B 24 3.95 2.40 11.17
CA ASN B 24 2.55 2.67 10.86
C ASN B 24 2.42 4.03 10.14
N LEU B 25 3.22 4.99 10.57
CA LEU B 25 3.20 6.33 9.98
C LEU B 25 3.55 6.27 8.50
N LEU B 26 4.49 5.40 8.15
CA LEU B 26 4.91 5.25 6.75
C LEU B 26 3.78 4.68 5.91
N ILE B 27 3.16 3.61 6.39
CA ILE B 27 2.06 2.97 5.67
C ILE B 27 0.91 3.95 5.47
N ASN B 28 0.76 4.88 6.41
CA ASN B 28 -0.32 5.87 6.32
C ASN B 28 -0.13 6.78 5.11
N ALA B 29 1.12 7.15 4.84
CA ALA B 29 1.42 8.01 3.70
C ALA B 29 1.31 7.24 2.39
N VAL B 30 1.81 6.02 2.38
CA VAL B 30 1.77 5.18 1.19
C VAL B 30 0.34 4.76 0.86
N ASP B 31 -0.35 4.20 1.85
CA ASP B 31 -1.72 3.76 1.67
C ASP B 31 -2.60 4.89 1.15
N LEU B 32 -2.38 6.09 1.70
CA LEU B 32 -3.15 7.27 1.29
C LEU B 32 -2.72 7.74 -0.09
N ASP B 33 -1.42 7.65 -0.37
CA ASP B 33 -0.88 8.07 -1.65
C ASP B 33 -1.50 7.26 -2.80
N ILE B 34 -1.54 5.94 -2.62
CA ILE B 34 -2.10 5.06 -3.64
C ILE B 34 -3.60 5.28 -3.79
N LYS B 35 -4.29 5.44 -2.67
CA LYS B 35 -5.72 5.67 -2.68
C LYS B 35 -6.08 6.89 -3.53
N ASN B 36 -5.27 7.93 -3.42
CA ASN B 36 -5.50 9.16 -4.18
C ASN B 36 -5.38 8.89 -5.68
N ASN B 37 -4.53 7.94 -6.04
CA ASN B 37 -4.32 7.59 -7.44
C ASN B 37 -5.37 6.59 -7.92
N MET B 38 -5.91 5.81 -6.99
CA MET B 38 -6.92 4.82 -7.31
C MET B 38 -8.06 5.45 -8.10
N GLN B 39 -8.31 6.74 -7.86
CA GLN B 39 -9.39 7.45 -8.54
C GLN B 39 -9.08 7.57 -10.03
N GLU B 40 -7.81 7.73 -10.37
CA GLU B 40 -7.40 7.85 -11.76
C GLU B 40 -6.99 6.50 -12.34
N ILE B 41 -5.81 6.03 -11.93
CA ILE B 41 -5.30 4.74 -12.40
C ILE B 41 -5.14 4.74 -13.92
N SER B 42 -3.90 4.95 -14.37
CA SER B 42 -3.61 4.98 -15.80
C SER B 42 -2.33 4.20 -16.11
N SER B 43 -2.19 3.04 -15.47
CA SER B 43 -1.02 2.20 -15.66
C SER B 43 -1.36 0.98 -16.53
N GLU B 44 -0.43 0.05 -16.62
CA GLU B 44 -0.63 -1.16 -17.42
C GLU B 44 -0.13 -2.39 -16.67
N LEU B 45 -0.19 -2.34 -15.35
CA LEU B 45 0.26 -3.45 -14.52
C LEU B 45 1.71 -3.81 -14.82
N GLN B 46 2.18 -4.91 -14.24
CA GLN B 46 3.56 -5.36 -14.44
C GLN B 46 3.59 -6.86 -14.72
N GLN B 47 4.81 -7.40 -14.81
CA GLN B 47 4.99 -8.82 -15.08
C GLN B 47 6.39 -9.28 -14.67
N SER B 48 6.45 -10.13 -13.66
CA SER B 48 7.73 -10.64 -13.18
C SER B 48 7.52 -11.69 -12.07
N GLU B 49 8.61 -12.20 -11.54
CA GLU B 49 8.56 -13.20 -10.49
C GLU B 49 9.95 -13.57 -10.00
N GLN B 50 10.11 -13.67 -8.68
CA GLN B 50 11.39 -14.02 -8.08
C GLN B 50 11.28 -14.12 -6.56
N SER B 51 12.21 -14.83 -5.95
CA SER B 51 12.21 -15.01 -4.50
C SER B 51 13.60 -15.41 -4.01
N LYS B 52 13.87 -15.17 -2.73
CA LYS B 52 15.14 -15.51 -2.13
C LYS B 52 15.15 -15.19 -0.64
N GLN B 53 16.10 -15.79 0.09
CA GLN B 53 16.21 -15.58 1.52
C GLN B 53 17.65 -15.73 1.99
N LYS B 54 18.11 -16.98 2.05
CA LYS B 54 19.47 -17.27 2.47
C LYS B 54 19.77 -18.76 2.38
N GLN B 55 20.96 -19.16 2.79
CA GLN B 55 21.36 -20.56 2.75
C GLN B 55 21.73 -21.06 4.15
N TYR B 56 22.90 -20.63 4.64
CA TYR B 56 23.36 -21.04 5.96
C TYR B 56 24.66 -20.33 6.32
N GLY B 57 24.90 -20.19 7.62
CA GLY B 57 26.11 -19.52 8.09
C GLY B 57 27.10 -20.48 8.72
N THR B 58 28.33 -20.03 8.89
CA THR B 58 29.38 -20.85 9.48
C THR B 58 30.52 -19.99 10.02
N THR B 59 31.43 -20.61 10.76
CA THR B 59 32.56 -19.90 11.32
C THR B 59 33.51 -20.87 12.03
N LEU B 60 34.81 -20.59 11.96
CA LEU B 60 35.82 -21.43 12.59
C LEU B 60 37.18 -20.73 12.62
N GLN B 61 38.17 -21.40 13.19
CA GLN B 61 39.51 -20.84 13.27
C GLN B 61 40.56 -21.95 13.34
N ASN B 62 41.82 -21.57 13.49
CA ASN B 62 42.91 -22.53 13.56
C ASN B 62 43.88 -22.17 14.69
N LEU B 63 44.41 -20.95 14.63
CA LEU B 63 45.34 -20.47 15.65
C LEU B 63 46.61 -21.33 15.66
N ALA B 64 47.58 -20.96 14.82
CA ALA B 64 48.84 -21.69 14.75
C ALA B 64 50.03 -20.74 14.76
N LYS B 65 51.10 -21.15 15.44
CA LYS B 65 52.30 -20.33 15.54
C LYS B 65 53.55 -21.20 15.49
N GLN B 66 54.42 -20.94 14.54
CA GLN B 66 55.66 -21.69 14.39
C GLN B 66 56.58 -21.05 13.35
N ASN B 67 56.97 -19.80 13.62
CA ASN B 67 57.85 -19.08 12.71
C ASN B 67 59.02 -18.46 13.47
N ARG B 68 59.95 -17.86 12.72
CA ARG B 68 61.13 -17.24 13.33
C ARG B 68 61.98 -18.27 14.07
N ILE B 69 63.08 -18.69 13.43
CA ILE B 69 63.97 -19.68 14.03
C ILE B 69 65.01 -19.00 14.91
N ILE B 70 65.34 -17.75 14.58
CA ILE B 70 66.33 -16.99 15.34
C ILE B 70 67.64 -17.76 15.44
N LYS B 71 68.52 -17.57 14.46
CA LYS B 71 69.81 -18.23 14.44
C LYS B 71 70.65 -17.82 15.66
N GLU A 1 1.97 9.14 -11.12
CA GLU A 1 1.71 8.70 -12.48
C GLU A 1 2.07 7.22 -12.66
N THR A 2 3.34 6.91 -12.46
CA THR A 2 3.81 5.53 -12.60
C THR A 2 3.28 4.65 -11.47
N LYS A 3 3.66 4.98 -10.24
CA LYS A 3 3.23 4.21 -9.07
C LYS A 3 2.29 5.04 -8.21
N TYR A 4 1.19 5.49 -8.79
CA TYR A 4 0.21 6.30 -8.07
C TYR A 4 0.84 7.58 -7.55
N GLU A 5 1.90 8.02 -8.21
CA GLU A 5 2.60 9.24 -7.82
C GLU A 5 3.04 9.17 -6.35
N LEU A 6 3.79 8.13 -6.01
CA LEU A 6 4.27 7.94 -4.66
C LEU A 6 5.68 8.51 -4.49
N ASN A 7 5.96 9.58 -5.22
CA ASN A 7 7.27 10.23 -5.14
C ASN A 7 7.60 10.62 -3.71
N ASN A 8 6.65 11.27 -3.04
CA ASN A 8 6.84 11.70 -1.65
C ASN A 8 7.06 10.50 -0.74
N THR A 9 6.30 9.43 -0.99
CA THR A 9 6.41 8.22 -0.18
C THR A 9 7.82 7.65 -0.23
N LYS A 10 8.36 7.52 -1.43
CA LYS A 10 9.71 7.00 -1.62
C LYS A 10 10.73 7.78 -0.80
N LYS A 11 10.51 9.09 -0.69
CA LYS A 11 11.40 9.95 0.06
C LYS A 11 11.23 9.73 1.57
N VAL A 12 10.00 9.39 1.97
CA VAL A 12 9.70 9.15 3.38
C VAL A 12 10.41 7.90 3.88
N ALA A 13 10.36 6.84 3.09
CA ALA A 13 11.00 5.58 3.46
C ALA A 13 12.51 5.69 3.37
N ASN A 14 12.99 6.59 2.52
CA ASN A 14 14.42 6.79 2.33
C ASN A 14 15.02 7.55 3.52
N ALA A 15 14.18 8.33 4.19
CA ALA A 15 14.61 9.12 5.34
C ALA A 15 15.17 8.21 6.45
N PHE A 16 14.68 6.98 6.50
CA PHE A 16 15.13 6.02 7.50
C PHE A 16 16.65 5.85 7.46
N GLY A 17 17.23 6.11 6.29
CA GLY A 17 18.67 5.98 6.13
C GLY A 17 19.09 4.57 5.72
N LEU A 18 19.14 4.34 4.41
CA LEU A 18 19.52 3.04 3.88
C LEU A 18 20.38 3.18 2.63
N ASN A 19 19.74 3.54 1.52
CA ASN A 19 20.45 3.72 0.26
C ASN A 19 19.49 4.14 -0.84
N GLU A 20 18.69 3.19 -1.33
CA GLU A 20 17.72 3.47 -2.38
C GLU A 20 16.92 2.22 -2.73
N GLU A 21 17.61 1.08 -2.81
CA GLU A 21 16.97 -0.18 -3.14
C GLU A 21 16.07 -0.64 -2.00
N ASP A 22 16.48 -0.34 -0.78
CA ASP A 22 15.71 -0.72 0.40
C ASP A 22 14.36 -0.01 0.43
N THR A 23 14.37 1.27 0.10
CA THR A 23 13.14 2.06 0.08
C THR A 23 12.21 1.60 -1.03
N ASN A 24 12.76 1.45 -2.23
CA ASN A 24 11.97 1.02 -3.38
C ASN A 24 11.34 -0.34 -3.13
N LEU A 25 12.08 -1.22 -2.45
CA LEU A 25 11.59 -2.55 -2.14
C LEU A 25 10.33 -2.49 -1.28
N LEU A 26 10.31 -1.55 -0.35
CA LEU A 26 9.16 -1.37 0.54
C LEU A 26 7.96 -0.83 -0.23
N ILE A 27 8.19 0.23 -0.99
CA ILE A 27 7.12 0.85 -1.77
C ILE A 27 6.62 -0.10 -2.86
N ASN A 28 7.50 -0.97 -3.34
CA ASN A 28 7.15 -1.93 -4.38
C ASN A 28 6.16 -2.96 -3.85
N ALA A 29 6.42 -3.47 -2.65
CA ALA A 29 5.55 -4.46 -2.03
C ALA A 29 4.26 -3.82 -1.53
N VAL A 30 4.38 -2.67 -0.88
CA VAL A 30 3.23 -1.96 -0.35
C VAL A 30 2.29 -1.54 -1.47
N ASP A 31 2.85 -1.26 -2.65
CA ASP A 31 2.06 -0.85 -3.79
C ASP A 31 1.31 -2.04 -4.40
N LEU A 32 1.99 -3.17 -4.47
CA LEU A 32 1.37 -4.39 -5.02
C LEU A 32 0.36 -4.99 -4.05
N ASP A 33 0.62 -4.81 -2.76
CA ASP A 33 -0.28 -5.32 -1.73
C ASP A 33 -1.63 -4.61 -1.77
N ILE A 34 -1.59 -3.28 -1.84
CA ILE A 34 -2.81 -2.49 -1.89
C ILE A 34 -3.56 -2.71 -3.20
N LYS A 35 -2.82 -2.80 -4.28
CA LYS A 35 -3.40 -3.01 -5.60
C LYS A 35 -4.27 -4.27 -5.61
N ASN A 36 -3.80 -5.30 -4.93
CA ASN A 36 -4.53 -6.56 -4.86
C ASN A 36 -5.86 -6.39 -4.16
N ASN A 37 -5.91 -5.46 -3.20
CA ASN A 37 -7.12 -5.19 -2.45
C ASN A 37 -8.05 -4.26 -3.23
N MET A 38 -7.53 -3.67 -4.31
CA MET A 38 -8.31 -2.77 -5.14
C MET A 38 -9.58 -3.45 -5.63
N GLN A 39 -9.54 -4.77 -5.71
CA GLN A 39 -10.69 -5.54 -6.18
C GLN A 39 -11.84 -5.47 -5.17
N GLU A 40 -11.48 -5.23 -3.91
CA GLU A 40 -12.49 -5.14 -2.85
C GLU A 40 -13.03 -3.72 -2.73
N ILE A 41 -12.13 -2.76 -2.54
CA ILE A 41 -12.51 -1.36 -2.41
C ILE A 41 -13.41 -0.93 -3.57
N SER A 42 -13.21 -1.55 -4.73
CA SER A 42 -13.99 -1.23 -5.91
C SER A 42 -13.77 0.22 -6.34
N SER A 43 -14.13 0.53 -7.58
CA SER A 43 -13.96 1.87 -8.11
C SER A 43 -15.15 2.25 -8.99
N GLU A 44 -15.03 3.40 -9.67
CA GLU A 44 -16.10 3.87 -10.55
C GLU A 44 -15.51 4.54 -11.79
N LEU A 45 -14.88 5.68 -11.60
CA LEU A 45 -14.28 6.42 -12.70
C LEU A 45 -12.90 5.87 -13.05
N GLN A 46 -12.33 6.32 -14.16
CA GLN A 46 -11.03 5.87 -14.60
C GLN A 46 -10.19 7.04 -15.12
N GLN A 47 -8.90 6.79 -15.35
CA GLN A 47 -8.01 7.81 -15.86
C GLN A 47 -6.63 7.24 -16.14
N SER A 48 -5.73 8.09 -16.61
CA SER A 48 -4.36 7.67 -16.93
C SER A 48 -3.47 8.87 -17.21
N GLU A 49 -2.15 8.65 -17.15
CA GLU A 49 -1.20 9.72 -17.40
C GLU A 49 0.24 9.20 -17.29
N GLN A 50 1.17 9.89 -17.93
CA GLN A 50 2.57 9.50 -17.90
C GLN A 50 3.44 10.55 -18.60
N SER A 51 4.65 10.73 -18.10
CA SER A 51 5.59 11.70 -18.68
C SER A 51 6.92 11.67 -17.93
N LYS A 52 8.01 11.73 -18.70
CA LYS A 52 9.34 11.73 -18.11
C LYS A 52 10.41 11.95 -19.18
N GLN A 53 11.67 11.79 -18.81
CA GLN A 53 12.77 11.97 -19.74
C GLN A 53 12.83 13.41 -20.25
N LYS A 54 13.50 14.27 -19.50
CA LYS A 54 13.63 15.67 -19.87
C LYS A 54 14.91 16.27 -19.31
N GLN A 55 16.02 15.56 -19.47
CA GLN A 55 17.32 16.02 -18.98
C GLN A 55 18.42 15.03 -19.35
N TYR A 56 19.66 15.49 -19.27
CA TYR A 56 20.81 14.65 -19.60
C TYR A 56 22.07 15.18 -18.93
N GLY A 57 22.60 16.26 -19.47
CA GLY A 57 23.81 16.86 -18.92
C GLY A 57 24.87 17.11 -19.98
N THR A 58 25.55 18.25 -19.87
CA THR A 58 26.58 18.61 -20.83
C THR A 58 27.31 19.88 -20.40
N THR A 59 26.61 21.01 -20.41
CA THR A 59 27.19 22.29 -20.03
C THR A 59 27.83 22.20 -18.65
N LEU A 60 28.83 23.03 -18.42
CA LEU A 60 29.54 23.04 -17.13
C LEU A 60 30.59 24.15 -17.10
N GLN A 61 30.34 25.19 -16.31
CA GLN A 61 31.26 26.30 -16.18
C GLN A 61 30.98 27.10 -14.92
N ASN A 62 31.65 28.24 -14.79
CA ASN A 62 31.48 29.11 -13.62
C ASN A 62 32.18 30.44 -13.83
N LEU A 63 31.47 31.39 -14.43
CA LEU A 63 32.02 32.71 -14.69
C LEU A 63 32.28 33.46 -13.39
N ALA A 64 31.21 33.73 -12.64
CA ALA A 64 31.33 34.43 -11.37
C ALA A 64 30.06 34.28 -10.55
N LYS A 65 29.02 35.00 -10.94
CA LYS A 65 27.73 34.94 -10.24
C LYS A 65 26.64 34.37 -11.13
N GLN A 66 25.85 33.46 -10.57
CA GLN A 66 24.77 32.84 -11.33
C GLN A 66 23.68 32.32 -10.39
N ASN A 67 22.43 32.42 -10.82
CA ASN A 67 21.30 31.95 -10.01
C ASN A 67 20.09 31.68 -10.89
N ARG A 68 19.43 30.55 -10.65
CA ARG A 68 18.25 30.17 -11.42
C ARG A 68 17.56 28.97 -10.80
N ILE A 69 16.79 29.21 -9.74
CA ILE A 69 16.07 28.15 -9.05
C ILE A 69 14.78 28.67 -8.43
N ILE A 70 14.04 29.47 -9.19
CA ILE A 70 12.78 30.04 -8.71
C ILE A 70 11.60 29.16 -9.10
N LYS A 71 11.76 27.85 -8.92
CA LYS A 71 10.70 26.90 -9.25
C LYS A 71 9.74 26.71 -8.08
N GLU B 1 -5.26 3.50 9.75
CA GLU B 1 -5.48 2.06 9.87
C GLU B 1 -6.81 1.66 9.25
N THR B 2 -7.08 0.35 9.22
CA THR B 2 -8.32 -0.16 8.65
C THR B 2 -8.43 0.19 7.17
N LYS B 3 -7.29 0.31 6.51
CA LYS B 3 -7.26 0.64 5.09
C LYS B 3 -7.34 -0.62 4.23
N TYR B 4 -6.28 -1.42 4.25
CA TYR B 4 -6.24 -2.65 3.48
C TYR B 4 -5.69 -3.80 4.31
N GLU B 5 -4.38 -3.79 4.53
CA GLU B 5 -3.72 -4.82 5.31
C GLU B 5 -2.21 -4.57 5.40
N LEU B 6 -1.51 -4.86 4.30
CA LEU B 6 -0.07 -4.67 4.26
C LEU B 6 0.61 -5.30 5.47
N ASN B 7 0.22 -6.52 5.79
CA ASN B 7 0.79 -7.24 6.93
C ASN B 7 2.27 -7.55 6.70
N ASN B 8 2.57 -8.14 5.54
CA ASN B 8 3.94 -8.49 5.20
C ASN B 8 4.76 -7.23 4.91
N THR B 9 4.13 -6.24 4.28
CA THR B 9 4.79 -5.00 3.95
C THR B 9 5.12 -4.19 5.20
N LYS B 10 4.14 -4.07 6.09
CA LYS B 10 4.31 -3.33 7.33
C LYS B 10 5.51 -3.85 8.11
N LYS B 11 5.73 -5.17 8.05
CA LYS B 11 6.83 -5.79 8.76
C LYS B 11 8.16 -5.42 8.11
N VAL B 12 8.15 -5.20 6.80
CA VAL B 12 9.35 -4.84 6.07
C VAL B 12 9.91 -3.51 6.56
N ALA B 13 9.03 -2.58 6.90
CA ALA B 13 9.44 -1.27 7.39
C ALA B 13 10.00 -1.37 8.80
N ASN B 14 9.39 -2.22 9.62
CA ASN B 14 9.83 -2.41 10.99
C ASN B 14 11.29 -2.85 11.04
N ALA B 15 11.76 -3.46 9.96
CA ALA B 15 13.14 -3.92 9.88
C ALA B 15 14.11 -2.76 9.88
N PHE B 16 13.68 -1.63 9.32
CA PHE B 16 14.52 -0.43 9.26
C PHE B 16 15.03 -0.06 10.64
N GLY B 17 14.26 -0.42 11.68
CA GLY B 17 14.65 -0.11 13.04
C GLY B 17 14.27 1.30 13.45
N LEU B 18 13.11 1.42 14.10
CA LEU B 18 12.63 2.72 14.55
C LEU B 18 11.97 2.61 15.92
N ASN B 19 10.76 2.05 15.94
CA ASN B 19 10.01 1.89 17.19
C ASN B 19 8.67 1.21 16.94
N GLU B 20 7.75 1.94 16.34
CA GLU B 20 6.42 1.41 16.04
C GLU B 20 5.56 2.46 15.34
N GLU B 21 5.59 3.68 15.86
CA GLU B 21 4.81 4.77 15.29
C GLU B 21 5.39 5.20 13.94
N ASP B 22 6.71 5.20 13.84
CA ASP B 22 7.38 5.59 12.61
C ASP B 22 6.98 4.67 11.46
N THR B 23 6.83 3.39 11.75
CA THR B 23 6.45 2.41 10.74
C THR B 23 5.01 2.61 10.28
N ASN B 24 4.11 2.76 11.25
CA ASN B 24 2.69 2.97 10.95
C ASN B 24 2.49 4.31 10.23
N LEU B 25 3.24 5.31 10.65
CA LEU B 25 3.14 6.64 10.04
C LEU B 25 3.46 6.59 8.56
N LEU B 26 4.45 5.78 8.20
CA LEU B 26 4.85 5.63 6.80
C LEU B 26 3.73 5.02 5.97
N ILE B 27 3.16 3.93 6.46
CA ILE B 27 2.08 3.25 5.76
C ILE B 27 0.90 4.19 5.52
N ASN B 28 0.73 5.14 6.43
CA ASN B 28 -0.36 6.11 6.32
C ASN B 28 -0.19 6.99 5.09
N ALA B 29 1.06 7.36 4.80
CA ALA B 29 1.36 8.20 3.65
C ALA B 29 1.24 7.40 2.35
N VAL B 30 1.77 6.19 2.37
CA VAL B 30 1.72 5.32 1.18
C VAL B 30 0.30 4.87 0.88
N ASP B 31 -0.36 4.32 1.89
CA ASP B 31 -1.73 3.85 1.74
C ASP B 31 -2.65 4.97 1.29
N LEU B 32 -2.45 6.16 1.86
CA LEU B 32 -3.26 7.32 1.52
C LEU B 32 -3.03 7.74 0.08
N ASP B 33 -1.77 7.80 -0.33
CA ASP B 33 -1.43 8.18 -1.69
C ASP B 33 -1.95 7.15 -2.69
N ILE B 34 -1.74 5.88 -2.39
CA ILE B 34 -2.19 4.80 -3.27
C ILE B 34 -3.72 4.75 -3.33
N LYS B 35 -4.35 4.93 -2.18
CA LYS B 35 -5.81 4.90 -2.09
C LYS B 35 -6.42 6.05 -2.91
N ASN B 36 -5.77 7.20 -2.87
CA ASN B 36 -6.26 8.37 -3.60
C ASN B 36 -6.21 8.12 -5.11
N ASN B 37 -5.24 7.33 -5.55
CA ASN B 37 -5.08 7.02 -6.95
C ASN B 37 -6.03 5.88 -7.37
N MET B 38 -6.62 5.22 -6.37
CA MET B 38 -7.55 4.13 -6.63
C MET B 38 -8.64 4.55 -7.61
N GLN B 39 -9.03 5.82 -7.54
CA GLN B 39 -10.06 6.35 -8.41
C GLN B 39 -9.44 7.02 -9.64
N GLU B 40 -8.31 6.50 -10.09
CA GLU B 40 -7.61 7.05 -11.25
C GLU B 40 -6.96 5.94 -12.06
N ILE B 41 -7.51 4.73 -11.96
CA ILE B 41 -6.97 3.59 -12.69
C ILE B 41 -7.84 3.26 -13.90
N SER B 42 -7.46 2.20 -14.62
CA SER B 42 -8.21 1.77 -15.79
C SER B 42 -9.39 0.88 -15.40
N SER B 43 -10.12 0.41 -16.40
CA SER B 43 -11.28 -0.45 -16.15
C SER B 43 -10.85 -1.79 -15.59
N GLU B 44 -11.43 -2.16 -14.45
CA GLU B 44 -11.11 -3.42 -13.81
C GLU B 44 -12.12 -3.75 -12.72
N LEU B 45 -13.29 -4.25 -13.13
CA LEU B 45 -14.35 -4.61 -12.19
C LEU B 45 -14.88 -6.01 -12.47
N GLN B 46 -15.72 -6.51 -11.57
CA GLN B 46 -16.30 -7.83 -11.72
C GLN B 46 -17.79 -7.75 -12.04
N GLN B 47 -18.44 -8.90 -12.14
CA GLN B 47 -19.87 -8.95 -12.43
C GLN B 47 -20.50 -10.20 -11.83
N SER B 48 -21.81 -10.34 -12.03
CA SER B 48 -22.54 -11.50 -11.51
C SER B 48 -23.05 -12.38 -12.64
N GLU B 49 -23.89 -13.35 -12.30
CA GLU B 49 -24.46 -14.26 -13.28
C GLU B 49 -25.49 -15.18 -12.64
N GLN B 50 -26.23 -15.91 -13.48
CA GLN B 50 -27.25 -16.82 -13.00
C GLN B 50 -28.36 -16.07 -12.26
N SER B 51 -29.50 -15.90 -12.92
CA SER B 51 -30.63 -15.19 -12.33
C SER B 51 -31.88 -15.35 -13.19
N LYS B 52 -32.49 -16.53 -13.14
CA LYS B 52 -33.69 -16.82 -13.91
C LYS B 52 -34.52 -17.91 -13.25
N GLN B 53 -35.82 -17.86 -13.46
CA GLN B 53 -36.73 -18.86 -12.88
C GLN B 53 -38.13 -18.71 -13.46
N LYS B 54 -38.36 -19.33 -14.60
CA LYS B 54 -39.66 -19.28 -15.26
C LYS B 54 -40.36 -20.63 -15.20
N GLN B 55 -41.69 -20.61 -15.21
CA GLN B 55 -42.47 -21.84 -15.16
C GLN B 55 -43.83 -21.64 -15.82
N TYR B 56 -44.72 -20.92 -15.15
CA TYR B 56 -46.05 -20.66 -15.67
C TYR B 56 -45.98 -19.89 -16.98
N GLY B 57 -47.07 -19.93 -17.75
CA GLY B 57 -47.11 -19.23 -19.02
C GLY B 57 -48.08 -18.07 -19.01
N THR B 58 -48.38 -17.56 -17.82
CA THR B 58 -49.31 -16.45 -17.67
C THR B 58 -48.91 -15.54 -16.51
N THR B 59 -49.48 -14.35 -16.47
CA THR B 59 -49.19 -13.39 -15.41
C THR B 59 -50.45 -12.75 -14.88
N LEU B 60 -50.57 -12.69 -13.55
CA LEU B 60 -51.74 -12.10 -12.91
C LEU B 60 -51.40 -10.76 -12.27
N GLN B 61 -51.59 -9.68 -13.02
CA GLN B 61 -51.30 -8.34 -12.53
C GLN B 61 -52.48 -7.79 -11.72
N ASN B 62 -52.40 -6.50 -11.40
CA ASN B 62 -53.47 -5.85 -10.64
C ASN B 62 -53.73 -6.58 -9.33
N LEU B 63 -52.85 -6.37 -8.35
CA LEU B 63 -52.97 -7.01 -7.05
C LEU B 63 -53.38 -5.99 -5.99
N ALA B 64 -52.48 -5.08 -5.67
CA ALA B 64 -52.76 -4.05 -4.67
C ALA B 64 -52.07 -2.73 -5.04
N LYS B 65 -51.95 -2.48 -6.33
CA LYS B 65 -51.32 -1.25 -6.82
C LYS B 65 -49.86 -1.18 -6.37
N GLN B 66 -49.18 -0.10 -6.74
CA GLN B 66 -47.79 0.09 -6.37
C GLN B 66 -47.61 0.06 -4.86
N ASN B 67 -48.32 0.95 -4.17
CA ASN B 67 -48.24 1.04 -2.72
C ASN B 67 -49.39 1.84 -2.15
N ARG B 68 -49.72 1.61 -0.88
CA ARG B 68 -50.80 2.33 -0.22
C ARG B 68 -50.31 3.63 0.38
N ILE B 69 -50.65 4.75 -0.25
CA ILE B 69 -50.24 6.06 0.23
C ILE B 69 -51.26 6.63 1.21
N ILE B 70 -52.49 6.82 0.73
CA ILE B 70 -53.56 7.36 1.56
C ILE B 70 -53.79 6.49 2.78
N LYS B 71 -54.19 7.12 3.88
CA LYS B 71 -54.45 6.41 5.13
C LYS B 71 -55.96 6.29 5.38
#